data_3WGU
#
_entry.id   3WGU
#
_cell.length_a   106.383
_cell.length_b   211.600
_cell.length_c   257.124
_cell.angle_alpha   90.00
_cell.angle_beta   90.00
_cell.angle_gamma   90.00
#
_symmetry.space_group_name_H-M   'P 21 21 21'
#
loop_
_entity.id
_entity.type
_entity.pdbx_description
1 polymer 'Sodium/potassium-transporting ATPase subunit alpha-1'
2 polymer 'Sodium/potassium-transporting ATPase subunit beta-1'
3 polymer 'Na+/K+ ATPase gamma subunit transcript variant a'
4 non-polymer 'MAGNESIUM ION'
5 non-polymer 'TETRAFLUOROALUMINATE ION'
6 non-polymer "ADENOSINE-5'-DIPHOSPHATE"
7 non-polymer 'SODIUM ION'
8 non-polymer CHOLESTEROL
9 non-polymer 1,2-DIACYL-SN-GLYCERO-3-PHOSPHOCHOLINE
10 non-polymer 2-acetamido-2-deoxy-beta-D-glucopyranose
11 water water
#
loop_
_entity_poly.entity_id
_entity_poly.type
_entity_poly.pdbx_seq_one_letter_code
_entity_poly.pdbx_strand_id
1 'polypeptide(L)'
;GRDKYEPAAVSEHGDKKKAKKERDMDELKKEVSMDDHKLSLDELHRKYGTDLSRGLTPARAAEILARDGPNALTPPPTTP
EWVKFCRQLFGGFSMLLWIGAILCFLAYGIQAATEEEPQNDNLYLGVVLSAVVIITGCFSYYQEAKSSKIMESFKNMVPQ
QALVIRNGEKMSINAEEVVVGDLVEVKGGDRIPADLRIISANGCKVDNSSLTGESEPQTRSPDFTNENPLETRNIAFFST
NCVEGTARGIVVYTGDRTVMGRIATLASGLEGGQTPIAAEIEHFIHIITGVAVFLGVSFFILSLILEYTWLEAVIFLIGI
IVANVPEGLLATVTVCLTLTAKRMARKNCLVKNLEAVETLGSTSTICSDKTGTLTQNRMTVAHMWFDNQIHEADTTENQS
GVSFDKTSATWLALSRIAGLCNRAVFQANQENLPILKRAVAGDASESALLKCIELCCGSVKEMRERYTKIVEIPFNSTNK
YQLSIHKNPNTAEPRHLLVMKGAPERILDRCSSILIHGKEQPLDEELKDAFQNAYLELGGLGERVLGFCHLFLPDEQFPE
GFQFDTDDVNFPLDNLCFVGLISMIDPPRAAVPDAVGKCRSAGIKVIMVTGDHPITAKAIAKGVGIISEGNETVEDIAAR
LNIPVSQVNPRDAKACVVHGSDLKDMTSEQLDDILKYHTEIVFARTSPQQKLIIVEGCQRQGAIVAVTGDGVNDSPALKK
ADIGVAMGIAGSDVSKQAADMILLDDNFASIVTGVEEGRLIFDNLKKSIAYTLTSNIPEITPFLIFIIANIPLPLGTVTI
LCIDLGTDMVPAISLAYEQAESDIMKRQPRNPKTDKLVNERLISMAYGQIGMIQALGGFFTYFVILAENGFLPIHLLGLR
VNWDDRWINDVEDSYGQQWTYEQRKIVEFTCHTAFFVSIVVVQWADLVICKTRRNSVFQQGMKNKILIFGLFEETALAAF
LSYCPGMGVALRMYPLKPTWWFCAFPYSLLIFVYDEVRKLIIRRRPGGWVEKETYY
;
A,C
2 'polypeptide(L)'
;MARGKAKEEGSWKKFIWNSEKKEFLGRTGGSWFKILLFYVIFYGCLAGIFIGTIQVMLLTISEFKPTYQDRVAPPGLTQI
PQSQKTEISFRPNDPQSYESYVVSIVRFLEKYKDLAQKDDMIFEDCGNVPSELKERGEYNNERGERKVCRFRLEWLGNCS
GLNDETYGYKDGKPCVIIKLNRVLGFKPKPPKNESLETYPVMKYNPYVLPVHCTGKRDEDKEKVGTMEYFGLGGYPGFPL
QYYPYYGKLLQPKYLQPLMAVQFTNLTMDTEIRIECKAYGENIGYSEKDRFQGRFDVKIEVKS
;
B,D
3 'polypeptide(L)' MAGLSTDDGGSPKGDVDPFYYDYETVRNGGLIFAALAFIVGLIIILSKRLRCGGKKHRPINEDEL G,E
#
loop_
_chem_comp.id
_chem_comp.type
_chem_comp.name
_chem_comp.formula
ADP non-polymer ADENOSINE-5'-DIPHOSPHATE 'C10 H15 N5 O10 P2'
ALF non-polymer 'TETRAFLUOROALUMINATE ION' 'Al F4 -1'
CLR non-polymer CHOLESTEROL 'C27 H46 O'
MG non-polymer 'MAGNESIUM ION' 'Mg 2'
NA non-polymer 'SODIUM ION' 'Na 1'
NAG D-saccharide, beta linking 2-acetamido-2-deoxy-beta-D-glucopyranose 'C8 H15 N O6'
PC1 non-polymer 1,2-DIACYL-SN-GLYCERO-3-PHOSPHOCHOLINE 'C44 H88 N O8 P'
#
# COMPACT_ATOMS: atom_id res chain seq x y z
N ARG A 23 -22.65 3.35 -10.26
CA ARG A 23 -22.47 2.37 -11.31
C ARG A 23 -22.64 0.95 -10.78
N ASP A 24 -23.37 0.12 -11.51
CA ASP A 24 -23.60 -1.27 -11.13
C ASP A 24 -23.48 -2.23 -12.33
N MET A 25 -24.13 -3.38 -12.21
CA MET A 25 -24.16 -4.35 -13.30
C MET A 25 -25.58 -4.82 -13.52
N ASP A 26 -26.54 -4.01 -13.07
CA ASP A 26 -27.97 -4.33 -13.17
C ASP A 26 -28.44 -4.44 -14.62
N GLU A 27 -27.65 -3.88 -15.54
CA GLU A 27 -27.91 -4.01 -16.96
C GLU A 27 -27.59 -5.44 -17.40
N LEU A 28 -26.56 -6.01 -16.78
CA LEU A 28 -26.12 -7.39 -17.06
C LEU A 28 -26.92 -8.37 -16.20
N LYS A 29 -28.09 -7.94 -15.75
CA LYS A 29 -28.98 -8.78 -14.97
C LYS A 29 -30.41 -8.75 -15.54
N LYS A 30 -30.77 -7.62 -16.16
CA LYS A 30 -32.08 -7.47 -16.80
C LYS A 30 -32.00 -7.95 -18.24
N GLU A 31 -30.83 -8.45 -18.63
CA GLU A 31 -30.61 -8.99 -19.97
C GLU A 31 -31.48 -10.21 -20.23
N VAL A 32 -31.38 -11.19 -19.33
CA VAL A 32 -32.13 -12.44 -19.45
C VAL A 32 -33.37 -12.42 -18.54
N SER A 33 -34.30 -11.52 -18.85
CA SER A 33 -35.58 -11.42 -18.15
C SER A 33 -36.75 -11.56 -19.13
N MET A 34 -37.92 -11.92 -18.61
CA MET A 34 -39.12 -12.09 -19.42
C MET A 34 -40.27 -12.56 -18.55
N ASP A 35 -41.29 -11.73 -18.36
CA ASP A 35 -42.27 -12.04 -17.33
C ASP A 35 -43.77 -11.79 -17.66
N ASP A 36 -44.56 -11.90 -16.58
CA ASP A 36 -46.00 -11.85 -16.59
C ASP A 36 -46.49 -10.92 -15.47
N HIS A 37 -45.62 -10.00 -15.05
CA HIS A 37 -46.00 -8.89 -14.18
C HIS A 37 -46.94 -7.97 -14.93
N LYS A 38 -47.13 -8.23 -16.22
CA LYS A 38 -48.04 -7.46 -17.06
C LYS A 38 -49.41 -8.12 -17.24
N LEU A 39 -49.45 -9.44 -17.10
CA LEU A 39 -50.69 -10.18 -17.28
C LEU A 39 -51.76 -9.81 -16.27
N SER A 40 -53.02 -9.78 -16.71
CA SER A 40 -54.14 -9.55 -15.81
C SER A 40 -54.34 -10.78 -14.98
N LEU A 41 -55.28 -10.72 -14.02
CA LEU A 41 -55.43 -11.87 -13.13
C LEU A 41 -56.04 -13.02 -13.90
N ASP A 42 -56.98 -12.69 -14.77
CA ASP A 42 -57.63 -13.72 -15.60
C ASP A 42 -56.61 -14.38 -16.52
N GLU A 43 -55.78 -13.55 -17.15
CA GLU A 43 -54.70 -14.04 -18.01
C GLU A 43 -53.75 -14.95 -17.23
N LEU A 44 -53.28 -14.44 -16.09
CA LEU A 44 -52.38 -15.17 -15.21
C LEU A 44 -52.99 -16.52 -14.86
N HIS A 45 -54.30 -16.52 -14.64
CA HIS A 45 -55.03 -17.73 -14.28
C HIS A 45 -54.92 -18.76 -15.39
N ARG A 46 -55.29 -18.36 -16.59
CA ARG A 46 -55.32 -19.30 -17.72
C ARG A 46 -53.93 -19.71 -18.18
N LYS A 47 -52.94 -18.85 -17.98
CA LYS A 47 -51.57 -19.27 -18.24
C LYS A 47 -51.14 -20.50 -17.41
N TYR A 48 -51.14 -20.37 -16.08
CA TYR A 48 -50.70 -21.45 -15.19
C TYR A 48 -51.80 -22.50 -14.92
N GLY A 49 -53.06 -22.13 -15.14
CA GLY A 49 -54.18 -23.04 -15.00
C GLY A 49 -54.72 -23.22 -13.59
N THR A 50 -54.15 -22.49 -12.63
CA THR A 50 -54.48 -22.66 -11.21
C THR A 50 -55.57 -21.67 -10.86
N ASP A 51 -56.47 -22.07 -9.96
CA ASP A 51 -57.47 -21.14 -9.45
C ASP A 51 -56.82 -20.15 -8.50
N LEU A 52 -57.03 -18.86 -8.76
CA LEU A 52 -56.33 -17.82 -8.02
C LEU A 52 -56.71 -17.73 -6.54
N SER A 53 -57.62 -18.58 -6.08
CA SER A 53 -58.13 -18.47 -4.72
C SER A 53 -58.18 -19.81 -4.02
N ARG A 54 -58.22 -20.89 -4.79
CA ARG A 54 -58.34 -22.20 -4.17
C ARG A 54 -57.02 -22.96 -4.36
N GLY A 55 -56.18 -22.42 -5.23
CA GLY A 55 -54.87 -22.98 -5.50
C GLY A 55 -54.87 -24.03 -6.57
N LEU A 56 -53.91 -24.96 -6.51
CA LEU A 56 -53.99 -26.10 -7.42
C LEU A 56 -54.18 -27.36 -6.62
N THR A 57 -54.85 -28.33 -7.23
CA THR A 57 -55.06 -29.61 -6.60
C THR A 57 -53.71 -30.24 -6.30
N PRO A 58 -53.59 -30.89 -5.13
CA PRO A 58 -52.39 -31.64 -4.71
C PRO A 58 -51.89 -32.63 -5.75
N ALA A 59 -52.85 -33.21 -6.48
CA ALA A 59 -52.58 -33.97 -7.68
C ALA A 59 -51.71 -33.17 -8.64
N ARG A 60 -52.31 -32.15 -9.27
CA ARG A 60 -51.60 -31.28 -10.22
C ARG A 60 -50.26 -30.78 -9.68
N ALA A 61 -50.15 -30.73 -8.35
CA ALA A 61 -48.92 -30.31 -7.72
C ALA A 61 -47.91 -31.41 -7.89
N ALA A 62 -48.24 -32.61 -7.41
CA ALA A 62 -47.34 -33.76 -7.46
C ALA A 62 -46.90 -34.04 -8.89
N GLU A 63 -47.82 -33.79 -9.81
CA GLU A 63 -47.59 -33.98 -11.23
C GLU A 63 -46.49 -33.06 -11.71
N ILE A 64 -46.65 -31.76 -11.45
CA ILE A 64 -45.71 -30.78 -11.94
C ILE A 64 -44.35 -30.97 -11.28
N LEU A 65 -44.34 -31.52 -10.06
CA LEU A 65 -43.11 -31.67 -9.31
C LEU A 65 -42.21 -32.68 -9.96
N ALA A 66 -42.78 -33.83 -10.33
CA ALA A 66 -42.05 -34.85 -11.10
C ALA A 66 -41.64 -34.35 -12.50
N ARG A 67 -42.46 -33.47 -13.06
CA ARG A 67 -42.12 -32.84 -14.33
C ARG A 67 -40.97 -31.84 -14.20
N ASP A 68 -41.03 -30.94 -13.22
CA ASP A 68 -40.10 -29.81 -13.14
C ASP A 68 -38.89 -30.02 -12.20
N GLY A 69 -39.03 -30.90 -11.22
CA GLY A 69 -37.96 -31.11 -10.25
C GLY A 69 -37.91 -30.03 -9.19
N PRO A 70 -37.48 -30.40 -7.98
CA PRO A 70 -37.61 -29.61 -6.75
C PRO A 70 -37.07 -28.18 -6.81
N ASN A 71 -37.73 -27.31 -6.04
CA ASN A 71 -37.34 -25.91 -5.92
C ASN A 71 -36.09 -25.77 -5.10
N ALA A 72 -34.95 -25.91 -5.77
CA ALA A 72 -33.65 -25.84 -5.12
C ALA A 72 -32.59 -25.61 -6.16
N LEU A 73 -31.77 -24.58 -5.95
CA LEU A 73 -30.67 -24.30 -6.85
C LEU A 73 -29.74 -25.50 -6.85
N THR A 74 -29.12 -25.80 -7.99
CA THR A 74 -28.26 -26.98 -8.14
C THR A 74 -26.87 -26.64 -7.64
N PRO A 75 -26.29 -27.53 -6.82
CA PRO A 75 -25.07 -27.34 -6.02
C PRO A 75 -23.88 -26.80 -6.80
N PRO A 76 -23.42 -25.60 -6.40
CA PRO A 76 -22.25 -24.94 -6.99
C PRO A 76 -20.96 -25.37 -6.31
N PRO A 77 -20.11 -26.16 -7.01
CA PRO A 77 -18.84 -26.65 -6.47
C PRO A 77 -17.85 -25.51 -6.17
N THR A 78 -17.55 -25.31 -4.89
CA THR A 78 -16.69 -24.22 -4.44
C THR A 78 -15.22 -24.52 -4.67
N THR A 79 -14.77 -25.68 -4.17
CA THR A 79 -13.37 -26.06 -4.25
C THR A 79 -13.22 -27.58 -4.41
N PRO A 80 -12.06 -28.02 -4.95
CA PRO A 80 -11.71 -29.43 -4.97
C PRO A 80 -10.79 -29.80 -3.82
N GLU A 81 -10.72 -31.10 -3.51
CA GLU A 81 -9.95 -31.61 -2.37
C GLU A 81 -8.46 -31.26 -2.37
N TRP A 82 -7.73 -31.79 -3.35
CA TRP A 82 -6.28 -31.67 -3.41
C TRP A 82 -5.76 -30.24 -3.44
N VAL A 83 -6.51 -29.35 -4.10
CA VAL A 83 -6.14 -27.94 -4.12
C VAL A 83 -6.25 -27.32 -2.71
N LYS A 84 -7.23 -27.79 -1.94
CA LYS A 84 -7.41 -27.32 -0.56
C LYS A 84 -6.26 -27.84 0.32
N PHE A 85 -5.74 -29.00 -0.06
CA PHE A 85 -4.60 -29.60 0.63
C PHE A 85 -3.39 -28.68 0.50
N CYS A 86 -3.18 -28.15 -0.71
CA CYS A 86 -2.02 -27.32 -0.99
C CYS A 86 -2.05 -25.96 -0.32
N ARG A 87 -3.25 -25.39 -0.21
CA ARG A 87 -3.42 -24.13 0.50
C ARG A 87 -2.90 -24.31 1.92
N GLN A 88 -3.33 -25.40 2.56
CA GLN A 88 -2.92 -25.75 3.91
C GLN A 88 -1.43 -25.97 4.01
N LEU A 89 -0.86 -26.49 2.92
CA LEU A 89 0.56 -26.82 2.87
C LEU A 89 1.44 -25.58 2.78
N PHE A 90 0.86 -24.50 2.26
CA PHE A 90 1.57 -23.23 2.14
C PHE A 90 0.89 -22.17 3.00
N GLY A 91 0.28 -22.61 4.09
CA GLY A 91 -0.54 -21.76 4.93
C GLY A 91 0.19 -20.80 5.83
N GLY A 92 0.44 -19.61 5.31
CA GLY A 92 1.08 -18.55 6.07
C GLY A 92 2.45 -18.95 6.58
N PHE A 93 2.49 -19.41 7.82
CA PHE A 93 3.75 -19.83 8.44
C PHE A 93 4.40 -20.97 7.66
N SER A 94 3.56 -21.86 7.13
CA SER A 94 4.02 -23.02 6.37
C SER A 94 4.89 -22.62 5.18
N MET A 95 4.52 -21.53 4.54
CA MET A 95 5.21 -21.07 3.34
C MET A 95 6.62 -20.56 3.63
N LEU A 96 6.77 -19.81 4.72
CA LEU A 96 8.10 -19.35 5.13
C LEU A 96 9.01 -20.53 5.47
N LEU A 97 8.41 -21.59 6.00
CA LEU A 97 9.15 -22.80 6.33
C LEU A 97 9.81 -23.39 5.08
N TRP A 98 9.10 -23.30 3.94
CA TRP A 98 9.67 -23.75 2.68
C TRP A 98 10.88 -22.90 2.28
N ILE A 99 10.73 -21.58 2.42
CA ILE A 99 11.81 -20.62 2.14
C ILE A 99 13.12 -21.06 2.81
N GLY A 100 13.06 -21.24 4.12
CA GLY A 100 14.21 -21.69 4.86
C GLY A 100 14.68 -23.07 4.42
N ALA A 101 13.71 -23.96 4.20
CA ALA A 101 14.00 -25.32 3.76
C ALA A 101 14.66 -25.33 2.37
N ILE A 102 14.37 -24.31 1.57
CA ILE A 102 14.93 -24.19 0.23
C ILE A 102 16.38 -23.75 0.33
N LEU A 103 16.64 -22.73 1.14
CA LEU A 103 17.99 -22.22 1.33
C LEU A 103 18.88 -23.22 2.08
N CYS A 104 18.26 -24.18 2.76
CA CYS A 104 18.97 -25.27 3.43
C CYS A 104 19.48 -26.30 2.42
N PHE A 105 18.63 -26.65 1.46
CA PHE A 105 19.05 -27.50 0.36
C PHE A 105 19.96 -26.71 -0.56
N LEU A 106 19.65 -25.43 -0.74
CA LEU A 106 20.46 -24.54 -1.57
C LEU A 106 21.90 -24.42 -1.07
N ALA A 107 22.04 -24.17 0.24
CA ALA A 107 23.37 -24.00 0.85
C ALA A 107 24.15 -25.30 0.81
N TYR A 108 23.44 -26.43 0.84
CA TYR A 108 24.09 -27.75 0.80
C TYR A 108 24.66 -28.03 -0.58
N GLY A 109 24.02 -27.48 -1.61
CA GLY A 109 24.52 -27.60 -2.97
C GLY A 109 25.82 -26.84 -3.11
N ILE A 110 25.88 -25.69 -2.45
CA ILE A 110 27.07 -24.83 -2.47
C ILE A 110 28.23 -25.45 -1.68
N GLN A 111 27.89 -26.20 -0.63
CA GLN A 111 28.90 -26.84 0.21
C GLN A 111 29.69 -27.88 -0.58
N ALA A 112 29.04 -28.53 -1.52
CA ALA A 112 29.68 -29.53 -2.36
C ALA A 112 30.44 -28.88 -3.52
N ALA A 113 30.72 -27.59 -3.38
CA ALA A 113 31.43 -26.84 -4.43
C ALA A 113 32.55 -25.99 -3.81
N THR A 114 32.51 -25.78 -2.51
CA THR A 114 33.53 -25.01 -1.81
C THR A 114 34.48 -25.95 -1.06
N GLU A 115 33.99 -27.15 -0.76
CA GLU A 115 34.76 -28.11 0.01
C GLU A 115 34.65 -29.52 -0.58
N GLU A 116 35.66 -30.35 -0.32
CA GLU A 116 35.62 -31.76 -0.69
C GLU A 116 34.90 -32.59 0.39
N GLU A 117 33.74 -33.15 0.01
CA GLU A 117 32.90 -33.93 0.91
C GLU A 117 32.65 -33.22 2.25
N PRO A 118 31.77 -32.19 2.23
CA PRO A 118 31.49 -31.38 3.42
C PRO A 118 30.59 -32.07 4.44
N GLN A 119 29.83 -31.28 5.20
CA GLN A 119 28.98 -31.81 6.25
C GLN A 119 27.72 -32.47 5.72
N ASN A 120 26.87 -32.91 6.64
CA ASN A 120 25.57 -33.47 6.29
C ASN A 120 24.48 -32.68 6.99
N ASP A 121 24.87 -31.60 7.65
CA ASP A 121 23.96 -30.78 8.43
C ASP A 121 22.78 -30.25 7.61
N ASN A 122 23.10 -29.39 6.64
CA ASN A 122 22.09 -28.66 5.88
C ASN A 122 21.26 -29.55 4.95
N LEU A 123 21.78 -30.73 4.64
CA LEU A 123 21.02 -31.73 3.91
C LEU A 123 19.89 -32.24 4.79
N TYR A 124 20.27 -32.71 5.98
CA TYR A 124 19.32 -33.21 6.97
C TYR A 124 18.40 -32.10 7.49
N LEU A 125 18.90 -30.87 7.50
CA LEU A 125 18.14 -29.73 8.00
C LEU A 125 16.97 -29.38 7.07
N GLY A 126 17.23 -29.40 5.77
CA GLY A 126 16.19 -29.13 4.79
C GLY A 126 15.19 -30.27 4.86
N VAL A 127 15.70 -31.47 5.09
CA VAL A 127 14.87 -32.66 5.19
C VAL A 127 13.84 -32.53 6.32
N VAL A 128 14.33 -32.17 7.51
CA VAL A 128 13.47 -32.09 8.70
C VAL A 128 12.48 -30.95 8.59
N LEU A 129 12.97 -29.79 8.16
CA LEU A 129 12.17 -28.57 8.03
C LEU A 129 10.97 -28.77 7.10
N SER A 130 11.28 -29.15 5.86
CA SER A 130 10.28 -29.49 4.87
C SER A 130 9.28 -30.51 5.43
N ALA A 131 9.82 -31.53 6.08
CA ALA A 131 9.01 -32.59 6.69
C ALA A 131 7.97 -31.98 7.63
N VAL A 132 8.41 -31.04 8.45
CA VAL A 132 7.52 -30.39 9.39
C VAL A 132 6.34 -29.74 8.68
N VAL A 133 6.63 -29.01 7.60
CA VAL A 133 5.58 -28.34 6.84
C VAL A 133 4.55 -29.33 6.32
N ILE A 134 5.05 -30.48 5.90
CA ILE A 134 4.20 -31.54 5.38
C ILE A 134 3.30 -32.10 6.46
N ILE A 135 3.92 -32.59 7.55
CA ILE A 135 3.17 -33.15 8.69
C ILE A 135 2.18 -32.12 9.25
N THR A 136 2.66 -30.89 9.49
CA THR A 136 1.81 -29.80 9.93
C THR A 136 0.70 -29.58 8.91
N GLY A 137 1.09 -29.41 7.65
CA GLY A 137 0.18 -29.16 6.57
C GLY A 137 -0.95 -30.16 6.53
N CYS A 138 -0.62 -31.43 6.25
CA CYS A 138 -1.65 -32.45 6.09
C CYS A 138 -2.39 -32.73 7.39
N PHE A 139 -1.82 -32.28 8.51
CA PHE A 139 -2.56 -32.37 9.76
C PHE A 139 -3.65 -31.32 9.78
N SER A 140 -3.22 -30.07 9.69
CA SER A 140 -4.12 -28.93 9.72
C SER A 140 -5.20 -29.11 8.70
N TYR A 141 -4.82 -29.62 7.53
CA TYR A 141 -5.79 -29.93 6.49
C TYR A 141 -6.88 -30.81 7.04
N TYR A 142 -6.49 -31.99 7.50
CA TYR A 142 -7.44 -33.00 7.95
C TYR A 142 -8.40 -32.46 9.04
N GLN A 143 -7.86 -31.67 9.95
CA GLN A 143 -8.68 -31.02 10.97
C GLN A 143 -9.70 -30.10 10.30
N GLU A 144 -9.18 -29.18 9.49
CA GLU A 144 -10.01 -28.18 8.82
C GLU A 144 -10.98 -28.86 7.86
N ALA A 145 -10.63 -30.07 7.43
CA ALA A 145 -11.53 -30.87 6.63
C ALA A 145 -12.65 -31.38 7.51
N LYS A 146 -12.30 -31.78 8.72
CA LYS A 146 -13.26 -32.31 9.69
C LYS A 146 -14.30 -31.27 10.17
N SER A 147 -13.88 -30.01 10.27
CA SER A 147 -14.78 -28.89 10.57
C SER A 147 -15.81 -28.73 9.46
N SER A 148 -15.33 -28.63 8.22
CA SER A 148 -16.17 -28.45 7.05
C SER A 148 -16.95 -29.73 6.68
N LYS A 149 -16.74 -30.80 7.44
CA LYS A 149 -17.59 -31.99 7.33
C LYS A 149 -18.77 -31.82 8.29
N ILE A 150 -18.45 -31.48 9.53
CA ILE A 150 -19.46 -31.33 10.57
C ILE A 150 -20.32 -30.08 10.38
N MET A 151 -19.67 -28.97 10.02
CA MET A 151 -20.39 -27.72 9.80
C MET A 151 -21.35 -27.87 8.61
N GLU A 152 -20.98 -28.69 7.64
CA GLU A 152 -21.81 -28.90 6.46
C GLU A 152 -22.91 -29.93 6.71
N SER A 153 -22.73 -30.75 7.74
CA SER A 153 -23.75 -31.69 8.19
C SER A 153 -24.98 -30.95 8.73
N PHE A 154 -24.83 -29.63 8.86
CA PHE A 154 -25.88 -28.76 9.38
C PHE A 154 -26.47 -27.82 8.32
N LYS A 155 -25.79 -27.67 7.20
CA LYS A 155 -26.28 -26.81 6.12
C LYS A 155 -27.67 -27.25 5.64
N ASN A 156 -27.94 -28.55 5.77
CA ASN A 156 -29.23 -29.12 5.36
C ASN A 156 -30.03 -29.70 6.53
N MET A 157 -30.15 -28.95 7.61
CA MET A 157 -30.93 -29.41 8.77
C MET A 157 -32.15 -28.53 9.02
N VAL A 158 -32.12 -27.32 8.48
CA VAL A 158 -33.28 -26.43 8.49
C VAL A 158 -34.00 -26.49 7.14
N PRO A 159 -35.02 -27.36 7.03
CA PRO A 159 -35.73 -27.44 5.74
C PRO A 159 -36.62 -26.22 5.54
N GLN A 160 -36.12 -25.21 4.83
CA GLN A 160 -36.89 -23.97 4.70
C GLN A 160 -38.28 -24.30 4.21
N GLN A 161 -39.27 -24.02 5.04
CA GLN A 161 -40.63 -24.32 4.72
C GLN A 161 -41.21 -23.21 3.85
N ALA A 162 -42.36 -23.50 3.23
CA ALA A 162 -43.12 -22.51 2.45
C ALA A 162 -44.62 -22.75 2.60
N LEU A 163 -45.39 -21.68 2.61
CA LEU A 163 -46.82 -21.82 2.83
C LEU A 163 -47.58 -21.73 1.53
N VAL A 164 -48.22 -22.84 1.15
CA VAL A 164 -48.94 -22.93 -0.12
C VAL A 164 -50.43 -23.21 0.10
N ILE A 165 -51.27 -22.64 -0.74
CA ILE A 165 -52.70 -22.88 -0.60
C ILE A 165 -53.10 -23.85 -1.73
N ARG A 166 -52.86 -25.13 -1.51
CA ARG A 166 -53.21 -26.11 -2.51
C ARG A 166 -54.57 -26.70 -2.11
N ASN A 167 -55.52 -26.58 -3.04
CA ASN A 167 -56.85 -27.15 -2.88
C ASN A 167 -57.53 -26.45 -1.71
N GLY A 168 -57.85 -25.17 -1.91
CA GLY A 168 -58.64 -24.43 -0.95
C GLY A 168 -57.93 -24.22 0.38
N GLU A 169 -57.67 -25.30 1.09
CA GLU A 169 -56.98 -25.22 2.38
C GLU A 169 -55.53 -24.77 2.19
N LYS A 170 -54.85 -24.46 3.30
CA LYS A 170 -53.43 -24.06 3.24
C LYS A 170 -52.56 -24.92 4.13
N MET A 171 -51.38 -25.29 3.62
CA MET A 171 -50.43 -26.18 4.30
C MET A 171 -48.96 -25.75 4.19
N SER A 172 -48.15 -26.04 5.19
CA SER A 172 -46.76 -25.67 5.09
C SER A 172 -45.93 -26.89 4.72
N ILE A 173 -45.24 -26.80 3.58
CA ILE A 173 -44.42 -27.91 3.07
C ILE A 173 -42.99 -27.46 2.85
N ASN A 174 -42.10 -28.42 2.66
CA ASN A 174 -40.75 -28.11 2.26
C ASN A 174 -40.75 -27.19 1.05
N ALA A 175 -39.83 -26.25 0.95
CA ALA A 175 -39.84 -25.32 -0.19
C ALA A 175 -39.50 -26.07 -1.46
N GLU A 176 -38.82 -27.20 -1.30
CA GLU A 176 -38.46 -28.03 -2.43
C GLU A 176 -39.71 -28.60 -3.13
N GLU A 177 -40.82 -28.71 -2.40
CA GLU A 177 -42.04 -29.30 -2.98
C GLU A 177 -42.92 -28.25 -3.66
N VAL A 178 -42.47 -27.00 -3.69
CA VAL A 178 -43.24 -25.93 -4.30
C VAL A 178 -42.94 -25.99 -5.78
N VAL A 179 -43.98 -25.96 -6.62
CA VAL A 179 -43.75 -26.05 -8.05
C VAL A 179 -44.20 -24.77 -8.75
N VAL A 180 -43.99 -24.68 -10.06
CA VAL A 180 -44.52 -23.54 -10.81
C VAL A 180 -46.03 -23.67 -10.74
N GLY A 181 -46.74 -22.55 -10.61
CA GLY A 181 -48.18 -22.61 -10.67
C GLY A 181 -48.89 -22.31 -9.36
N ASP A 182 -48.65 -23.10 -8.31
CA ASP A 182 -49.39 -22.93 -7.04
C ASP A 182 -49.22 -21.53 -6.44
N LEU A 183 -50.00 -21.24 -5.42
CA LEU A 183 -49.95 -19.91 -4.85
C LEU A 183 -49.36 -19.99 -3.46
N VAL A 184 -48.45 -19.05 -3.21
CA VAL A 184 -47.69 -18.96 -1.98
C VAL A 184 -48.23 -17.82 -1.16
N GLU A 185 -48.18 -17.98 0.16
CA GLU A 185 -48.57 -16.90 1.05
C GLU A 185 -47.40 -16.59 1.98
N VAL A 186 -46.78 -15.43 1.76
CA VAL A 186 -45.71 -14.97 2.62
C VAL A 186 -46.30 -14.02 3.63
N LYS A 187 -45.73 -13.97 4.82
CA LYS A 187 -46.12 -12.96 5.80
C LYS A 187 -44.87 -12.25 6.28
N GLY A 188 -45.01 -11.44 7.32
CA GLY A 188 -43.90 -10.75 7.94
C GLY A 188 -42.78 -11.65 8.46
N GLY A 189 -41.61 -11.51 7.88
CA GLY A 189 -40.47 -12.31 8.28
C GLY A 189 -40.35 -13.64 7.55
N ASP A 190 -41.16 -13.82 6.52
CA ASP A 190 -41.13 -15.06 5.75
C ASP A 190 -40.12 -14.87 4.63
N ARG A 191 -39.30 -15.90 4.36
CA ARG A 191 -38.48 -15.88 3.15
C ARG A 191 -39.31 -16.32 1.91
N ILE A 192 -39.32 -15.45 0.90
CA ILE A 192 -39.98 -15.72 -0.36
C ILE A 192 -39.35 -16.90 -1.11
N PRO A 193 -40.09 -18.01 -1.22
CA PRO A 193 -39.62 -19.34 -1.62
C PRO A 193 -39.33 -19.54 -3.11
N ALA A 194 -39.81 -18.62 -3.96
CA ALA A 194 -39.61 -18.72 -5.40
C ALA A 194 -40.09 -17.43 -6.03
N ASP A 195 -39.76 -17.18 -7.29
CA ASP A 195 -40.20 -15.94 -7.90
C ASP A 195 -41.73 -15.90 -8.03
N LEU A 196 -42.36 -14.85 -7.50
CA LEU A 196 -43.83 -14.79 -7.39
C LEU A 196 -44.38 -13.60 -8.17
N ARG A 197 -45.58 -13.75 -8.70
CA ARG A 197 -46.35 -12.59 -9.13
C ARG A 197 -47.45 -12.41 -8.12
N ILE A 198 -47.44 -11.24 -7.47
CA ILE A 198 -48.34 -10.95 -6.36
C ILE A 198 -49.78 -10.80 -6.84
N ILE A 199 -50.62 -11.75 -6.47
CA ILE A 199 -52.04 -11.68 -6.75
C ILE A 199 -52.67 -10.72 -5.76
N SER A 200 -52.23 -10.78 -4.51
CA SER A 200 -52.83 -9.99 -3.43
C SER A 200 -51.86 -9.59 -2.32
N ALA A 201 -52.13 -8.45 -1.68
CA ALA A 201 -51.34 -8.02 -0.51
C ALA A 201 -52.03 -6.94 0.31
N ASN A 202 -51.87 -7.00 1.62
CA ASN A 202 -52.23 -5.90 2.52
C ASN A 202 -50.92 -5.37 3.02
N GLY A 203 -50.59 -4.16 2.60
CA GLY A 203 -49.40 -3.45 3.11
C GLY A 203 -48.13 -4.28 3.27
N CYS A 204 -47.75 -4.97 2.20
CA CYS A 204 -46.59 -5.84 2.22
C CYS A 204 -45.33 -5.11 1.79
N LYS A 205 -44.25 -5.40 2.52
CA LYS A 205 -42.93 -4.82 2.23
C LYS A 205 -41.86 -5.92 2.18
N VAL A 206 -41.14 -5.95 1.06
CA VAL A 206 -40.15 -6.98 0.83
C VAL A 206 -38.73 -6.41 1.02
N ASP A 207 -37.76 -7.29 1.23
CA ASP A 207 -36.36 -6.90 1.36
C ASP A 207 -35.55 -7.27 0.13
N ASN A 208 -35.40 -6.31 -0.78
CA ASN A 208 -34.69 -6.56 -2.01
C ASN A 208 -33.17 -6.36 -1.92
N SER A 209 -32.68 -6.27 -0.69
CA SER A 209 -31.27 -6.06 -0.44
C SER A 209 -30.41 -7.04 -1.25
N SER A 210 -30.73 -8.34 -1.23
CA SER A 210 -29.81 -9.34 -1.80
C SER A 210 -29.61 -9.09 -3.28
N LEU A 211 -30.54 -8.32 -3.83
CA LEU A 211 -30.63 -8.09 -5.26
C LEU A 211 -30.21 -6.68 -5.67
N THR A 212 -30.64 -5.70 -4.88
CA THR A 212 -30.51 -4.29 -5.26
C THR A 212 -29.73 -3.45 -4.24
N GLY A 213 -28.98 -4.12 -3.38
CA GLY A 213 -28.17 -3.42 -2.41
C GLY A 213 -28.98 -2.88 -1.24
N GLU A 214 -29.57 -1.71 -1.44
CA GLU A 214 -30.35 -1.05 -0.38
C GLU A 214 -31.39 -1.97 0.24
N SER A 215 -31.31 -2.09 1.57
CA SER A 215 -32.14 -3.03 2.31
C SER A 215 -33.49 -2.41 2.71
N GLU A 216 -33.71 -1.14 2.35
CA GLU A 216 -34.98 -0.46 2.62
C GLU A 216 -36.17 -1.23 2.08
N PRO A 217 -37.17 -1.45 2.92
CA PRO A 217 -38.31 -2.27 2.56
C PRO A 217 -39.05 -1.69 1.38
N GLN A 218 -39.07 -2.42 0.26
CA GLN A 218 -39.90 -2.03 -0.89
C GLN A 218 -41.25 -2.69 -0.82
N THR A 219 -42.32 -1.94 -1.10
CA THR A 219 -43.68 -2.48 -0.99
C THR A 219 -44.01 -3.33 -2.20
N ARG A 220 -44.70 -4.43 -1.95
CA ARG A 220 -45.22 -5.22 -3.05
C ARG A 220 -46.72 -5.11 -3.02
N SER A 221 -47.29 -4.57 -4.09
CA SER A 221 -48.73 -4.63 -4.30
C SER A 221 -49.02 -5.54 -5.51
N PRO A 222 -50.31 -5.79 -5.84
CA PRO A 222 -50.47 -6.64 -7.04
C PRO A 222 -50.39 -5.83 -8.31
N ASP A 223 -50.22 -4.51 -8.18
CA ASP A 223 -50.20 -3.61 -9.31
C ASP A 223 -48.97 -3.73 -10.20
N PHE A 224 -49.18 -3.60 -11.51
CA PHE A 224 -48.07 -3.52 -12.44
C PHE A 224 -47.55 -2.09 -12.41
N THR A 225 -46.32 -1.89 -11.93
CA THR A 225 -45.82 -0.53 -11.75
C THR A 225 -44.75 -0.10 -12.77
N ASN A 226 -43.90 -1.04 -13.20
CA ASN A 226 -42.79 -0.70 -14.10
C ASN A 226 -42.50 -1.83 -15.08
N GLU A 227 -42.41 -1.46 -16.36
CA GLU A 227 -42.23 -2.43 -17.47
C GLU A 227 -41.04 -3.37 -17.24
N ASN A 228 -40.08 -2.91 -16.44
CA ASN A 228 -38.98 -3.75 -15.98
C ASN A 228 -39.34 -4.59 -14.77
N PRO A 229 -39.26 -5.92 -14.90
CA PRO A 229 -39.64 -6.89 -13.87
C PRO A 229 -38.98 -6.61 -12.54
N LEU A 230 -37.80 -6.01 -12.57
CA LEU A 230 -37.09 -5.74 -11.35
C LEU A 230 -37.70 -4.56 -10.59
N GLU A 231 -37.94 -3.46 -11.30
CA GLU A 231 -38.52 -2.27 -10.67
C GLU A 231 -39.96 -2.49 -10.16
N THR A 232 -40.73 -3.30 -10.89
CA THR A 232 -42.15 -3.44 -10.61
C THR A 232 -42.42 -3.99 -9.21
N ARG A 233 -43.59 -3.64 -8.67
CA ARG A 233 -43.98 -3.98 -7.30
C ARG A 233 -44.69 -5.32 -7.15
N ASN A 234 -45.22 -5.86 -8.23
CA ASN A 234 -45.98 -7.08 -8.12
C ASN A 234 -45.17 -8.35 -8.34
N ILE A 235 -43.85 -8.20 -8.47
CA ILE A 235 -43.01 -9.38 -8.44
C ILE A 235 -42.14 -9.50 -7.21
N ALA A 236 -42.35 -10.57 -6.43
CA ALA A 236 -41.52 -10.89 -5.28
C ALA A 236 -40.52 -11.95 -5.69
N PHE A 237 -39.23 -11.73 -5.41
CA PHE A 237 -38.17 -12.62 -5.90
C PHE A 237 -37.76 -13.70 -4.93
N PHE A 238 -37.25 -14.80 -5.48
CA PHE A 238 -36.74 -15.92 -4.68
C PHE A 238 -35.46 -15.40 -4.06
N SER A 239 -35.19 -15.80 -2.82
CA SER A 239 -34.00 -15.42 -2.04
C SER A 239 -34.06 -14.03 -1.43
N THR A 240 -35.15 -13.32 -1.65
CA THR A 240 -35.39 -12.15 -0.82
C THR A 240 -36.34 -12.62 0.25
N ASN A 241 -36.58 -11.78 1.24
CA ASN A 241 -37.60 -12.11 2.22
C ASN A 241 -38.48 -10.91 2.46
N CYS A 242 -39.75 -11.18 2.73
CA CYS A 242 -40.69 -10.12 3.02
C CYS A 242 -40.54 -9.75 4.49
N VAL A 243 -40.22 -8.47 4.72
CA VAL A 243 -40.03 -7.97 6.06
C VAL A 243 -41.32 -8.08 6.86
N GLU A 244 -42.32 -7.28 6.46
CA GLU A 244 -43.60 -7.31 7.14
C GLU A 244 -44.75 -7.12 6.15
N GLY A 245 -45.96 -7.12 6.66
CA GLY A 245 -47.12 -7.14 5.80
C GLY A 245 -47.42 -8.57 5.35
N THR A 246 -48.29 -8.71 4.35
CA THR A 246 -48.68 -10.02 3.88
C THR A 246 -48.99 -10.04 2.38
N ALA A 247 -48.69 -11.16 1.73
CA ALA A 247 -48.93 -11.26 0.30
C ALA A 247 -49.27 -12.67 -0.15
N ARG A 248 -50.08 -12.77 -1.19
CA ARG A 248 -50.24 -14.04 -1.90
C ARG A 248 -49.72 -13.88 -3.31
N GLY A 249 -48.79 -14.74 -3.68
CA GLY A 249 -48.22 -14.64 -5.01
C GLY A 249 -48.38 -15.99 -5.69
N ILE A 250 -48.22 -16.02 -7.01
CA ILE A 250 -48.24 -17.27 -7.75
C ILE A 250 -46.87 -17.60 -8.39
N VAL A 251 -46.46 -18.86 -8.23
CA VAL A 251 -45.10 -19.24 -8.56
C VAL A 251 -44.82 -19.16 -10.05
N VAL A 252 -43.94 -18.25 -10.46
CA VAL A 252 -43.61 -18.13 -11.88
C VAL A 252 -42.22 -18.66 -12.26
N TYR A 253 -41.41 -19.02 -11.26
CA TYR A 253 -40.06 -19.55 -11.49
C TYR A 253 -39.64 -20.42 -10.31
N THR A 254 -39.34 -21.68 -10.57
CA THR A 254 -38.89 -22.60 -9.52
C THR A 254 -37.36 -22.69 -9.63
N GLY A 255 -36.71 -23.31 -8.65
CA GLY A 255 -35.31 -23.74 -8.72
C GLY A 255 -34.26 -22.88 -9.42
N ASP A 256 -33.50 -23.46 -10.33
CA ASP A 256 -32.46 -22.73 -11.06
C ASP A 256 -32.98 -21.69 -12.04
N ARG A 257 -34.28 -21.67 -12.25
CA ARG A 257 -34.87 -20.81 -13.25
C ARG A 257 -35.15 -19.40 -12.72
N THR A 258 -35.19 -19.26 -11.40
CA THR A 258 -35.47 -17.98 -10.76
C THR A 258 -34.38 -16.99 -11.09
N VAL A 259 -34.72 -15.72 -11.03
CA VAL A 259 -33.77 -14.65 -11.26
C VAL A 259 -32.53 -14.79 -10.37
N MET A 260 -32.72 -15.31 -9.16
CA MET A 260 -31.59 -15.45 -8.23
C MET A 260 -30.87 -16.80 -8.31
N GLY A 261 -31.40 -17.70 -9.13
CA GLY A 261 -30.70 -18.93 -9.45
C GLY A 261 -29.92 -18.70 -10.71
N ARG A 262 -30.48 -17.86 -11.57
CA ARG A 262 -29.85 -17.47 -12.83
C ARG A 262 -28.51 -16.80 -12.62
N ILE A 263 -28.41 -15.96 -11.59
CA ILE A 263 -27.11 -15.37 -11.26
C ILE A 263 -26.09 -16.44 -10.85
N ALA A 264 -25.01 -16.53 -11.64
CA ALA A 264 -23.98 -17.53 -11.41
C ALA A 264 -22.85 -16.93 -10.58
N THR A 265 -23.18 -16.46 -9.38
CA THR A 265 -22.18 -15.91 -8.49
C THR A 265 -22.09 -16.72 -7.20
N LEU A 266 -22.86 -16.35 -6.18
CA LEU A 266 -22.92 -17.13 -4.93
C LEU A 266 -24.19 -16.85 -4.09
N ALA A 267 -25.30 -17.49 -4.46
CA ALA A 267 -26.58 -17.30 -3.77
C ALA A 267 -26.55 -17.80 -2.33
N SER A 268 -25.68 -18.77 -2.05
CA SER A 268 -25.51 -19.33 -0.71
C SER A 268 -24.12 -19.98 -0.53
N GLY A 269 -23.32 -19.42 0.37
CA GLY A 269 -22.00 -19.99 0.63
C GLY A 269 -21.00 -19.05 1.27
N LEU A 270 -20.04 -18.60 0.47
CA LEU A 270 -18.92 -17.78 0.96
C LEU A 270 -19.35 -16.33 1.17
N GLU A 271 -18.92 -15.73 2.27
CA GLU A 271 -19.32 -14.36 2.61
C GLU A 271 -18.19 -13.55 3.27
N GLY A 272 -18.59 -12.53 4.06
CA GLY A 272 -17.64 -11.64 4.70
C GLY A 272 -17.77 -11.54 6.22
N GLY A 273 -17.11 -10.54 6.79
CA GLY A 273 -17.09 -10.36 8.24
C GLY A 273 -15.78 -10.83 8.82
N GLN A 274 -15.25 -10.10 9.79
CA GLN A 274 -13.96 -10.46 10.40
C GLN A 274 -14.01 -10.38 11.92
N THR A 275 -14.21 -11.54 12.55
CA THR A 275 -14.39 -11.67 14.00
C THR A 275 -13.28 -11.00 14.82
N PRO A 276 -13.61 -10.55 16.03
CA PRO A 276 -12.60 -9.88 16.85
C PRO A 276 -11.44 -10.80 17.20
N ILE A 277 -11.73 -12.03 17.63
CA ILE A 277 -10.67 -13.01 17.94
C ILE A 277 -9.69 -13.19 16.77
N ALA A 278 -10.24 -13.27 15.56
CA ALA A 278 -9.44 -13.32 14.35
C ALA A 278 -8.58 -12.06 14.23
N ALA A 279 -9.18 -10.91 14.47
CA ALA A 279 -8.46 -9.64 14.40
C ALA A 279 -7.33 -9.54 15.46
N GLU A 280 -7.58 -10.15 16.61
CA GLU A 280 -6.59 -10.12 17.67
C GLU A 280 -5.40 -10.95 17.23
N ILE A 281 -5.69 -12.14 16.71
CA ILE A 281 -4.65 -13.07 16.27
C ILE A 281 -3.82 -12.45 15.15
N GLU A 282 -4.51 -11.93 14.14
CA GLU A 282 -3.86 -11.38 12.96
C GLU A 282 -2.96 -10.21 13.33
N HIS A 283 -3.33 -9.48 14.38
CA HIS A 283 -2.53 -8.36 14.87
C HIS A 283 -1.25 -8.86 15.51
N PHE A 284 -1.39 -9.87 16.36
CA PHE A 284 -0.27 -10.50 17.04
C PHE A 284 0.74 -11.09 16.09
N ILE A 285 0.23 -11.92 15.17
CA ILE A 285 1.06 -12.55 14.15
C ILE A 285 1.83 -11.51 13.33
N HIS A 286 1.20 -10.36 13.04
CA HIS A 286 1.88 -9.26 12.35
C HIS A 286 3.07 -8.67 13.13
N ILE A 287 2.99 -8.63 14.46
CA ILE A 287 4.10 -8.08 15.21
C ILE A 287 5.10 -9.14 15.63
N ILE A 288 4.63 -10.33 15.98
CA ILE A 288 5.55 -11.39 16.40
C ILE A 288 6.46 -11.77 15.22
N THR A 289 5.88 -11.76 14.02
CA THR A 289 6.63 -12.07 12.82
C THR A 289 7.55 -10.90 12.53
N GLY A 290 7.12 -9.73 12.96
CA GLY A 290 7.94 -8.54 12.83
C GLY A 290 9.23 -8.64 13.61
N VAL A 291 9.13 -8.84 14.91
CA VAL A 291 10.33 -8.94 15.72
C VAL A 291 11.18 -10.16 15.33
N ALA A 292 10.50 -11.24 14.96
CA ALA A 292 11.19 -12.47 14.61
C ALA A 292 12.07 -12.32 13.37
N VAL A 293 11.77 -11.32 12.54
CA VAL A 293 12.60 -11.06 11.39
C VAL A 293 13.55 -9.93 11.74
N PHE A 294 13.28 -9.26 12.85
CA PHE A 294 14.19 -8.21 13.26
C PHE A 294 15.42 -8.84 13.86
N LEU A 295 15.21 -9.91 14.61
CA LEU A 295 16.33 -10.64 15.21
C LEU A 295 17.18 -11.33 14.15
N GLY A 296 16.52 -12.18 13.34
CA GLY A 296 17.14 -12.91 12.26
C GLY A 296 18.19 -12.13 11.49
N VAL A 297 17.82 -10.94 11.04
CA VAL A 297 18.74 -10.12 10.23
C VAL A 297 19.69 -9.29 11.06
N SER A 298 19.34 -9.05 12.33
CA SER A 298 20.23 -8.35 13.22
C SER A 298 21.29 -9.33 13.66
N PHE A 299 20.87 -10.58 13.87
CA PHE A 299 21.80 -11.68 14.14
C PHE A 299 22.57 -12.05 12.89
N PHE A 300 21.92 -11.95 11.74
CA PHE A 300 22.57 -12.32 10.49
C PHE A 300 23.79 -11.46 10.19
N ILE A 301 23.66 -10.16 10.43
CA ILE A 301 24.79 -9.25 10.22
C ILE A 301 25.76 -9.33 11.38
N LEU A 302 25.24 -9.52 12.60
CA LEU A 302 26.09 -9.70 13.78
C LEU A 302 26.99 -10.91 13.60
N SER A 303 26.41 -12.02 13.17
CA SER A 303 27.17 -13.23 12.89
C SER A 303 28.27 -12.92 11.87
N LEU A 304 27.89 -12.26 10.76
CA LEU A 304 28.85 -11.84 9.74
C LEU A 304 30.01 -11.04 10.33
N ILE A 305 29.68 -10.08 11.17
CA ILE A 305 30.68 -9.33 11.92
C ILE A 305 31.55 -10.25 12.78
N LEU A 306 30.91 -11.23 13.40
CA LEU A 306 31.61 -12.17 14.26
C LEU A 306 32.26 -13.29 13.47
N GLU A 307 32.71 -12.95 12.25
CA GLU A 307 33.47 -13.87 11.41
C GLU A 307 32.74 -15.17 11.08
N TYR A 308 31.41 -15.17 11.17
CA TYR A 308 30.61 -16.31 10.75
C TYR A 308 30.81 -16.46 9.24
N THR A 309 30.86 -17.70 8.77
CA THR A 309 30.90 -17.97 7.33
C THR A 309 29.66 -17.39 6.66
N TRP A 310 29.77 -17.10 5.36
CA TRP A 310 28.66 -16.48 4.64
C TRP A 310 27.43 -17.39 4.60
N LEU A 311 27.63 -18.67 4.28
CA LEU A 311 26.52 -19.59 4.11
C LEU A 311 25.83 -19.97 5.42
N GLU A 312 26.60 -20.02 6.50
CA GLU A 312 26.05 -20.42 7.80
C GLU A 312 25.54 -19.22 8.59
N ALA A 313 25.69 -18.04 7.99
CA ALA A 313 25.09 -16.86 8.56
C ALA A 313 23.62 -16.82 8.16
N VAL A 314 23.35 -17.10 6.89
CA VAL A 314 21.99 -17.10 6.41
C VAL A 314 21.20 -18.26 7.03
N ILE A 315 21.92 -19.32 7.36
CA ILE A 315 21.29 -20.48 7.98
C ILE A 315 21.12 -20.21 9.47
N PHE A 316 21.95 -19.32 9.99
CA PHE A 316 21.75 -18.86 11.35
C PHE A 316 20.52 -17.94 11.43
N LEU A 317 20.39 -17.05 10.45
CA LEU A 317 19.24 -16.16 10.38
C LEU A 317 17.99 -17.02 10.26
N ILE A 318 17.99 -17.90 9.27
CA ILE A 318 16.82 -18.67 8.91
C ILE A 318 16.38 -19.60 10.05
N GLY A 319 17.34 -20.03 10.84
CA GLY A 319 17.03 -20.78 12.05
C GLY A 319 16.46 -19.93 13.16
N ILE A 320 16.96 -18.69 13.28
CA ILE A 320 16.42 -17.74 14.24
C ILE A 320 14.96 -17.39 13.93
N ILE A 321 14.67 -17.13 12.67
CA ILE A 321 13.33 -16.72 12.25
C ILE A 321 12.33 -17.79 12.62
N VAL A 322 12.63 -19.02 12.24
CA VAL A 322 11.73 -20.14 12.54
C VAL A 322 11.48 -20.21 14.04
N ALA A 323 12.50 -19.84 14.80
CA ALA A 323 12.48 -20.00 16.26
C ALA A 323 11.63 -18.97 16.99
N ASN A 324 11.59 -17.75 16.47
CA ASN A 324 10.77 -16.72 17.11
C ASN A 324 9.41 -16.54 16.46
N VAL A 325 9.04 -17.53 15.64
CA VAL A 325 7.77 -17.55 14.96
C VAL A 325 7.04 -18.83 15.37
N PRO A 326 5.83 -18.68 15.91
CA PRO A 326 5.06 -19.80 16.48
C PRO A 326 4.25 -20.59 15.45
N GLU A 327 4.91 -21.46 14.67
CA GLU A 327 4.24 -22.24 13.59
C GLU A 327 2.99 -22.96 14.08
N GLY A 328 3.00 -23.37 15.36
CA GLY A 328 1.85 -24.04 15.90
C GLY A 328 0.54 -23.29 15.89
N LEU A 329 0.56 -22.05 16.35
CA LEU A 329 -0.60 -21.19 16.45
C LEU A 329 -1.73 -21.52 15.48
N LEU A 330 -1.43 -21.53 14.19
CA LEU A 330 -2.41 -21.82 13.15
C LEU A 330 -3.08 -23.16 13.37
N ALA A 331 -2.29 -24.22 13.35
CA ALA A 331 -2.82 -25.55 13.60
C ALA A 331 -3.61 -25.57 14.90
N THR A 332 -3.08 -24.94 15.95
CA THR A 332 -3.74 -24.89 17.27
C THR A 332 -5.13 -24.30 17.16
N VAL A 333 -5.19 -23.14 16.52
CA VAL A 333 -6.46 -22.48 16.20
C VAL A 333 -7.42 -23.39 15.45
N THR A 334 -6.92 -24.06 14.42
CA THR A 334 -7.70 -24.99 13.63
C THR A 334 -8.30 -26.09 14.48
N VAL A 335 -7.51 -26.67 15.38
CA VAL A 335 -7.98 -27.73 16.25
C VAL A 335 -9.06 -27.20 17.17
N CYS A 336 -8.77 -26.06 17.78
CA CYS A 336 -9.72 -25.45 18.69
C CYS A 336 -11.11 -25.25 18.07
N LEU A 337 -11.17 -24.74 16.84
CA LEU A 337 -12.41 -24.64 16.09
C LEU A 337 -13.05 -26.00 15.81
N THR A 338 -12.27 -26.91 15.24
CA THR A 338 -12.72 -28.28 15.01
C THR A 338 -13.29 -28.92 16.27
N LEU A 339 -12.66 -28.63 17.40
CA LEU A 339 -13.21 -29.04 18.68
C LEU A 339 -14.58 -28.43 18.97
N THR A 340 -14.64 -27.09 18.94
CA THR A 340 -15.86 -26.38 19.28
C THR A 340 -17.00 -26.73 18.32
N ALA A 341 -16.67 -26.89 17.05
CA ALA A 341 -17.67 -27.24 16.06
C ALA A 341 -18.21 -28.64 16.32
N LYS A 342 -17.45 -29.48 17.00
CA LYS A 342 -17.93 -30.81 17.29
C LYS A 342 -18.85 -30.74 18.51
N ARG A 343 -18.58 -29.80 19.40
CA ARG A 343 -19.32 -29.70 20.67
C ARG A 343 -20.67 -29.01 20.51
N MET A 344 -20.70 -27.94 19.72
CA MET A 344 -21.96 -27.27 19.45
C MET A 344 -22.88 -28.19 18.66
N ALA A 345 -22.27 -28.97 17.77
CA ALA A 345 -23.01 -29.90 16.93
C ALA A 345 -23.84 -30.86 17.78
N ARG A 346 -23.21 -31.48 18.77
CA ARG A 346 -23.90 -32.41 19.66
C ARG A 346 -24.93 -31.70 20.54
N LYS A 347 -24.95 -30.37 20.46
CA LYS A 347 -25.89 -29.54 21.21
C LYS A 347 -26.95 -28.88 20.32
N ASN A 348 -27.06 -29.33 19.07
CA ASN A 348 -28.03 -28.82 18.12
C ASN A 348 -27.97 -27.30 17.93
N CYS A 349 -26.75 -26.78 17.82
CA CYS A 349 -26.59 -25.34 17.75
C CYS A 349 -25.84 -24.97 16.48
N LEU A 350 -26.59 -24.62 15.44
CA LEU A 350 -25.98 -24.16 14.19
C LEU A 350 -25.24 -22.82 14.36
N VAL A 351 -23.92 -22.84 14.17
CA VAL A 351 -23.09 -21.67 14.28
C VAL A 351 -22.49 -21.30 12.92
N LYS A 352 -22.91 -20.19 12.35
CA LYS A 352 -22.54 -19.82 11.00
C LYS A 352 -21.06 -19.50 10.83
N ASN A 353 -20.45 -18.98 11.90
CA ASN A 353 -19.00 -18.73 11.93
C ASN A 353 -18.43 -19.24 13.23
N LEU A 354 -17.48 -20.17 13.15
CA LEU A 354 -16.91 -20.80 14.34
C LEU A 354 -16.08 -19.88 15.22
N GLU A 355 -15.44 -18.89 14.60
CA GLU A 355 -14.67 -17.90 15.32
C GLU A 355 -15.58 -17.11 16.27
N ALA A 356 -16.82 -16.95 15.87
CA ALA A 356 -17.75 -16.13 16.62
C ALA A 356 -18.10 -16.74 17.98
N VAL A 357 -17.92 -18.05 18.14
CA VAL A 357 -18.22 -18.67 19.42
C VAL A 357 -17.30 -18.06 20.47
N GLU A 358 -16.12 -17.65 20.05
CA GLU A 358 -15.24 -16.90 20.92
C GLU A 358 -15.97 -15.66 21.42
N THR A 359 -16.39 -14.83 20.47
CA THR A 359 -17.12 -13.61 20.79
C THR A 359 -18.27 -13.83 21.79
N LEU A 360 -18.92 -14.99 21.70
CA LEU A 360 -20.05 -15.32 22.55
C LEU A 360 -19.58 -15.57 23.98
N GLY A 361 -18.29 -15.82 24.16
CA GLY A 361 -17.71 -15.92 25.49
C GLY A 361 -17.52 -14.55 26.12
N SER A 362 -16.98 -13.64 25.31
CA SER A 362 -16.74 -12.26 25.71
C SER A 362 -17.99 -11.45 26.01
N THR A 363 -19.12 -12.13 26.23
CA THR A 363 -20.40 -11.44 26.38
C THR A 363 -20.50 -10.96 27.81
N SER A 364 -20.82 -9.68 27.96
CA SER A 364 -21.13 -9.10 29.27
C SER A 364 -22.65 -8.98 29.46
N THR A 365 -23.37 -8.79 28.35
CA THR A 365 -24.80 -8.46 28.40
C THR A 365 -25.68 -9.21 27.40
N ILE A 366 -26.62 -10.00 27.91
CA ILE A 366 -27.60 -10.65 27.07
C ILE A 366 -28.93 -9.89 27.13
N CYS A 367 -29.30 -9.24 26.03
CA CYS A 367 -30.64 -8.71 25.88
C CYS A 367 -31.54 -9.76 25.24
N SER A 368 -32.46 -10.33 26.02
CA SER A 368 -33.32 -11.39 25.51
C SER A 368 -34.74 -10.93 25.21
N ASP A 369 -35.37 -11.61 24.25
CA ASP A 369 -36.78 -11.41 23.93
C ASP A 369 -37.61 -12.28 24.86
N LYS A 370 -38.88 -11.93 25.04
CA LYS A 370 -39.72 -12.63 26.01
C LYS A 370 -40.52 -13.76 25.39
N THR A 371 -41.40 -13.42 24.43
CA THR A 371 -42.38 -14.38 23.89
C THR A 371 -41.78 -15.23 22.78
N GLY A 372 -41.77 -16.55 23.00
CA GLY A 372 -41.12 -17.51 22.10
C GLY A 372 -39.62 -17.63 22.23
N THR A 373 -39.10 -17.15 23.35
CA THR A 373 -37.67 -17.21 23.60
C THR A 373 -37.49 -17.69 25.00
N LEU A 374 -37.87 -16.86 25.94
CA LEU A 374 -37.80 -17.29 27.32
C LEU A 374 -39.04 -18.13 27.59
N THR A 375 -40.09 -17.88 26.80
CA THR A 375 -41.32 -18.65 26.91
C THR A 375 -41.36 -19.70 25.80
N GLN A 376 -42.28 -20.65 25.93
CA GLN A 376 -42.36 -21.79 25.02
C GLN A 376 -43.07 -21.42 23.74
N ASN A 377 -43.72 -20.27 23.75
CA ASN A 377 -44.58 -19.83 22.66
C ASN A 377 -45.78 -20.73 22.40
N ARG A 378 -46.14 -21.57 23.38
CA ARG A 378 -47.24 -22.52 23.21
C ARG A 378 -48.38 -22.13 24.11
N MET A 379 -49.06 -21.05 23.76
CA MET A 379 -50.03 -20.49 24.67
C MET A 379 -51.40 -21.17 24.68
N THR A 380 -52.11 -21.00 25.80
CA THR A 380 -53.45 -21.55 25.98
C THR A 380 -54.32 -20.60 26.80
N VAL A 381 -55.46 -20.20 26.24
CA VAL A 381 -56.35 -19.21 26.87
C VAL A 381 -56.84 -19.64 28.28
N ALA A 382 -56.64 -18.76 29.28
CA ALA A 382 -56.84 -19.10 30.72
C ALA A 382 -57.84 -18.24 31.50
N HIS A 383 -57.92 -16.95 31.20
CA HIS A 383 -58.94 -16.12 31.80
C HIS A 383 -59.41 -15.07 30.84
N MET A 384 -60.70 -14.71 30.89
CA MET A 384 -61.14 -13.49 30.21
C MET A 384 -61.68 -12.46 31.21
N TRP A 385 -61.61 -11.19 30.83
CA TRP A 385 -62.19 -10.14 31.64
C TRP A 385 -63.23 -9.40 30.82
N PHE A 386 -64.49 -9.58 31.20
CA PHE A 386 -65.60 -8.85 30.61
C PHE A 386 -66.78 -8.84 31.57
N ASP A 387 -67.65 -7.83 31.44
CA ASP A 387 -68.68 -7.50 32.43
C ASP A 387 -68.07 -7.25 33.81
N ASN A 388 -67.06 -6.37 33.88
CA ASN A 388 -66.35 -6.10 35.14
C ASN A 388 -65.92 -7.32 35.98
N GLN A 389 -66.28 -8.53 35.52
CA GLN A 389 -65.86 -9.76 36.18
C GLN A 389 -64.70 -10.46 35.46
N ILE A 390 -63.92 -11.23 36.24
CA ILE A 390 -62.85 -12.07 35.74
C ILE A 390 -63.46 -13.44 35.55
N HIS A 391 -63.13 -14.13 34.46
CA HIS A 391 -63.66 -15.47 34.29
C HIS A 391 -62.52 -16.44 34.02
N GLU A 392 -62.66 -17.67 34.51
CA GLU A 392 -61.73 -18.76 34.19
C GLU A 392 -62.22 -19.57 33.00
N ALA A 393 -61.27 -20.10 32.23
CA ALA A 393 -61.60 -21.12 31.23
C ALA A 393 -60.60 -22.24 31.38
N ASP A 394 -61.14 -23.46 31.53
CA ASP A 394 -60.39 -24.71 31.63
C ASP A 394 -59.08 -24.72 30.86
N THR A 395 -57.97 -24.63 31.59
CA THR A 395 -56.64 -24.36 31.01
C THR A 395 -55.93 -25.59 30.42
N THR A 396 -56.06 -26.74 31.07
CA THR A 396 -55.50 -27.99 30.54
C THR A 396 -56.54 -29.10 30.54
N GLU A 397 -56.51 -29.94 29.49
CA GLU A 397 -57.44 -31.07 29.37
C GLU A 397 -58.90 -30.65 29.50
N ASN A 398 -59.26 -29.56 28.82
CA ASN A 398 -60.54 -28.86 29.05
C ASN A 398 -61.77 -29.76 29.20
N GLN A 399 -62.02 -30.62 28.21
CA GLN A 399 -63.19 -31.53 28.21
C GLN A 399 -64.55 -30.80 28.32
N SER A 400 -64.51 -29.48 28.19
CA SER A 400 -65.68 -28.63 28.37
C SER A 400 -65.26 -27.23 27.87
N GLY A 401 -66.18 -26.26 28.00
CA GLY A 401 -65.87 -24.89 27.64
C GLY A 401 -66.05 -23.92 28.79
N VAL A 402 -64.95 -23.24 29.12
CA VAL A 402 -64.93 -22.11 30.07
C VAL A 402 -65.63 -22.34 31.41
N SER A 403 -65.80 -21.27 32.18
CA SER A 403 -66.66 -21.30 33.37
C SER A 403 -67.59 -20.09 33.38
N PHE A 404 -68.43 -20.03 32.36
CA PHE A 404 -69.52 -19.06 32.28
C PHE A 404 -70.51 -19.55 31.24
N ASP A 405 -71.68 -18.91 31.16
CA ASP A 405 -72.66 -19.31 30.16
C ASP A 405 -72.13 -18.93 28.80
N LYS A 406 -72.11 -19.90 27.88
CA LYS A 406 -71.63 -19.65 26.51
C LYS A 406 -72.56 -18.65 25.82
N THR A 407 -73.69 -18.32 26.48
CA THR A 407 -74.77 -17.55 25.88
C THR A 407 -74.71 -16.03 26.14
N SER A 408 -73.89 -15.63 27.10
CA SER A 408 -73.73 -14.21 27.45
C SER A 408 -73.52 -13.25 26.25
N ALA A 409 -74.31 -12.17 26.25
CA ALA A 409 -74.30 -11.24 25.15
C ALA A 409 -72.91 -10.65 24.93
N THR A 410 -72.20 -10.41 26.04
CA THR A 410 -70.90 -9.77 25.97
C THR A 410 -69.88 -10.78 25.46
N TRP A 411 -69.83 -11.93 26.11
CA TRP A 411 -68.95 -13.00 25.66
C TRP A 411 -69.15 -13.32 24.18
N LEU A 412 -70.39 -13.21 23.76
CA LEU A 412 -70.71 -13.32 22.36
C LEU A 412 -69.93 -12.31 21.55
N ALA A 413 -69.93 -11.07 22.01
CA ALA A 413 -69.34 -9.96 21.25
C ALA A 413 -67.84 -10.02 21.31
N LEU A 414 -67.33 -10.65 22.37
CA LEU A 414 -65.89 -10.80 22.56
C LEU A 414 -65.43 -11.87 21.58
N SER A 415 -65.83 -13.09 21.88
CA SER A 415 -65.46 -14.28 21.11
C SER A 415 -65.75 -14.15 19.61
N ARG A 416 -66.66 -13.27 19.23
CA ARG A 416 -66.86 -13.00 17.82
C ARG A 416 -65.62 -12.36 17.25
N ILE A 417 -65.10 -11.34 17.93
CA ILE A 417 -63.91 -10.66 17.42
C ILE A 417 -62.58 -11.38 17.73
N ALA A 418 -62.58 -12.20 18.77
CA ALA A 418 -61.46 -13.08 19.02
C ALA A 418 -61.36 -14.06 17.86
N GLY A 419 -62.50 -14.46 17.31
CA GLY A 419 -62.55 -15.26 16.09
C GLY A 419 -62.39 -14.43 14.83
N LEU A 420 -63.16 -13.36 14.70
CA LEU A 420 -63.13 -12.51 13.50
C LEU A 420 -61.82 -11.78 13.24
N CYS A 421 -61.33 -11.03 14.23
CA CYS A 421 -60.02 -10.34 14.18
C CYS A 421 -58.83 -11.31 14.23
N ASN A 422 -59.09 -12.55 14.60
CA ASN A 422 -58.13 -13.63 14.34
C ASN A 422 -57.87 -13.86 12.83
N ARG A 423 -56.72 -14.45 12.52
CA ARG A 423 -56.31 -14.62 11.14
C ARG A 423 -55.60 -15.98 10.99
N ALA A 424 -55.54 -16.72 12.09
CA ALA A 424 -54.93 -18.03 12.12
C ALA A 424 -55.93 -19.08 11.61
N VAL A 425 -55.42 -20.14 10.99
CA VAL A 425 -56.30 -21.20 10.53
C VAL A 425 -55.66 -22.55 10.65
N PHE A 426 -56.48 -23.56 10.87
CA PHE A 426 -56.00 -24.92 10.86
C PHE A 426 -55.47 -25.23 9.47
N GLN A 427 -54.46 -26.11 9.38
CA GLN A 427 -53.91 -26.51 8.08
C GLN A 427 -54.80 -27.53 7.39
N ALA A 428 -54.26 -28.13 6.34
CA ALA A 428 -55.10 -28.94 5.48
C ALA A 428 -55.35 -30.31 6.06
N ASN A 429 -56.55 -30.83 5.78
CA ASN A 429 -56.92 -32.19 6.17
C ASN A 429 -56.79 -32.41 7.67
N GLN A 430 -57.59 -31.69 8.44
CA GLN A 430 -57.49 -31.73 9.89
C GLN A 430 -58.86 -31.85 10.55
N GLU A 431 -59.91 -31.47 9.82
CA GLU A 431 -61.26 -31.39 10.38
C GLU A 431 -61.81 -32.75 10.83
N ASN A 432 -60.97 -33.77 10.79
CA ASN A 432 -61.36 -35.13 11.16
C ASN A 432 -60.80 -35.57 12.51
N LEU A 433 -59.94 -34.73 13.09
CA LEU A 433 -59.33 -35.06 14.37
C LEU A 433 -59.56 -33.94 15.39
N PRO A 434 -59.46 -34.24 16.72
CA PRO A 434 -59.74 -33.27 17.79
C PRO A 434 -59.04 -31.91 17.66
N ILE A 435 -59.68 -30.86 18.19
CA ILE A 435 -59.23 -29.49 17.93
C ILE A 435 -57.81 -29.24 18.43
N LEU A 436 -57.48 -29.85 19.55
CA LEU A 436 -56.14 -29.67 20.09
C LEU A 436 -55.08 -30.39 19.26
N LYS A 437 -55.52 -31.48 18.62
CA LYS A 437 -54.64 -32.36 17.84
C LYS A 437 -54.17 -31.78 16.51
N ARG A 438 -54.88 -30.79 15.99
CA ARG A 438 -54.55 -30.22 14.66
C ARG A 438 -53.44 -29.17 14.66
N ALA A 439 -52.80 -29.03 13.49
CA ALA A 439 -51.66 -28.14 13.32
C ALA A 439 -52.11 -26.85 12.67
N VAL A 440 -51.60 -25.73 13.19
CA VAL A 440 -52.13 -24.42 12.82
C VAL A 440 -51.26 -23.63 11.84
N ALA A 441 -51.53 -22.33 11.74
CA ALA A 441 -50.83 -21.48 10.81
C ALA A 441 -51.08 -20.03 11.19
N GLY A 442 -50.15 -19.45 11.94
CA GLY A 442 -50.21 -18.04 12.29
C GLY A 442 -49.77 -17.82 13.72
N ASP A 443 -50.01 -16.61 14.26
CA ASP A 443 -49.64 -16.20 15.65
C ASP A 443 -49.89 -17.26 16.68
N ALA A 444 -48.98 -17.36 17.63
CA ALA A 444 -49.16 -18.34 18.70
C ALA A 444 -50.27 -17.82 19.58
N SER A 445 -50.40 -16.49 19.57
CA SER A 445 -51.50 -15.83 20.27
C SER A 445 -52.81 -16.17 19.59
N GLU A 446 -52.89 -15.85 18.29
CA GLU A 446 -54.06 -16.21 17.49
C GLU A 446 -54.40 -17.70 17.56
N SER A 447 -53.37 -18.56 17.55
CA SER A 447 -53.57 -20.01 17.61
C SER A 447 -54.37 -20.32 18.83
N ALA A 448 -53.98 -19.74 19.97
CA ALA A 448 -54.67 -20.00 21.23
C ALA A 448 -56.10 -19.49 21.15
N LEU A 449 -56.29 -18.36 20.50
CA LEU A 449 -57.61 -17.77 20.43
C LEU A 449 -58.47 -18.72 19.63
N LEU A 450 -57.99 -19.11 18.45
CA LEU A 450 -58.65 -20.05 17.57
C LEU A 450 -59.02 -21.28 18.37
N LYS A 451 -58.00 -22.05 18.75
CA LYS A 451 -58.19 -23.31 19.46
C LYS A 451 -59.14 -23.18 20.65
N CYS A 452 -59.14 -22.01 21.28
CA CYS A 452 -60.04 -21.78 22.41
C CYS A 452 -61.50 -21.86 21.97
N ILE A 453 -61.88 -20.99 21.06
CA ILE A 453 -63.28 -20.81 20.75
C ILE A 453 -63.78 -21.95 19.84
N GLU A 454 -62.85 -22.64 19.20
CA GLU A 454 -63.21 -23.78 18.32
C GLU A 454 -63.58 -24.98 19.18
N LEU A 455 -63.25 -24.92 20.47
CA LEU A 455 -63.42 -26.04 21.38
C LEU A 455 -64.58 -25.85 22.31
N CYS A 456 -65.07 -24.62 22.38
CA CYS A 456 -66.09 -24.24 23.35
C CYS A 456 -67.26 -23.41 22.83
N CYS A 457 -67.25 -23.02 21.56
CA CYS A 457 -68.28 -22.11 21.08
C CYS A 457 -68.87 -22.44 19.73
N GLY A 458 -68.03 -22.49 18.70
CA GLY A 458 -68.51 -22.73 17.35
C GLY A 458 -67.40 -22.91 16.33
N SER A 459 -67.75 -22.84 15.04
CA SER A 459 -66.73 -22.98 14.02
C SER A 459 -66.31 -21.61 13.55
N VAL A 460 -65.04 -21.25 13.81
CA VAL A 460 -64.53 -19.94 13.39
C VAL A 460 -64.54 -19.93 11.86
N LYS A 461 -64.34 -21.11 11.29
CA LYS A 461 -64.46 -21.31 9.86
C LYS A 461 -65.80 -20.73 9.38
N GLU A 462 -66.88 -21.17 10.00
CA GLU A 462 -68.22 -20.69 9.66
C GLU A 462 -68.45 -19.25 10.10
N MET A 463 -68.07 -18.92 11.32
CA MET A 463 -68.19 -17.55 11.79
C MET A 463 -67.54 -16.53 10.86
N ARG A 464 -66.34 -16.84 10.38
CA ARG A 464 -65.61 -15.92 9.53
C ARG A 464 -66.25 -15.81 8.14
N GLU A 465 -66.89 -16.89 7.70
CA GLU A 465 -67.48 -16.92 6.37
C GLU A 465 -68.81 -16.22 6.39
N ARG A 466 -69.45 -16.18 7.56
CA ARG A 466 -70.71 -15.44 7.73
C ARG A 466 -70.46 -13.94 7.73
N TYR A 467 -69.33 -13.53 8.31
CA TYR A 467 -68.98 -12.11 8.32
C TYR A 467 -67.87 -11.77 7.36
N THR A 468 -68.15 -11.86 6.06
CA THR A 468 -67.14 -11.68 5.02
C THR A 468 -66.33 -10.40 5.23
N LYS A 469 -65.01 -10.56 5.37
CA LYS A 469 -64.11 -9.48 5.75
C LYS A 469 -63.80 -8.55 4.60
N ILE A 470 -64.27 -7.31 4.69
CA ILE A 470 -64.00 -6.31 3.70
C ILE A 470 -62.55 -5.83 3.70
N VAL A 471 -62.07 -5.25 4.80
CA VAL A 471 -60.67 -4.79 4.91
C VAL A 471 -60.01 -5.28 6.18
N GLU A 472 -58.67 -5.23 6.23
CA GLU A 472 -57.94 -5.37 7.47
C GLU A 472 -56.56 -4.70 7.42
N ILE A 473 -56.06 -4.28 8.59
CA ILE A 473 -54.62 -3.99 8.76
C ILE A 473 -54.12 -5.10 9.62
N PRO A 474 -53.37 -6.04 9.02
CA PRO A 474 -52.86 -7.16 9.81
C PRO A 474 -51.90 -6.70 10.89
N PHE A 475 -51.88 -7.42 12.00
CA PHE A 475 -51.03 -7.10 13.14
C PHE A 475 -49.53 -7.03 12.82
N ASN A 476 -48.84 -6.08 13.44
CA ASN A 476 -47.38 -6.02 13.39
C ASN A 476 -46.78 -5.57 14.71
N SER A 477 -45.53 -5.95 14.95
CA SER A 477 -44.90 -5.79 16.27
C SER A 477 -44.84 -4.34 16.76
N THR A 478 -45.04 -3.40 15.83
CA THR A 478 -44.90 -2.00 16.17
C THR A 478 -46.24 -1.32 16.38
N ASN A 479 -47.24 -1.73 15.62
CA ASN A 479 -48.59 -1.22 15.83
C ASN A 479 -49.23 -1.81 17.09
N LYS A 480 -48.94 -3.07 17.35
CA LYS A 480 -49.40 -3.77 18.55
C LYS A 480 -50.91 -3.82 18.59
N TYR A 481 -51.53 -3.75 17.43
CA TYR A 481 -52.95 -4.10 17.21
C TYR A 481 -53.25 -4.60 15.80
N GLN A 482 -54.23 -5.49 15.70
CA GLN A 482 -54.75 -5.91 14.41
C GLN A 482 -56.11 -5.26 14.23
N LEU A 483 -56.64 -5.26 13.02
CA LEU A 483 -57.91 -4.61 12.80
C LEU A 483 -58.51 -5.01 11.45
N SER A 484 -59.82 -5.23 11.42
CA SER A 484 -60.53 -5.61 10.20
C SER A 484 -61.99 -5.13 10.20
N ILE A 485 -62.48 -4.63 9.07
CA ILE A 485 -63.90 -4.31 8.91
C ILE A 485 -64.66 -5.44 8.21
N HIS A 486 -65.69 -5.99 8.83
CA HIS A 486 -66.39 -7.13 8.24
C HIS A 486 -67.80 -6.74 7.93
N LYS A 487 -68.36 -7.38 6.91
CA LYS A 487 -69.76 -7.23 6.58
C LYS A 487 -70.55 -7.88 7.72
N ASN A 488 -71.62 -7.21 8.15
CA ASN A 488 -72.55 -7.79 9.14
C ASN A 488 -73.86 -8.31 8.52
N PRO A 489 -74.23 -9.58 8.83
CA PRO A 489 -75.46 -10.15 8.28
C PRO A 489 -76.59 -10.29 9.30
N ASN A 490 -76.57 -9.50 10.38
CA ASN A 490 -77.64 -9.55 11.38
C ASN A 490 -78.76 -8.59 11.06
N THR A 491 -79.63 -8.34 12.03
CA THR A 491 -80.72 -7.39 11.82
C THR A 491 -80.57 -6.09 12.61
N ALA A 492 -79.92 -6.20 13.76
CA ALA A 492 -79.48 -5.06 14.59
C ALA A 492 -78.03 -4.68 14.08
N GLU A 493 -77.76 -5.23 12.90
CA GLU A 493 -76.59 -5.00 12.10
C GLU A 493 -76.61 -3.56 11.59
N PRO A 494 -75.57 -2.81 11.95
CA PRO A 494 -75.51 -1.55 11.21
C PRO A 494 -74.75 -1.67 9.87
N ARG A 495 -74.52 -2.90 9.41
CA ARG A 495 -73.99 -3.27 8.08
C ARG A 495 -72.47 -3.32 7.89
N HIS A 496 -71.74 -2.70 8.80
CA HIS A 496 -70.31 -2.85 8.78
C HIS A 496 -69.92 -3.01 10.24
N LEU A 497 -69.05 -3.98 10.56
CA LEU A 497 -68.60 -4.20 11.93
C LEU A 497 -67.11 -4.06 11.92
N LEU A 498 -66.61 -3.08 12.65
CA LEU A 498 -65.19 -2.96 12.87
C LEU A 498 -64.84 -3.86 14.02
N VAL A 499 -63.70 -4.53 13.93
CA VAL A 499 -63.25 -5.36 15.04
C VAL A 499 -61.75 -5.13 15.21
N MET A 500 -61.24 -5.02 16.45
CA MET A 500 -59.79 -4.98 16.59
C MET A 500 -59.28 -5.50 17.92
N LYS A 501 -57.99 -5.85 17.97
CA LYS A 501 -57.39 -6.41 19.17
C LYS A 501 -55.92 -5.99 19.32
N GLY A 502 -55.41 -6.04 20.53
CA GLY A 502 -54.00 -5.73 20.71
C GLY A 502 -53.59 -5.46 22.13
N ALA A 503 -52.47 -4.74 22.28
CA ALA A 503 -51.98 -4.25 23.57
C ALA A 503 -53.13 -3.62 24.31
N PRO A 504 -53.60 -4.28 25.37
CA PRO A 504 -54.88 -3.99 26.02
C PRO A 504 -55.01 -2.53 26.45
N GLU A 505 -53.96 -2.01 27.07
CA GLU A 505 -53.77 -0.57 27.30
C GLU A 505 -54.12 0.21 26.04
N ARG A 506 -53.31 0.06 25.00
CA ARG A 506 -53.52 0.76 23.74
C ARG A 506 -54.96 0.65 23.28
N ILE A 507 -55.53 -0.57 23.30
CA ILE A 507 -56.91 -0.82 22.86
C ILE A 507 -57.92 0.00 23.63
N LEU A 508 -57.79 -0.04 24.95
CA LEU A 508 -58.68 0.64 25.91
C LEU A 508 -58.69 2.14 25.65
N ASP A 509 -57.50 2.72 25.47
CA ASP A 509 -57.36 4.16 25.22
C ASP A 509 -58.04 4.61 23.93
N ARG A 510 -58.38 3.66 23.08
CA ARG A 510 -59.08 3.99 21.85
C ARG A 510 -60.58 3.95 21.99
N CYS A 511 -61.06 3.47 23.14
CA CYS A 511 -62.50 3.33 23.40
C CYS A 511 -63.23 4.49 24.13
N SER A 512 -64.51 4.63 23.82
CA SER A 512 -65.38 5.60 24.48
C SER A 512 -66.30 4.85 25.42
N SER A 513 -66.87 3.78 24.91
CA SER A 513 -67.84 3.00 25.63
C SER A 513 -67.31 1.60 25.96
N ILE A 514 -67.98 0.96 26.90
CA ILE A 514 -67.68 -0.42 27.23
C ILE A 514 -68.98 -1.26 27.12
N LEU A 515 -68.86 -2.52 26.67
CA LEU A 515 -70.02 -3.40 26.60
C LEU A 515 -70.25 -4.13 27.92
N ILE A 516 -71.44 -3.93 28.48
CA ILE A 516 -71.78 -4.53 29.77
C ILE A 516 -73.15 -5.18 29.76
N HIS A 517 -73.18 -6.49 29.97
CA HIS A 517 -74.40 -7.27 29.82
C HIS A 517 -75.15 -6.98 28.51
N GLY A 518 -74.42 -6.82 27.40
CA GLY A 518 -75.04 -6.50 26.13
C GLY A 518 -75.11 -5.01 25.86
N LYS A 519 -75.42 -4.25 26.90
CA LYS A 519 -75.62 -2.81 26.76
C LYS A 519 -74.32 -2.01 26.87
N GLU A 520 -74.00 -1.28 25.81
CA GLU A 520 -72.83 -0.42 25.81
C GLU A 520 -73.13 0.87 26.55
N GLN A 521 -72.21 1.29 27.42
CA GLN A 521 -72.38 2.46 28.25
C GLN A 521 -71.02 3.02 28.59
N PRO A 522 -70.90 4.36 28.61
CA PRO A 522 -69.63 5.08 28.58
C PRO A 522 -68.58 4.58 29.58
N LEU A 523 -67.32 4.61 29.14
CA LEU A 523 -66.18 4.17 29.93
C LEU A 523 -65.87 5.15 31.08
N ASP A 524 -66.56 4.99 32.21
CA ASP A 524 -66.27 5.85 33.36
C ASP A 524 -64.89 5.55 33.95
N GLU A 525 -64.52 6.30 34.98
CA GLU A 525 -63.21 6.12 35.61
C GLU A 525 -63.17 4.79 36.35
N GLU A 526 -64.29 4.41 36.95
CA GLU A 526 -64.32 3.24 37.82
C GLU A 526 -63.91 2.00 37.08
N LEU A 527 -64.50 1.82 35.90
CA LEU A 527 -64.23 0.63 35.06
C LEU A 527 -62.80 0.58 34.59
N LYS A 528 -62.29 1.72 34.15
CA LYS A 528 -60.88 1.85 33.81
C LYS A 528 -59.94 1.27 34.90
N ASP A 529 -60.24 1.59 36.16
CA ASP A 529 -59.41 1.09 37.24
C ASP A 529 -59.71 -0.37 37.55
N ALA A 530 -60.90 -0.84 37.18
CA ALA A 530 -61.19 -2.27 37.30
C ALA A 530 -60.55 -3.01 36.13
N PHE A 531 -60.34 -2.32 35.03
CA PHE A 531 -59.66 -2.90 33.90
C PHE A 531 -58.22 -3.05 34.29
N GLN A 532 -57.75 -2.13 35.12
CA GLN A 532 -56.33 -2.05 35.49
C GLN A 532 -55.92 -3.00 36.60
N ASN A 533 -56.81 -3.22 37.55
CA ASN A 533 -56.60 -4.29 38.52
C ASN A 533 -56.68 -5.65 37.85
N ALA A 534 -57.58 -5.78 36.88
CA ALA A 534 -57.67 -6.96 36.04
C ALA A 534 -56.33 -7.32 35.38
N TYR A 535 -55.73 -6.35 34.71
CA TYR A 535 -54.45 -6.60 34.06
C TYR A 535 -53.42 -6.97 35.11
N LEU A 536 -53.43 -6.27 36.24
CA LEU A 536 -52.49 -6.57 37.31
C LEU A 536 -52.70 -7.99 37.77
N GLU A 537 -53.93 -8.29 38.17
CA GLU A 537 -54.31 -9.64 38.55
C GLU A 537 -53.86 -10.63 37.50
N LEU A 538 -54.48 -10.55 36.32
CA LEU A 538 -54.27 -11.54 35.26
C LEU A 538 -52.87 -11.58 34.75
N GLY A 539 -52.35 -10.42 34.38
CA GLY A 539 -50.97 -10.30 33.91
C GLY A 539 -49.94 -10.74 34.96
N GLY A 540 -50.23 -10.45 36.23
CA GLY A 540 -49.38 -10.83 37.35
C GLY A 540 -49.22 -12.34 37.54
N LEU A 541 -50.13 -13.13 36.95
CA LEU A 541 -49.96 -14.58 36.88
C LEU A 541 -49.00 -14.96 35.76
N GLY A 542 -48.52 -13.97 35.02
CA GLY A 542 -47.59 -14.22 33.94
C GLY A 542 -48.34 -14.71 32.74
N GLU A 543 -49.63 -14.39 32.70
CA GLU A 543 -50.46 -14.70 31.56
C GLU A 543 -50.31 -13.56 30.60
N ARG A 544 -50.53 -13.84 29.32
CA ARG A 544 -50.35 -12.83 28.30
C ARG A 544 -51.72 -12.30 28.08
N VAL A 545 -51.85 -11.00 27.84
CA VAL A 545 -53.19 -10.40 27.72
C VAL A 545 -53.37 -9.62 26.43
N LEU A 546 -54.52 -9.85 25.83
CA LEU A 546 -54.96 -9.12 24.67
C LEU A 546 -56.28 -8.39 24.94
N GLY A 547 -56.32 -7.14 24.51
CA GLY A 547 -57.54 -6.39 24.56
C GLY A 547 -58.38 -6.60 23.32
N PHE A 548 -59.70 -6.55 23.50
CA PHE A 548 -60.63 -6.74 22.40
C PHE A 548 -61.71 -5.66 22.37
N CYS A 549 -61.93 -5.02 21.22
CA CYS A 549 -63.07 -4.12 21.09
C CYS A 549 -63.63 -4.14 19.68
N HIS A 550 -64.85 -3.61 19.55
CA HIS A 550 -65.46 -3.41 18.25
C HIS A 550 -66.14 -2.06 18.15
N LEU A 551 -66.61 -1.73 16.95
CA LEU A 551 -67.40 -0.54 16.74
C LEU A 551 -68.39 -0.92 15.65
N PHE A 552 -69.66 -0.63 15.87
CA PHE A 552 -70.68 -0.91 14.87
C PHE A 552 -70.76 0.29 13.96
N LEU A 553 -70.00 0.29 12.87
CA LEU A 553 -70.01 1.39 11.91
C LEU A 553 -71.43 1.82 11.50
N PRO A 554 -71.76 3.09 11.79
CA PRO A 554 -73.08 3.69 11.56
C PRO A 554 -73.40 3.79 10.08
N ASP A 555 -74.66 3.46 9.73
CA ASP A 555 -75.07 3.30 8.34
C ASP A 555 -75.04 4.54 7.45
N GLU A 556 -75.56 5.65 7.93
CA GLU A 556 -75.62 6.85 7.11
C GLU A 556 -74.22 7.31 6.71
N GLN A 557 -73.24 7.05 7.59
CA GLN A 557 -71.86 7.42 7.33
C GLN A 557 -71.11 6.34 6.53
N PHE A 558 -71.62 5.12 6.59
CA PHE A 558 -71.02 4.05 5.82
C PHE A 558 -72.03 3.23 5.02
N PRO A 559 -72.33 3.70 3.80
CA PRO A 559 -73.33 3.08 2.92
C PRO A 559 -72.87 1.71 2.53
N GLU A 560 -73.74 0.98 1.81
CA GLU A 560 -73.44 -0.34 1.25
C GLU A 560 -72.05 -0.45 0.59
N GLY A 561 -71.94 0.07 -0.64
CA GLY A 561 -70.70 -0.06 -1.39
C GLY A 561 -69.58 0.88 -0.96
N PHE A 562 -69.40 1.06 0.34
CA PHE A 562 -68.43 2.04 0.85
C PHE A 562 -66.97 1.66 0.59
N GLN A 563 -66.20 2.65 0.17
CA GLN A 563 -64.81 2.44 -0.19
C GLN A 563 -63.88 2.65 1.01
N PHE A 564 -63.84 1.67 1.91
CA PHE A 564 -62.91 1.72 3.01
C PHE A 564 -61.47 1.80 2.53
N ASP A 565 -60.77 2.85 2.98
CA ASP A 565 -59.36 3.03 2.70
C ASP A 565 -58.56 2.59 3.92
N THR A 566 -57.37 2.04 3.69
CA THR A 566 -56.62 1.44 4.80
C THR A 566 -55.19 1.95 4.80
N ASP A 567 -54.93 2.96 3.97
CA ASP A 567 -53.63 3.61 3.88
C ASP A 567 -53.78 5.05 4.31
N ASP A 568 -55.04 5.50 4.34
CA ASP A 568 -55.36 6.85 4.82
C ASP A 568 -56.53 6.80 5.80
N VAL A 569 -56.90 5.58 6.17
CA VAL A 569 -57.89 5.33 7.24
C VAL A 569 -59.26 6.00 7.07
N ASN A 570 -60.04 5.49 6.12
CA ASN A 570 -61.40 5.97 5.85
C ASN A 570 -62.45 5.77 6.96
N PHE A 571 -62.06 5.15 8.07
CA PHE A 571 -63.00 4.69 9.10
C PHE A 571 -62.42 4.97 10.50
N PRO A 572 -63.28 5.05 11.52
CA PRO A 572 -62.80 5.47 12.86
C PRO A 572 -61.80 4.53 13.53
N LEU A 573 -60.74 5.09 14.10
CA LEU A 573 -59.76 4.32 14.87
C LEU A 573 -59.94 4.64 16.34
N ASP A 574 -60.75 5.64 16.63
CA ASP A 574 -61.00 6.05 18.01
C ASP A 574 -62.48 5.89 18.33
N ASN A 575 -62.81 5.91 19.62
CA ASN A 575 -64.20 5.83 20.10
C ASN A 575 -64.88 4.47 19.97
N LEU A 576 -64.06 3.42 19.97
CA LEU A 576 -64.54 2.05 19.85
C LEU A 576 -65.22 1.62 21.14
N CYS A 577 -65.85 0.45 21.13
CA CYS A 577 -66.49 -0.04 22.34
C CYS A 577 -65.69 -1.20 22.86
N PHE A 578 -65.08 -1.00 24.03
CA PHE A 578 -64.23 -2.04 24.59
C PHE A 578 -65.12 -3.21 24.97
N VAL A 579 -64.79 -4.40 24.48
CA VAL A 579 -65.60 -5.55 24.80
C VAL A 579 -64.98 -6.30 25.98
N GLY A 580 -63.74 -6.71 25.85
CA GLY A 580 -63.10 -7.49 26.92
C GLY A 580 -61.59 -7.75 26.79
N LEU A 581 -61.09 -8.50 27.77
CA LEU A 581 -59.71 -8.92 27.85
C LEU A 581 -59.73 -10.42 27.84
N ILE A 582 -58.81 -11.04 27.10
CA ILE A 582 -58.57 -12.48 27.23
C ILE A 582 -57.09 -12.72 27.49
N SER A 583 -56.80 -13.55 28.49
CA SER A 583 -55.43 -13.84 28.88
C SER A 583 -55.12 -15.31 28.64
N MET A 584 -53.90 -15.57 28.14
CA MET A 584 -53.44 -16.91 27.81
C MET A 584 -52.22 -17.22 28.66
N ILE A 585 -52.13 -18.46 29.11
CA ILE A 585 -50.93 -18.99 29.71
C ILE A 585 -49.81 -19.13 28.67
N ASP A 586 -48.61 -18.66 29.01
CA ASP A 586 -47.45 -18.86 28.15
C ASP A 586 -46.18 -19.05 28.99
N PRO A 587 -45.98 -20.30 29.48
CA PRO A 587 -44.98 -20.63 30.51
C PRO A 587 -43.57 -20.56 30.00
N PRO A 588 -42.61 -20.28 30.89
CA PRO A 588 -41.19 -20.22 30.53
C PRO A 588 -40.65 -21.56 30.05
N ARG A 589 -39.88 -21.49 28.97
CA ARG A 589 -39.19 -22.64 28.41
C ARG A 589 -38.39 -23.30 29.52
N ALA A 590 -38.47 -24.63 29.56
CA ALA A 590 -37.87 -25.43 30.63
C ALA A 590 -36.53 -24.91 31.17
N ALA A 591 -35.54 -24.80 30.29
CA ALA A 591 -34.18 -24.50 30.69
C ALA A 591 -33.98 -23.10 31.27
N VAL A 592 -34.82 -22.16 30.85
CA VAL A 592 -34.55 -20.72 30.98
C VAL A 592 -34.11 -20.18 32.34
N PRO A 593 -34.72 -20.64 33.45
CA PRO A 593 -34.19 -20.21 34.76
C PRO A 593 -32.70 -20.50 35.05
N ASP A 594 -32.32 -21.78 35.05
CA ASP A 594 -30.94 -22.16 35.24
C ASP A 594 -30.07 -21.61 34.12
N ALA A 595 -30.64 -21.47 32.92
CA ALA A 595 -29.95 -20.79 31.84
C ALA A 595 -29.50 -19.37 32.29
N VAL A 596 -30.45 -18.49 32.62
CA VAL A 596 -30.11 -17.12 33.02
C VAL A 596 -29.40 -17.13 34.38
N GLY A 597 -29.63 -18.19 35.15
CA GLY A 597 -28.92 -18.37 36.40
C GLY A 597 -27.44 -18.44 36.15
N LYS A 598 -27.01 -19.58 35.61
CA LYS A 598 -25.64 -19.81 35.19
C LYS A 598 -25.03 -18.62 34.45
N CYS A 599 -25.84 -17.94 33.65
CA CYS A 599 -25.39 -16.78 32.87
C CYS A 599 -24.98 -15.58 33.72
N ARG A 600 -25.85 -15.17 34.63
CA ARG A 600 -25.54 -14.12 35.59
C ARG A 600 -24.35 -14.55 36.45
N SER A 601 -24.40 -15.79 36.94
CA SER A 601 -23.31 -16.33 37.74
C SER A 601 -21.94 -16.30 37.05
N ALA A 602 -21.92 -16.09 35.74
CA ALA A 602 -20.68 -15.98 35.00
C ALA A 602 -20.38 -14.52 34.71
N GLY A 603 -21.14 -13.62 35.34
CA GLY A 603 -20.93 -12.19 35.24
C GLY A 603 -21.60 -11.56 34.04
N ILE A 604 -22.58 -12.26 33.46
CA ILE A 604 -23.29 -11.76 32.29
C ILE A 604 -24.60 -11.12 32.72
N LYS A 605 -24.85 -9.90 32.26
CA LYS A 605 -26.05 -9.16 32.64
C LYS A 605 -27.20 -9.48 31.70
N VAL A 606 -28.28 -10.02 32.24
CA VAL A 606 -29.47 -10.30 31.45
C VAL A 606 -30.54 -9.21 31.52
N ILE A 607 -30.77 -8.58 30.38
CA ILE A 607 -31.80 -7.60 30.25
C ILE A 607 -32.97 -8.18 29.40
N MET A 608 -34.19 -8.08 29.90
CA MET A 608 -35.35 -8.47 29.11
C MET A 608 -35.71 -7.31 28.23
N VAL A 609 -36.01 -7.63 26.98
CA VAL A 609 -36.49 -6.63 26.05
C VAL A 609 -37.69 -7.19 25.34
N THR A 610 -38.87 -6.67 25.63
CA THR A 610 -40.08 -7.25 25.07
C THR A 610 -41.07 -6.21 24.63
N GLY A 611 -41.85 -6.58 23.62
CA GLY A 611 -42.92 -5.72 23.15
C GLY A 611 -44.22 -5.97 23.91
N ASP A 612 -44.14 -6.77 24.96
CA ASP A 612 -45.29 -7.11 25.80
C ASP A 612 -45.49 -6.08 26.90
N HIS A 613 -46.59 -6.25 27.60
CA HIS A 613 -46.98 -5.36 28.68
C HIS A 613 -46.02 -5.52 29.85
N PRO A 614 -45.76 -4.41 30.56
CA PRO A 614 -44.89 -4.42 31.73
C PRO A 614 -45.27 -5.47 32.78
N ILE A 615 -46.56 -5.61 33.07
CA ILE A 615 -46.95 -6.53 34.12
C ILE A 615 -46.52 -7.92 33.71
N THR A 616 -46.99 -8.33 32.53
CA THR A 616 -46.73 -9.66 32.00
C THR A 616 -45.22 -9.86 31.99
N ALA A 617 -44.48 -8.80 31.66
CA ALA A 617 -43.02 -8.90 31.48
C ALA A 617 -42.31 -9.10 32.81
N LYS A 618 -42.60 -8.22 33.75
CA LYS A 618 -41.95 -8.27 35.03
C LYS A 618 -42.19 -9.62 35.67
N ALA A 619 -43.42 -10.09 35.56
CA ALA A 619 -43.81 -11.38 36.11
C ALA A 619 -42.88 -12.44 35.62
N ILE A 620 -42.76 -12.59 34.30
CA ILE A 620 -41.88 -13.61 33.74
C ILE A 620 -40.45 -13.32 34.18
N ALA A 621 -40.12 -12.02 34.25
CA ALA A 621 -38.77 -11.57 34.61
C ALA A 621 -38.37 -12.12 35.97
N LYS A 622 -39.35 -12.21 36.86
CA LYS A 622 -39.11 -12.74 38.20
C LYS A 622 -39.13 -14.25 38.19
N GLY A 623 -39.93 -14.79 37.29
CA GLY A 623 -40.15 -16.22 37.22
C GLY A 623 -38.99 -16.96 36.60
N VAL A 624 -38.29 -16.29 35.70
CA VAL A 624 -37.08 -16.87 35.14
C VAL A 624 -35.82 -16.37 35.86
N GLY A 625 -35.92 -15.19 36.48
CA GLY A 625 -34.90 -14.71 37.39
C GLY A 625 -34.04 -13.64 36.76
N ILE A 626 -34.58 -12.93 35.78
CA ILE A 626 -33.93 -11.72 35.28
C ILE A 626 -33.91 -10.71 36.41
N ILE A 627 -35.00 -10.74 37.16
CA ILE A 627 -35.19 -9.97 38.37
C ILE A 627 -35.31 -10.88 39.59
N SER A 628 -34.59 -10.60 40.67
CA SER A 628 -34.66 -11.45 41.86
C SER A 628 -35.58 -10.84 42.90
N GLU A 629 -36.55 -11.64 43.37
CA GLU A 629 -37.53 -11.16 44.35
C GLU A 629 -36.86 -10.74 45.66
N GLY A 630 -36.60 -9.46 45.79
CA GLY A 630 -35.90 -8.94 46.94
C GLY A 630 -35.36 -7.59 46.57
N ASN A 631 -35.03 -7.43 45.29
CA ASN A 631 -34.74 -6.13 44.73
C ASN A 631 -36.07 -5.49 44.36
N GLU A 632 -36.13 -4.16 44.46
CA GLU A 632 -37.37 -3.46 44.21
C GLU A 632 -37.24 -2.53 43.03
N THR A 633 -38.39 -2.24 42.42
CA THR A 633 -38.48 -1.23 41.36
C THR A 633 -38.95 0.03 42.07
N VAL A 634 -38.82 1.19 41.44
CA VAL A 634 -39.25 2.42 42.11
C VAL A 634 -40.74 2.40 42.38
N GLU A 635 -41.49 1.73 41.52
CA GLU A 635 -42.91 1.57 41.68
C GLU A 635 -43.15 0.66 42.89
N ASP A 636 -42.26 -0.33 43.07
CA ASP A 636 -42.35 -1.29 44.18
C ASP A 636 -42.08 -0.56 45.49
N ILE A 637 -41.08 0.32 45.48
CA ILE A 637 -40.70 1.08 46.66
C ILE A 637 -41.79 2.04 47.00
N ALA A 638 -42.17 2.86 46.03
CA ALA A 638 -43.19 3.87 46.24
C ALA A 638 -44.48 3.29 46.83
N ALA A 639 -44.90 2.16 46.29
CA ALA A 639 -46.13 1.50 46.73
C ALA A 639 -46.02 1.02 48.18
N ARG A 640 -44.78 0.82 48.61
CA ARG A 640 -44.50 0.32 49.96
C ARG A 640 -44.73 1.40 51.00
N LEU A 641 -44.34 2.62 50.68
CA LEU A 641 -44.37 3.72 51.62
C LEU A 641 -45.63 4.57 51.46
N ASN A 642 -46.50 4.15 50.53
CA ASN A 642 -47.71 4.89 50.16
C ASN A 642 -47.43 6.35 49.80
N ILE A 643 -46.46 6.55 48.93
CA ILE A 643 -46.10 7.89 48.46
C ILE A 643 -46.02 7.85 46.93
N PRO A 644 -46.13 9.01 46.27
CA PRO A 644 -45.97 9.15 44.82
C PRO A 644 -44.74 8.46 44.27
N VAL A 645 -44.87 7.87 43.09
CA VAL A 645 -43.79 7.13 42.48
C VAL A 645 -42.73 8.08 42.01
N SER A 646 -43.17 9.23 41.53
CA SER A 646 -42.27 10.23 41.01
C SER A 646 -41.56 10.96 42.13
N GLN A 647 -41.72 10.44 43.34
CA GLN A 647 -41.12 11.05 44.52
C GLN A 647 -39.89 10.25 44.97
N VAL A 648 -39.89 8.95 44.69
CA VAL A 648 -38.80 8.08 45.07
C VAL A 648 -37.55 8.47 44.33
N ASN A 649 -36.40 8.31 44.98
CA ASN A 649 -35.13 8.50 44.34
C ASN A 649 -34.75 7.25 43.55
N PRO A 650 -34.69 7.39 42.23
CA PRO A 650 -34.48 6.28 41.28
C PRO A 650 -33.33 5.34 41.61
N ARG A 651 -32.37 5.78 42.42
CA ARG A 651 -31.19 4.98 42.69
C ARG A 651 -31.43 4.02 43.82
N ASP A 652 -32.56 4.18 44.51
CA ASP A 652 -32.87 3.29 45.61
C ASP A 652 -33.38 2.00 45.02
N ALA A 653 -33.67 2.03 43.73
CA ALA A 653 -34.10 0.87 42.95
C ALA A 653 -32.95 0.15 42.22
N LYS A 654 -32.86 -1.16 42.42
CA LYS A 654 -31.81 -1.91 41.77
C LYS A 654 -32.35 -2.43 40.45
N ALA A 655 -33.64 -2.76 40.42
CA ALA A 655 -34.28 -3.23 39.20
C ALA A 655 -35.33 -2.24 38.72
N CYS A 656 -35.65 -2.28 37.42
CA CYS A 656 -36.72 -1.44 36.92
C CYS A 656 -37.38 -2.02 35.68
N VAL A 657 -38.62 -1.61 35.45
CA VAL A 657 -39.40 -2.07 34.33
C VAL A 657 -39.77 -0.86 33.48
N VAL A 658 -39.05 -0.67 32.38
CA VAL A 658 -39.17 0.56 31.61
C VAL A 658 -40.10 0.46 30.40
N HIS A 659 -41.29 1.04 30.53
CA HIS A 659 -42.26 1.05 29.46
C HIS A 659 -41.66 1.78 28.28
N GLY A 660 -41.83 1.21 27.10
CA GLY A 660 -41.28 1.77 25.88
C GLY A 660 -41.90 3.10 25.49
N SER A 661 -43.08 3.38 26.03
CA SER A 661 -43.76 4.63 25.75
C SER A 661 -42.95 5.76 26.36
N ASP A 662 -42.23 5.43 27.43
CA ASP A 662 -41.34 6.39 28.07
C ASP A 662 -39.91 6.38 27.48
N LEU A 663 -39.48 5.24 26.94
CA LEU A 663 -38.19 5.17 26.27
C LEU A 663 -38.22 6.06 25.05
N LYS A 664 -39.41 6.29 24.54
CA LYS A 664 -39.60 7.17 23.40
C LYS A 664 -39.13 8.59 23.76
N ASP A 665 -39.20 8.94 25.05
CA ASP A 665 -38.85 10.29 25.52
C ASP A 665 -37.51 10.29 26.29
N MET A 666 -36.69 9.31 25.98
CA MET A 666 -35.39 9.19 26.61
C MET A 666 -34.37 9.91 25.74
N THR A 667 -33.47 10.65 26.38
CA THR A 667 -32.24 11.02 25.71
C THR A 667 -31.31 9.81 25.81
N SER A 668 -30.19 9.84 25.09
CA SER A 668 -29.27 8.71 25.16
C SER A 668 -28.71 8.64 26.57
N GLU A 669 -28.37 9.79 27.12
CA GLU A 669 -27.84 9.86 28.48
C GLU A 669 -28.79 9.20 29.47
N GLN A 670 -30.08 9.48 29.32
CA GLN A 670 -31.08 8.90 30.21
C GLN A 670 -31.13 7.38 30.09
N LEU A 671 -31.19 6.90 28.85
CA LEU A 671 -31.18 5.46 28.56
C LEU A 671 -29.88 4.88 29.10
N ASP A 672 -28.79 5.61 28.86
CA ASP A 672 -27.48 5.18 29.31
C ASP A 672 -27.53 4.95 30.81
N ASP A 673 -28.13 5.91 31.50
CA ASP A 673 -28.10 5.93 32.97
C ASP A 673 -28.90 4.78 33.57
N ILE A 674 -30.00 4.42 32.93
CA ILE A 674 -30.82 3.32 33.41
C ILE A 674 -30.06 2.03 33.25
N LEU A 675 -29.23 1.99 32.19
CA LEU A 675 -28.42 0.81 31.91
C LEU A 675 -27.31 0.77 32.93
N LYS A 676 -26.71 1.94 33.15
CA LYS A 676 -25.51 2.07 33.99
C LYS A 676 -25.81 1.75 35.45
N TYR A 677 -26.98 2.18 35.92
CA TYR A 677 -27.24 2.13 37.34
C TYR A 677 -28.23 1.08 37.77
N HIS A 678 -28.63 0.22 36.85
CA HIS A 678 -29.58 -0.84 37.20
C HIS A 678 -28.99 -2.22 37.04
N THR A 679 -29.27 -3.09 37.98
CA THR A 679 -28.68 -4.41 37.97
C THR A 679 -29.59 -5.36 37.14
N GLU A 680 -30.91 -5.21 37.32
CA GLU A 680 -31.87 -6.05 36.63
C GLU A 680 -32.83 -5.19 35.80
N ILE A 681 -32.67 -5.16 34.48
CA ILE A 681 -33.48 -4.27 33.66
C ILE A 681 -34.48 -5.05 32.84
N VAL A 682 -35.63 -4.45 32.58
CA VAL A 682 -36.63 -5.05 31.71
C VAL A 682 -37.20 -3.91 30.86
N PHE A 683 -37.28 -4.09 29.55
CA PHE A 683 -37.84 -3.03 28.73
C PHE A 683 -39.17 -3.47 28.08
N ALA A 684 -40.28 -2.91 28.57
CA ALA A 684 -41.60 -3.38 28.18
C ALA A 684 -42.26 -2.54 27.09
N ARG A 685 -43.05 -3.21 26.25
CA ARG A 685 -43.75 -2.57 25.14
C ARG A 685 -42.80 -1.83 24.20
N THR A 686 -41.66 -2.45 23.95
CA THR A 686 -40.65 -1.84 23.08
C THR A 686 -40.94 -2.07 21.59
N SER A 687 -40.62 -1.08 20.77
CA SER A 687 -40.74 -1.22 19.35
C SER A 687 -39.62 -2.07 18.87
N PRO A 688 -39.71 -2.60 17.65
CA PRO A 688 -38.59 -3.27 17.02
C PRO A 688 -37.30 -2.43 17.11
N GLN A 689 -37.35 -1.21 16.60
CA GLN A 689 -36.22 -0.29 16.68
C GLN A 689 -35.69 -0.08 18.10
N GLN A 690 -36.61 0.06 19.05
CA GLN A 690 -36.26 0.28 20.45
C GLN A 690 -35.40 -0.88 20.94
N LYS A 691 -35.73 -2.08 20.45
CA LYS A 691 -34.93 -3.26 20.74
C LYS A 691 -33.52 -3.08 20.19
N LEU A 692 -33.38 -2.22 19.19
CA LEU A 692 -32.06 -1.91 18.66
C LEU A 692 -31.37 -0.81 19.50
N ILE A 693 -32.11 0.26 19.81
CA ILE A 693 -31.61 1.36 20.61
C ILE A 693 -31.01 0.84 21.90
N ILE A 694 -31.73 -0.06 22.55
CA ILE A 694 -31.27 -0.60 23.82
C ILE A 694 -29.93 -1.31 23.64
N VAL A 695 -29.91 -2.21 22.65
CA VAL A 695 -28.70 -2.91 22.27
C VAL A 695 -27.60 -1.88 21.98
N GLU A 696 -27.97 -0.86 21.21
CA GLU A 696 -27.05 0.19 20.79
C GLU A 696 -26.55 0.91 22.01
N GLY A 697 -27.43 1.07 22.99
CA GLY A 697 -27.07 1.63 24.29
C GLY A 697 -26.07 0.74 24.96
N CYS A 698 -26.45 -0.50 25.24
CA CYS A 698 -25.57 -1.41 25.96
C CYS A 698 -24.20 -1.56 25.32
N GLN A 699 -24.10 -1.25 24.03
CA GLN A 699 -22.83 -1.33 23.32
C GLN A 699 -22.01 -0.07 23.53
N ARG A 700 -22.70 1.04 23.62
CA ARG A 700 -22.07 2.33 23.80
C ARG A 700 -21.27 2.36 25.10
N GLN A 701 -21.75 1.60 26.10
CA GLN A 701 -21.09 1.51 27.39
C GLN A 701 -19.72 0.83 27.29
N GLY A 702 -19.51 0.06 26.23
CA GLY A 702 -18.28 -0.68 26.03
C GLY A 702 -18.42 -2.16 26.29
N ALA A 703 -19.65 -2.66 26.20
CA ALA A 703 -19.93 -4.06 26.44
C ALA A 703 -19.94 -4.84 25.13
N ILE A 704 -20.05 -6.16 25.27
CA ILE A 704 -20.29 -7.08 24.17
C ILE A 704 -21.64 -7.73 24.45
N VAL A 705 -22.62 -7.40 23.60
CA VAL A 705 -23.99 -7.89 23.79
C VAL A 705 -24.40 -9.09 22.98
N ALA A 706 -25.31 -9.84 23.56
CA ALA A 706 -25.87 -10.98 22.89
C ALA A 706 -27.37 -10.77 22.83
N VAL A 707 -27.95 -10.91 21.64
CA VAL A 707 -29.40 -10.87 21.55
C VAL A 707 -29.94 -12.24 21.26
N THR A 708 -30.88 -12.73 22.07
CA THR A 708 -31.54 -13.95 21.72
C THR A 708 -32.93 -13.56 21.30
N GLY A 709 -33.31 -13.96 20.07
CA GLY A 709 -34.57 -13.57 19.46
C GLY A 709 -35.45 -14.75 19.14
N ASP A 710 -36.51 -14.49 18.39
CA ASP A 710 -37.29 -15.51 17.72
C ASP A 710 -38.08 -14.83 16.56
N GLY A 711 -38.88 -13.83 16.91
CA GLY A 711 -39.72 -13.11 15.97
C GLY A 711 -38.96 -12.31 14.94
N VAL A 712 -39.71 -11.69 14.06
CA VAL A 712 -39.07 -10.91 13.02
C VAL A 712 -38.86 -9.47 13.55
N ASN A 713 -39.44 -9.16 14.72
CA ASN A 713 -39.24 -7.85 15.37
C ASN A 713 -37.88 -7.86 16.08
N ASP A 714 -37.34 -9.07 16.23
CA ASP A 714 -36.00 -9.20 16.75
C ASP A 714 -34.92 -8.93 15.69
N SER A 715 -35.29 -8.96 14.41
CA SER A 715 -34.36 -8.70 13.30
C SER A 715 -33.30 -7.61 13.56
N PRO A 716 -33.73 -6.37 13.79
CA PRO A 716 -32.71 -5.30 13.79
C PRO A 716 -31.74 -5.38 14.97
N ALA A 717 -32.23 -5.67 16.19
CA ALA A 717 -31.34 -5.92 17.32
C ALA A 717 -30.36 -7.05 17.01
N LEU A 718 -30.89 -8.21 16.64
CA LEU A 718 -30.11 -9.38 16.25
C LEU A 718 -28.97 -9.11 15.28
N LYS A 719 -29.18 -8.15 14.38
CA LYS A 719 -28.14 -7.78 13.43
C LYS A 719 -27.09 -6.88 14.09
N LYS A 720 -27.57 -5.89 14.84
CA LYS A 720 -26.72 -4.96 15.58
C LYS A 720 -25.90 -5.66 16.65
N ALA A 721 -26.48 -6.68 17.27
CA ALA A 721 -25.83 -7.42 18.35
C ALA A 721 -24.47 -7.98 17.96
N ASP A 722 -23.58 -8.08 18.95
CA ASP A 722 -22.27 -8.63 18.74
C ASP A 722 -22.41 -10.11 18.44
N ILE A 723 -23.51 -10.71 18.88
CA ILE A 723 -23.87 -12.05 18.46
C ILE A 723 -25.37 -12.23 18.52
N GLY A 724 -25.96 -12.58 17.37
CA GLY A 724 -27.38 -12.89 17.27
C GLY A 724 -27.58 -14.35 17.62
N VAL A 725 -28.69 -14.68 18.23
CA VAL A 725 -29.04 -16.06 18.48
C VAL A 725 -30.54 -16.24 18.24
N ALA A 726 -30.89 -16.96 17.19
CA ALA A 726 -32.31 -17.24 16.95
C ALA A 726 -32.73 -18.58 17.56
N MET A 727 -33.99 -18.64 17.95
CA MET A 727 -34.64 -19.91 18.21
C MET A 727 -34.85 -20.60 16.86
N GLY A 728 -34.40 -21.85 16.79
CA GLY A 728 -34.36 -22.54 15.51
C GLY A 728 -35.69 -23.04 14.97
N ILE A 729 -36.70 -22.97 15.82
CA ILE A 729 -38.02 -23.50 15.51
C ILE A 729 -39.03 -22.37 15.46
N ALA A 730 -39.31 -21.77 16.62
CA ALA A 730 -40.28 -20.70 16.72
C ALA A 730 -39.76 -19.40 16.11
N GLY A 731 -38.50 -19.40 15.71
CA GLY A 731 -37.86 -18.22 15.12
C GLY A 731 -38.33 -18.11 13.69
N SER A 732 -38.28 -16.91 13.15
CA SER A 732 -38.71 -16.66 11.79
C SER A 732 -37.57 -16.88 10.82
N ASP A 733 -37.90 -16.90 9.55
CA ASP A 733 -36.89 -16.98 8.53
C ASP A 733 -35.90 -15.82 8.75
N VAL A 734 -36.41 -14.59 8.74
CA VAL A 734 -35.55 -13.42 8.69
C VAL A 734 -34.69 -13.26 9.95
N SER A 735 -35.18 -13.75 11.08
CA SER A 735 -34.42 -13.59 12.32
C SER A 735 -33.33 -14.64 12.44
N LYS A 736 -33.64 -15.86 12.04
CA LYS A 736 -32.62 -16.90 11.93
C LYS A 736 -31.50 -16.50 10.96
N GLN A 737 -31.88 -15.78 9.92
CA GLN A 737 -30.94 -15.28 8.92
C GLN A 737 -30.08 -14.16 9.48
N ALA A 738 -30.60 -13.42 10.45
CA ALA A 738 -29.86 -12.30 11.01
C ALA A 738 -28.79 -12.80 11.97
N ALA A 739 -29.12 -13.88 12.69
CA ALA A 739 -28.29 -14.39 13.78
C ALA A 739 -26.99 -15.09 13.32
N ASP A 740 -26.15 -15.47 14.30
CA ASP A 740 -24.91 -16.20 14.05
C ASP A 740 -25.05 -17.54 14.74
N MET A 741 -26.25 -17.82 15.20
CA MET A 741 -26.51 -19.01 15.97
C MET A 741 -28.00 -19.32 15.87
N ILE A 742 -28.31 -20.60 15.72
CA ILE A 742 -29.69 -21.00 15.52
C ILE A 742 -29.91 -22.24 16.37
N LEU A 743 -30.48 -22.05 17.55
CA LEU A 743 -30.67 -23.20 18.44
C LEU A 743 -31.78 -24.08 17.84
N LEU A 744 -31.36 -25.06 17.05
CA LEU A 744 -32.28 -25.94 16.31
C LEU A 744 -33.24 -26.68 17.21
N ASP A 745 -32.82 -27.00 18.43
CA ASP A 745 -33.71 -27.63 19.40
C ASP A 745 -34.46 -26.60 20.29
N ASP A 746 -34.40 -25.32 19.87
CA ASP A 746 -34.96 -24.21 20.63
C ASP A 746 -34.53 -24.18 22.12
N ASN A 747 -33.54 -24.99 22.45
CA ASN A 747 -32.99 -25.12 23.78
C ASN A 747 -32.23 -23.86 24.13
N PHE A 748 -32.76 -23.09 25.08
CA PHE A 748 -32.14 -21.81 25.44
C PHE A 748 -30.85 -22.06 26.20
N ALA A 749 -30.76 -23.22 26.84
CA ALA A 749 -29.60 -23.53 27.61
C ALA A 749 -28.33 -23.65 26.76
N SER A 750 -28.53 -23.83 25.45
CA SER A 750 -27.41 -23.96 24.53
C SER A 750 -26.53 -22.73 24.61
N ILE A 751 -27.12 -21.61 25.06
CA ILE A 751 -26.39 -20.35 25.13
C ILE A 751 -25.24 -20.49 26.13
N VAL A 752 -25.51 -21.18 27.24
CA VAL A 752 -24.47 -21.40 28.23
C VAL A 752 -23.38 -22.29 27.65
N THR A 753 -23.79 -23.44 27.12
CA THR A 753 -22.88 -24.36 26.47
C THR A 753 -22.03 -23.62 25.46
N GLY A 754 -22.65 -22.67 24.78
CA GLY A 754 -21.94 -21.81 23.89
C GLY A 754 -21.01 -20.85 24.60
N VAL A 755 -21.50 -20.19 25.64
CA VAL A 755 -20.66 -19.20 26.28
C VAL A 755 -19.43 -19.85 26.91
N GLU A 756 -19.61 -21.02 27.51
CA GLU A 756 -18.49 -21.74 28.13
C GLU A 756 -17.47 -22.08 27.07
N GLU A 757 -17.96 -22.68 25.99
CA GLU A 757 -17.13 -23.08 24.88
C GLU A 757 -16.30 -21.91 24.40
N GLY A 758 -16.95 -20.75 24.27
CA GLY A 758 -16.28 -19.57 23.78
C GLY A 758 -15.18 -19.09 24.70
N ARG A 759 -15.46 -19.16 26.00
CA ARG A 759 -14.49 -18.80 27.01
C ARG A 759 -13.29 -19.74 26.94
N LEU A 760 -13.57 -21.00 26.58
CA LEU A 760 -12.54 -22.03 26.48
C LEU A 760 -11.61 -21.86 25.27
N ILE A 761 -12.18 -21.49 24.11
CA ILE A 761 -11.35 -21.18 22.96
C ILE A 761 -10.38 -20.10 23.36
N PHE A 762 -10.83 -19.15 24.17
CA PHE A 762 -9.98 -18.02 24.48
C PHE A 762 -8.83 -18.41 25.40
N ASP A 763 -9.15 -19.12 26.48
CA ASP A 763 -8.10 -19.56 27.40
C ASP A 763 -7.05 -20.44 26.69
N ASN A 764 -7.51 -21.55 26.12
CA ASN A 764 -6.63 -22.47 25.44
C ASN A 764 -5.81 -21.83 24.32
N LEU A 765 -6.34 -20.80 23.67
CA LEU A 765 -5.57 -20.06 22.69
C LEU A 765 -4.56 -19.11 23.34
N LYS A 766 -4.84 -18.67 24.56
CA LYS A 766 -3.90 -17.80 25.24
C LYS A 766 -2.84 -18.64 25.88
N LYS A 767 -3.27 -19.75 26.50
CA LYS A 767 -2.33 -20.74 27.08
C LYS A 767 -1.24 -21.12 26.06
N SER A 768 -1.68 -21.40 24.83
CA SER A 768 -0.80 -21.87 23.78
C SER A 768 0.24 -20.81 23.48
N ILE A 769 -0.18 -19.55 23.42
CA ILE A 769 0.76 -18.47 23.15
C ILE A 769 1.71 -18.22 24.33
N ALA A 770 1.29 -18.60 25.53
CA ALA A 770 2.10 -18.36 26.70
C ALA A 770 3.27 -19.29 26.59
N TYR A 771 2.97 -20.54 26.30
CA TYR A 771 3.98 -21.60 26.26
C TYR A 771 4.96 -21.43 25.10
N THR A 772 4.42 -21.17 23.91
CA THR A 772 5.25 -21.19 22.71
C THR A 772 6.26 -20.04 22.73
N LEU A 773 6.01 -19.04 23.57
CA LEU A 773 6.86 -17.85 23.58
C LEU A 773 8.05 -17.90 24.54
N THR A 774 7.95 -18.72 25.58
CA THR A 774 9.08 -18.92 26.51
C THR A 774 10.41 -19.16 25.80
N SER A 775 10.49 -20.30 25.14
CA SER A 775 11.61 -20.72 24.31
C SER A 775 12.40 -19.65 23.57
N ASN A 776 11.76 -18.57 23.11
CA ASN A 776 12.51 -17.54 22.40
C ASN A 776 13.75 -17.01 23.13
N ILE A 777 13.58 -16.64 24.39
CA ILE A 777 14.64 -16.06 25.22
C ILE A 777 15.84 -17.00 25.25
N PRO A 778 15.64 -18.25 25.70
CA PRO A 778 16.79 -19.15 25.61
C PRO A 778 17.26 -19.44 24.19
N GLU A 779 16.37 -19.36 23.20
CA GLU A 779 16.82 -19.67 21.86
C GLU A 779 17.73 -18.57 21.35
N ILE A 780 17.70 -17.39 21.98
CA ILE A 780 18.50 -16.27 21.47
C ILE A 780 19.54 -15.75 22.45
N THR A 781 19.35 -16.02 23.75
CA THR A 781 20.33 -15.55 24.72
C THR A 781 21.78 -16.07 24.59
N PRO A 782 21.96 -17.38 24.27
CA PRO A 782 23.29 -17.91 23.99
C PRO A 782 24.06 -17.03 23.03
N PHE A 783 23.63 -16.92 21.77
CA PHE A 783 24.38 -16.15 20.78
C PHE A 783 24.63 -14.70 21.21
N LEU A 784 23.73 -14.16 22.03
CA LEU A 784 23.88 -12.80 22.55
C LEU A 784 25.03 -12.78 23.53
N ILE A 785 25.14 -13.82 24.34
CA ILE A 785 26.18 -13.93 25.35
C ILE A 785 27.54 -14.32 24.77
N PHE A 786 27.48 -15.14 23.72
CA PHE A 786 28.64 -15.51 22.92
C PHE A 786 29.46 -14.29 22.55
N ILE A 787 28.78 -13.15 22.42
CA ILE A 787 29.39 -11.88 22.03
C ILE A 787 29.75 -11.06 23.27
N ILE A 788 28.83 -11.07 24.25
CA ILE A 788 28.95 -10.21 25.43
C ILE A 788 30.00 -10.71 26.45
N ALA A 789 30.26 -12.01 26.48
CA ALA A 789 31.28 -12.52 27.39
C ALA A 789 32.40 -13.26 26.65
N ASN A 790 32.27 -13.29 25.33
CA ASN A 790 33.19 -14.02 24.48
C ASN A 790 33.51 -15.45 24.99
N ILE A 791 32.47 -16.23 25.26
CA ILE A 791 32.66 -17.60 25.70
C ILE A 791 32.23 -18.52 24.55
N PRO A 792 32.63 -19.81 24.59
CA PRO A 792 32.15 -20.79 23.61
C PRO A 792 30.61 -20.84 23.48
N LEU A 793 30.11 -20.91 22.25
CA LEU A 793 28.67 -20.85 22.02
C LEU A 793 27.94 -21.98 22.73
N PRO A 794 27.13 -21.65 23.74
CA PRO A 794 26.41 -22.65 24.53
C PRO A 794 25.40 -23.42 23.69
N LEU A 795 24.86 -22.77 22.66
CA LEU A 795 23.80 -23.34 21.85
C LEU A 795 23.85 -22.70 20.47
N GLY A 796 23.69 -23.52 19.43
CA GLY A 796 23.80 -23.07 18.06
C GLY A 796 22.59 -23.34 17.16
N THR A 797 22.76 -23.06 15.87
CA THR A 797 21.68 -23.19 14.89
C THR A 797 20.96 -24.54 14.91
N VAL A 798 21.73 -25.63 14.78
CA VAL A 798 21.17 -26.97 14.71
C VAL A 798 20.32 -27.28 15.93
N THR A 799 20.82 -26.86 17.08
CA THR A 799 20.13 -27.11 18.34
C THR A 799 18.91 -26.21 18.59
N ILE A 800 18.97 -24.97 18.11
CA ILE A 800 17.84 -24.06 18.19
C ILE A 800 16.63 -24.62 17.46
N LEU A 801 16.84 -25.18 16.27
CA LEU A 801 15.76 -25.80 15.51
C LEU A 801 15.11 -26.93 16.30
N CYS A 802 15.93 -27.72 16.97
CA CYS A 802 15.45 -28.82 17.79
C CYS A 802 14.60 -28.34 18.94
N ILE A 803 15.07 -27.30 19.65
CA ILE A 803 14.27 -26.64 20.67
C ILE A 803 12.88 -26.39 20.09
N ASP A 804 12.86 -25.56 19.04
CA ASP A 804 11.66 -25.17 18.36
C ASP A 804 10.87 -26.37 17.92
N LEU A 805 11.29 -27.02 16.84
CA LEU A 805 10.47 -28.09 16.26
C LEU A 805 10.35 -29.34 17.14
N GLY A 806 10.74 -29.22 18.40
CA GLY A 806 10.68 -30.39 19.25
C GLY A 806 9.86 -30.17 20.51
N THR A 807 9.96 -28.97 21.07
CA THR A 807 9.22 -28.59 22.27
C THR A 807 8.10 -27.58 21.92
N ASP A 808 8.36 -26.74 20.92
CA ASP A 808 7.43 -25.67 20.54
C ASP A 808 6.48 -26.09 19.41
N MET A 809 6.16 -27.37 19.32
CA MET A 809 5.24 -27.81 18.27
C MET A 809 4.08 -28.61 18.86
N VAL A 810 4.28 -29.91 19.02
CA VAL A 810 3.27 -30.80 19.57
C VAL A 810 2.74 -30.38 20.94
N PRO A 811 3.63 -30.07 21.90
CA PRO A 811 3.15 -29.54 23.18
C PRO A 811 2.29 -28.27 23.07
N ALA A 812 2.58 -27.43 22.08
CA ALA A 812 1.81 -26.20 21.88
C ALA A 812 0.39 -26.53 21.44
N ILE A 813 0.28 -27.39 20.42
CA ILE A 813 -1.02 -27.81 19.90
C ILE A 813 -1.76 -28.62 20.92
N SER A 814 -1.02 -29.35 21.75
CA SER A 814 -1.63 -30.12 22.83
C SER A 814 -2.51 -29.27 23.73
N LEU A 815 -2.14 -28.00 23.91
CA LEU A 815 -2.91 -27.10 24.74
C LEU A 815 -4.33 -26.83 24.19
N ALA A 816 -4.50 -26.95 22.87
CA ALA A 816 -5.82 -26.80 22.27
C ALA A 816 -6.71 -27.90 22.78
N TYR A 817 -6.13 -29.11 22.91
CA TYR A 817 -6.88 -30.27 23.36
C TYR A 817 -7.08 -30.23 24.87
N GLU A 818 -6.63 -29.15 25.51
CA GLU A 818 -6.64 -29.10 26.98
C GLU A 818 -8.03 -28.74 27.48
N GLN A 819 -8.56 -29.55 28.40
CA GLN A 819 -9.93 -29.37 28.88
C GLN A 819 -10.14 -28.03 29.58
N ALA A 820 -11.41 -27.69 29.81
CA ALA A 820 -11.75 -26.43 30.47
C ALA A 820 -11.15 -26.36 31.89
N GLU A 821 -10.87 -25.16 32.39
CA GLU A 821 -10.60 -24.98 33.82
C GLU A 821 -11.91 -25.16 34.60
N SER A 822 -11.91 -24.73 35.86
CA SER A 822 -13.11 -24.88 36.68
C SER A 822 -13.73 -23.53 37.04
N ASP A 823 -12.98 -22.47 36.75
CA ASP A 823 -13.35 -21.12 37.17
C ASP A 823 -14.09 -20.32 36.09
N ILE A 824 -14.23 -20.89 34.90
CA ILE A 824 -14.67 -20.11 33.74
C ILE A 824 -16.09 -19.54 33.85
N MET A 825 -17.05 -20.35 34.27
CA MET A 825 -18.43 -19.87 34.34
C MET A 825 -18.72 -19.24 35.69
N LYS A 826 -17.66 -18.85 36.38
CA LYS A 826 -17.77 -18.26 37.71
C LYS A 826 -16.98 -16.96 37.74
N ARG A 827 -16.20 -16.72 36.68
CA ARG A 827 -15.40 -15.51 36.60
C ARG A 827 -16.00 -14.53 35.60
N GLN A 828 -15.83 -13.24 35.88
CA GLN A 828 -16.41 -12.18 35.05
C GLN A 828 -15.93 -12.27 33.61
N PRO A 829 -16.78 -11.84 32.66
CA PRO A 829 -16.45 -11.87 31.24
C PRO A 829 -15.22 -11.01 30.97
N ARG A 830 -14.43 -11.37 29.96
CA ARG A 830 -13.20 -10.64 29.68
C ARG A 830 -13.48 -9.25 29.10
N ASN A 831 -12.64 -8.30 29.50
CA ASN A 831 -12.68 -6.98 28.93
C ASN A 831 -11.97 -7.03 27.59
N PRO A 832 -12.67 -6.70 26.50
CA PRO A 832 -12.04 -6.73 25.16
C PRO A 832 -10.87 -5.75 25.03
N LYS A 833 -10.87 -4.68 25.81
CA LYS A 833 -9.80 -3.69 25.75
C LYS A 833 -8.74 -3.85 26.85
N THR A 834 -8.64 -5.05 27.44
CA THR A 834 -7.62 -5.36 28.45
C THR A 834 -7.06 -6.75 28.19
N ASP A 835 -7.87 -7.79 28.44
CA ASP A 835 -7.49 -9.17 28.16
C ASP A 835 -7.42 -9.42 26.66
N LYS A 836 -6.48 -8.77 25.99
CA LYS A 836 -6.22 -9.08 24.60
C LYS A 836 -5.57 -10.46 24.59
N LEU A 837 -5.66 -11.16 23.46
CA LEU A 837 -5.14 -12.52 23.37
C LEU A 837 -3.68 -12.54 23.76
N VAL A 838 -2.98 -11.48 23.38
CA VAL A 838 -1.63 -11.24 23.86
C VAL A 838 -1.53 -9.82 24.41
N ASN A 839 -1.13 -9.72 25.68
CA ASN A 839 -0.94 -8.44 26.34
C ASN A 839 0.42 -8.35 27.05
N GLU A 840 0.72 -7.21 27.65
CA GLU A 840 2.03 -7.01 28.25
C GLU A 840 2.30 -8.02 29.34
N ARG A 841 1.29 -8.35 30.13
CA ARG A 841 1.44 -9.34 31.19
C ARG A 841 1.80 -10.72 30.64
N LEU A 842 1.43 -11.02 29.39
CA LEU A 842 1.77 -12.31 28.81
C LEU A 842 3.19 -12.29 28.26
N ILE A 843 3.65 -11.11 27.87
CA ILE A 843 5.03 -10.95 27.48
C ILE A 843 5.90 -10.92 28.73
N SER A 844 5.35 -10.36 29.81
CA SER A 844 6.02 -10.36 31.11
C SER A 844 6.46 -11.74 31.58
N MET A 845 5.63 -12.74 31.33
CA MET A 845 5.90 -14.08 31.86
C MET A 845 6.72 -14.91 30.91
N ALA A 846 6.27 -15.00 29.67
CA ALA A 846 6.95 -15.84 28.68
C ALA A 846 8.35 -15.30 28.41
N TYR A 847 8.51 -13.99 28.54
CA TYR A 847 9.82 -13.41 28.31
C TYR A 847 10.56 -13.11 29.61
N GLY A 848 9.97 -12.26 30.44
CA GLY A 848 10.66 -11.76 31.63
C GLY A 848 10.78 -12.72 32.80
N GLN A 849 9.88 -13.69 32.89
CA GLN A 849 9.88 -14.59 34.05
C GLN A 849 10.22 -16.04 33.67
N ILE A 850 9.29 -16.73 33.00
CA ILE A 850 9.50 -18.14 32.69
C ILE A 850 10.50 -18.33 31.55
N GLY A 851 10.65 -17.34 30.68
CA GLY A 851 11.56 -17.47 29.56
C GLY A 851 12.99 -17.33 30.04
N MET A 852 13.17 -16.57 31.10
CA MET A 852 14.47 -16.27 31.71
C MET A 852 15.01 -17.49 32.46
N ILE A 853 14.17 -18.04 33.33
CA ILE A 853 14.52 -19.24 34.10
C ILE A 853 15.02 -20.36 33.21
N GLN A 854 14.23 -20.72 32.19
CA GLN A 854 14.58 -21.77 31.23
C GLN A 854 15.97 -21.55 30.62
N ALA A 855 16.21 -20.30 30.25
CA ALA A 855 17.51 -19.89 29.72
C ALA A 855 18.63 -20.15 30.70
N LEU A 856 18.42 -19.79 31.96
CA LEU A 856 19.38 -20.07 33.01
C LEU A 856 19.65 -21.55 33.20
N GLY A 857 18.62 -22.37 32.98
CA GLY A 857 18.77 -23.81 33.04
C GLY A 857 19.77 -24.31 32.03
N GLY A 858 19.65 -23.84 30.80
CA GLY A 858 20.61 -24.18 29.77
C GLY A 858 22.00 -23.68 30.08
N PHE A 859 22.11 -22.44 30.56
CA PHE A 859 23.42 -21.88 30.86
C PHE A 859 24.12 -22.67 31.95
N PHE A 860 23.37 -23.03 32.98
CA PHE A 860 23.93 -23.78 34.09
C PHE A 860 24.58 -25.04 33.61
N THR A 861 23.81 -25.90 32.95
CA THR A 861 24.33 -27.17 32.43
C THR A 861 25.51 -26.95 31.51
N TYR A 862 25.50 -25.85 30.77
CA TYR A 862 26.61 -25.50 29.89
C TYR A 862 27.91 -25.35 30.65
N PHE A 863 27.87 -24.59 31.75
CA PHE A 863 29.04 -24.38 32.61
C PHE A 863 29.49 -25.65 33.33
N VAL A 864 28.51 -26.47 33.72
CA VAL A 864 28.77 -27.73 34.40
C VAL A 864 29.55 -28.70 33.50
N ILE A 865 29.11 -28.83 32.26
CA ILE A 865 29.78 -29.70 31.31
C ILE A 865 31.24 -29.26 31.04
N LEU A 866 31.42 -27.97 30.77
CA LEU A 866 32.75 -27.44 30.52
C LEU A 866 33.66 -27.57 31.73
N ALA A 867 33.20 -27.10 32.88
CA ALA A 867 33.99 -27.22 34.10
C ALA A 867 34.30 -28.68 34.45
N GLU A 868 33.34 -29.57 34.21
CA GLU A 868 33.57 -30.99 34.45
C GLU A 868 34.57 -31.52 33.44
N ASN A 869 34.54 -30.97 32.24
CA ASN A 869 35.49 -31.37 31.22
C ASN A 869 36.82 -30.61 31.28
N GLY A 870 36.96 -29.71 32.25
CA GLY A 870 38.21 -29.03 32.49
C GLY A 870 38.19 -27.50 32.47
N PHE A 871 37.10 -26.89 32.01
CA PHE A 871 37.07 -25.44 31.85
C PHE A 871 36.11 -24.79 32.86
N LEU A 872 36.65 -24.39 34.01
CA LEU A 872 35.85 -23.67 34.99
C LEU A 872 35.36 -22.35 34.41
N PRO A 873 34.10 -21.99 34.71
CA PRO A 873 33.41 -20.83 34.10
C PRO A 873 34.26 -19.55 34.08
N ILE A 874 34.94 -19.28 35.17
CA ILE A 874 35.73 -18.06 35.28
C ILE A 874 36.83 -18.06 34.22
N HIS A 875 37.28 -19.25 33.84
CA HIS A 875 38.33 -19.39 32.83
C HIS A 875 37.78 -19.08 31.45
N LEU A 876 36.48 -19.32 31.28
CA LEU A 876 35.84 -19.29 29.97
C LEU A 876 35.81 -17.94 29.25
N LEU A 877 35.93 -16.84 29.99
CA LEU A 877 35.88 -15.50 29.39
C LEU A 877 37.05 -15.27 28.42
N GLY A 878 36.73 -14.87 27.19
CA GLY A 878 37.77 -14.55 26.22
C GLY A 878 38.11 -15.63 25.21
N LEU A 879 37.93 -16.89 25.61
CA LEU A 879 38.28 -18.03 24.75
C LEU A 879 37.65 -18.02 23.35
N ARG A 880 36.47 -17.38 23.23
CA ARG A 880 35.70 -17.32 21.98
C ARG A 880 36.56 -17.25 20.73
N VAL A 881 37.40 -16.22 20.65
CA VAL A 881 38.22 -15.97 19.46
C VAL A 881 39.05 -17.19 19.08
N ASN A 882 39.62 -17.81 20.10
CA ASN A 882 40.59 -18.87 19.89
C ASN A 882 40.01 -20.26 20.07
N TRP A 883 38.91 -20.35 20.81
CA TRP A 883 38.17 -21.60 20.91
C TRP A 883 37.57 -21.92 19.55
N ASP A 884 37.03 -20.89 18.89
CA ASP A 884 36.42 -21.04 17.57
C ASP A 884 37.49 -21.17 16.50
N ASP A 885 38.67 -20.64 16.79
CA ASP A 885 39.80 -20.65 15.85
C ASP A 885 40.20 -22.08 15.46
N ARG A 886 40.39 -22.29 14.16
CA ARG A 886 40.62 -23.62 13.61
C ARG A 886 42.05 -24.09 13.76
N TRP A 887 42.95 -23.19 14.14
CA TRP A 887 44.40 -23.47 14.07
C TRP A 887 45.13 -23.63 15.41
N ILE A 888 44.75 -22.86 16.40
CA ILE A 888 45.33 -23.03 17.72
C ILE A 888 44.81 -24.35 18.28
N ASN A 889 45.73 -25.30 18.46
CA ASN A 889 45.38 -26.61 19.04
C ASN A 889 46.04 -26.79 20.41
N ASP A 890 46.49 -25.68 20.99
CA ASP A 890 47.10 -25.69 22.31
C ASP A 890 46.19 -25.02 23.32
N VAL A 891 44.89 -25.29 23.22
CA VAL A 891 43.93 -24.58 24.05
C VAL A 891 44.01 -25.05 25.50
N GLU A 892 44.61 -24.20 26.33
CA GLU A 892 44.90 -24.54 27.71
C GLU A 892 43.71 -24.28 28.61
N ASP A 893 43.17 -25.34 29.22
CA ASP A 893 42.06 -25.18 30.14
C ASP A 893 42.50 -24.62 31.50
N SER A 894 41.74 -24.92 32.55
CA SER A 894 42.04 -24.44 33.89
C SER A 894 43.09 -25.36 34.53
N TYR A 895 42.99 -26.65 34.22
CA TYR A 895 43.94 -27.64 34.71
C TYR A 895 45.25 -27.62 33.91
N GLY A 896 45.32 -26.73 32.94
CA GLY A 896 46.51 -26.59 32.12
C GLY A 896 46.58 -27.55 30.96
N GLN A 897 45.56 -28.38 30.80
CA GLN A 897 45.53 -29.35 29.71
C GLN A 897 45.50 -28.67 28.35
N GLN A 898 45.92 -29.37 27.30
CA GLN A 898 45.93 -28.81 25.95
C GLN A 898 44.94 -29.50 25.00
N TRP A 899 44.01 -28.71 24.46
CA TRP A 899 42.96 -29.25 23.62
C TRP A 899 43.22 -28.92 22.16
N THR A 900 42.96 -29.88 21.28
CA THR A 900 42.94 -29.61 19.85
C THR A 900 41.64 -28.91 19.46
N TYR A 901 41.52 -28.55 18.19
CA TYR A 901 40.34 -27.85 17.73
C TYR A 901 39.11 -28.72 17.89
N GLU A 902 39.05 -29.79 17.10
CA GLU A 902 37.90 -30.68 17.09
C GLU A 902 37.63 -31.27 18.47
N GLN A 903 38.70 -31.45 19.24
CA GLN A 903 38.59 -32.01 20.59
C GLN A 903 37.78 -31.16 21.57
N ARG A 904 37.92 -29.85 21.50
CA ARG A 904 37.18 -28.96 22.39
C ARG A 904 35.82 -28.68 21.78
N LYS A 905 35.74 -28.78 20.46
CA LYS A 905 34.48 -28.61 19.74
C LYS A 905 33.52 -29.74 20.09
N ILE A 906 34.07 -30.94 20.28
CA ILE A 906 33.29 -32.08 20.72
C ILE A 906 32.57 -31.74 22.01
N VAL A 907 33.30 -31.14 22.95
CA VAL A 907 32.71 -30.69 24.22
C VAL A 907 31.73 -29.52 24.05
N GLU A 908 32.11 -28.54 23.23
CA GLU A 908 31.22 -27.45 22.89
C GLU A 908 29.90 -27.99 22.37
N PHE A 909 29.95 -28.90 21.40
CA PHE A 909 28.75 -29.43 20.77
C PHE A 909 28.06 -30.47 21.64
N THR A 910 28.77 -31.02 22.61
CA THR A 910 28.14 -31.80 23.65
C THR A 910 27.35 -30.85 24.55
N CYS A 911 27.92 -29.67 24.80
CA CYS A 911 27.24 -28.63 25.56
C CYS A 911 25.95 -28.18 24.85
N HIS A 912 26.01 -28.10 23.53
CA HIS A 912 24.83 -27.77 22.74
C HIS A 912 23.73 -28.80 22.97
N THR A 913 24.08 -30.07 22.81
CA THR A 913 23.13 -31.16 22.92
C THR A 913 22.49 -31.22 24.31
N ALA A 914 23.25 -30.80 25.31
CA ALA A 914 22.74 -30.76 26.69
C ALA A 914 21.80 -29.58 26.91
N PHE A 915 22.23 -28.41 26.47
CA PHE A 915 21.43 -27.18 26.57
C PHE A 915 20.06 -27.42 25.96
N PHE A 916 20.04 -28.04 24.79
CA PHE A 916 18.80 -28.42 24.15
C PHE A 916 18.00 -29.33 25.05
N VAL A 917 18.64 -30.40 25.53
CA VAL A 917 17.98 -31.38 26.37
C VAL A 917 17.48 -30.73 27.66
N SER A 918 18.23 -29.75 28.15
CA SER A 918 17.80 -29.02 29.32
C SER A 918 16.49 -28.28 29.08
N ILE A 919 16.46 -27.51 27.99
CA ILE A 919 15.25 -26.81 27.60
C ILE A 919 14.03 -27.74 27.58
N VAL A 920 14.22 -28.95 27.07
CA VAL A 920 13.20 -29.99 27.07
C VAL A 920 12.68 -30.28 28.46
N VAL A 921 13.59 -30.40 29.42
CA VAL A 921 13.19 -30.62 30.81
C VAL A 921 12.40 -29.46 31.41
N VAL A 922 12.89 -28.24 31.28
CA VAL A 922 12.12 -27.08 31.74
C VAL A 922 10.81 -26.88 30.96
N GLN A 923 10.79 -27.27 29.69
CA GLN A 923 9.58 -27.12 28.89
C GLN A 923 8.44 -28.00 29.38
N TRP A 924 8.74 -29.05 30.13
CA TRP A 924 7.71 -29.85 30.76
C TRP A 924 6.93 -28.99 31.74
N ALA A 925 7.64 -28.53 32.76
CA ALA A 925 7.08 -27.66 33.79
C ALA A 925 6.31 -26.46 33.22
N ASP A 926 6.90 -25.79 32.24
CA ASP A 926 6.23 -24.69 31.56
C ASP A 926 4.95 -25.18 30.90
N LEU A 927 5.02 -26.31 30.19
CA LEU A 927 3.84 -26.90 29.51
C LEU A 927 2.83 -27.43 30.53
N VAL A 928 3.25 -27.52 31.78
CA VAL A 928 2.35 -27.89 32.86
C VAL A 928 1.66 -26.68 33.47
N ILE A 929 2.43 -25.63 33.77
CA ILE A 929 1.87 -24.40 34.32
C ILE A 929 1.07 -23.68 33.26
N CYS A 930 1.44 -23.86 32.01
CA CYS A 930 0.70 -23.28 30.88
C CYS A 930 -0.46 -24.19 30.48
N LYS A 931 -0.93 -24.96 31.45
CA LYS A 931 -2.09 -25.81 31.28
C LYS A 931 -3.24 -25.13 32.02
N THR A 932 -2.89 -24.35 33.05
CA THR A 932 -3.87 -23.68 33.91
C THR A 932 -3.45 -22.24 34.16
N ARG A 933 -4.42 -21.33 34.12
CA ARG A 933 -4.18 -19.90 34.32
C ARG A 933 -4.62 -19.40 35.71
N ARG A 934 -5.40 -20.20 36.45
CA ARG A 934 -5.90 -19.80 37.76
C ARG A 934 -5.82 -20.88 38.82
N ASN A 935 -6.52 -22.00 38.59
CA ASN A 935 -6.46 -23.14 39.49
C ASN A 935 -5.04 -23.71 39.61
N SER A 936 -4.88 -24.69 40.48
CA SER A 936 -3.61 -25.36 40.58
C SER A 936 -3.62 -26.47 39.54
N VAL A 937 -2.50 -27.17 39.42
CA VAL A 937 -2.41 -28.25 38.46
C VAL A 937 -2.82 -29.56 39.12
N PHE A 938 -3.18 -29.48 40.40
CA PHE A 938 -3.70 -30.63 41.13
C PHE A 938 -5.23 -30.62 41.12
N GLN A 939 -5.80 -29.43 40.94
CA GLN A 939 -7.24 -29.30 40.76
C GLN A 939 -7.56 -29.68 39.32
N GLN A 940 -6.80 -29.11 38.39
CA GLN A 940 -7.02 -29.28 36.95
C GLN A 940 -6.85 -30.74 36.55
N GLY A 941 -5.69 -31.30 36.88
CA GLY A 941 -5.43 -32.71 36.69
C GLY A 941 -5.04 -33.07 35.27
N MET A 942 -4.12 -34.03 35.16
CA MET A 942 -3.71 -34.54 33.85
C MET A 942 -4.83 -35.42 33.27
N LYS A 943 -5.73 -34.80 32.52
CA LYS A 943 -6.79 -35.51 31.83
C LYS A 943 -6.67 -35.20 30.35
N ASN A 944 -5.80 -34.24 30.03
CA ASN A 944 -5.41 -34.01 28.65
C ASN A 944 -4.33 -35.01 28.26
N LYS A 945 -4.74 -36.09 27.60
CA LYS A 945 -3.83 -37.17 27.22
C LYS A 945 -2.85 -36.74 26.12
N ILE A 946 -3.27 -35.80 25.27
CA ILE A 946 -2.43 -35.30 24.19
C ILE A 946 -1.27 -34.46 24.77
N LEU A 947 -1.48 -33.85 25.92
CA LEU A 947 -0.36 -33.20 26.61
C LEU A 947 0.68 -34.23 27.12
N ILE A 948 0.18 -35.28 27.75
CA ILE A 948 1.04 -36.35 28.26
C ILE A 948 1.82 -36.89 27.08
N PHE A 949 1.10 -37.22 26.01
CA PHE A 949 1.70 -37.71 24.77
C PHE A 949 2.81 -36.78 24.34
N GLY A 950 2.51 -35.49 24.35
CA GLY A 950 3.49 -34.47 24.00
C GLY A 950 4.73 -34.55 24.88
N LEU A 951 4.56 -34.78 26.16
CA LEU A 951 5.71 -34.84 27.06
C LEU A 951 6.63 -36.02 26.78
N PHE A 952 6.05 -37.19 26.57
CA PHE A 952 6.84 -38.39 26.33
C PHE A 952 7.65 -38.34 25.02
N GLU A 953 6.98 -38.08 23.90
CA GLU A 953 7.67 -38.07 22.62
C GLU A 953 8.71 -36.98 22.59
N GLU A 954 8.41 -35.86 23.23
CA GLU A 954 9.32 -34.71 23.29
C GLU A 954 10.67 -35.09 23.91
N THR A 955 10.63 -35.99 24.88
CA THR A 955 11.82 -36.38 25.61
C THR A 955 12.44 -37.61 25.01
N ALA A 956 11.60 -38.50 24.49
CA ALA A 956 12.08 -39.66 23.74
C ALA A 956 12.96 -39.16 22.59
N LEU A 957 12.46 -38.13 21.93
CA LEU A 957 13.16 -37.48 20.84
C LEU A 957 14.49 -36.93 21.34
N ALA A 958 14.46 -36.33 22.53
CA ALA A 958 15.65 -35.71 23.13
C ALA A 958 16.67 -36.74 23.62
N ALA A 959 16.18 -37.90 24.04
CA ALA A 959 17.06 -39.03 24.32
C ALA A 959 17.68 -39.43 22.99
N PHE A 960 16.83 -39.61 21.99
CA PHE A 960 17.24 -40.10 20.68
C PHE A 960 18.32 -39.24 20.00
N LEU A 961 18.14 -37.92 19.98
CA LEU A 961 19.04 -37.05 19.24
C LEU A 961 20.45 -37.07 19.81
N SER A 962 20.56 -37.40 21.09
CA SER A 962 21.83 -37.43 21.79
C SER A 962 22.46 -38.81 21.75
N TYR A 963 21.61 -39.83 21.89
CA TYR A 963 22.10 -41.20 22.05
C TYR A 963 21.97 -42.06 20.80
N CYS A 964 21.91 -41.43 19.63
CA CYS A 964 21.82 -42.19 18.39
C CYS A 964 23.14 -42.03 17.68
N PRO A 965 23.67 -43.13 17.16
CA PRO A 965 24.93 -43.16 16.42
C PRO A 965 24.94 -42.29 15.16
N GLY A 966 26.01 -41.53 14.96
CA GLY A 966 26.15 -40.67 13.80
C GLY A 966 25.43 -39.33 13.95
N MET A 967 24.95 -39.05 15.15
CA MET A 967 24.22 -37.80 15.40
C MET A 967 25.18 -36.63 15.62
N GLY A 968 26.43 -36.95 15.90
CA GLY A 968 27.46 -35.94 16.05
C GLY A 968 28.24 -35.76 14.77
N VAL A 969 28.06 -36.69 13.83
CA VAL A 969 28.66 -36.59 12.52
C VAL A 969 27.70 -35.91 11.53
N ALA A 970 26.42 -35.89 11.90
CA ALA A 970 25.38 -35.39 11.01
C ALA A 970 24.79 -34.07 11.51
N LEU A 971 24.80 -33.87 12.81
CA LEU A 971 24.16 -32.69 13.39
C LEU A 971 24.98 -32.08 14.51
N ARG A 972 26.20 -32.59 14.69
CA ARG A 972 27.07 -32.20 15.81
C ARG A 972 26.41 -32.44 17.17
N MET A 973 25.70 -33.56 17.31
CA MET A 973 25.01 -33.93 18.55
C MET A 973 25.64 -35.17 19.15
N TYR A 974 26.21 -35.03 20.35
CA TYR A 974 26.91 -36.13 21.02
C TYR A 974 26.23 -36.57 22.31
N PRO A 975 26.37 -37.87 22.66
CA PRO A 975 25.83 -38.44 23.89
C PRO A 975 26.14 -37.67 25.16
N LEU A 976 25.16 -37.71 26.07
CA LEU A 976 25.26 -37.14 27.40
C LEU A 976 25.68 -38.21 28.40
N LYS A 977 26.39 -37.78 29.43
CA LYS A 977 26.66 -38.62 30.58
C LYS A 977 25.51 -38.39 31.55
N PRO A 978 25.01 -39.49 32.16
CA PRO A 978 23.82 -39.54 33.03
C PRO A 978 23.61 -38.33 33.93
N THR A 979 24.71 -37.84 34.51
CA THR A 979 24.66 -36.71 35.41
C THR A 979 24.04 -35.45 34.74
N TRP A 980 24.21 -35.33 33.44
CA TRP A 980 23.77 -34.14 32.73
C TRP A 980 22.25 -33.87 32.81
N TRP A 981 21.45 -34.91 32.62
CA TRP A 981 20.00 -34.77 32.52
C TRP A 981 19.41 -33.98 33.67
N PHE A 982 19.95 -34.21 34.86
CA PHE A 982 19.40 -33.67 36.10
C PHE A 982 19.79 -32.21 36.36
N CYS A 983 20.78 -31.73 35.61
CA CYS A 983 21.25 -30.37 35.81
C CYS A 983 20.13 -29.36 35.66
N ALA A 984 19.16 -29.69 34.81
CA ALA A 984 18.07 -28.79 34.54
C ALA A 984 16.90 -28.97 35.53
N PHE A 985 16.80 -30.17 36.09
CA PHE A 985 15.78 -30.49 37.11
C PHE A 985 15.46 -29.43 38.17
N PRO A 986 16.49 -28.83 38.82
CA PRO A 986 16.20 -27.82 39.86
C PRO A 986 15.42 -26.66 39.28
N TYR A 987 15.81 -26.27 38.08
CA TYR A 987 15.17 -25.20 37.37
C TYR A 987 13.75 -25.54 36.91
N SER A 988 13.56 -26.78 36.46
CA SER A 988 12.26 -27.21 36.02
C SER A 988 11.28 -27.15 37.19
N LEU A 989 11.72 -27.63 38.35
CA LEU A 989 10.88 -27.56 39.55
C LEU A 989 10.61 -26.12 39.96
N LEU A 990 11.63 -25.28 39.86
CA LEU A 990 11.50 -23.86 40.15
C LEU A 990 10.33 -23.21 39.38
N ILE A 991 10.15 -23.61 38.13
CA ILE A 991 9.06 -23.09 37.30
C ILE A 991 7.70 -23.56 37.79
N PHE A 992 7.59 -24.86 38.06
CA PHE A 992 6.34 -25.46 38.49
C PHE A 992 5.87 -24.78 39.75
N VAL A 993 6.78 -24.56 40.69
CA VAL A 993 6.40 -24.02 41.98
C VAL A 993 6.23 -22.49 42.03
N TYR A 994 7.02 -21.75 41.25
CA TYR A 994 6.84 -20.33 41.17
C TYR A 994 5.45 -20.01 40.66
N ASP A 995 5.04 -20.69 39.59
CA ASP A 995 3.72 -20.45 39.01
C ASP A 995 2.62 -21.03 39.88
N GLU A 996 2.88 -22.17 40.52
CA GLU A 996 1.89 -22.78 41.39
C GLU A 996 1.52 -21.83 42.52
N VAL A 997 2.53 -21.29 43.19
CA VAL A 997 2.25 -20.35 44.25
C VAL A 997 1.79 -19.02 43.66
N ARG A 998 2.31 -18.65 42.49
CA ARG A 998 1.86 -17.42 41.83
C ARG A 998 0.34 -17.46 41.60
N LYS A 999 -0.14 -18.62 41.20
CA LYS A 999 -1.56 -18.80 40.91
C LYS A 999 -2.36 -18.95 42.19
N LEU A 1000 -1.69 -19.41 43.25
CA LEU A 1000 -2.37 -19.62 44.52
C LEU A 1000 -2.63 -18.27 45.19
N ILE A 1001 -1.70 -17.34 45.02
CA ILE A 1001 -1.86 -16.02 45.61
C ILE A 1001 -3.02 -15.32 44.93
N ILE A 1002 -3.25 -15.67 43.66
CA ILE A 1002 -4.35 -15.08 42.91
C ILE A 1002 -5.70 -15.71 43.26
N ARG A 1003 -5.69 -17.01 43.57
CA ARG A 1003 -6.90 -17.68 44.03
C ARG A 1003 -7.38 -17.09 45.36
N ARG A 1004 -6.42 -16.61 46.13
CA ARG A 1004 -6.73 -16.13 47.47
C ARG A 1004 -6.50 -14.62 47.65
N ARG A 1005 -6.11 -13.94 46.58
CA ARG A 1005 -6.07 -12.47 46.59
C ARG A 1005 -6.57 -11.84 45.30
N PRO A 1006 -7.89 -11.94 45.04
CA PRO A 1006 -8.47 -11.26 43.87
C PRO A 1006 -8.40 -9.74 43.98
N GLY A 1007 -8.07 -9.08 42.86
CA GLY A 1007 -7.89 -7.64 42.84
C GLY A 1007 -6.53 -7.30 43.39
N GLY A 1008 -5.85 -8.32 43.91
CA GLY A 1008 -4.57 -8.14 44.58
C GLY A 1008 -3.47 -7.91 43.58
N TRP A 1009 -2.37 -7.34 44.06
CA TRP A 1009 -1.29 -6.89 43.17
C TRP A 1009 -0.75 -8.01 42.27
N VAL A 1010 -0.59 -9.19 42.85
CA VAL A 1010 -0.19 -10.39 42.11
C VAL A 1010 -1.00 -10.53 40.83
N GLU A 1011 -2.32 -10.64 41.01
CA GLU A 1011 -3.26 -10.80 39.93
C GLU A 1011 -3.19 -9.66 38.90
N LYS A 1012 -3.14 -8.43 39.39
CA LYS A 1012 -3.23 -7.28 38.49
C LYS A 1012 -1.96 -7.04 37.69
N GLU A 1013 -1.00 -7.97 37.73
CA GLU A 1013 0.28 -7.80 37.05
C GLU A 1013 0.79 -9.06 36.39
N THR A 1014 0.45 -10.21 36.98
CA THR A 1014 0.92 -11.51 36.47
C THR A 1014 -0.19 -12.42 35.95
N TYR A 1015 -1.44 -11.95 35.98
CA TYR A 1015 -2.54 -12.68 35.37
C TYR A 1015 -2.66 -12.28 33.91
N TYR A 1016 -1.90 -12.96 33.08
CA TYR A 1016 -1.85 -12.70 31.65
C TYR A 1016 -3.16 -13.11 30.96
N MET B 1 -22.70 -1.64 35.05
CA MET B 1 -21.95 -1.49 36.29
C MET B 1 -21.62 -0.02 36.59
N ALA B 2 -21.08 0.23 37.78
CA ALA B 2 -20.62 1.56 38.15
C ALA B 2 -19.10 1.55 38.28
N ARG B 3 -18.51 0.37 38.09
CA ARG B 3 -17.05 0.19 38.19
C ARG B 3 -16.33 0.83 37.01
N GLY B 4 -15.34 1.66 37.31
CA GLY B 4 -14.60 2.37 36.28
C GLY B 4 -13.32 1.66 35.86
N LYS B 5 -13.38 0.97 34.73
CA LYS B 5 -12.21 0.31 34.16
C LYS B 5 -12.15 0.50 32.64
N ALA B 6 -11.42 -0.39 31.96
CA ALA B 6 -11.27 -0.35 30.51
C ALA B 6 -10.31 0.74 30.00
N LYS B 7 -10.22 0.87 28.70
CA LYS B 7 -9.50 1.97 28.09
C LYS B 7 -10.39 2.64 27.03
N GLU B 8 -11.20 3.61 27.47
CA GLU B 8 -12.04 4.40 26.57
C GLU B 8 -11.29 5.69 26.27
N GLU B 9 -9.98 5.59 26.10
CA GLU B 9 -9.10 6.74 25.91
C GLU B 9 -9.18 7.34 24.50
N GLY B 10 -8.92 8.63 24.40
CA GLY B 10 -8.92 9.33 23.12
C GLY B 10 -7.75 10.26 22.95
N SER B 11 -6.58 9.81 23.41
CA SER B 11 -5.35 10.59 23.24
C SER B 11 -4.15 9.69 23.03
N TRP B 12 -3.58 9.72 21.83
CA TRP B 12 -2.34 9.01 21.56
C TRP B 12 -1.18 9.81 22.17
N LYS B 13 -1.52 10.96 22.74
CA LYS B 13 -0.54 11.76 23.47
C LYS B 13 -0.16 11.06 24.77
N LYS B 14 -1.03 10.16 25.24
CA LYS B 14 -0.85 9.42 26.50
C LYS B 14 0.42 8.57 26.52
N PHE B 15 1.03 8.42 25.35
CA PHE B 15 2.33 7.80 25.19
C PHE B 15 3.33 8.37 26.21
N ILE B 16 3.23 9.66 26.48
CA ILE B 16 4.09 10.32 27.45
C ILE B 16 3.25 11.16 28.42
N TRP B 17 2.05 11.52 27.96
CA TRP B 17 1.14 12.41 28.69
C TRP B 17 0.88 11.96 30.12
N ASN B 18 0.87 12.91 31.05
CA ASN B 18 0.73 12.59 32.48
C ASN B 18 -0.09 13.56 33.33
N SER B 19 -0.40 14.74 32.79
CA SER B 19 -1.13 15.80 33.50
C SER B 19 -2.15 15.32 34.53
N GLU B 20 -2.77 14.18 34.23
CA GLU B 20 -3.68 13.50 35.15
C GLU B 20 -2.95 12.86 36.33
N LYS B 21 -2.14 11.83 36.07
CA LYS B 21 -1.48 11.06 37.11
C LYS B 21 -0.37 10.13 36.58
N LYS B 22 -0.77 9.08 35.87
CA LYS B 22 0.18 8.11 35.33
C LYS B 22 1.05 8.72 34.22
N GLU B 23 2.25 8.18 34.05
CA GLU B 23 3.22 8.78 33.14
C GLU B 23 3.99 7.73 32.33
N PHE B 24 4.68 8.22 31.30
CA PHE B 24 5.55 7.41 30.44
C PHE B 24 4.82 6.28 29.70
N LEU B 25 3.51 6.45 29.49
CA LEU B 25 2.61 5.43 28.95
C LEU B 25 2.44 4.30 30.00
N GLY B 26 3.03 4.50 31.16
CA GLY B 26 2.92 3.48 32.17
C GLY B 26 1.89 3.89 33.17
N ARG B 27 2.10 3.42 34.38
CA ARG B 27 1.23 3.71 35.48
C ARG B 27 1.81 4.88 36.24
N THR B 28 1.66 4.85 37.57
CA THR B 28 2.14 5.94 38.40
C THR B 28 3.48 5.61 39.02
N GLY B 29 4.12 6.61 39.61
CA GLY B 29 5.40 6.42 40.25
C GLY B 29 5.31 5.37 41.34
N GLY B 30 4.09 5.04 41.75
CA GLY B 30 3.85 4.04 42.79
C GLY B 30 3.94 2.63 42.25
N SER B 31 3.44 2.43 41.04
CA SER B 31 3.51 1.10 40.44
C SER B 31 4.61 1.01 39.39
N TRP B 32 5.01 2.14 38.83
CA TRP B 32 6.13 2.16 37.89
C TRP B 32 7.35 1.76 38.69
N PHE B 33 7.33 2.16 39.97
CA PHE B 33 8.33 1.72 40.93
C PHE B 33 8.11 0.27 41.28
N LYS B 34 6.97 0.00 41.92
CA LYS B 34 6.69 -1.30 42.54
C LYS B 34 7.04 -2.51 41.66
N ILE B 35 6.71 -2.42 40.37
CA ILE B 35 6.93 -3.54 39.47
C ILE B 35 8.39 -3.61 39.07
N LEU B 36 9.04 -2.44 38.97
CA LEU B 36 10.45 -2.38 38.64
C LEU B 36 11.21 -3.14 39.72
N LEU B 37 10.85 -2.85 40.96
CA LEU B 37 11.39 -3.54 42.12
C LEU B 37 11.16 -5.06 42.07
N PHE B 38 9.94 -5.49 41.73
CA PHE B 38 9.63 -6.92 41.62
C PHE B 38 10.66 -7.65 40.80
N TYR B 39 10.93 -7.15 39.60
CA TYR B 39 11.96 -7.72 38.75
C TYR B 39 13.32 -7.62 39.43
N VAL B 40 13.57 -6.48 40.07
CA VAL B 40 14.85 -6.26 40.76
C VAL B 40 15.07 -7.39 41.75
N ILE B 41 14.07 -7.68 42.58
CA ILE B 41 14.19 -8.77 43.54
C ILE B 41 14.17 -10.13 42.82
N PHE B 42 13.39 -10.23 41.75
CA PHE B 42 13.22 -11.49 41.04
C PHE B 42 14.51 -11.91 40.37
N TYR B 43 14.93 -11.14 39.38
CA TYR B 43 16.19 -11.37 38.70
C TYR B 43 17.33 -11.43 39.71
N GLY B 44 17.36 -10.47 40.62
CA GLY B 44 18.35 -10.45 41.68
C GLY B 44 18.44 -11.79 42.38
N CYS B 45 17.33 -12.28 42.91
CA CYS B 45 17.29 -13.60 43.57
C CYS B 45 17.47 -14.76 42.58
N LEU B 46 16.98 -14.60 41.36
CA LEU B 46 17.12 -15.59 40.32
C LEU B 46 18.60 -15.82 40.06
N ALA B 47 19.35 -14.75 39.82
CA ALA B 47 20.80 -14.81 39.65
C ALA B 47 21.45 -15.50 40.85
N GLY B 48 20.88 -15.27 42.02
CA GLY B 48 21.33 -15.90 43.25
C GLY B 48 21.26 -17.40 43.15
N ILE B 49 20.16 -17.93 42.63
CA ILE B 49 20.02 -19.38 42.43
C ILE B 49 21.05 -19.96 41.43
N PHE B 50 21.25 -19.27 40.31
CA PHE B 50 22.26 -19.69 39.34
C PHE B 50 23.61 -19.73 40.01
N ILE B 51 23.96 -18.64 40.71
CA ILE B 51 25.18 -18.58 41.51
C ILE B 51 25.23 -19.78 42.44
N GLY B 52 24.18 -19.93 43.23
CA GLY B 52 24.12 -20.97 44.25
C GLY B 52 24.30 -22.37 43.71
N THR B 53 23.56 -22.69 42.67
CA THR B 53 23.64 -24.03 42.11
C THR B 53 24.93 -24.22 41.32
N ILE B 54 25.53 -23.13 40.86
CA ILE B 54 26.85 -23.17 40.24
C ILE B 54 27.88 -23.53 41.29
N GLN B 55 27.70 -22.96 42.49
CA GLN B 55 28.62 -23.19 43.60
C GLN B 55 28.62 -24.65 44.04
N VAL B 56 27.45 -25.28 43.99
CA VAL B 56 27.31 -26.67 44.42
C VAL B 56 28.14 -27.61 43.54
N MET B 57 28.06 -27.39 42.23
CA MET B 57 28.81 -28.18 41.27
C MET B 57 30.33 -28.00 41.41
N LEU B 58 30.75 -26.78 41.74
CA LEU B 58 32.18 -26.46 41.86
C LEU B 58 32.93 -27.34 42.86
N LEU B 59 32.20 -27.78 43.88
CA LEU B 59 32.79 -28.60 44.93
C LEU B 59 32.55 -30.08 44.63
N THR B 60 32.56 -30.40 43.34
CA THR B 60 32.35 -31.76 42.86
C THR B 60 33.44 -32.03 41.81
N ILE B 61 34.37 -31.09 41.74
CA ILE B 61 35.52 -31.22 40.88
C ILE B 61 36.72 -30.84 41.72
N SER B 62 37.74 -31.71 41.76
CA SER B 62 38.96 -31.39 42.49
C SER B 62 39.79 -30.42 41.65
N GLU B 63 40.34 -29.40 42.29
CA GLU B 63 41.19 -28.43 41.60
C GLU B 63 42.60 -29.00 41.34
N PHE B 64 42.69 -30.32 41.34
CA PHE B 64 43.95 -31.03 41.11
C PHE B 64 43.91 -31.85 39.84
N LYS B 65 42.73 -32.38 39.52
CA LYS B 65 42.52 -33.20 38.33
C LYS B 65 41.14 -32.99 37.75
N PRO B 66 41.01 -33.05 36.42
CA PRO B 66 39.70 -32.88 35.80
C PRO B 66 38.82 -34.09 36.05
N THR B 67 37.52 -33.87 36.26
CA THR B 67 36.58 -34.95 36.49
C THR B 67 36.37 -35.76 35.22
N TYR B 68 36.83 -35.24 34.09
CA TYR B 68 36.74 -35.96 32.82
C TYR B 68 37.94 -35.64 31.92
N GLN B 69 38.49 -36.68 31.32
CA GLN B 69 39.64 -36.52 30.44
C GLN B 69 39.43 -37.16 29.07
N ASP B 70 38.43 -38.04 28.98
CA ASP B 70 38.20 -38.84 27.77
C ASP B 70 37.99 -38.05 26.49
N ARG B 71 38.00 -36.72 26.57
CA ARG B 71 37.80 -35.90 25.36
C ARG B 71 39.11 -35.23 24.91
N VAL B 72 40.09 -35.20 25.80
CA VAL B 72 41.48 -34.94 25.41
C VAL B 72 42.22 -36.26 25.36
N ALA B 73 41.48 -37.36 25.15
CA ALA B 73 41.99 -38.70 25.40
C ALA B 73 43.33 -39.03 24.73
N PRO B 74 43.37 -39.32 23.41
CA PRO B 74 44.77 -39.37 22.95
C PRO B 74 45.21 -37.96 22.62
N PRO B 75 46.44 -37.59 23.03
CA PRO B 75 46.88 -36.21 22.79
C PRO B 75 47.21 -35.98 21.32
N GLY B 76 47.47 -34.71 20.98
CA GLY B 76 47.82 -34.33 19.62
C GLY B 76 49.21 -33.76 19.48
N LEU B 77 49.73 -33.79 18.26
CA LEU B 77 51.08 -33.31 17.99
C LEU B 77 51.06 -31.91 17.36
N THR B 78 51.70 -30.97 18.05
CA THR B 78 51.59 -29.56 17.71
C THR B 78 52.97 -28.90 17.53
N GLN B 79 53.13 -28.07 16.50
CA GLN B 79 54.37 -27.32 16.29
C GLN B 79 54.32 -25.97 16.97
N ILE B 80 55.45 -25.27 16.96
CA ILE B 80 55.54 -23.97 17.61
C ILE B 80 55.50 -22.78 16.64
N PRO B 81 56.05 -22.93 15.42
CA PRO B 81 55.71 -21.88 14.45
C PRO B 81 54.20 -21.81 14.27
N GLN B 82 53.60 -20.71 14.73
CA GLN B 82 52.20 -20.43 14.41
C GLN B 82 52.02 -20.74 12.95
N SER B 83 51.19 -21.73 12.70
CA SER B 83 50.99 -22.16 11.33
C SER B 83 49.87 -21.30 10.78
N GLN B 84 50.13 -20.62 9.68
CA GLN B 84 49.12 -19.73 9.08
C GLN B 84 47.82 -20.50 8.84
N LYS B 85 47.88 -21.48 7.93
CA LYS B 85 46.77 -22.39 7.68
C LYS B 85 47.36 -23.78 7.57
N THR B 86 48.15 -24.15 8.59
CA THR B 86 49.08 -25.29 8.59
C THR B 86 50.27 -25.07 7.67
N GLU B 87 50.31 -23.90 7.03
CA GLU B 87 51.35 -23.61 6.05
C GLU B 87 52.42 -22.66 6.57
N ILE B 88 53.67 -23.02 6.28
CA ILE B 88 54.83 -22.21 6.61
C ILE B 88 55.50 -21.78 5.32
N SER B 89 54.97 -20.71 4.72
CA SER B 89 55.47 -20.24 3.44
C SER B 89 56.28 -18.95 3.57
N PHE B 90 57.46 -18.94 2.98
CA PHE B 90 58.34 -17.78 3.03
C PHE B 90 59.39 -17.76 1.92
N ARG B 91 60.02 -16.60 1.75
CA ARG B 91 61.06 -16.42 0.74
C ARG B 91 62.40 -16.45 1.46
N PRO B 92 63.04 -17.64 1.52
CA PRO B 92 64.24 -17.92 2.31
C PRO B 92 65.29 -16.82 2.27
N ASN B 93 65.51 -16.24 1.10
CA ASN B 93 66.49 -15.19 0.92
C ASN B 93 66.15 -13.90 1.70
N ASP B 94 64.86 -13.57 1.76
CA ASP B 94 64.38 -12.34 2.40
C ASP B 94 63.97 -12.55 3.86
N PRO B 95 64.53 -11.74 4.77
CA PRO B 95 64.34 -11.84 6.23
C PRO B 95 62.91 -11.52 6.67
N GLN B 96 62.26 -10.63 5.92
CA GLN B 96 60.94 -10.17 6.30
C GLN B 96 59.89 -11.27 6.18
N SER B 97 60.03 -12.10 5.16
CA SER B 97 59.01 -13.09 4.82
C SER B 97 58.77 -14.18 5.87
N TYR B 98 59.67 -14.27 6.86
CA TYR B 98 59.52 -15.26 7.92
C TYR B 98 59.61 -14.67 9.31
N GLU B 99 59.88 -13.37 9.40
CA GLU B 99 60.07 -12.70 10.67
C GLU B 99 58.91 -12.96 11.63
N SER B 100 57.73 -13.25 11.07
CA SER B 100 56.57 -13.64 11.84
C SER B 100 56.75 -15.03 12.47
N TYR B 101 57.15 -15.99 11.64
CA TYR B 101 57.39 -17.36 12.12
C TYR B 101 58.47 -17.38 13.20
N VAL B 102 59.42 -16.47 13.09
CA VAL B 102 60.51 -16.38 14.05
C VAL B 102 60.04 -15.87 15.41
N VAL B 103 59.32 -14.76 15.43
CA VAL B 103 58.91 -14.16 16.70
C VAL B 103 58.04 -15.10 17.52
N SER B 104 57.19 -15.87 16.84
CA SER B 104 56.34 -16.84 17.54
C SER B 104 57.18 -17.97 18.13
N ILE B 105 58.06 -18.53 17.32
CA ILE B 105 58.88 -19.64 17.75
C ILE B 105 59.91 -19.18 18.78
N VAL B 106 60.32 -17.91 18.70
CA VAL B 106 61.29 -17.37 19.65
C VAL B 106 60.63 -17.07 21.00
N ARG B 107 59.43 -16.50 20.96
CA ARG B 107 58.68 -16.19 22.17
C ARG B 107 58.46 -17.42 23.06
N PHE B 108 58.06 -18.52 22.42
CA PHE B 108 57.78 -19.75 23.14
C PHE B 108 59.02 -20.36 23.80
N LEU B 109 60.13 -20.39 23.07
CA LEU B 109 61.39 -20.96 23.56
C LEU B 109 62.03 -20.14 24.68
N GLU B 110 61.48 -18.97 24.97
CA GLU B 110 62.00 -18.14 26.06
C GLU B 110 61.55 -18.63 27.43
N LYS B 111 60.70 -19.65 27.44
CA LYS B 111 60.28 -20.29 28.67
C LYS B 111 61.28 -21.39 29.01
N TYR B 112 62.16 -21.66 28.07
CA TYR B 112 63.09 -22.78 28.16
C TYR B 112 64.57 -22.36 28.26
N LYS B 113 64.81 -21.05 28.30
CA LYS B 113 66.17 -20.52 28.43
C LYS B 113 66.87 -21.09 29.66
N ASP B 114 68.19 -20.97 29.71
CA ASP B 114 68.93 -21.44 30.87
C ASP B 114 68.81 -20.49 32.05
N LEU B 115 68.54 -19.21 31.74
CA LEU B 115 68.38 -18.18 32.77
C LEU B 115 67.01 -18.28 33.44
N ALA B 116 66.11 -19.05 32.85
CA ALA B 116 64.75 -19.18 33.38
C ALA B 116 64.64 -20.38 34.32
N GLN B 117 65.55 -21.33 34.17
CA GLN B 117 65.55 -22.53 35.00
C GLN B 117 66.63 -22.43 36.07
N LYS B 118 66.61 -21.32 36.80
CA LYS B 118 67.62 -21.03 37.81
C LYS B 118 67.53 -21.93 39.04
N ASP B 119 66.50 -21.70 39.85
CA ASP B 119 66.40 -22.27 41.19
C ASP B 119 66.21 -23.79 41.21
N ASP B 120 66.89 -24.44 42.16
CA ASP B 120 66.91 -25.91 42.26
C ASP B 120 65.71 -26.48 43.03
N MET B 121 64.98 -25.61 43.73
CA MET B 121 63.77 -26.02 44.43
C MET B 121 62.62 -26.30 43.44
N ILE B 122 62.39 -25.38 42.53
CA ILE B 122 61.35 -25.54 41.52
C ILE B 122 61.82 -26.48 40.40
N PHE B 123 63.07 -26.33 39.99
CA PHE B 123 63.62 -27.10 38.88
C PHE B 123 64.60 -28.20 39.30
N GLU B 124 64.30 -29.43 38.88
CA GLU B 124 65.09 -30.59 39.19
C GLU B 124 65.84 -31.01 37.94
N ASP B 125 66.98 -31.68 38.10
CA ASP B 125 67.73 -32.17 36.94
C ASP B 125 67.42 -33.63 36.61
N CYS B 126 66.69 -33.83 35.52
CA CYS B 126 66.48 -35.16 34.98
C CYS B 126 67.66 -35.44 34.05
N GLY B 127 68.13 -36.69 34.08
CA GLY B 127 69.34 -37.09 33.38
C GLY B 127 69.44 -36.70 31.91
N ASN B 128 70.67 -36.63 31.42
CA ASN B 128 70.96 -36.26 30.03
C ASN B 128 70.70 -37.40 29.04
N VAL B 129 69.94 -38.40 29.50
CA VAL B 129 69.45 -39.48 28.68
C VAL B 129 68.04 -39.81 29.16
N PRO B 130 67.13 -40.10 28.22
CA PRO B 130 65.70 -40.33 28.52
C PRO B 130 65.44 -41.50 29.48
N SER B 131 64.77 -41.22 30.60
CA SER B 131 64.55 -42.23 31.63
C SER B 131 63.09 -42.69 31.70
N GLU B 132 62.76 -43.42 32.77
CA GLU B 132 61.40 -43.87 33.01
C GLU B 132 60.61 -42.87 33.87
N LEU B 133 59.30 -42.82 33.63
CA LEU B 133 58.37 -41.89 34.27
C LEU B 133 58.71 -41.51 35.72
N LYS B 134 59.23 -40.30 35.91
CA LYS B 134 59.47 -39.78 37.25
C LYS B 134 58.13 -39.44 37.91
N GLU B 135 57.59 -40.40 38.66
CA GLU B 135 56.29 -40.23 39.30
C GLU B 135 56.39 -39.45 40.60
N ARG B 136 56.07 -38.16 40.53
CA ARG B 136 56.20 -37.25 41.67
C ARG B 136 55.42 -37.71 42.91
N GLY B 137 54.33 -38.44 42.68
CA GLY B 137 53.51 -38.91 43.79
C GLY B 137 52.03 -38.94 43.45
N GLU B 138 51.22 -38.47 44.39
CA GLU B 138 49.76 -38.51 44.26
C GLU B 138 49.18 -37.12 44.02
N TYR B 139 48.32 -37.00 43.01
CA TYR B 139 47.79 -35.71 42.53
C TYR B 139 47.04 -34.90 43.58
N ASN B 140 47.77 -34.48 44.61
CA ASN B 140 47.20 -33.69 45.71
C ASN B 140 48.10 -32.54 46.17
N ASN B 141 47.72 -31.96 47.30
CA ASN B 141 48.50 -30.91 47.92
C ASN B 141 49.37 -31.50 49.03
N GLU B 142 49.41 -32.83 49.10
CA GLU B 142 50.22 -33.56 50.07
C GLU B 142 51.66 -33.09 50.01
N ARG B 143 52.39 -33.55 48.99
CA ARG B 143 53.66 -32.94 48.63
C ARG B 143 53.34 -31.64 47.89
N GLY B 144 54.09 -30.59 48.19
CA GLY B 144 53.82 -29.29 47.63
C GLY B 144 54.09 -29.18 46.13
N GLU B 145 54.52 -28.00 45.69
CA GLU B 145 54.81 -27.80 44.28
C GLU B 145 55.89 -28.77 43.82
N ARG B 146 55.46 -29.81 43.11
CA ARG B 146 56.35 -30.87 42.63
C ARG B 146 57.52 -30.31 41.81
N LYS B 147 58.56 -31.11 41.65
CA LYS B 147 59.74 -30.66 40.92
C LYS B 147 59.53 -30.68 39.40
N VAL B 148 60.13 -29.72 38.73
CA VAL B 148 59.98 -29.59 37.27
C VAL B 148 61.16 -30.20 36.54
N CYS B 149 60.90 -31.21 35.73
CA CYS B 149 61.94 -31.82 34.91
C CYS B 149 62.45 -30.82 33.89
N ARG B 150 63.68 -30.33 34.11
CA ARG B 150 64.29 -29.31 33.26
C ARG B 150 64.50 -29.76 31.82
N PHE B 151 64.66 -28.81 30.92
CA PHE B 151 64.92 -29.10 29.51
C PHE B 151 65.76 -27.99 28.88
N ARG B 152 66.95 -28.37 28.42
CA ARG B 152 67.90 -27.39 27.93
C ARG B 152 67.69 -27.09 26.45
N LEU B 153 67.94 -25.83 26.08
CA LEU B 153 67.84 -25.39 24.69
C LEU B 153 68.78 -26.19 23.79
N GLU B 154 69.87 -26.68 24.37
CA GLU B 154 70.91 -27.38 23.61
C GLU B 154 70.45 -28.72 23.03
N TRP B 155 69.52 -29.39 23.71
CA TRP B 155 69.03 -30.70 23.25
C TRP B 155 68.40 -30.60 21.87
N LEU B 156 67.58 -29.58 21.68
CA LEU B 156 67.06 -29.25 20.35
C LEU B 156 68.24 -28.86 19.48
N GLY B 157 68.80 -29.84 18.77
CA GLY B 157 70.02 -29.60 18.02
C GLY B 157 69.83 -28.61 16.88
N ASN B 158 70.69 -27.59 16.83
CA ASN B 158 70.74 -26.65 15.70
C ASN B 158 69.62 -25.63 15.64
N CYS B 159 68.70 -25.68 16.60
CA CYS B 159 67.60 -24.73 16.61
C CYS B 159 67.56 -23.99 17.94
N SER B 160 68.71 -23.58 18.43
CA SER B 160 68.79 -22.91 19.72
C SER B 160 69.56 -21.62 19.61
N GLY B 161 70.84 -21.73 19.22
CA GLY B 161 71.71 -20.57 19.05
C GLY B 161 71.91 -19.76 20.31
N LEU B 162 72.55 -18.61 20.17
CA LEU B 162 72.78 -17.68 21.28
C LEU B 162 73.18 -16.31 20.73
N ASN B 163 72.20 -15.57 20.24
CA ASN B 163 72.44 -14.25 19.68
C ASN B 163 72.36 -13.13 20.73
N ASP B 164 71.82 -11.99 20.34
CA ASP B 164 71.73 -10.84 21.24
C ASP B 164 70.31 -10.66 21.75
N GLU B 165 69.49 -9.96 20.98
CA GLU B 165 68.10 -9.73 21.33
C GLU B 165 67.23 -10.90 20.88
N THR B 166 66.98 -10.98 19.58
CA THR B 166 66.17 -12.05 19.00
C THR B 166 67.02 -13.20 18.46
N TYR B 167 66.59 -14.43 18.75
CA TYR B 167 67.28 -15.65 18.31
C TYR B 167 67.51 -15.66 16.79
N GLY B 168 68.73 -15.95 16.37
CA GLY B 168 69.04 -16.06 14.95
C GLY B 168 68.58 -17.41 14.40
N TYR B 169 67.38 -17.43 13.82
CA TYR B 169 66.78 -18.69 13.36
C TYR B 169 66.94 -18.98 11.88
N LYS B 170 66.39 -20.12 11.46
CA LYS B 170 66.74 -20.73 10.18
C LYS B 170 66.02 -20.07 9.01
N ASP B 171 66.78 -19.42 8.15
CA ASP B 171 66.23 -18.73 6.96
C ASP B 171 66.32 -19.58 5.70
N GLY B 172 67.52 -20.03 5.34
CA GLY B 172 67.66 -21.05 4.32
C GLY B 172 67.38 -22.38 4.98
N LYS B 173 66.27 -23.04 4.61
CA LYS B 173 65.90 -24.38 5.15
C LYS B 173 65.48 -24.45 6.63
N PRO B 174 64.17 -24.23 6.90
CA PRO B 174 63.59 -23.84 8.20
C PRO B 174 63.69 -24.89 9.30
N CYS B 175 63.37 -24.46 10.51
CA CYS B 175 63.32 -25.30 11.70
C CYS B 175 61.88 -25.42 12.24
N VAL B 176 61.26 -26.57 12.05
CA VAL B 176 59.98 -26.85 12.69
C VAL B 176 60.23 -27.53 14.02
N ILE B 177 59.50 -27.12 15.05
CA ILE B 177 59.72 -27.70 16.38
C ILE B 177 58.45 -28.35 16.91
N ILE B 178 58.52 -29.66 17.08
CA ILE B 178 57.38 -30.50 17.46
C ILE B 178 57.21 -30.59 18.99
N LYS B 179 55.95 -30.72 19.45
CA LYS B 179 55.62 -30.72 20.87
C LYS B 179 54.43 -31.65 21.15
N LEU B 180 54.35 -32.18 22.37
CA LEU B 180 53.26 -33.07 22.75
C LEU B 180 52.25 -32.34 23.66
N ASN B 181 50.97 -32.72 23.55
CA ASN B 181 49.91 -32.07 24.34
C ASN B 181 49.77 -32.52 25.79
N ARG B 182 49.91 -31.55 26.70
CA ARG B 182 49.89 -31.80 28.15
C ARG B 182 48.56 -32.39 28.62
N VAL B 183 48.55 -33.69 28.88
CA VAL B 183 47.41 -34.35 29.48
C VAL B 183 47.73 -34.67 30.93
N LEU B 184 46.98 -34.08 31.85
CA LEU B 184 47.25 -34.23 33.28
C LEU B 184 47.21 -35.71 33.71
N GLY B 185 48.35 -36.22 34.15
CA GLY B 185 48.46 -37.58 34.64
C GLY B 185 48.73 -38.60 33.54
N PHE B 186 49.33 -38.15 32.45
CA PHE B 186 49.56 -39.03 31.30
C PHE B 186 50.97 -39.63 31.26
N LYS B 187 51.03 -40.90 30.85
CA LYS B 187 52.30 -41.61 30.74
C LYS B 187 52.43 -42.29 29.36
N PRO B 188 53.18 -41.67 28.44
CA PRO B 188 53.40 -42.15 27.08
C PRO B 188 53.97 -43.58 27.04
N LYS B 189 53.49 -44.40 26.11
CA LYS B 189 54.00 -45.76 25.93
C LYS B 189 54.55 -46.01 24.53
N PRO B 190 55.89 -46.15 24.40
CA PRO B 190 56.61 -46.38 23.16
C PRO B 190 56.37 -47.77 22.57
N PRO B 191 56.27 -47.85 21.23
CA PRO B 191 55.88 -49.06 20.51
C PRO B 191 56.89 -50.20 20.66
N LYS B 192 56.36 -51.42 20.67
CA LYS B 192 57.17 -52.64 20.58
C LYS B 192 57.07 -53.18 19.15
N ASN B 193 57.59 -54.39 18.97
CA ASN B 193 57.78 -55.01 17.66
C ASN B 193 56.53 -55.45 16.91
N GLU B 194 55.37 -55.50 17.58
CA GLU B 194 54.13 -55.94 16.91
C GLU B 194 53.56 -54.87 15.98
N SER B 195 52.90 -53.88 16.59
CA SER B 195 52.38 -52.73 15.85
C SER B 195 53.50 -51.74 15.56
N LEU B 196 54.32 -52.08 14.57
CA LEU B 196 55.46 -51.27 14.14
C LEU B 196 55.02 -50.05 13.34
N GLU B 197 56.02 -49.34 12.83
CA GLU B 197 55.81 -48.02 12.24
C GLU B 197 56.01 -48.03 10.73
N THR B 198 55.78 -46.85 10.13
CA THR B 198 55.98 -46.63 8.71
C THR B 198 57.48 -46.57 8.40
N TYR B 199 58.29 -46.61 9.46
CA TYR B 199 59.75 -46.52 9.33
C TYR B 199 60.41 -47.50 10.31
N PRO B 200 61.70 -47.83 10.08
CA PRO B 200 62.41 -48.73 11.00
C PRO B 200 62.54 -48.16 12.41
N VAL B 201 62.12 -48.93 13.42
CA VAL B 201 62.11 -48.48 14.82
C VAL B 201 63.48 -47.98 15.28
N MET B 202 63.69 -46.68 15.15
CA MET B 202 64.89 -46.04 15.68
C MET B 202 65.00 -46.38 17.17
N LYS B 203 66.23 -46.58 17.63
CA LYS B 203 66.49 -47.14 18.97
C LYS B 203 65.75 -46.44 20.11
N TYR B 204 65.83 -47.07 21.29
CA TYR B 204 65.25 -46.58 22.55
C TYR B 204 63.80 -47.01 22.77
N ASN B 205 63.53 -48.28 22.48
CA ASN B 205 62.28 -48.91 22.88
C ASN B 205 61.88 -48.64 24.34
N PRO B 206 62.86 -48.64 25.27
CA PRO B 206 62.47 -48.36 26.66
C PRO B 206 61.81 -46.99 26.89
N TYR B 207 62.58 -45.91 26.75
CA TYR B 207 62.17 -44.61 27.31
C TYR B 207 62.03 -43.44 26.33
N VAL B 208 61.79 -43.71 25.06
CA VAL B 208 61.58 -42.62 24.11
C VAL B 208 60.31 -42.82 23.27
N LEU B 209 59.51 -41.77 23.17
CA LEU B 209 58.29 -41.83 22.36
C LEU B 209 58.54 -41.24 20.97
N PRO B 210 58.68 -42.09 19.96
CA PRO B 210 59.11 -41.76 18.59
C PRO B 210 58.25 -40.73 17.85
N VAL B 211 58.91 -39.87 17.07
CA VAL B 211 58.23 -38.94 16.16
C VAL B 211 58.95 -38.96 14.83
N HIS B 212 58.21 -39.29 13.76
CA HIS B 212 58.81 -39.38 12.44
C HIS B 212 58.06 -38.52 11.42
N CYS B 213 58.80 -37.70 10.69
CA CYS B 213 58.21 -36.78 9.71
C CYS B 213 58.49 -37.18 8.26
N THR B 214 57.51 -37.81 7.63
CA THR B 214 57.62 -38.23 6.24
C THR B 214 56.96 -37.22 5.31
N GLY B 215 56.65 -37.65 4.09
CA GLY B 215 55.99 -36.81 3.11
C GLY B 215 54.47 -36.90 3.21
N LYS B 216 53.76 -36.45 2.18
CA LYS B 216 52.29 -36.43 2.21
C LYS B 216 51.70 -37.83 2.16
N ARG B 217 51.17 -38.26 3.30
CA ARG B 217 50.74 -39.64 3.50
C ARG B 217 51.90 -40.60 3.16
N ASP B 218 51.53 -41.83 2.82
CA ASP B 218 52.49 -42.92 2.67
C ASP B 218 52.48 -43.46 1.25
N GLU B 219 51.36 -43.28 0.55
CA GLU B 219 51.21 -43.79 -0.82
C GLU B 219 51.92 -42.90 -1.83
N ASP B 220 51.52 -43.01 -3.11
CA ASP B 220 52.17 -42.26 -4.18
C ASP B 220 52.16 -40.75 -3.91
N LYS B 221 53.31 -40.23 -3.50
CA LYS B 221 53.42 -38.83 -3.12
C LYS B 221 54.74 -38.23 -3.58
N GLU B 222 54.73 -36.94 -3.88
CA GLU B 222 55.96 -36.27 -4.29
C GLU B 222 56.86 -36.07 -3.08
N LYS B 223 57.66 -37.09 -2.79
CA LYS B 223 58.58 -37.07 -1.67
C LYS B 223 59.83 -36.28 -2.01
N VAL B 224 59.90 -35.03 -1.55
CA VAL B 224 61.06 -34.19 -1.81
C VAL B 224 61.48 -33.37 -0.58
N GLY B 225 62.26 -33.98 0.31
CA GLY B 225 62.76 -33.29 1.49
C GLY B 225 63.85 -34.07 2.20
N THR B 226 64.64 -33.38 3.02
CA THR B 226 65.71 -34.03 3.78
C THR B 226 65.49 -33.86 5.29
N MET B 227 64.90 -34.88 5.89
CA MET B 227 64.57 -34.83 7.31
C MET B 227 65.83 -34.90 8.18
N GLU B 228 65.75 -34.31 9.37
CA GLU B 228 66.85 -34.34 10.34
C GLU B 228 66.34 -34.04 11.75
N TYR B 229 66.00 -35.10 12.48
CA TYR B 229 65.39 -34.99 13.80
C TYR B 229 66.45 -34.61 14.86
N PHE B 230 66.14 -33.58 15.64
CA PHE B 230 67.04 -33.13 16.71
C PHE B 230 66.38 -33.22 18.09
N GLY B 231 67.04 -33.89 19.04
CA GLY B 231 66.47 -34.06 20.37
C GLY B 231 67.42 -34.46 21.49
N LEU B 232 66.87 -34.63 22.67
CA LEU B 232 67.64 -35.03 23.85
C LEU B 232 68.07 -36.48 23.69
N GLY B 233 69.36 -36.73 23.90
CA GLY B 233 69.93 -38.05 23.71
C GLY B 233 70.18 -38.31 22.23
N GLY B 234 69.77 -37.36 21.40
CA GLY B 234 69.87 -37.51 19.96
C GLY B 234 68.82 -38.46 19.41
N TYR B 235 67.73 -38.62 20.17
CA TYR B 235 66.66 -39.54 19.78
C TYR B 235 65.41 -38.81 19.27
N PRO B 236 64.78 -39.39 18.24
CA PRO B 236 63.69 -38.78 17.47
C PRO B 236 62.35 -38.91 18.17
N GLY B 237 62.23 -38.32 19.35
CA GLY B 237 60.97 -38.39 20.06
C GLY B 237 60.98 -37.80 21.46
N PHE B 238 60.23 -38.43 22.36
CA PHE B 238 59.99 -37.84 23.67
C PHE B 238 60.53 -38.63 24.85
N PRO B 239 61.30 -37.94 25.72
CA PRO B 239 61.88 -38.45 26.96
C PRO B 239 60.83 -38.70 28.03
N LEU B 240 60.57 -39.97 28.34
CA LEU B 240 59.48 -40.38 29.23
C LEU B 240 59.63 -39.92 30.68
N GLN B 241 60.79 -39.38 31.02
CA GLN B 241 61.06 -38.98 32.40
C GLN B 241 60.34 -37.70 32.81
N TYR B 242 59.75 -37.00 31.85
CA TYR B 242 59.08 -35.74 32.12
C TYR B 242 57.64 -35.94 32.57
N TYR B 243 57.08 -37.10 32.25
CA TYR B 243 55.70 -37.44 32.59
C TYR B 243 55.66 -38.24 33.90
N PRO B 244 54.52 -38.25 34.58
CA PRO B 244 53.24 -37.61 34.27
C PRO B 244 53.26 -36.10 34.50
N TYR B 245 52.22 -35.41 34.00
CA TYR B 245 52.03 -33.99 34.25
C TYR B 245 50.99 -33.82 35.37
N TYR B 246 51.27 -32.90 36.29
CA TYR B 246 50.49 -32.79 37.53
C TYR B 246 49.65 -31.51 37.64
N GLY B 247 49.46 -30.82 36.53
CA GLY B 247 48.57 -29.67 36.49
C GLY B 247 49.20 -28.32 36.78
N LYS B 248 48.46 -27.26 36.51
CA LYS B 248 48.92 -25.90 36.72
C LYS B 248 48.93 -25.56 38.20
N LEU B 249 48.16 -26.31 38.98
CA LEU B 249 48.08 -26.11 40.42
C LEU B 249 49.33 -26.67 41.10
N LEU B 250 49.85 -27.76 40.56
CA LEU B 250 50.95 -28.47 41.19
C LEU B 250 52.29 -28.30 40.49
N GLN B 251 52.27 -27.90 39.22
CA GLN B 251 53.51 -27.68 38.47
C GLN B 251 53.43 -26.39 37.63
N PRO B 252 53.41 -25.24 38.30
CA PRO B 252 53.16 -23.93 37.67
C PRO B 252 54.11 -23.59 36.52
N LYS B 253 55.36 -24.04 36.60
CA LYS B 253 56.36 -23.70 35.58
C LYS B 253 56.86 -24.90 34.80
N TYR B 254 56.06 -25.96 34.79
CA TYR B 254 56.39 -27.19 34.07
C TYR B 254 56.76 -26.93 32.61
N LEU B 255 57.99 -27.30 32.24
CA LEU B 255 58.44 -27.21 30.86
C LEU B 255 58.37 -28.60 30.22
N GLN B 256 57.57 -28.72 29.15
CA GLN B 256 57.33 -30.02 28.52
C GLN B 256 58.46 -30.41 27.54
N PRO B 257 58.57 -31.70 27.23
CA PRO B 257 59.62 -32.15 26.31
C PRO B 257 59.42 -31.56 24.93
N LEU B 258 60.47 -30.96 24.38
CA LEU B 258 60.43 -30.44 23.03
C LEU B 258 61.25 -31.34 22.12
N MET B 259 61.12 -31.13 20.82
CA MET B 259 61.80 -31.97 19.83
C MET B 259 61.67 -31.36 18.45
N ALA B 260 62.76 -30.82 17.92
CA ALA B 260 62.72 -30.07 16.67
C ALA B 260 62.94 -30.94 15.44
N VAL B 261 62.64 -30.38 14.27
CA VAL B 261 62.93 -31.03 12.98
C VAL B 261 63.38 -29.99 11.97
N GLN B 262 64.67 -29.69 11.96
CA GLN B 262 65.20 -28.78 10.95
C GLN B 262 65.06 -29.44 9.58
N PHE B 263 64.22 -28.85 8.73
CA PHE B 263 63.98 -29.41 7.40
C PHE B 263 64.89 -28.77 6.37
N THR B 264 65.93 -29.51 5.99
CA THR B 264 66.96 -29.01 5.08
C THR B 264 66.92 -29.70 3.70
N ASN B 265 65.78 -29.55 3.03
CA ASN B 265 65.48 -30.23 1.77
C ASN B 265 66.46 -29.99 0.61
N LEU B 266 66.12 -30.56 -0.54
CA LEU B 266 66.85 -30.33 -1.79
C LEU B 266 65.92 -29.81 -2.88
N THR B 267 64.91 -29.04 -2.49
CA THR B 267 63.91 -28.51 -3.45
C THR B 267 63.25 -27.17 -3.05
N MET B 268 63.87 -26.06 -3.46
CA MET B 268 63.29 -24.76 -3.21
C MET B 268 62.18 -24.45 -4.22
N ASP B 269 61.57 -23.28 -4.08
CA ASP B 269 60.55 -22.77 -5.00
C ASP B 269 59.35 -23.68 -5.26
N THR B 270 58.90 -24.38 -4.23
CA THR B 270 57.69 -25.20 -4.32
C THR B 270 57.13 -25.55 -2.95
N GLU B 271 55.85 -25.89 -2.89
CA GLU B 271 55.19 -26.23 -1.63
C GLU B 271 55.04 -27.75 -1.47
N ILE B 272 55.47 -28.27 -0.33
CA ILE B 272 55.43 -29.71 -0.08
C ILE B 272 54.79 -30.06 1.25
N ARG B 273 53.86 -31.01 1.22
CA ARG B 273 53.15 -31.46 2.41
C ARG B 273 53.95 -32.53 3.15
N ILE B 274 54.12 -32.34 4.45
CA ILE B 274 54.86 -33.31 5.26
C ILE B 274 54.08 -33.71 6.52
N GLU B 275 53.86 -35.02 6.69
CA GLU B 275 53.11 -35.52 7.83
C GLU B 275 53.99 -36.13 8.92
N CYS B 276 53.98 -35.50 10.09
CA CYS B 276 54.66 -36.05 11.25
C CYS B 276 53.71 -37.00 11.98
N LYS B 277 54.28 -37.94 12.73
CA LYS B 277 53.47 -38.91 13.45
C LYS B 277 54.20 -39.42 14.68
N ALA B 278 53.58 -39.24 15.85
CA ALA B 278 54.08 -39.82 17.07
C ALA B 278 53.45 -41.20 17.26
N TYR B 279 54.27 -42.24 17.21
CA TYR B 279 53.79 -43.61 17.27
C TYR B 279 53.77 -44.13 18.71
N GLY B 280 52.90 -45.10 18.99
CA GLY B 280 52.85 -45.70 20.31
C GLY B 280 51.54 -46.36 20.68
N GLU B 281 51.50 -46.86 21.91
CA GLU B 281 50.33 -47.55 22.45
C GLU B 281 49.37 -46.54 23.07
N ASN B 282 49.94 -45.50 23.69
CA ASN B 282 49.15 -44.45 24.30
C ASN B 282 48.82 -43.30 23.34
N ILE B 283 49.13 -43.49 22.07
CA ILE B 283 48.88 -42.46 21.07
C ILE B 283 47.90 -42.97 20.03
N GLY B 284 46.85 -42.19 19.80
CA GLY B 284 45.85 -42.51 18.80
C GLY B 284 45.80 -41.47 17.70
N TYR B 285 45.07 -41.78 16.63
CA TYR B 285 44.88 -40.85 15.54
C TYR B 285 43.41 -40.78 15.15
N SER B 286 43.07 -39.76 14.36
CA SER B 286 41.69 -39.58 13.90
C SER B 286 41.67 -39.03 12.48
N GLU B 287 40.73 -39.52 11.68
CA GLU B 287 40.60 -39.08 10.28
C GLU B 287 39.95 -37.70 10.17
N LYS B 288 39.38 -37.23 11.28
CA LYS B 288 38.77 -35.90 11.32
C LYS B 288 39.68 -34.87 11.97
N ASP B 289 40.16 -35.18 13.18
CA ASP B 289 41.15 -34.34 13.82
C ASP B 289 42.49 -34.57 13.15
N ARG B 290 42.89 -33.64 12.28
CA ARG B 290 44.16 -33.73 11.56
C ARG B 290 45.34 -33.43 12.48
N PHE B 291 45.08 -33.33 13.78
CA PHE B 291 46.10 -32.95 14.74
C PHE B 291 46.23 -33.97 15.86
N GLN B 292 45.33 -34.96 15.91
CA GLN B 292 45.35 -35.96 16.99
C GLN B 292 46.46 -37.01 16.79
N GLY B 293 47.52 -36.90 17.58
CA GLY B 293 48.63 -37.85 17.49
C GLY B 293 49.45 -37.68 16.23
N ARG B 294 49.03 -36.79 15.34
CA ARG B 294 49.76 -36.59 14.08
C ARG B 294 49.91 -35.11 13.70
N PHE B 295 50.05 -34.85 12.41
CA PHE B 295 50.50 -33.54 11.96
C PHE B 295 50.43 -33.41 10.45
N ASP B 296 49.94 -32.28 9.96
CA ASP B 296 49.93 -32.01 8.53
C ASP B 296 50.37 -30.58 8.23
N VAL B 297 51.68 -30.36 8.22
CA VAL B 297 52.24 -29.06 7.90
C VAL B 297 52.70 -29.01 6.44
N LYS B 298 52.28 -27.98 5.70
CA LYS B 298 52.76 -27.81 4.33
C LYS B 298 53.59 -26.54 4.16
N ILE B 299 54.87 -26.72 3.83
CA ILE B 299 55.85 -25.63 3.81
C ILE B 299 56.39 -25.33 2.40
N GLU B 300 56.68 -24.06 2.15
CA GLU B 300 57.14 -23.63 0.83
C GLU B 300 58.35 -22.70 0.93
N VAL B 301 59.51 -23.19 0.50
CA VAL B 301 60.74 -22.40 0.50
C VAL B 301 60.96 -21.71 -0.85
N LYS B 302 59.94 -21.00 -1.30
CA LYS B 302 59.99 -20.30 -2.59
C LYS B 302 60.84 -19.04 -2.48
N SER B 303 62.07 -19.10 -2.96
CA SER B 303 62.99 -17.98 -2.83
C SER B 303 62.99 -17.12 -4.10
N ASP C 15 37.44 -53.20 27.27
CA ASP C 15 36.75 -52.99 28.54
C ASP C 15 37.36 -51.83 29.31
N VAL C 16 37.82 -52.11 30.54
CA VAL C 16 38.56 -51.14 31.34
C VAL C 16 39.97 -51.08 30.74
N ASP C 17 40.78 -50.13 31.21
CA ASP C 17 42.18 -49.83 30.82
C ASP C 17 42.36 -48.32 30.99
N PRO C 18 43.62 -47.83 31.15
CA PRO C 18 43.96 -46.46 31.56
C PRO C 18 42.82 -45.51 31.93
N PHE C 19 42.43 -44.62 31.02
CA PHE C 19 41.32 -43.70 31.30
C PHE C 19 40.49 -43.32 30.07
N TYR C 20 39.19 -43.48 30.21
CA TYR C 20 38.23 -43.14 29.16
C TYR C 20 36.82 -43.30 29.75
N TYR C 21 35.79 -43.11 28.93
CA TYR C 21 34.41 -43.28 29.39
C TYR C 21 33.61 -44.23 28.50
N ASP C 22 33.03 -45.26 29.11
CA ASP C 22 32.24 -46.24 28.38
C ASP C 22 30.95 -45.63 27.83
N TYR C 23 30.98 -45.26 26.56
CA TYR C 23 29.83 -44.64 25.93
C TYR C 23 28.90 -45.69 25.36
N GLU C 24 29.37 -46.93 25.30
CA GLU C 24 28.56 -48.02 24.78
C GLU C 24 27.27 -48.23 25.59
N THR C 25 27.40 -48.30 26.91
CA THR C 25 26.26 -48.54 27.79
C THR C 25 25.41 -47.28 28.00
N VAL C 26 26.05 -46.12 28.10
CA VAL C 26 25.34 -44.85 28.22
C VAL C 26 24.46 -44.60 26.96
N ARG C 27 24.92 -45.12 25.83
CA ARG C 27 24.19 -45.03 24.56
C ARG C 27 23.05 -46.04 24.47
N ASN C 28 23.33 -47.28 24.85
CA ASN C 28 22.31 -48.33 24.81
C ASN C 28 21.29 -48.11 25.91
N GLY C 29 21.73 -47.50 27.01
CA GLY C 29 20.84 -47.22 28.12
C GLY C 29 19.83 -46.16 27.78
N GLY C 30 20.28 -45.11 27.10
CA GLY C 30 19.41 -44.01 26.71
C GLY C 30 18.49 -44.34 25.56
N LEU C 31 18.88 -45.33 24.76
CA LEU C 31 18.05 -45.82 23.67
C LEU C 31 16.98 -46.76 24.19
N ILE C 32 17.28 -47.45 25.29
CA ILE C 32 16.26 -48.22 25.98
C ILE C 32 15.22 -47.24 26.52
N PHE C 33 15.70 -46.08 26.98
CA PHE C 33 14.81 -45.07 27.51
C PHE C 33 13.98 -44.40 26.42
N ALA C 34 14.62 -44.07 25.30
CA ALA C 34 13.91 -43.47 24.18
C ALA C 34 12.79 -44.39 23.73
N ALA C 35 13.02 -45.69 23.82
CA ALA C 35 12.01 -46.71 23.51
C ALA C 35 10.83 -46.67 24.48
N LEU C 36 11.13 -46.56 25.77
CA LEU C 36 10.08 -46.44 26.78
C LEU C 36 9.19 -45.21 26.57
N ALA C 37 9.82 -44.04 26.51
CA ALA C 37 9.09 -42.80 26.35
C ALA C 37 8.29 -42.81 25.05
N PHE C 38 8.90 -43.30 23.97
CA PHE C 38 8.21 -43.42 22.68
C PHE C 38 6.98 -44.32 22.78
N ILE C 39 7.19 -45.55 23.22
CA ILE C 39 6.10 -46.52 23.31
C ILE C 39 5.02 -46.11 24.30
N VAL C 40 5.41 -45.78 25.53
CA VAL C 40 4.45 -45.34 26.54
C VAL C 40 3.69 -44.10 26.06
N GLY C 41 4.39 -43.27 25.28
CA GLY C 41 3.78 -42.09 24.71
C GLY C 41 2.62 -42.42 23.78
N LEU C 42 2.80 -43.48 22.98
CA LEU C 42 1.75 -43.96 22.06
C LEU C 42 0.61 -44.66 22.83
N ILE C 43 1.00 -45.43 23.83
CA ILE C 43 0.08 -46.25 24.62
C ILE C 43 -0.93 -45.40 25.39
N ILE C 44 -0.50 -44.21 25.79
CA ILE C 44 -1.39 -43.23 26.39
C ILE C 44 -2.32 -42.60 25.34
N ILE C 45 -1.76 -42.29 24.18
CA ILE C 45 -2.52 -41.60 23.15
C ILE C 45 -3.45 -42.55 22.39
N LEU C 46 -3.40 -43.83 22.72
CA LEU C 46 -4.29 -44.84 22.11
C LEU C 46 -5.04 -45.66 23.18
N SER C 47 -5.08 -45.14 24.39
CA SER C 47 -5.68 -45.83 25.54
C SER C 47 -7.09 -46.32 25.22
N LYS C 48 -7.28 -47.63 25.22
CA LYS C 48 -8.58 -48.22 24.93
C LYS C 48 -9.48 -48.26 26.18
N ARG D 23 -18.29 -1.19 4.85
CA ARG D 23 -17.83 -0.53 6.06
C ARG D 23 -17.53 0.95 5.78
N ASP D 24 -18.03 1.82 6.64
CA ASP D 24 -17.84 3.26 6.50
C ASP D 24 -17.70 3.92 7.88
N MET D 25 -17.72 5.25 7.92
CA MET D 25 -17.59 5.98 9.18
C MET D 25 -18.88 6.73 9.54
N ASP D 26 -20.01 6.31 8.99
CA ASP D 26 -21.28 7.02 9.15
C ASP D 26 -21.71 7.19 10.62
N GLU D 27 -21.25 6.29 11.48
CA GLU D 27 -21.52 6.38 12.91
C GLU D 27 -20.78 7.56 13.52
N LEU D 28 -19.51 7.70 13.18
CA LEU D 28 -18.69 8.82 13.62
C LEU D 28 -19.12 10.12 12.93
N LYS D 29 -20.31 10.11 12.34
CA LYS D 29 -20.89 11.29 11.72
C LYS D 29 -22.20 11.60 12.40
N LYS D 30 -23.00 10.57 12.66
CA LYS D 30 -24.23 10.76 13.41
C LYS D 30 -23.93 11.01 14.88
N GLU D 31 -22.65 10.91 15.24
CA GLU D 31 -22.20 11.20 16.61
C GLU D 31 -22.60 12.61 17.03
N VAL D 32 -22.08 13.62 16.33
CA VAL D 32 -22.34 15.02 16.67
C VAL D 32 -23.58 15.49 15.92
N SER D 33 -24.72 14.93 16.31
CA SER D 33 -25.98 15.31 15.71
C SER D 33 -26.97 15.75 16.77
N MET D 34 -28.00 16.47 16.31
CA MET D 34 -29.06 16.99 17.16
C MET D 34 -29.95 17.85 16.28
N ASP D 35 -31.10 17.32 15.89
CA ASP D 35 -31.95 18.06 14.97
C ASP D 35 -33.42 18.24 15.43
N ASP D 36 -34.17 18.96 14.59
CA ASP D 36 -35.55 19.35 14.85
C ASP D 36 -36.41 18.95 13.65
N HIS D 37 -36.07 17.78 13.11
CA HIS D 37 -36.83 17.15 12.03
C HIS D 37 -38.05 16.49 12.66
N LYS D 38 -38.08 16.52 13.99
CA LYS D 38 -39.19 15.98 14.75
C LYS D 38 -40.16 17.07 15.24
N LEU D 39 -39.80 18.32 15.03
CA LEU D 39 -40.66 19.42 15.41
C LEU D 39 -41.88 19.58 14.50
N SER D 40 -43.01 19.96 15.09
CA SER D 40 -44.21 20.21 14.32
C SER D 40 -44.01 21.52 13.60
N LEU D 41 -44.87 21.81 12.63
CA LEU D 41 -44.78 23.07 11.87
C LEU D 41 -45.03 24.27 12.76
N ASP D 42 -45.95 24.14 13.70
CA ASP D 42 -46.20 25.21 14.65
C ASP D 42 -44.99 25.42 15.57
N GLU D 43 -44.50 24.31 16.13
CA GLU D 43 -43.32 24.32 16.99
C GLU D 43 -42.12 24.96 16.29
N LEU D 44 -41.99 24.65 15.01
CA LEU D 44 -40.87 25.09 14.20
C LEU D 44 -40.92 26.59 14.06
N HIS D 45 -42.13 27.11 13.84
CA HIS D 45 -42.34 28.54 13.66
C HIS D 45 -41.88 29.29 14.90
N ARG D 46 -42.39 28.87 16.05
CA ARG D 46 -42.12 29.59 17.26
C ARG D 46 -40.64 29.51 17.67
N LYS D 47 -39.91 28.51 17.19
CA LYS D 47 -38.47 28.41 17.49
C LYS D 47 -37.60 29.42 16.71
N TYR D 48 -37.66 29.37 15.38
CA TYR D 48 -36.86 30.29 14.55
C TYR D 48 -37.55 31.63 14.29
N GLY D 49 -38.85 31.69 14.58
CA GLY D 49 -39.62 32.91 14.49
C GLY D 49 -40.15 33.25 13.11
N THR D 50 -39.69 32.53 12.11
CA THR D 50 -39.97 32.93 10.74
C THR D 50 -41.38 32.54 10.33
N ASP D 51 -42.09 33.48 9.72
CA ASP D 51 -43.44 33.22 9.21
C ASP D 51 -43.40 32.11 8.18
N LEU D 52 -44.07 31.02 8.51
CA LEU D 52 -44.01 29.79 7.74
C LEU D 52 -44.29 29.99 6.25
N SER D 53 -45.04 31.03 5.91
CA SER D 53 -45.38 31.26 4.51
C SER D 53 -44.95 32.63 3.97
N ARG D 54 -44.43 33.50 4.84
CA ARG D 54 -43.97 34.80 4.39
C ARG D 54 -42.50 35.10 4.66
N GLY D 55 -41.83 34.17 5.34
CA GLY D 55 -40.41 34.30 5.65
C GLY D 55 -40.17 34.95 6.98
N LEU D 56 -39.15 35.79 7.06
CA LEU D 56 -38.97 36.63 8.23
C LEU D 56 -38.83 38.07 7.72
N THR D 57 -38.87 39.04 8.61
CA THR D 57 -38.66 40.44 8.21
C THR D 57 -37.21 40.63 7.74
N PRO D 58 -37.00 41.50 6.74
CA PRO D 58 -35.65 41.72 6.23
C PRO D 58 -34.80 42.45 7.26
N ALA D 59 -35.47 43.09 8.21
CA ALA D 59 -34.77 43.65 9.36
C ALA D 59 -34.17 42.55 10.24
N ARG D 60 -34.99 41.54 10.51
CA ARG D 60 -34.55 40.42 11.32
C ARG D 60 -33.44 39.58 10.68
N ALA D 61 -33.33 39.66 9.36
CA ALA D 61 -32.34 38.87 8.67
C ALA D 61 -31.03 39.50 8.96
N ALA D 62 -30.90 40.77 8.58
CA ALA D 62 -29.65 41.50 8.74
C ALA D 62 -29.19 41.59 10.21
N GLU D 63 -30.14 41.61 11.13
CA GLU D 63 -29.79 41.67 12.53
C GLU D 63 -29.15 40.34 12.92
N ILE D 64 -29.54 39.28 12.23
CA ILE D 64 -29.00 37.96 12.48
C ILE D 64 -27.67 37.83 11.76
N LEU D 65 -27.56 38.42 10.57
CA LEU D 65 -26.30 38.38 9.81
C LEU D 65 -25.22 39.08 10.61
N ALA D 66 -25.64 40.07 11.40
CA ALA D 66 -24.74 40.75 12.31
C ALA D 66 -24.35 39.81 13.44
N ARG D 67 -25.30 38.98 13.83
CA ARG D 67 -25.06 38.03 14.90
C ARG D 67 -24.14 36.88 14.51
N ASP D 68 -24.61 36.01 13.61
CA ASP D 68 -23.96 34.73 13.33
C ASP D 68 -22.74 34.75 12.37
N GLY D 69 -22.50 35.86 11.68
CA GLY D 69 -21.46 35.89 10.67
C GLY D 69 -22.10 35.43 9.39
N PRO D 70 -21.30 35.20 8.34
CA PRO D 70 -21.89 34.76 7.06
C PRO D 70 -22.07 33.23 6.93
N ASN D 71 -22.86 32.83 5.93
CA ASN D 71 -23.12 31.44 5.64
C ASN D 71 -22.02 30.86 4.76
N ALA D 72 -20.96 30.39 5.41
CA ALA D 72 -19.82 29.80 4.71
C ALA D 72 -18.83 29.20 5.71
N LEU D 73 -18.16 28.12 5.31
CA LEU D 73 -17.20 27.50 6.20
C LEU D 73 -16.04 28.46 6.36
N THR D 74 -15.42 28.45 7.52
CA THR D 74 -14.24 29.28 7.76
C THR D 74 -12.96 28.51 7.40
N PRO D 75 -12.11 29.14 6.56
CA PRO D 75 -10.98 28.50 5.89
C PRO D 75 -10.10 27.68 6.84
N PRO D 76 -9.81 26.44 6.44
CA PRO D 76 -8.89 25.57 7.18
C PRO D 76 -7.45 25.83 6.74
N PRO D 77 -6.66 26.59 7.54
CA PRO D 77 -5.27 26.90 7.17
C PRO D 77 -4.33 25.70 7.34
N THR D 78 -4.29 24.82 6.34
CA THR D 78 -3.57 23.54 6.46
C THR D 78 -2.15 23.65 5.92
N THR D 79 -1.94 24.55 4.98
CA THR D 79 -0.63 24.69 4.35
C THR D 79 0.00 26.08 4.56
N PRO D 80 1.15 26.12 5.25
CA PRO D 80 1.99 27.33 5.37
C PRO D 80 3.09 27.35 4.31
N GLU D 81 3.64 28.54 4.03
CA GLU D 81 4.73 28.69 3.04
C GLU D 81 5.97 27.88 3.37
N TRP D 82 6.10 27.51 4.64
CA TRP D 82 7.19 26.66 5.11
C TRP D 82 7.14 25.31 4.42
N VAL D 83 5.97 24.68 4.50
CA VAL D 83 5.75 23.39 3.85
C VAL D 83 5.90 23.51 2.35
N LYS D 84 5.23 24.52 1.75
CA LYS D 84 5.28 24.78 0.31
C LYS D 84 6.69 24.82 -0.25
N PHE D 85 7.54 25.64 0.37
CA PHE D 85 8.93 25.77 -0.02
C PHE D 85 9.60 24.39 -0.03
N CYS D 86 9.48 23.69 1.10
CA CYS D 86 10.13 22.38 1.27
C CYS D 86 9.67 21.34 0.23
N ARG D 87 8.40 21.39 -0.15
CA ARG D 87 7.88 20.47 -1.15
C ARG D 87 8.61 20.66 -2.47
N GLN D 88 8.90 21.92 -2.80
CA GLN D 88 9.58 22.25 -4.04
C GLN D 88 11.07 21.96 -3.95
N LEU D 89 11.61 22.10 -2.74
CA LEU D 89 13.01 21.78 -2.48
C LEU D 89 13.25 20.27 -2.56
N PHE D 90 12.18 19.52 -2.29
CA PHE D 90 12.24 18.07 -2.29
C PHE D 90 11.22 17.50 -3.29
N GLY D 91 10.98 18.22 -4.38
CA GLY D 91 9.98 17.84 -5.37
C GLY D 91 10.43 16.76 -6.34
N GLY D 92 10.29 15.51 -5.89
CA GLY D 92 10.67 14.36 -6.70
C GLY D 92 12.11 14.44 -7.17
N PHE D 93 12.29 15.14 -8.28
CA PHE D 93 13.62 15.29 -8.86
C PHE D 93 14.55 16.08 -7.96
N SER D 94 14.02 17.11 -7.31
CA SER D 94 14.82 18.00 -6.49
C SER D 94 15.44 17.29 -5.29
N MET D 95 14.84 16.17 -4.90
CA MET D 95 15.37 15.38 -3.80
C MET D 95 16.46 14.40 -4.25
N LEU D 96 16.28 13.84 -5.44
CA LEU D 96 17.26 12.95 -6.03
C LEU D 96 18.54 13.73 -6.29
N LEU D 97 18.40 15.05 -6.45
CA LEU D 97 19.54 15.94 -6.62
C LEU D 97 20.18 16.25 -5.27
N TRP D 98 19.39 16.16 -4.21
CA TRP D 98 19.90 16.37 -2.85
C TRP D 98 20.85 15.26 -2.42
N ILE D 99 20.46 14.02 -2.70
CA ILE D 99 21.33 12.87 -2.47
C ILE D 99 22.74 13.15 -2.97
N GLY D 100 22.83 13.64 -4.21
CA GLY D 100 24.09 14.01 -4.83
C GLY D 100 24.85 15.11 -4.12
N ALA D 101 24.16 16.13 -3.63
CA ALA D 101 24.80 17.26 -2.95
C ALA D 101 25.30 16.89 -1.55
N ILE D 102 24.81 15.76 -1.04
CA ILE D 102 25.31 15.18 0.21
C ILE D 102 26.56 14.37 -0.07
N LEU D 103 26.44 13.43 -1.00
CA LEU D 103 27.53 12.54 -1.38
C LEU D 103 28.73 13.32 -1.94
N CYS D 104 28.48 14.55 -2.40
CA CYS D 104 29.55 15.46 -2.80
C CYS D 104 30.24 16.05 -1.57
N PHE D 105 29.44 16.50 -0.60
CA PHE D 105 29.96 16.98 0.67
C PHE D 105 30.62 15.85 1.45
N LEU D 106 29.91 14.73 1.52
CA LEU D 106 30.37 13.53 2.23
C LEU D 106 31.77 13.09 1.75
N ALA D 107 31.90 12.92 0.44
CA ALA D 107 33.15 12.48 -0.15
C ALA D 107 34.26 13.51 0.03
N TYR D 108 33.89 14.77 0.26
CA TYR D 108 34.88 15.80 0.52
C TYR D 108 35.43 15.70 1.95
N GLY D 109 34.59 15.22 2.86
CA GLY D 109 35.05 14.96 4.20
C GLY D 109 36.11 13.88 4.20
N ILE D 110 35.82 12.79 3.50
CA ILE D 110 36.75 11.66 3.35
C ILE D 110 38.09 12.11 2.78
N GLN D 111 38.02 12.99 1.78
CA GLN D 111 39.21 13.45 1.07
C GLN D 111 40.10 14.40 1.88
N ALA D 112 39.48 15.19 2.77
CA ALA D 112 40.23 16.12 3.61
C ALA D 112 40.75 15.43 4.87
N ALA D 113 40.32 14.18 5.06
CA ALA D 113 40.72 13.39 6.21
C ALA D 113 41.77 12.34 5.85
N THR D 114 41.56 11.65 4.74
CA THR D 114 42.49 10.62 4.28
C THR D 114 43.56 11.21 3.36
N GLU D 115 43.75 12.53 3.44
CA GLU D 115 44.67 13.20 2.53
C GLU D 115 45.06 14.62 3.01
N GLU D 116 45.93 15.25 2.23
CA GLU D 116 46.37 16.62 2.49
C GLU D 116 46.05 17.51 1.29
N GLU D 117 45.16 18.48 1.50
CA GLU D 117 44.72 19.41 0.45
C GLU D 117 44.19 18.67 -0.77
N PRO D 118 43.03 18.01 -0.62
CA PRO D 118 42.52 17.15 -1.69
C PRO D 118 41.93 17.96 -2.84
N GLN D 119 41.19 17.29 -3.72
CA GLN D 119 40.56 17.93 -4.86
C GLN D 119 39.31 18.71 -4.46
N ASN D 120 39.31 20.01 -4.76
CA ASN D 120 38.16 20.86 -4.45
C ASN D 120 36.99 20.61 -5.38
N ASP D 121 37.11 19.58 -6.23
CA ASP D 121 36.06 19.19 -7.16
C ASP D 121 34.75 18.84 -6.43
N ASN D 122 34.88 18.13 -5.32
CA ASN D 122 33.73 17.59 -4.59
C ASN D 122 33.05 18.60 -3.67
N LEU D 123 33.82 19.55 -3.16
CA LEU D 123 33.29 20.62 -2.33
C LEU D 123 32.39 21.52 -3.14
N TYR D 124 32.95 22.12 -4.19
CA TYR D 124 32.22 23.02 -5.09
C TYR D 124 31.03 22.33 -5.74
N LEU D 125 31.20 21.05 -6.07
CA LEU D 125 30.10 20.28 -6.65
C LEU D 125 28.95 20.13 -5.66
N GLY D 126 29.27 19.99 -4.38
CA GLY D 126 28.24 19.98 -3.36
C GLY D 126 27.55 21.33 -3.32
N VAL D 127 28.35 22.38 -3.19
CA VAL D 127 27.87 23.76 -3.17
C VAL D 127 27.03 24.06 -4.41
N VAL D 128 27.55 23.72 -5.59
CA VAL D 128 26.84 24.02 -6.83
C VAL D 128 25.61 23.15 -6.99
N LEU D 129 25.70 21.87 -6.61
CA LEU D 129 24.56 20.97 -6.74
C LEU D 129 23.42 21.40 -5.85
N SER D 130 23.74 21.63 -4.58
CA SER D 130 22.75 22.07 -3.62
C SER D 130 22.13 23.41 -4.02
N ALA D 131 22.96 24.33 -4.50
CA ALA D 131 22.51 25.67 -4.87
C ALA D 131 21.47 25.65 -6.00
N VAL D 132 21.62 24.70 -6.92
CA VAL D 132 20.68 24.58 -8.03
C VAL D 132 19.30 24.21 -7.51
N VAL D 133 19.25 23.13 -6.74
CA VAL D 133 18.00 22.63 -6.18
C VAL D 133 17.18 23.74 -5.49
N ILE D 134 17.89 24.63 -4.82
CA ILE D 134 17.28 25.78 -4.16
C ILE D 134 16.70 26.73 -5.20
N ILE D 135 17.56 27.18 -6.12
CA ILE D 135 17.13 28.12 -7.17
C ILE D 135 15.93 27.57 -7.94
N THR D 136 15.93 26.27 -8.18
CA THR D 136 14.80 25.63 -8.83
C THR D 136 13.58 25.68 -7.92
N GLY D 137 13.80 25.43 -6.64
CA GLY D 137 12.74 25.49 -5.66
C GLY D 137 12.07 26.85 -5.59
N CYS D 138 12.88 27.90 -5.38
CA CYS D 138 12.38 29.28 -5.33
C CYS D 138 11.56 29.63 -6.57
N PHE D 139 11.98 29.13 -7.72
CA PHE D 139 11.24 29.38 -8.95
C PHE D 139 9.94 28.58 -9.02
N SER D 140 10.04 27.28 -8.74
CA SER D 140 8.88 26.39 -8.77
C SER D 140 7.80 26.86 -7.79
N TYR D 141 8.26 27.34 -6.64
CA TYR D 141 7.36 27.84 -5.59
C TYR D 141 6.69 29.15 -6.01
N TYR D 142 7.47 30.03 -6.61
CA TYR D 142 6.99 31.34 -7.02
C TYR D 142 5.90 31.25 -8.11
N GLN D 143 6.04 30.28 -9.01
CA GLN D 143 5.03 30.07 -10.04
C GLN D 143 3.76 29.46 -9.46
N GLU D 144 3.88 28.73 -8.35
CA GLU D 144 2.72 28.12 -7.72
C GLU D 144 1.94 29.14 -6.90
N ALA D 145 2.59 30.24 -6.57
CA ALA D 145 1.91 31.33 -5.91
C ALA D 145 1.13 32.09 -6.97
N LYS D 146 1.76 32.26 -8.13
CA LYS D 146 1.11 32.90 -9.26
C LYS D 146 -0.14 32.13 -9.64
N SER D 147 0.04 30.84 -9.95
CA SER D 147 -1.04 29.97 -10.39
C SER D 147 -2.16 29.88 -9.38
N SER D 148 -1.81 29.88 -8.09
CA SER D 148 -2.82 29.74 -7.03
C SER D 148 -3.58 31.04 -6.78
N LYS D 149 -2.87 32.14 -6.65
CA LYS D 149 -3.47 33.44 -6.36
C LYS D 149 -4.28 33.98 -7.55
N ILE D 150 -3.97 33.50 -8.74
CA ILE D 150 -4.78 33.83 -9.90
C ILE D 150 -6.06 33.00 -9.89
N MET D 151 -5.90 31.70 -9.66
CA MET D 151 -7.02 30.75 -9.65
C MET D 151 -8.01 31.08 -8.54
N GLU D 152 -7.53 31.73 -7.48
CA GLU D 152 -8.37 32.06 -6.34
C GLU D 152 -9.02 33.44 -6.43
N SER D 153 -8.45 34.32 -7.24
CA SER D 153 -9.09 35.61 -7.55
C SER D 153 -10.26 35.41 -8.52
N PHE D 154 -10.85 34.22 -8.48
CA PHE D 154 -11.82 33.75 -9.45
C PHE D 154 -13.02 33.10 -8.78
N LYS D 155 -12.76 32.38 -7.68
CA LYS D 155 -13.83 31.72 -6.92
C LYS D 155 -14.78 32.76 -6.33
N ASN D 156 -14.26 33.96 -6.09
CA ASN D 156 -15.05 35.09 -5.59
C ASN D 156 -15.72 35.88 -6.70
N MET D 157 -15.91 35.25 -7.85
CA MET D 157 -16.58 35.86 -8.99
C MET D 157 -17.83 35.08 -9.36
N VAL D 158 -17.96 33.88 -8.79
CA VAL D 158 -19.18 33.07 -8.92
C VAL D 158 -19.87 33.05 -7.57
N PRO D 159 -20.65 34.10 -7.27
CA PRO D 159 -21.38 34.03 -6.00
C PRO D 159 -22.52 33.02 -6.09
N GLN D 160 -22.28 31.81 -5.57
CA GLN D 160 -23.29 30.76 -5.55
C GLN D 160 -24.50 31.38 -4.89
N GLN D 161 -25.66 31.23 -5.54
CA GLN D 161 -26.83 31.97 -5.13
C GLN D 161 -27.78 31.17 -4.25
N ALA D 162 -28.68 31.89 -3.58
CA ALA D 162 -29.72 31.28 -2.76
C ALA D 162 -31.04 32.03 -2.92
N LEU D 163 -32.13 31.31 -3.08
CA LEU D 163 -33.43 31.94 -3.30
C LEU D 163 -34.17 31.84 -2.01
N VAL D 164 -34.49 32.99 -1.42
CA VAL D 164 -35.20 33.00 -0.15
C VAL D 164 -36.42 33.90 -0.18
N ILE D 165 -37.39 33.57 0.65
CA ILE D 165 -38.57 34.39 0.76
C ILE D 165 -38.47 35.18 2.06
N ARG D 166 -38.25 36.48 1.94
CA ARG D 166 -38.12 37.37 3.09
C ARG D 166 -39.22 38.41 2.99
N ASN D 167 -40.10 38.43 3.99
CA ASN D 167 -41.21 39.39 4.03
C ASN D 167 -42.08 39.36 2.77
N GLY D 168 -42.94 38.34 2.69
CA GLY D 168 -43.88 38.25 1.58
C GLY D 168 -43.27 37.78 0.26
N GLU D 169 -42.44 38.63 -0.34
CA GLU D 169 -41.84 38.33 -1.64
C GLU D 169 -40.60 37.43 -1.52
N LYS D 170 -40.13 36.95 -2.65
CA LYS D 170 -38.90 36.17 -2.68
C LYS D 170 -37.80 36.95 -3.41
N MET D 171 -36.55 36.63 -3.08
CA MET D 171 -35.40 37.33 -3.66
C MET D 171 -34.20 36.40 -3.68
N SER D 172 -33.43 36.45 -4.76
CA SER D 172 -32.21 35.68 -4.80
C SER D 172 -31.06 36.54 -4.27
N ILE D 173 -30.41 36.02 -3.23
CA ILE D 173 -29.28 36.68 -2.59
C ILE D 173 -28.04 35.77 -2.61
N ASN D 174 -26.87 36.35 -2.40
CA ASN D 174 -25.68 35.54 -2.21
C ASN D 174 -25.94 34.58 -1.06
N ALA D 175 -25.54 33.32 -1.21
CA ALA D 175 -25.76 32.32 -0.18
C ALA D 175 -25.15 32.72 1.17
N GLU D 176 -24.09 33.51 1.13
CA GLU D 176 -23.38 33.92 2.33
C GLU D 176 -24.31 34.76 3.21
N GLU D 177 -25.25 35.46 2.58
CA GLU D 177 -26.14 36.38 3.32
C GLU D 177 -27.37 35.68 3.88
N VAL D 178 -27.44 34.37 3.72
CA VAL D 178 -28.50 33.54 4.30
C VAL D 178 -28.30 33.42 5.81
N VAL D 179 -29.37 33.53 6.58
CA VAL D 179 -29.26 33.44 8.04
C VAL D 179 -30.10 32.30 8.55
N VAL D 180 -29.97 32.02 9.85
CA VAL D 180 -30.77 30.96 10.44
C VAL D 180 -32.20 31.45 10.37
N GLY D 181 -33.14 30.56 10.07
CA GLY D 181 -34.52 30.99 10.04
C GLY D 181 -35.12 31.08 8.66
N ASP D 182 -34.79 32.14 7.91
CA ASP D 182 -35.46 32.41 6.64
C ASP D 182 -35.67 31.16 5.79
N LEU D 183 -36.83 31.06 5.14
CA LEU D 183 -37.10 29.89 4.33
C LEU D 183 -36.55 29.96 2.90
N VAL D 184 -35.89 28.88 2.52
CA VAL D 184 -35.23 28.79 1.24
C VAL D 184 -36.20 28.12 0.27
N GLU D 185 -36.12 28.47 -1.00
CA GLU D 185 -36.84 27.71 -2.01
C GLU D 185 -35.88 27.09 -3.03
N VAL D 186 -35.56 25.82 -2.82
CA VAL D 186 -34.80 25.09 -3.82
C VAL D 186 -35.71 24.42 -4.87
N LYS D 187 -35.23 24.38 -6.11
CA LYS D 187 -35.88 23.58 -7.15
C LYS D 187 -34.83 22.66 -7.75
N GLY D 188 -35.22 21.88 -8.75
CA GLY D 188 -34.27 20.98 -9.36
C GLY D 188 -33.09 21.74 -9.91
N GLY D 189 -31.91 21.21 -9.65
CA GLY D 189 -30.69 21.77 -10.20
C GLY D 189 -30.03 22.85 -9.35
N ASP D 190 -30.59 23.09 -8.15
CA ASP D 190 -30.01 24.05 -7.21
C ASP D 190 -29.24 23.30 -6.16
N ARG D 191 -28.24 23.97 -5.59
CA ARG D 191 -27.50 23.40 -4.47
C ARG D 191 -28.15 23.90 -3.19
N ILE D 192 -28.46 22.96 -2.28
CA ILE D 192 -29.03 23.27 -0.97
C ILE D 192 -28.10 24.17 -0.14
N PRO D 193 -28.52 25.45 0.09
CA PRO D 193 -27.62 26.54 0.55
C PRO D 193 -27.26 26.50 2.03
N ALA D 194 -28.11 25.86 2.82
CA ALA D 194 -27.80 25.63 4.20
C ALA D 194 -28.46 24.35 4.65
N ASP D 195 -28.34 24.01 5.91
CA ASP D 195 -29.06 22.85 6.42
C ASP D 195 -30.53 23.21 6.65
N LEU D 196 -31.43 22.44 6.04
CA LEU D 196 -32.81 22.86 5.90
C LEU D 196 -33.81 21.84 6.40
N ARG D 197 -34.68 22.26 7.30
CA ARG D 197 -35.84 21.49 7.65
C ARG D 197 -36.93 21.78 6.65
N ILE D 198 -37.41 20.74 5.95
CA ILE D 198 -38.42 20.93 4.91
C ILE D 198 -39.81 21.31 5.47
N ILE D 199 -40.32 22.43 4.96
CA ILE D 199 -41.68 22.87 5.22
C ILE D 199 -42.63 22.27 4.18
N SER D 200 -42.28 22.41 2.90
CA SER D 200 -43.16 21.99 1.81
C SER D 200 -42.37 21.40 0.65
N ALA D 201 -42.89 20.33 0.06
CA ALA D 201 -42.21 19.70 -1.08
C ALA D 201 -43.19 19.15 -2.09
N ASN D 202 -42.84 19.33 -3.36
CA ASN D 202 -43.52 18.65 -4.46
C ASN D 202 -42.54 17.73 -5.22
N GLY D 203 -42.42 16.49 -4.76
CA GLY D 203 -41.65 15.46 -5.44
C GLY D 203 -40.19 15.77 -5.62
N CYS D 204 -39.57 16.23 -4.54
CA CYS D 204 -38.16 16.59 -4.58
C CYS D 204 -37.24 15.37 -4.40
N LYS D 205 -36.18 15.32 -5.20
CA LYS D 205 -35.14 14.30 -5.04
C LYS D 205 -33.78 14.98 -4.92
N VAL D 206 -32.95 14.48 -4.01
CA VAL D 206 -31.72 15.17 -3.67
C VAL D 206 -30.45 14.27 -3.73
N ASP D 207 -29.35 14.89 -4.17
CA ASP D 207 -28.06 14.21 -4.32
C ASP D 207 -27.30 14.18 -3.01
N ASN D 208 -27.69 13.26 -2.12
CA ASN D 208 -26.99 13.05 -0.85
C ASN D 208 -25.62 12.39 -1.03
N SER D 209 -25.13 12.36 -2.27
CA SER D 209 -23.88 11.69 -2.60
C SER D 209 -22.72 12.27 -1.79
N SER D 210 -22.66 13.60 -1.71
CA SER D 210 -21.59 14.27 -0.99
C SER D 210 -21.61 13.98 0.52
N LEU D 211 -22.39 13.00 0.94
CA LEU D 211 -22.56 12.73 2.35
C LEU D 211 -22.80 11.23 2.56
N THR D 212 -23.13 10.52 1.47
CA THR D 212 -23.50 9.10 1.56
C THR D 212 -23.01 8.25 0.40
N GLY D 213 -22.05 8.74 -0.38
CA GLY D 213 -21.53 7.99 -1.52
C GLY D 213 -22.52 7.80 -2.67
N GLU D 214 -23.49 6.91 -2.49
CA GLU D 214 -24.47 6.60 -3.54
C GLU D 214 -25.21 7.84 -4.06
N SER D 215 -24.96 8.16 -5.33
CA SER D 215 -25.52 9.34 -5.94
C SER D 215 -26.94 9.09 -6.44
N GLU D 216 -27.48 7.93 -6.09
CA GLU D 216 -28.88 7.63 -6.35
C GLU D 216 -29.69 8.69 -5.60
N PRO D 217 -30.51 9.48 -6.32
CA PRO D 217 -31.28 10.55 -5.67
C PRO D 217 -32.14 10.01 -4.56
N GLN D 218 -32.27 10.80 -3.49
CA GLN D 218 -33.15 10.47 -2.38
C GLN D 218 -34.27 11.50 -2.35
N THR D 219 -35.49 11.07 -2.01
CA THR D 219 -36.63 11.97 -1.97
C THR D 219 -36.66 12.74 -0.66
N ARG D 220 -37.25 13.92 -0.68
CA ARG D 220 -37.40 14.73 0.51
C ARG D 220 -38.85 15.17 0.64
N SER D 221 -39.48 14.80 1.75
CA SER D 221 -40.84 15.24 2.06
C SER D 221 -40.77 15.99 3.37
N PRO D 222 -41.85 16.70 3.74
CA PRO D 222 -41.86 17.36 5.05
C PRO D 222 -42.07 16.37 6.19
N ASP D 223 -42.57 15.19 5.86
CA ASP D 223 -42.96 14.19 6.85
C ASP D 223 -41.75 13.63 7.61
N PHE D 224 -41.87 13.52 8.92
CA PHE D 224 -40.83 12.93 9.75
C PHE D 224 -40.72 11.41 9.54
N THR D 225 -39.54 10.93 9.14
CA THR D 225 -39.38 9.54 8.73
C THR D 225 -38.37 8.72 9.53
N ASN D 226 -37.36 9.34 10.11
CA ASN D 226 -36.37 8.59 10.89
C ASN D 226 -35.75 9.37 12.05
N GLU D 227 -35.68 8.72 13.22
CA GLU D 227 -35.14 9.35 14.43
C GLU D 227 -33.71 9.86 14.22
N ASN D 228 -32.99 9.21 13.32
CA ASN D 228 -31.69 9.68 12.85
C ASN D 228 -31.93 10.82 11.86
N PRO D 229 -31.38 11.99 12.14
CA PRO D 229 -31.62 13.17 11.31
C PRO D 229 -31.06 12.99 9.91
N LEU D 230 -29.97 12.22 9.76
CA LEU D 230 -29.31 12.07 8.46
C LEU D 230 -30.19 11.26 7.52
N GLU D 231 -30.88 10.27 8.09
CA GLU D 231 -31.74 9.37 7.33
C GLU D 231 -33.05 10.02 6.90
N THR D 232 -33.71 10.68 7.84
CA THR D 232 -35.04 11.26 7.63
C THR D 232 -35.18 12.19 6.41
N ARG D 233 -36.41 12.28 5.89
CA ARG D 233 -36.64 12.87 4.59
C ARG D 233 -36.82 14.38 4.66
N ASN D 234 -37.02 14.89 5.87
CA ASN D 234 -37.40 16.29 6.03
C ASN D 234 -36.25 17.22 6.33
N ILE D 235 -35.01 16.73 6.15
CA ILE D 235 -33.84 17.60 6.30
C ILE D 235 -32.95 17.64 5.06
N ALA D 236 -32.91 18.80 4.40
CA ALA D 236 -32.04 18.98 3.23
C ALA D 236 -30.65 19.39 3.72
N PHE D 237 -29.63 18.66 3.31
CA PHE D 237 -28.28 18.93 3.80
C PHE D 237 -27.45 19.90 2.95
N PHE D 238 -26.58 20.67 3.62
CA PHE D 238 -25.78 21.70 2.94
C PHE D 238 -24.75 20.95 2.14
N SER D 239 -24.53 21.35 0.87
CA SER D 239 -23.54 20.75 -0.04
C SER D 239 -24.15 19.62 -0.83
N THR D 240 -25.37 19.24 -0.45
CA THR D 240 -26.10 18.30 -1.27
C THR D 240 -26.91 19.18 -2.21
N ASN D 241 -27.19 18.69 -3.39
CA ASN D 241 -28.01 19.47 -4.29
C ASN D 241 -29.21 18.67 -4.72
N CYS D 242 -30.35 19.32 -4.85
CA CYS D 242 -31.56 18.62 -5.28
C CYS D 242 -31.56 18.45 -6.81
N VAL D 243 -31.65 17.19 -7.25
CA VAL D 243 -31.65 16.90 -8.67
C VAL D 243 -32.89 17.47 -9.35
N GLU D 244 -34.05 16.95 -8.99
CA GLU D 244 -35.29 17.43 -9.58
C GLU D 244 -36.38 17.48 -8.53
N GLY D 245 -37.40 18.28 -8.80
CA GLY D 245 -38.43 18.53 -7.81
C GLY D 245 -38.39 19.94 -7.24
N THR D 246 -39.03 20.12 -6.10
CA THR D 246 -39.12 21.47 -5.55
C THR D 246 -39.40 21.39 -4.03
N ALA D 247 -38.78 22.29 -3.26
CA ALA D 247 -38.93 22.25 -1.81
C ALA D 247 -38.66 23.60 -1.13
N ARG D 248 -39.36 23.83 -0.02
CA ARG D 248 -39.14 25.00 0.82
C ARG D 248 -38.77 24.56 2.20
N GLY D 249 -37.53 24.82 2.58
CA GLY D 249 -37.06 24.44 3.89
C GLY D 249 -36.96 25.67 4.74
N ILE D 250 -36.70 25.48 6.03
CA ILE D 250 -36.32 26.56 6.94
C ILE D 250 -34.91 26.32 7.49
N VAL D 251 -34.05 27.35 7.39
CA VAL D 251 -32.62 27.25 7.75
C VAL D 251 -32.37 26.95 9.23
N VAL D 252 -31.71 25.82 9.47
CA VAL D 252 -31.48 25.37 10.83
C VAL D 252 -29.99 25.42 11.21
N TYR D 253 -29.12 25.53 10.21
CA TYR D 253 -27.69 25.57 10.42
C TYR D 253 -26.99 26.39 9.33
N THR D 254 -26.34 27.47 9.75
CA THR D 254 -25.53 28.26 8.83
C THR D 254 -24.06 27.90 8.98
N GLY D 255 -23.21 28.51 8.15
CA GLY D 255 -21.76 28.41 8.23
C GLY D 255 -21.15 27.11 8.72
N ASP D 256 -20.34 27.20 9.77
CA ASP D 256 -19.60 26.05 10.29
C ASP D 256 -20.45 25.11 11.12
N ARG D 257 -21.72 25.45 11.27
CA ARG D 257 -22.60 24.69 12.14
C ARG D 257 -23.37 23.61 11.39
N THR D 258 -23.41 23.73 10.06
CA THR D 258 -24.03 22.72 9.21
C THR D 258 -23.36 21.34 9.43
N VAL D 259 -24.10 20.26 9.19
CA VAL D 259 -23.52 18.91 9.25
C VAL D 259 -22.28 18.72 8.34
N MET D 260 -22.15 19.52 7.29
CA MET D 260 -21.03 19.39 6.36
C MET D 260 -19.88 20.32 6.65
N GLY D 261 -20.06 21.18 7.65
CA GLY D 261 -19.00 22.04 8.12
C GLY D 261 -18.41 21.42 9.36
N ARG D 262 -19.23 20.68 10.08
CA ARG D 262 -18.80 19.94 11.25
C ARG D 262 -17.79 18.87 10.87
N ILE D 263 -17.82 18.41 9.62
CA ILE D 263 -16.82 17.44 9.17
C ILE D 263 -15.44 18.07 8.93
N ALA D 264 -14.50 17.71 9.78
CA ALA D 264 -13.12 18.14 9.65
C ALA D 264 -12.30 17.06 8.93
N THR D 265 -12.80 16.63 7.77
CA THR D 265 -12.12 15.61 6.98
C THR D 265 -11.86 15.85 5.49
N LEU D 266 -12.87 15.64 4.66
CA LEU D 266 -12.79 16.07 3.26
C LEU D 266 -13.97 17.01 3.00
N ALA D 267 -14.24 17.87 3.98
CA ALA D 267 -15.34 18.85 4.04
C ALA D 267 -16.22 18.96 2.78
N SER D 268 -15.65 19.56 1.73
CA SER D 268 -16.30 19.66 0.42
C SER D 268 -15.24 19.77 -0.69
N GLY D 269 -14.02 19.36 -0.36
CA GLY D 269 -12.89 19.45 -1.28
C GLY D 269 -12.12 18.13 -1.45
N LEU D 270 -12.86 17.10 -1.86
CA LEU D 270 -12.27 15.81 -2.20
C LEU D 270 -11.62 15.89 -3.58
N GLU D 271 -10.40 15.39 -3.69
CA GLU D 271 -9.69 15.38 -4.98
C GLU D 271 -9.23 13.97 -5.39
N GLY D 272 -9.75 13.49 -6.52
CA GLY D 272 -9.39 12.18 -7.03
C GLY D 272 -9.56 12.03 -8.53
N GLY D 273 -9.12 13.03 -9.29
CA GLY D 273 -9.17 12.95 -10.74
C GLY D 273 -7.82 13.19 -11.39
N GLN D 274 -7.30 12.17 -12.06
CA GLN D 274 -6.02 12.29 -12.73
C GLN D 274 -6.20 12.42 -14.25
N THR D 275 -5.87 13.59 -14.78
CA THR D 275 -5.98 13.87 -16.20
C THR D 275 -5.03 12.99 -16.99
N PRO D 276 -5.38 12.72 -18.27
CA PRO D 276 -4.57 11.81 -19.09
C PRO D 276 -3.16 12.33 -19.34
N ILE D 277 -3.03 13.64 -19.51
CA ILE D 277 -1.71 14.24 -19.75
C ILE D 277 -0.79 14.06 -18.58
N ALA D 278 -1.30 14.32 -17.38
CA ALA D 278 -0.52 14.16 -16.16
C ALA D 278 -0.13 12.72 -15.98
N ALA D 279 -0.90 11.81 -16.58
CA ALA D 279 -0.55 10.39 -16.57
C ALA D 279 0.60 10.14 -17.53
N GLU D 280 0.50 10.71 -18.73
CA GLU D 280 1.58 10.59 -19.72
C GLU D 280 2.88 11.22 -19.23
N ILE D 281 2.79 12.44 -18.68
CA ILE D 281 3.95 13.07 -18.06
C ILE D 281 4.56 12.17 -17.00
N GLU D 282 3.78 11.83 -15.98
CA GLU D 282 4.24 10.99 -14.87
C GLU D 282 4.91 9.73 -15.38
N HIS D 283 4.18 9.00 -16.23
CA HIS D 283 4.66 7.76 -16.81
C HIS D 283 6.05 7.94 -17.44
N PHE D 284 6.21 8.99 -18.22
CA PHE D 284 7.47 9.27 -18.88
C PHE D 284 8.60 9.46 -17.88
N ILE D 285 8.35 10.33 -16.89
CA ILE D 285 9.33 10.66 -15.86
C ILE D 285 9.92 9.41 -15.22
N HIS D 286 9.07 8.40 -15.07
CA HIS D 286 9.53 7.09 -14.59
C HIS D 286 10.59 6.47 -15.53
N ILE D 287 10.15 6.04 -16.72
CA ILE D 287 11.01 5.34 -17.68
C ILE D 287 12.35 6.03 -17.94
N ILE D 288 12.31 7.35 -18.09
CA ILE D 288 13.53 8.09 -18.42
C ILE D 288 14.44 8.18 -17.19
N THR D 289 13.85 8.20 -16.01
CA THR D 289 14.62 8.12 -14.77
C THR D 289 15.08 6.69 -14.64
N GLY D 290 14.24 5.77 -15.11
CA GLY D 290 14.58 4.36 -15.12
C GLY D 290 15.86 4.11 -15.89
N VAL D 291 15.88 4.48 -17.16
CA VAL D 291 17.08 4.31 -17.95
C VAL D 291 18.23 5.22 -17.43
N ALA D 292 17.87 6.34 -16.81
CA ALA D 292 18.87 7.26 -16.30
C ALA D 292 19.61 6.66 -15.11
N VAL D 293 19.01 5.63 -14.50
CA VAL D 293 19.67 4.97 -13.39
C VAL D 293 20.36 3.73 -13.91
N PHE D 294 19.80 3.16 -14.98
CA PHE D 294 20.36 2.00 -15.64
C PHE D 294 21.75 2.36 -16.15
N LEU D 295 21.85 3.47 -16.87
CA LEU D 295 23.13 3.96 -17.39
C LEU D 295 24.04 4.38 -16.25
N GLY D 296 23.44 4.79 -15.13
CA GLY D 296 24.20 5.18 -13.96
C GLY D 296 25.03 4.02 -13.43
N VAL D 297 24.39 2.87 -13.23
CA VAL D 297 25.08 1.71 -12.70
C VAL D 297 25.79 0.88 -13.77
N SER D 298 25.47 1.13 -15.03
CA SER D 298 26.21 0.51 -16.12
C SER D 298 27.58 1.08 -16.03
N PHE D 299 27.65 2.40 -16.03
CA PHE D 299 28.91 3.10 -16.04
C PHE D 299 29.61 2.97 -14.70
N PHE D 300 28.85 2.81 -13.63
CA PHE D 300 29.46 2.69 -12.32
C PHE D 300 30.30 1.41 -12.20
N ILE D 301 29.76 0.27 -12.63
CA ILE D 301 30.55 -0.96 -12.62
C ILE D 301 31.64 -0.87 -13.69
N LEU D 302 31.38 -0.14 -14.77
CA LEU D 302 32.38 0.03 -15.80
C LEU D 302 33.53 0.91 -15.33
N SER D 303 33.22 2.03 -14.69
CA SER D 303 34.26 2.91 -14.15
C SER D 303 35.13 2.13 -13.16
N LEU D 304 34.49 1.36 -12.30
CA LEU D 304 35.24 0.55 -11.33
C LEU D 304 36.13 -0.51 -12.00
N ILE D 305 35.68 -1.07 -13.12
CA ILE D 305 36.51 -1.96 -13.93
C ILE D 305 37.75 -1.19 -14.35
N LEU D 306 37.55 0.04 -14.81
CA LEU D 306 38.63 0.93 -15.20
C LEU D 306 39.43 1.42 -13.98
N GLU D 307 39.35 0.66 -12.89
CA GLU D 307 40.07 0.91 -11.63
C GLU D 307 39.84 2.31 -11.09
N TYR D 308 38.77 2.96 -11.54
CA TYR D 308 38.43 4.32 -11.13
C TYR D 308 38.46 4.42 -9.61
N THR D 309 38.97 5.55 -9.11
CA THR D 309 38.97 5.82 -7.67
C THR D 309 37.55 5.69 -7.13
N TRP D 310 37.42 4.93 -6.05
CA TRP D 310 36.10 4.58 -5.49
C TRP D 310 35.18 5.78 -5.18
N LEU D 311 35.75 6.80 -4.55
CA LEU D 311 34.98 7.97 -4.12
C LEU D 311 34.54 8.83 -5.30
N GLU D 312 35.34 8.85 -6.36
CA GLU D 312 34.99 9.57 -7.59
C GLU D 312 34.06 8.76 -8.47
N ALA D 313 34.12 7.44 -8.31
CA ALA D 313 33.27 6.53 -9.08
C ALA D 313 31.79 6.77 -8.79
N VAL D 314 31.49 7.17 -7.56
CA VAL D 314 30.11 7.49 -7.17
C VAL D 314 29.74 8.95 -7.44
N ILE D 315 30.74 9.81 -7.52
CA ILE D 315 30.51 11.18 -7.93
C ILE D 315 30.14 11.17 -9.41
N PHE D 316 30.78 10.26 -10.14
CA PHE D 316 30.46 10.00 -11.55
C PHE D 316 29.02 9.49 -11.67
N LEU D 317 28.68 8.50 -10.85
CA LEU D 317 27.33 7.97 -10.83
C LEU D 317 26.28 9.09 -10.69
N ILE D 318 26.38 9.88 -9.62
CA ILE D 318 25.53 11.05 -9.42
C ILE D 318 25.46 11.90 -10.67
N GLY D 319 26.61 12.15 -11.27
CA GLY D 319 26.68 12.89 -12.52
C GLY D 319 25.84 12.30 -13.65
N ILE D 320 26.00 11.00 -13.89
CA ILE D 320 25.24 10.32 -14.93
C ILE D 320 23.72 10.36 -14.70
N ILE D 321 23.30 10.09 -13.47
CA ILE D 321 21.87 10.06 -13.13
C ILE D 321 21.22 11.41 -13.41
N VAL D 322 21.75 12.45 -12.78
CA VAL D 322 21.33 13.81 -13.04
C VAL D 322 21.30 14.07 -14.54
N ALA D 323 22.40 13.73 -15.20
CA ALA D 323 22.59 13.99 -16.63
C ALA D 323 21.44 13.49 -17.51
N ASN D 324 20.93 12.29 -17.21
CA ASN D 324 19.93 11.67 -18.08
C ASN D 324 18.50 11.83 -17.56
N VAL D 325 18.39 12.68 -16.55
CA VAL D 325 17.11 13.02 -15.97
C VAL D 325 16.66 14.45 -16.32
N PRO D 326 15.46 14.59 -16.87
CA PRO D 326 14.95 15.93 -17.22
C PRO D 326 14.49 16.70 -15.98
N GLU D 327 15.42 17.35 -15.26
CA GLU D 327 15.09 18.08 -14.04
C GLU D 327 14.03 19.15 -14.31
N GLY D 328 14.32 20.02 -15.26
CA GLY D 328 13.48 21.16 -15.60
C GLY D 328 12.06 20.79 -15.95
N LEU D 329 11.89 19.64 -16.59
CA LEU D 329 10.57 19.14 -16.99
C LEU D 329 9.45 19.49 -16.01
N LEU D 330 9.65 19.17 -14.74
CA LEU D 330 8.66 19.46 -13.72
C LEU D 330 8.27 20.94 -13.72
N ALA D 331 9.25 21.79 -13.46
CA ALA D 331 9.04 23.25 -13.50
C ALA D 331 8.55 23.72 -14.85
N THR D 332 8.98 23.06 -15.91
CA THR D 332 8.50 23.38 -17.25
C THR D 332 6.99 23.20 -17.31
N VAL D 333 6.51 22.06 -16.82
CA VAL D 333 5.09 21.76 -16.74
C VAL D 333 4.38 22.80 -15.89
N THR D 334 4.96 23.10 -14.73
CA THR D 334 4.41 24.05 -13.78
C THR D 334 4.14 25.38 -14.47
N VAL D 335 5.20 25.97 -15.02
CA VAL D 335 5.08 27.22 -15.76
C VAL D 335 4.01 27.15 -16.85
N CYS D 336 4.02 26.04 -17.59
CA CYS D 336 3.08 25.86 -18.66
C CYS D 336 1.62 25.97 -18.18
N LEU D 337 1.30 25.26 -17.11
CA LEU D 337 -0.03 25.35 -16.48
C LEU D 337 -0.33 26.77 -15.99
N THR D 338 0.62 27.33 -15.24
CA THR D 338 0.49 28.67 -14.69
C THR D 338 0.33 29.73 -15.79
N LEU D 339 0.90 29.46 -16.94
CA LEU D 339 0.67 30.33 -18.08
C LEU D 339 -0.75 30.17 -18.58
N THR D 340 -1.12 28.93 -18.91
CA THR D 340 -2.47 28.60 -19.35
C THR D 340 -3.46 29.15 -18.35
N ALA D 341 -3.14 28.97 -17.07
CA ALA D 341 -3.95 29.50 -15.96
C ALA D 341 -4.31 30.97 -16.18
N LYS D 342 -3.29 31.81 -16.35
CA LYS D 342 -3.54 33.22 -16.53
C LYS D 342 -4.27 33.50 -17.84
N ARG D 343 -4.01 32.70 -18.85
CA ARG D 343 -4.62 32.91 -20.16
C ARG D 343 -6.12 32.61 -20.16
N MET D 344 -6.50 31.47 -19.60
CA MET D 344 -7.91 31.14 -19.44
C MET D 344 -8.59 32.18 -18.55
N ALA D 345 -7.88 32.63 -17.53
CA ALA D 345 -8.37 33.63 -16.59
C ALA D 345 -8.86 34.88 -17.31
N ARG D 346 -8.10 35.31 -18.32
CA ARG D 346 -8.43 36.51 -19.08
C ARG D 346 -9.81 36.43 -19.72
N LYS D 347 -10.18 35.27 -20.22
CA LYS D 347 -11.42 35.11 -20.96
C LYS D 347 -12.60 34.64 -20.08
N ASN D 348 -12.45 34.82 -18.77
CA ASN D 348 -13.50 34.47 -17.81
C ASN D 348 -13.92 33.00 -17.96
N CYS D 349 -12.92 32.15 -18.05
CA CYS D 349 -13.16 30.72 -18.10
C CYS D 349 -12.52 30.07 -16.88
N LEU D 350 -13.27 30.00 -15.79
CA LEU D 350 -12.79 29.32 -14.58
C LEU D 350 -12.44 27.86 -14.83
N VAL D 351 -11.16 27.53 -14.75
CA VAL D 351 -10.71 26.16 -14.93
C VAL D 351 -10.45 25.52 -13.58
N LYS D 352 -11.04 24.36 -13.36
CA LYS D 352 -10.93 23.66 -12.08
C LYS D 352 -9.58 22.94 -11.96
N ASN D 353 -9.22 22.20 -13.00
CA ASN D 353 -7.89 21.62 -13.10
C ASN D 353 -7.24 22.04 -14.40
N LEU D 354 -6.09 22.68 -14.30
CA LEU D 354 -5.42 23.26 -15.44
C LEU D 354 -4.96 22.21 -16.43
N GLU D 355 -4.68 21.01 -15.94
CA GLU D 355 -4.26 19.91 -16.80
C GLU D 355 -5.37 19.53 -17.78
N ALA D 356 -6.61 19.76 -17.37
CA ALA D 356 -7.76 19.43 -18.20
C ALA D 356 -7.85 20.37 -19.40
N VAL D 357 -7.11 21.46 -19.37
CA VAL D 357 -7.11 22.33 -20.54
C VAL D 357 -6.50 21.59 -21.72
N GLU D 358 -5.40 20.86 -21.47
CA GLU D 358 -4.79 19.96 -22.47
C GLU D 358 -5.86 19.02 -23.01
N THR D 359 -6.55 18.34 -22.10
CA THR D 359 -7.62 17.41 -22.46
C THR D 359 -8.64 18.07 -23.39
N LEU D 360 -8.88 19.37 -23.23
CA LEU D 360 -9.75 20.08 -24.15
C LEU D 360 -9.07 20.15 -25.51
N GLY D 361 -7.76 20.35 -25.52
CA GLY D 361 -7.02 20.41 -26.77
C GLY D 361 -7.18 19.14 -27.58
N SER D 362 -7.35 18.03 -26.88
CA SER D 362 -7.48 16.71 -27.51
C SER D 362 -8.90 16.42 -27.96
N THR D 363 -9.79 17.42 -27.85
CA THR D 363 -11.21 17.21 -28.12
C THR D 363 -11.46 16.99 -29.59
N SER D 364 -12.16 15.90 -29.91
CA SER D 364 -12.47 15.54 -31.30
C SER D 364 -13.97 15.63 -31.60
N THR D 365 -14.78 15.66 -30.52
CA THR D 365 -16.23 15.68 -30.64
C THR D 365 -16.92 16.51 -29.54
N ILE D 366 -17.53 17.64 -29.90
CA ILE D 366 -18.27 18.42 -28.92
C ILE D 366 -19.76 18.07 -28.98
N CYS D 367 -20.29 17.42 -27.94
CA CYS D 367 -21.74 17.22 -27.82
C CYS D 367 -22.39 18.39 -27.07
N SER D 368 -22.97 19.32 -27.82
CA SER D 368 -23.52 20.52 -27.24
C SER D 368 -25.05 20.42 -26.99
N ASP D 369 -25.50 21.10 -25.93
CA ASP D 369 -26.92 21.33 -25.73
C ASP D 369 -27.39 22.55 -26.51
N LYS D 370 -28.70 22.71 -26.69
CA LYS D 370 -29.19 23.82 -27.51
C LYS D 370 -29.59 25.02 -26.65
N THR D 371 -30.60 24.88 -25.80
CA THR D 371 -31.13 26.01 -25.04
C THR D 371 -30.20 26.34 -23.89
N GLY D 372 -29.88 27.62 -23.73
CA GLY D 372 -28.98 28.05 -22.68
C GLY D 372 -27.55 27.99 -23.16
N THR D 373 -27.17 26.85 -23.72
CA THR D 373 -25.85 26.69 -24.28
C THR D 373 -25.68 27.49 -25.57
N LEU D 374 -26.08 26.90 -26.68
CA LEU D 374 -25.91 27.54 -27.98
C LEU D 374 -26.76 28.81 -28.08
N THR D 375 -27.97 28.76 -27.52
CA THR D 375 -28.88 29.90 -27.55
C THR D 375 -28.65 30.83 -26.35
N GLN D 376 -29.14 32.06 -26.46
CA GLN D 376 -28.93 33.07 -25.44
C GLN D 376 -29.73 32.80 -24.17
N ASN D 377 -30.79 32.00 -24.32
CA ASN D 377 -31.72 31.69 -23.24
C ASN D 377 -32.46 32.92 -22.72
N ARG D 378 -32.59 33.92 -23.58
CA ARG D 378 -33.44 35.07 -23.29
C ARG D 378 -34.58 35.02 -24.28
N MET D 379 -35.69 34.45 -23.84
CA MET D 379 -36.81 34.27 -24.74
C MET D 379 -37.88 35.35 -24.55
N THR D 380 -38.73 35.47 -25.56
CA THR D 380 -39.85 36.39 -25.54
C THR D 380 -40.89 35.78 -26.47
N VAL D 381 -42.14 35.71 -26.00
CA VAL D 381 -43.22 35.09 -26.77
C VAL D 381 -43.41 35.79 -28.11
N ALA D 382 -43.55 35.00 -29.17
CA ALA D 382 -43.70 35.56 -30.50
C ALA D 382 -45.03 35.18 -31.12
N HIS D 383 -45.37 33.89 -31.04
CA HIS D 383 -46.60 33.40 -31.66
C HIS D 383 -47.46 32.52 -30.74
N MET D 384 -48.72 32.38 -31.14
CA MET D 384 -49.69 31.52 -30.46
C MET D 384 -50.59 30.80 -31.46
N TRP D 385 -50.82 29.51 -31.24
CA TRP D 385 -51.67 28.74 -32.15
C TRP D 385 -52.88 28.19 -31.40
N PHE D 386 -54.05 28.72 -31.75
CA PHE D 386 -55.32 28.27 -31.18
C PHE D 386 -56.43 28.73 -32.12
N ASP D 387 -57.57 28.06 -32.05
CA ASP D 387 -58.65 28.27 -33.01
C ASP D 387 -58.15 28.04 -34.44
N ASN D 388 -57.31 27.03 -34.60
CA ASN D 388 -56.72 26.65 -35.89
C ASN D 388 -56.08 27.82 -36.65
N GLN D 389 -55.59 28.81 -35.92
CA GLN D 389 -54.99 29.98 -36.55
C GLN D 389 -53.68 30.36 -35.87
N ILE D 390 -52.81 31.03 -36.61
CA ILE D 390 -51.56 31.54 -36.09
C ILE D 390 -51.70 33.02 -35.72
N HIS D 391 -51.42 33.33 -34.46
CA HIS D 391 -51.52 34.69 -33.96
C HIS D 391 -50.15 35.24 -33.56
N GLU D 392 -49.75 36.36 -34.15
CA GLU D 392 -48.50 37.01 -33.78
C GLU D 392 -48.70 37.92 -32.57
N ALA D 393 -47.64 38.09 -31.78
CA ALA D 393 -47.70 38.96 -30.61
C ALA D 393 -46.79 40.16 -30.77
N ASP D 394 -47.06 41.20 -29.99
CA ASP D 394 -46.19 42.36 -29.90
C ASP D 394 -44.82 41.91 -29.40
N THR D 395 -43.80 41.96 -30.27
CA THR D 395 -42.49 41.39 -29.94
C THR D 395 -41.62 42.27 -29.01
N THR D 396 -40.98 43.30 -29.56
CA THR D 396 -40.20 44.25 -28.75
C THR D 396 -41.09 45.31 -28.09
N GLU D 397 -40.93 45.47 -26.78
CA GLU D 397 -41.79 46.36 -25.97
C GLU D 397 -43.26 45.95 -26.05
N ASN D 398 -43.57 44.79 -25.47
CA ASN D 398 -44.92 44.24 -25.46
C ASN D 398 -46.01 45.23 -25.04
N GLN D 399 -46.53 45.97 -26.01
CA GLN D 399 -47.62 46.92 -25.73
C GLN D 399 -48.97 46.34 -26.15
N SER D 400 -49.82 47.22 -26.67
CA SER D 400 -51.12 46.81 -27.17
C SER D 400 -51.28 47.30 -28.61
N GLY D 401 -52.48 47.11 -29.16
CA GLY D 401 -52.80 47.54 -30.50
C GLY D 401 -52.59 46.46 -31.55
N VAL D 402 -51.33 46.23 -31.90
CA VAL D 402 -50.98 45.32 -32.99
C VAL D 402 -51.12 43.83 -32.63
N SER D 403 -52.36 43.36 -32.45
CA SER D 403 -52.60 41.96 -32.10
C SER D 403 -54.07 41.56 -32.24
N PHE D 404 -54.41 40.42 -31.64
CA PHE D 404 -55.79 39.91 -31.63
C PHE D 404 -56.63 40.58 -30.55
N ASP D 405 -57.67 39.87 -30.07
CA ASP D 405 -58.51 40.42 -29.01
C ASP D 405 -58.23 39.72 -27.68
N LYS D 406 -57.98 40.51 -26.63
CA LYS D 406 -57.73 39.98 -25.29
C LYS D 406 -59.02 39.50 -24.61
N THR D 407 -60.05 39.25 -25.41
CA THR D 407 -61.36 38.85 -24.91
C THR D 407 -61.81 37.51 -25.50
N SER D 408 -61.00 36.94 -26.37
CA SER D 408 -61.30 35.64 -26.97
C SER D 408 -61.42 34.56 -25.91
N ALA D 409 -62.49 33.78 -25.98
CA ALA D 409 -62.77 32.76 -24.98
C ALA D 409 -61.74 31.64 -25.00
N THR D 410 -61.26 31.30 -26.20
CA THR D 410 -60.21 30.32 -26.35
C THR D 410 -58.94 30.82 -25.68
N TRP D 411 -58.47 31.97 -26.16
CA TRP D 411 -57.26 32.60 -25.67
C TRP D 411 -57.28 32.81 -24.15
N LEU D 412 -58.47 33.11 -23.61
CA LEU D 412 -58.60 33.36 -22.18
C LEU D 412 -58.27 32.14 -21.34
N ALA D 413 -58.51 30.94 -21.89
CA ALA D 413 -58.18 29.68 -21.23
C ALA D 413 -56.77 29.18 -21.55
N LEU D 414 -56.15 29.79 -22.56
CA LEU D 414 -54.76 29.53 -22.89
C LEU D 414 -53.90 30.38 -21.98
N SER D 415 -54.15 31.69 -22.03
CA SER D 415 -53.45 32.66 -21.21
C SER D 415 -53.52 32.29 -19.74
N ARG D 416 -54.58 31.62 -19.35
CA ARG D 416 -54.73 31.24 -17.96
C ARG D 416 -53.76 30.12 -17.57
N ILE D 417 -53.61 29.11 -18.43
CA ILE D 417 -52.69 28.01 -18.13
C ILE D 417 -51.23 28.39 -18.39
N ALA D 418 -51.01 29.34 -19.28
CA ALA D 418 -49.68 29.90 -19.51
C ALA D 418 -49.30 30.87 -18.37
N GLY D 419 -50.19 30.98 -17.38
CA GLY D 419 -49.96 31.83 -16.23
C GLY D 419 -50.17 31.11 -14.91
N LEU D 420 -51.02 30.09 -14.91
CA LEU D 420 -51.24 29.25 -13.73
C LEU D 420 -50.20 28.15 -13.62
N CYS D 421 -49.99 27.44 -14.72
CA CYS D 421 -49.00 26.37 -14.80
C CYS D 421 -47.63 27.00 -15.02
N ASN D 422 -47.51 28.25 -14.62
CA ASN D 422 -46.25 28.99 -14.65
C ASN D 422 -45.77 29.23 -13.22
N ARG D 423 -44.54 28.85 -12.93
CA ARG D 423 -44.05 28.95 -11.56
C ARG D 423 -43.01 30.05 -11.39
N ALA D 424 -42.73 30.77 -12.48
CA ALA D 424 -41.84 31.92 -12.40
C ALA D 424 -42.60 33.05 -11.71
N VAL D 425 -41.89 33.83 -10.89
CA VAL D 425 -42.44 35.01 -10.24
C VAL D 425 -41.45 36.15 -10.39
N PHE D 426 -41.93 37.39 -10.39
CA PHE D 426 -41.03 38.53 -10.28
C PHE D 426 -40.45 38.63 -8.87
N GLN D 427 -39.29 39.26 -8.74
CA GLN D 427 -38.62 39.33 -7.45
C GLN D 427 -39.04 40.48 -6.56
N ALA D 428 -38.34 40.65 -5.46
CA ALA D 428 -38.70 41.65 -4.46
C ALA D 428 -38.51 43.08 -4.94
N ASN D 429 -39.44 43.94 -4.54
CA ASN D 429 -39.34 45.37 -4.79
C ASN D 429 -39.23 45.72 -6.27
N GLN D 430 -40.19 45.27 -7.06
CA GLN D 430 -40.18 45.52 -8.50
C GLN D 430 -41.47 46.13 -9.01
N GLU D 431 -42.54 46.01 -8.23
CA GLU D 431 -43.85 46.51 -8.63
C GLU D 431 -43.90 48.04 -8.63
N ASN D 432 -43.02 48.64 -9.42
CA ASN D 432 -42.91 50.09 -9.55
C ASN D 432 -42.11 50.50 -10.80
N LEU D 433 -41.58 49.51 -11.51
CA LEU D 433 -40.84 49.75 -12.75
C LEU D 433 -41.34 48.80 -13.84
N PRO D 434 -41.22 49.21 -15.13
CA PRO D 434 -41.75 48.48 -16.31
C PRO D 434 -41.55 46.96 -16.27
N ILE D 435 -42.47 46.25 -16.91
CA ILE D 435 -42.54 44.80 -16.79
C ILE D 435 -41.38 44.09 -17.47
N LEU D 436 -40.85 44.70 -18.53
CA LEU D 436 -39.73 44.11 -19.26
C LEU D 436 -38.40 44.29 -18.54
N LYS D 437 -38.34 45.31 -17.70
CA LYS D 437 -37.16 45.55 -16.87
C LYS D 437 -37.02 44.52 -15.76
N ARG D 438 -38.02 44.47 -14.89
CA ARG D 438 -37.97 43.72 -13.61
C ARG D 438 -37.37 42.30 -13.65
N ALA D 439 -36.88 41.86 -12.48
CA ALA D 439 -36.15 40.61 -12.36
C ALA D 439 -37.08 39.44 -12.10
N VAL D 440 -36.88 38.37 -12.85
CA VAL D 440 -37.71 37.17 -12.79
C VAL D 440 -36.93 36.01 -12.20
N ALA D 441 -37.63 35.07 -11.59
CA ALA D 441 -36.98 33.91 -10.99
C ALA D 441 -37.65 32.63 -11.44
N GLY D 442 -36.99 31.90 -12.35
CA GLY D 442 -37.50 30.61 -12.78
C GLY D 442 -37.05 30.29 -14.18
N ASP D 443 -37.77 29.37 -14.81
CA ASP D 443 -37.49 28.93 -16.18
C ASP D 443 -37.33 30.07 -17.15
N ALA D 444 -36.50 29.89 -18.17
CA ALA D 444 -36.39 30.87 -19.22
C ALA D 444 -37.76 31.00 -19.90
N SER D 445 -38.36 29.83 -20.16
CA SER D 445 -39.63 29.76 -20.85
C SER D 445 -40.76 30.32 -20.00
N GLU D 446 -40.79 29.92 -18.73
CA GLU D 446 -41.84 30.39 -17.82
C GLU D 446 -41.77 31.90 -17.57
N SER D 447 -40.58 32.46 -17.69
CA SER D 447 -40.38 33.90 -17.54
C SER D 447 -40.96 34.65 -18.70
N ALA D 448 -40.69 34.14 -19.91
CA ALA D 448 -41.22 34.77 -21.12
C ALA D 448 -42.74 34.78 -21.12
N LEU D 449 -43.34 33.63 -20.82
CA LEU D 449 -44.79 33.51 -20.66
C LEU D 449 -45.28 34.55 -19.64
N LEU D 450 -44.66 34.53 -18.46
CA LEU D 450 -44.99 35.43 -17.36
C LEU D 450 -45.01 36.84 -17.86
N LYS D 451 -43.85 37.31 -18.34
CA LYS D 451 -43.72 38.67 -18.88
C LYS D 451 -44.74 38.93 -19.98
N CYS D 452 -44.93 37.95 -20.87
CA CYS D 452 -45.85 38.09 -22.00
C CYS D 452 -47.28 38.35 -21.56
N ILE D 453 -47.72 37.68 -20.50
CA ILE D 453 -49.12 37.84 -20.09
C ILE D 453 -49.32 38.94 -19.02
N GLU D 454 -48.30 39.22 -18.22
CA GLU D 454 -48.37 40.38 -17.32
C GLU D 454 -48.51 41.66 -18.15
N LEU D 455 -47.84 41.66 -19.29
CA LEU D 455 -47.76 42.85 -20.14
C LEU D 455 -48.99 43.10 -21.00
N CYS D 456 -49.82 42.08 -21.22
CA CYS D 456 -50.97 42.24 -22.10
C CYS D 456 -52.20 41.41 -21.71
N CYS D 457 -52.35 41.11 -20.43
CA CYS D 457 -53.53 40.39 -19.96
C CYS D 457 -53.91 40.68 -18.51
N GLY D 458 -52.99 41.25 -17.75
CA GLY D 458 -53.28 41.61 -16.37
C GLY D 458 -52.19 41.28 -15.35
N SER D 459 -52.61 40.92 -14.14
CA SER D 459 -51.68 40.56 -13.07
C SER D 459 -51.67 39.06 -12.83
N VAL D 460 -50.52 38.44 -13.08
CA VAL D 460 -50.41 36.98 -12.91
C VAL D 460 -50.39 36.64 -11.42
N LYS D 461 -49.93 37.59 -10.62
CA LYS D 461 -49.88 37.44 -9.18
C LYS D 461 -51.29 37.41 -8.60
N GLU D 462 -52.19 38.15 -9.23
CA GLU D 462 -53.60 38.19 -8.84
C GLU D 462 -54.38 37.00 -9.39
N MET D 463 -54.15 36.68 -10.66
CA MET D 463 -54.71 35.49 -11.30
C MET D 463 -54.34 34.21 -10.52
N ARG D 464 -53.05 34.06 -10.22
CA ARG D 464 -52.55 32.87 -9.54
C ARG D 464 -53.13 32.77 -8.13
N GLU D 465 -53.53 33.92 -7.59
CA GLU D 465 -54.07 34.01 -6.24
C GLU D 465 -55.49 33.51 -6.17
N ARG D 466 -56.30 33.89 -7.16
CA ARG D 466 -57.70 33.48 -7.27
C ARG D 466 -57.83 31.99 -7.51
N TYR D 467 -56.99 31.49 -8.41
CA TYR D 467 -56.93 30.06 -8.66
C TYR D 467 -55.89 29.41 -7.76
N THR D 468 -56.23 29.27 -6.48
CA THR D 468 -55.31 28.69 -5.51
C THR D 468 -54.97 27.25 -5.90
N LYS D 469 -53.75 27.02 -6.40
CA LYS D 469 -53.41 25.68 -6.85
C LYS D 469 -53.34 24.70 -5.69
N ILE D 470 -53.73 23.45 -5.97
CA ILE D 470 -53.92 22.43 -4.95
C ILE D 470 -52.78 21.42 -4.90
N VAL D 471 -52.41 20.90 -6.06
CA VAL D 471 -51.26 20.02 -6.18
C VAL D 471 -50.54 20.37 -7.48
N GLU D 472 -49.23 20.11 -7.54
CA GLU D 472 -48.52 20.16 -8.81
C GLU D 472 -47.34 19.17 -8.89
N ILE D 473 -46.90 18.94 -10.12
CA ILE D 473 -45.72 18.16 -10.40
C ILE D 473 -44.89 19.05 -11.29
N PRO D 474 -43.86 19.67 -10.72
CA PRO D 474 -43.11 20.68 -11.47
C PRO D 474 -42.39 20.03 -12.64
N PHE D 475 -42.26 20.77 -13.73
CA PHE D 475 -41.51 20.32 -14.89
C PHE D 475 -40.12 19.80 -14.51
N ASN D 476 -39.80 18.62 -15.01
CA ASN D 476 -38.43 18.13 -14.98
C ASN D 476 -38.06 17.67 -16.37
N SER D 477 -36.81 17.90 -16.76
CA SER D 477 -36.39 17.71 -18.16
C SER D 477 -36.57 16.29 -18.68
N THR D 478 -37.00 15.38 -17.82
CA THR D 478 -37.25 14.01 -18.22
C THR D 478 -38.73 13.78 -18.58
N ASN D 479 -39.65 14.35 -17.81
CA ASN D 479 -41.06 14.32 -18.16
C ASN D 479 -41.41 15.20 -19.36
N LYS D 480 -40.81 16.37 -19.43
CA LYS D 480 -41.06 17.34 -20.49
C LYS D 480 -42.45 18.00 -20.47
N TYR D 481 -43.06 18.03 -19.29
CA TYR D 481 -44.31 18.74 -19.05
C TYR D 481 -44.48 19.16 -17.59
N GLN D 482 -45.20 20.24 -17.36
CA GLN D 482 -45.54 20.64 -16.00
C GLN D 482 -47.03 20.48 -15.81
N LEU D 483 -47.50 20.44 -14.58
CA LEU D 483 -48.92 20.16 -14.31
C LEU D 483 -49.31 20.62 -12.90
N SER D 484 -50.45 21.29 -12.79
CA SER D 484 -50.98 21.72 -11.50
C SER D 484 -52.50 21.78 -11.48
N ILE D 485 -53.11 21.24 -10.42
CA ILE D 485 -54.54 21.38 -10.21
C ILE D 485 -54.78 22.60 -9.33
N HIS D 486 -55.84 23.35 -9.62
CA HIS D 486 -56.14 24.57 -8.88
C HIS D 486 -57.58 24.51 -8.45
N LYS D 487 -57.92 25.20 -7.36
CA LYS D 487 -59.34 25.41 -7.03
C LYS D 487 -59.88 26.47 -7.97
N ASN D 488 -61.20 26.42 -8.21
CA ASN D 488 -61.82 27.26 -9.23
C ASN D 488 -62.95 28.06 -8.59
N PRO D 489 -62.85 29.40 -8.67
CA PRO D 489 -63.81 30.28 -8.00
C PRO D 489 -65.07 30.57 -8.83
N ASN D 490 -65.16 30.04 -10.04
CA ASN D 490 -66.26 30.38 -10.94
C ASN D 490 -67.58 29.67 -10.65
N THR D 491 -68.60 29.95 -11.44
CA THR D 491 -69.90 29.32 -11.23
C THR D 491 -70.10 28.15 -12.20
N ALA D 492 -69.54 28.28 -13.40
CA ALA D 492 -69.55 27.19 -14.38
C ALA D 492 -68.54 26.14 -13.94
N GLU D 493 -67.49 26.63 -13.28
CA GLU D 493 -66.53 25.83 -12.53
C GLU D 493 -67.07 24.47 -12.07
N PRO D 494 -66.42 23.40 -12.50
CA PRO D 494 -66.79 22.11 -11.93
C PRO D 494 -66.00 21.75 -10.64
N ARG D 495 -65.32 22.73 -10.06
CA ARG D 495 -64.61 22.69 -8.76
C ARG D 495 -63.10 22.38 -8.71
N HIS D 496 -62.53 21.98 -9.83
CA HIS D 496 -61.10 21.76 -9.89
C HIS D 496 -60.63 22.02 -11.32
N LEU D 497 -59.41 22.53 -11.49
CA LEU D 497 -58.89 22.84 -12.82
C LEU D 497 -57.50 22.26 -12.96
N LEU D 498 -57.39 21.26 -13.82
CA LEU D 498 -56.11 20.68 -14.15
C LEU D 498 -55.53 21.45 -15.32
N VAL D 499 -54.43 22.15 -15.08
CA VAL D 499 -53.70 22.81 -16.14
C VAL D 499 -52.38 22.09 -16.35
N MET D 500 -51.95 21.99 -17.60
CA MET D 500 -50.64 21.43 -17.87
C MET D 500 -50.15 21.87 -19.23
N LYS D 501 -48.84 21.86 -19.40
CA LYS D 501 -48.22 22.38 -20.60
C LYS D 501 -46.93 21.62 -20.75
N GLY D 502 -46.28 21.71 -21.90
CA GLY D 502 -45.00 21.05 -22.09
C GLY D 502 -44.57 20.87 -23.52
N ALA D 503 -43.84 19.79 -23.74
CA ALA D 503 -43.48 19.41 -25.09
C ALA D 503 -44.79 19.22 -25.89
N PRO D 504 -45.00 20.08 -26.90
CA PRO D 504 -46.27 20.20 -27.63
C PRO D 504 -46.75 18.89 -28.24
N GLU D 505 -45.80 18.08 -28.68
CA GLU D 505 -46.10 16.77 -29.20
C GLU D 505 -46.70 15.91 -28.09
N ARG D 506 -45.98 15.82 -26.97
CA ARG D 506 -46.43 15.02 -25.83
C ARG D 506 -47.78 15.53 -25.29
N ILE D 507 -47.92 16.85 -25.21
CA ILE D 507 -49.15 17.47 -24.72
C ILE D 507 -50.35 17.09 -25.59
N LEU D 508 -50.19 17.18 -26.90
CA LEU D 508 -51.27 16.90 -27.86
C LEU D 508 -51.78 15.48 -27.65
N ASP D 509 -50.85 14.52 -27.50
CA ASP D 509 -51.22 13.12 -27.38
C ASP D 509 -52.03 12.79 -26.12
N ARG D 510 -51.92 13.65 -25.11
CA ARG D 510 -52.65 13.45 -23.85
C ARG D 510 -54.04 14.06 -23.98
N CYS D 511 -54.32 14.63 -25.15
CA CYS D 511 -55.61 15.26 -25.38
C CYS D 511 -56.59 14.46 -26.22
N SER D 512 -57.84 14.49 -25.78
CA SER D 512 -58.95 13.96 -26.53
C SER D 512 -59.64 15.09 -27.29
N SER D 513 -59.91 16.18 -26.59
CA SER D 513 -60.64 17.30 -27.15
C SER D 513 -59.75 18.51 -27.41
N ILE D 514 -60.22 19.39 -28.28
CA ILE D 514 -59.54 20.64 -28.55
C ILE D 514 -60.48 21.81 -28.19
N LEU D 515 -59.91 22.98 -27.87
CA LEU D 515 -60.73 24.14 -27.55
C LEU D 515 -60.83 25.12 -28.73
N ILE D 516 -62.01 25.18 -29.34
CA ILE D 516 -62.26 26.08 -30.46
C ILE D 516 -63.36 27.08 -30.15
N HIS D 517 -63.02 28.37 -30.24
CA HIS D 517 -63.96 29.47 -29.99
C HIS D 517 -64.71 29.30 -28.66
N GLY D 518 -64.07 28.66 -27.69
CA GLY D 518 -64.68 28.42 -26.40
C GLY D 518 -65.27 27.02 -26.34
N LYS D 519 -65.80 26.56 -27.47
CA LYS D 519 -66.51 25.28 -27.51
C LYS D 519 -65.56 24.11 -27.67
N GLU D 520 -65.46 23.29 -26.63
CA GLU D 520 -64.63 22.10 -26.66
C GLU D 520 -65.30 20.98 -27.45
N GLN D 521 -64.63 20.52 -28.52
CA GLN D 521 -65.16 19.51 -29.43
C GLN D 521 -64.02 18.60 -29.85
N PRO D 522 -64.29 17.29 -29.96
CA PRO D 522 -63.27 16.26 -30.15
C PRO D 522 -62.22 16.56 -31.24
N LEU D 523 -60.99 16.09 -31.02
CA LEU D 523 -59.80 16.42 -31.79
C LEU D 523 -59.63 15.52 -33.02
N ASP D 524 -60.12 15.98 -34.16
CA ASP D 524 -60.09 15.14 -35.37
C ASP D 524 -58.69 15.07 -36.03
N GLU D 525 -58.61 14.26 -37.07
CA GLU D 525 -57.37 14.07 -37.82
C GLU D 525 -56.93 15.33 -38.56
N GLU D 526 -57.90 16.16 -38.95
CA GLU D 526 -57.60 17.40 -39.64
C GLU D 526 -56.98 18.43 -38.70
N LEU D 527 -57.37 18.38 -37.44
CA LEU D 527 -56.81 19.27 -36.43
C LEU D 527 -55.37 18.89 -36.07
N LYS D 528 -55.13 17.58 -35.88
CA LYS D 528 -53.80 17.09 -35.54
C LYS D 528 -52.76 17.51 -36.57
N ASP D 529 -53.18 17.62 -37.82
CA ASP D 529 -52.29 18.00 -38.89
C ASP D 529 -52.10 19.50 -38.97
N ALA D 530 -53.12 20.26 -38.58
CA ALA D 530 -53.01 21.71 -38.56
C ALA D 530 -52.00 22.12 -37.49
N PHE D 531 -52.07 21.41 -36.37
CA PHE D 531 -51.13 21.54 -35.26
C PHE D 531 -49.71 21.22 -35.71
N GLN D 532 -49.56 20.10 -36.42
CA GLN D 532 -48.28 19.66 -36.94
C GLN D 532 -47.74 20.65 -37.98
N ASN D 533 -48.63 21.30 -38.71
CA ASN D 533 -48.23 22.31 -39.67
C ASN D 533 -47.93 23.63 -38.96
N ALA D 534 -48.47 23.79 -37.75
CA ALA D 534 -48.22 25.00 -36.98
C ALA D 534 -46.82 24.96 -36.39
N TYR D 535 -46.33 23.75 -36.16
CA TYR D 535 -45.03 23.54 -35.53
C TYR D 535 -43.91 23.67 -36.56
N LEU D 536 -44.12 23.06 -37.72
CA LEU D 536 -43.18 23.18 -38.83
C LEU D 536 -43.11 24.64 -39.26
N GLU D 537 -44.18 25.38 -38.99
CA GLU D 537 -44.23 26.81 -39.32
C GLU D 537 -43.45 27.63 -38.30
N LEU D 538 -43.80 27.47 -37.03
CA LEU D 538 -43.21 28.28 -35.97
C LEU D 538 -41.81 27.81 -35.58
N GLY D 539 -41.63 26.49 -35.47
CA GLY D 539 -40.34 25.92 -35.11
C GLY D 539 -39.33 26.06 -36.23
N GLY D 540 -39.82 26.09 -37.46
CA GLY D 540 -38.95 26.27 -38.60
C GLY D 540 -38.33 27.66 -38.62
N LEU D 541 -39.01 28.62 -37.99
CA LEU D 541 -38.47 29.97 -37.78
C LEU D 541 -37.37 29.95 -36.71
N GLY D 542 -37.20 28.82 -36.05
CA GLY D 542 -36.19 28.66 -35.02
C GLY D 542 -36.78 28.94 -33.65
N GLU D 543 -38.11 29.08 -33.61
CA GLU D 543 -38.80 29.41 -32.38
C GLU D 543 -39.15 28.18 -31.54
N ARG D 544 -38.94 28.29 -30.23
CA ARG D 544 -39.18 27.20 -29.30
C ARG D 544 -40.66 27.16 -28.96
N VAL D 545 -41.30 26.03 -29.25
CA VAL D 545 -42.74 25.90 -29.05
C VAL D 545 -43.10 25.05 -27.82
N LEU D 546 -44.08 25.53 -27.06
CA LEU D 546 -44.67 24.77 -25.97
C LEU D 546 -46.11 24.48 -26.29
N GLY D 547 -46.57 23.27 -25.98
CA GLY D 547 -47.97 22.95 -26.08
C GLY D 547 -48.67 23.21 -24.77
N PHE D 548 -49.92 23.67 -24.83
CA PHE D 548 -50.69 24.03 -23.63
C PHE D 548 -52.04 23.33 -23.62
N CYS D 549 -52.50 22.93 -22.43
CA CYS D 549 -53.81 22.31 -22.30
C CYS D 549 -54.37 22.37 -20.87
N HIS D 550 -55.64 22.02 -20.75
CA HIS D 550 -56.30 21.93 -19.44
C HIS D 550 -57.34 20.80 -19.39
N LEU D 551 -58.07 20.74 -18.29
CA LEU D 551 -59.13 19.77 -18.09
C LEU D 551 -59.87 20.12 -16.82
N PHE D 552 -61.20 20.18 -16.92
CA PHE D 552 -62.04 20.48 -15.76
C PHE D 552 -62.47 19.22 -15.00
N LEU D 553 -61.77 18.89 -13.92
CA LEU D 553 -62.00 17.65 -13.18
C LEU D 553 -63.42 17.57 -12.66
N PRO D 554 -64.19 16.56 -13.15
CA PRO D 554 -65.64 16.42 -12.94
C PRO D 554 -66.04 16.35 -11.46
N ASP D 555 -66.97 17.20 -11.06
CA ASP D 555 -67.45 17.31 -9.69
C ASP D 555 -67.76 15.97 -9.02
N GLU D 556 -68.48 15.12 -9.75
CA GLU D 556 -68.95 13.85 -9.20
C GLU D 556 -67.80 12.91 -8.87
N GLN D 557 -66.77 12.93 -9.70
CA GLN D 557 -65.61 12.08 -9.51
C GLN D 557 -64.63 12.69 -8.49
N PHE D 558 -64.65 14.02 -8.40
CA PHE D 558 -63.72 14.74 -7.53
C PHE D 558 -64.46 15.74 -6.62
N PRO D 559 -64.74 15.31 -5.38
CA PRO D 559 -65.48 16.07 -4.36
C PRO D 559 -64.68 17.26 -3.86
N GLU D 560 -65.27 18.01 -2.94
CA GLU D 560 -64.63 19.19 -2.38
C GLU D 560 -63.23 18.93 -1.85
N GLY D 561 -63.13 18.17 -0.76
CA GLY D 561 -61.86 17.94 -0.10
C GLY D 561 -61.02 16.79 -0.65
N PHE D 562 -61.05 16.62 -1.96
CA PHE D 562 -60.40 15.49 -2.60
C PHE D 562 -58.88 15.44 -2.35
N GLN D 563 -58.40 14.27 -1.97
CA GLN D 563 -56.98 14.05 -1.73
C GLN D 563 -56.18 13.72 -3.00
N PHE D 564 -55.94 14.71 -3.84
CA PHE D 564 -55.11 14.50 -5.02
C PHE D 564 -53.78 13.94 -4.58
N ASP D 565 -53.46 12.76 -5.10
CA ASP D 565 -52.18 12.11 -4.82
C ASP D 565 -51.25 12.26 -6.00
N THR D 566 -50.13 12.94 -5.79
CA THR D 566 -49.24 13.28 -6.89
C THR D 566 -48.12 12.24 -7.10
N ASP D 567 -48.04 11.25 -6.22
CA ASP D 567 -47.04 10.20 -6.35
C ASP D 567 -47.57 8.97 -7.09
N ASP D 568 -48.85 8.67 -6.93
CA ASP D 568 -49.48 7.56 -7.67
C ASP D 568 -50.62 8.01 -8.62
N VAL D 569 -50.63 9.32 -8.92
CA VAL D 569 -51.57 9.98 -9.85
C VAL D 569 -53.08 9.78 -9.65
N ASN D 570 -53.62 10.41 -8.61
CA ASN D 570 -55.03 10.38 -8.29
C ASN D 570 -56.00 11.02 -9.30
N PHE D 571 -55.52 11.40 -10.49
CA PHE D 571 -56.33 12.19 -11.42
C PHE D 571 -55.87 11.95 -12.88
N PRO D 572 -56.66 12.38 -13.87
CA PRO D 572 -56.26 12.02 -15.23
C PRO D 572 -55.08 12.82 -15.77
N LEU D 573 -54.23 12.15 -16.56
CA LEU D 573 -53.23 12.83 -17.38
C LEU D 573 -53.62 12.73 -18.85
N ASP D 574 -54.79 12.13 -19.10
CA ASP D 574 -55.27 11.86 -20.45
C ASP D 574 -56.65 12.43 -20.72
N ASN D 575 -57.05 12.44 -21.98
CA ASN D 575 -58.35 12.98 -22.40
C ASN D 575 -58.52 14.45 -22.05
N LEU D 576 -57.40 15.16 -21.98
CA LEU D 576 -57.39 16.58 -21.63
C LEU D 576 -57.92 17.40 -22.81
N CYS D 577 -57.97 18.71 -22.63
CA CYS D 577 -58.43 19.60 -23.69
C CYS D 577 -57.28 20.47 -24.18
N PHE D 578 -56.87 20.23 -25.42
CA PHE D 578 -55.78 20.98 -26.03
C PHE D 578 -56.18 22.45 -26.25
N VAL D 579 -55.56 23.37 -25.51
CA VAL D 579 -55.90 24.80 -25.60
C VAL D 579 -55.06 25.58 -26.63
N GLY D 580 -53.80 25.23 -26.78
CA GLY D 580 -53.01 25.86 -27.83
C GLY D 580 -51.51 25.64 -27.80
N LEU D 581 -50.83 26.33 -28.70
CA LEU D 581 -49.37 26.38 -28.75
C LEU D 581 -48.89 27.78 -28.42
N ILE D 582 -47.65 27.90 -27.96
CA ILE D 582 -46.99 29.19 -27.81
C ILE D 582 -45.52 29.06 -28.19
N SER D 583 -45.10 29.76 -29.23
CA SER D 583 -43.69 29.78 -29.63
C SER D 583 -42.96 31.01 -29.06
N MET D 584 -41.68 30.83 -28.73
CA MET D 584 -40.88 31.92 -28.18
C MET D 584 -39.61 32.13 -28.98
N ILE D 585 -39.33 33.38 -29.33
CA ILE D 585 -38.08 33.70 -30.00
C ILE D 585 -36.89 33.50 -29.07
N ASP D 586 -36.05 32.53 -29.41
CA ASP D 586 -34.81 32.26 -28.66
C ASP D 586 -33.64 32.23 -29.62
N PRO D 587 -32.98 33.38 -29.79
CA PRO D 587 -31.88 33.57 -30.74
C PRO D 587 -30.53 33.00 -30.25
N PRO D 588 -29.77 32.40 -31.17
CA PRO D 588 -28.45 31.84 -30.87
C PRO D 588 -27.53 32.90 -30.27
N ARG D 589 -26.59 32.44 -29.45
CA ARG D 589 -25.64 33.34 -28.78
C ARG D 589 -24.72 33.99 -29.81
N ALA D 590 -24.18 35.16 -29.44
CA ALA D 590 -23.35 35.95 -30.34
C ALA D 590 -22.23 35.17 -31.05
N ALA D 591 -21.44 34.44 -30.27
CA ALA D 591 -20.21 33.83 -30.77
C ALA D 591 -20.38 32.44 -31.38
N VAL D 592 -21.56 31.85 -31.20
CA VAL D 592 -21.76 30.45 -31.59
C VAL D 592 -21.42 30.08 -33.05
N PRO D 593 -21.93 30.83 -34.03
CA PRO D 593 -21.53 30.58 -35.43
C PRO D 593 -20.04 30.32 -35.66
N ASP D 594 -19.20 31.35 -35.52
CA ASP D 594 -17.78 31.18 -35.76
C ASP D 594 -17.14 30.16 -34.82
N ALA D 595 -17.73 30.03 -33.63
CA ALA D 595 -17.18 29.12 -32.65
C ALA D 595 -17.24 27.70 -33.18
N VAL D 596 -18.41 27.27 -33.67
CA VAL D 596 -18.56 25.90 -34.19
C VAL D 596 -17.82 25.79 -35.51
N GLY D 597 -17.67 26.93 -36.17
CA GLY D 597 -16.89 26.98 -37.40
C GLY D 597 -15.44 26.67 -37.10
N LYS D 598 -14.85 27.45 -36.21
CA LYS D 598 -13.46 27.23 -35.83
C LYS D 598 -13.24 25.82 -35.27
N CYS D 599 -14.21 25.35 -34.49
CA CYS D 599 -14.11 23.99 -33.93
C CYS D 599 -14.05 22.96 -35.04
N ARG D 600 -15.02 23.04 -35.95
CA ARG D 600 -15.08 22.11 -37.08
C ARG D 600 -13.83 22.25 -37.94
N SER D 601 -13.40 23.49 -38.12
CA SER D 601 -12.17 23.79 -38.88
C SER D 601 -11.00 23.03 -38.30
N ALA D 602 -10.97 22.95 -36.97
CA ALA D 602 -9.90 22.27 -36.25
C ALA D 602 -10.09 20.75 -36.18
N GLY D 603 -10.96 20.21 -37.04
CA GLY D 603 -11.12 18.77 -37.15
C GLY D 603 -12.00 18.15 -36.08
N ILE D 604 -12.82 18.98 -35.43
CA ILE D 604 -13.74 18.54 -34.38
C ILE D 604 -15.16 18.38 -34.90
N LYS D 605 -15.80 17.24 -34.57
CA LYS D 605 -17.18 17.01 -34.98
C LYS D 605 -18.16 17.54 -33.95
N VAL D 606 -18.91 18.56 -34.33
CA VAL D 606 -19.93 19.11 -33.45
C VAL D 606 -21.27 18.37 -33.58
N ILE D 607 -21.83 17.99 -32.44
CA ILE D 607 -23.10 17.32 -32.41
C ILE D 607 -24.04 18.11 -31.53
N MET D 608 -25.24 18.41 -32.04
CA MET D 608 -26.27 19.00 -31.19
C MET D 608 -27.03 17.92 -30.41
N VAL D 609 -27.01 18.01 -29.09
CA VAL D 609 -27.77 17.08 -28.27
C VAL D 609 -28.72 17.89 -27.42
N THR D 610 -29.99 17.91 -27.80
CA THR D 610 -30.96 18.74 -27.12
C THR D 610 -32.18 17.92 -26.75
N GLY D 611 -33.06 18.49 -25.94
CA GLY D 611 -34.30 17.81 -25.59
C GLY D 611 -35.47 18.47 -26.28
N ASP D 612 -35.18 19.30 -27.28
CA ASP D 612 -36.21 20.08 -27.95
C ASP D 612 -36.67 19.36 -29.20
N HIS D 613 -37.87 19.72 -29.67
CA HIS D 613 -38.49 19.13 -30.85
C HIS D 613 -37.58 19.30 -32.06
N PRO D 614 -37.43 18.21 -32.83
CA PRO D 614 -36.55 18.13 -34.00
C PRO D 614 -36.77 19.24 -35.02
N ILE D 615 -37.90 19.93 -34.96
CA ILE D 615 -38.16 21.00 -35.90
C ILE D 615 -37.45 22.28 -35.45
N THR D 616 -37.48 22.54 -34.14
CA THR D 616 -36.81 23.71 -33.60
C THR D 616 -35.29 23.52 -33.66
N ALA D 617 -34.85 22.31 -33.34
CA ALA D 617 -33.43 21.99 -33.30
C ALA D 617 -32.76 22.13 -34.67
N LYS D 618 -33.28 21.39 -35.66
CA LYS D 618 -32.70 21.39 -37.00
C LYS D 618 -32.69 22.80 -37.59
N ALA D 619 -33.65 23.61 -37.18
CA ALA D 619 -33.69 25.00 -37.60
C ALA D 619 -32.48 25.75 -37.04
N ILE D 620 -32.23 25.57 -35.74
CA ILE D 620 -31.12 26.25 -35.07
C ILE D 620 -29.76 25.71 -35.55
N ALA D 621 -29.67 24.40 -35.76
CA ALA D 621 -28.42 23.77 -36.20
C ALA D 621 -27.93 24.34 -37.53
N LYS D 622 -28.85 24.53 -38.46
CA LYS D 622 -28.49 25.19 -39.70
C LYS D 622 -28.08 26.63 -39.39
N GLY D 623 -28.83 27.28 -38.50
CA GLY D 623 -28.60 28.67 -38.18
C GLY D 623 -27.29 28.96 -37.47
N VAL D 624 -26.62 27.93 -36.95
CA VAL D 624 -25.33 28.16 -36.27
C VAL D 624 -24.17 27.38 -36.88
N GLY D 625 -24.45 26.32 -37.63
CA GLY D 625 -23.41 25.67 -38.41
C GLY D 625 -23.06 24.23 -38.06
N ILE D 626 -23.88 23.60 -37.22
CA ILE D 626 -23.69 22.20 -36.90
C ILE D 626 -24.20 21.38 -38.07
N ILE D 627 -25.12 21.97 -38.80
CA ILE D 627 -25.64 21.42 -40.04
C ILE D 627 -25.52 22.51 -41.11
N SER D 628 -24.67 22.30 -42.09
CA SER D 628 -24.47 23.30 -43.14
C SER D 628 -25.43 23.06 -44.30
N GLU D 629 -26.12 24.13 -44.71
CA GLU D 629 -27.06 24.06 -45.83
C GLU D 629 -26.36 23.64 -47.13
N GLY D 630 -26.30 22.33 -47.34
CA GLY D 630 -25.62 21.74 -48.48
C GLY D 630 -25.61 20.23 -48.30
N ASN D 631 -25.71 19.80 -47.05
CA ASN D 631 -25.90 18.41 -46.71
C ASN D 631 -27.38 18.16 -46.43
N GLU D 632 -27.85 16.95 -46.73
CA GLU D 632 -29.27 16.65 -46.61
C GLU D 632 -29.54 15.48 -45.69
N THR D 633 -30.70 15.52 -45.02
CA THR D 633 -31.19 14.39 -44.25
C THR D 633 -32.07 13.54 -45.15
N VAL D 634 -32.29 12.28 -44.79
CA VAL D 634 -33.16 11.39 -45.56
C VAL D 634 -34.59 11.95 -45.67
N GLU D 635 -34.87 12.96 -44.83
CA GLU D 635 -36.16 13.64 -44.84
C GLU D 635 -36.17 14.75 -45.90
N ASP D 636 -35.00 15.33 -46.17
CA ASP D 636 -34.87 16.36 -47.21
C ASP D 636 -34.92 15.70 -48.60
N ILE D 637 -34.17 14.61 -48.74
CA ILE D 637 -34.08 13.85 -49.98
C ILE D 637 -35.46 13.35 -50.39
N ALA D 638 -36.13 12.69 -49.44
CA ALA D 638 -37.43 12.06 -49.70
C ALA D 638 -38.54 13.08 -49.99
N ALA D 639 -38.32 14.33 -49.62
CA ALA D 639 -39.27 15.40 -49.88
C ALA D 639 -38.95 16.09 -51.21
N ARG D 640 -37.73 15.91 -51.68
CA ARG D 640 -37.27 16.47 -52.95
C ARG D 640 -37.58 15.52 -54.12
N LEU D 641 -37.76 14.24 -53.82
CA LEU D 641 -38.03 13.23 -54.84
C LEU D 641 -39.46 12.70 -54.79
N ASN D 642 -40.23 13.17 -53.82
CA ASN D 642 -41.63 12.75 -53.59
C ASN D 642 -41.77 11.29 -53.14
N ILE D 643 -40.64 10.61 -52.95
CA ILE D 643 -40.66 9.18 -52.59
C ILE D 643 -40.74 9.01 -51.07
N PRO D 644 -41.19 7.81 -50.61
CA PRO D 644 -41.29 7.53 -49.17
C PRO D 644 -39.98 7.76 -48.42
N VAL D 645 -40.08 8.26 -47.20
CA VAL D 645 -38.92 8.51 -46.35
C VAL D 645 -38.21 7.20 -46.08
N SER D 646 -38.98 6.20 -45.64
CA SER D 646 -38.45 4.86 -45.35
C SER D 646 -38.13 4.08 -46.63
N GLN D 647 -37.85 4.80 -47.72
CA GLN D 647 -37.46 4.19 -48.98
C GLN D 647 -36.04 4.60 -49.38
N VAL D 648 -35.67 5.85 -49.05
CA VAL D 648 -34.36 6.38 -49.40
C VAL D 648 -33.22 5.70 -48.64
N ASN D 649 -32.10 5.48 -49.33
CA ASN D 649 -30.89 4.91 -48.73
C ASN D 649 -30.25 5.88 -47.71
N PRO D 650 -30.10 5.44 -46.45
CA PRO D 650 -29.56 6.24 -45.33
C PRO D 650 -28.16 6.83 -45.54
N ARG D 651 -27.41 6.31 -46.51
CA ARG D 651 -26.03 6.75 -46.73
C ARG D 651 -25.93 7.86 -47.77
N ASP D 652 -27.02 8.12 -48.48
CA ASP D 652 -27.11 9.28 -49.35
C ASP D 652 -27.10 10.50 -48.45
N ALA D 653 -27.57 10.29 -47.22
CA ALA D 653 -27.66 11.35 -46.22
C ALA D 653 -26.35 11.52 -45.45
N LYS D 654 -25.89 12.75 -45.37
CA LYS D 654 -24.67 13.07 -44.64
C LYS D 654 -25.05 13.58 -43.24
N ALA D 655 -26.14 14.33 -43.18
CA ALA D 655 -26.66 14.81 -41.91
C ALA D 655 -27.94 14.09 -41.54
N CYS D 656 -28.30 14.15 -40.27
CA CYS D 656 -29.57 13.60 -39.84
C CYS D 656 -29.99 14.16 -38.48
N VAL D 657 -31.29 14.31 -38.32
CA VAL D 657 -31.88 14.62 -37.03
C VAL D 657 -32.44 13.31 -36.49
N VAL D 658 -32.26 13.07 -35.19
CA VAL D 658 -32.59 11.79 -34.61
C VAL D 658 -33.49 11.97 -33.40
N HIS D 659 -34.78 11.67 -33.56
CA HIS D 659 -35.72 11.81 -32.46
C HIS D 659 -35.36 10.84 -31.35
N GLY D 660 -35.52 11.28 -30.11
CA GLY D 660 -35.21 10.47 -28.95
C GLY D 660 -36.09 9.24 -28.84
N SER D 661 -37.36 9.41 -29.20
CA SER D 661 -38.32 8.31 -29.16
C SER D 661 -37.94 7.18 -30.11
N ASP D 662 -36.90 7.40 -30.90
CA ASP D 662 -36.37 6.40 -31.83
C ASP D 662 -34.99 5.88 -31.37
N LEU D 663 -34.29 6.69 -30.58
CA LEU D 663 -33.04 6.26 -29.99
C LEU D 663 -33.34 5.25 -28.90
N LYS D 664 -34.56 5.33 -28.39
CA LYS D 664 -35.02 4.39 -27.39
C LYS D 664 -34.95 2.96 -27.94
N ASP D 665 -35.21 2.84 -29.24
CA ASP D 665 -35.24 1.54 -29.92
C ASP D 665 -33.96 1.32 -30.72
N MET D 666 -32.92 2.07 -30.37
CA MET D 666 -31.64 1.94 -31.02
C MET D 666 -30.80 0.89 -30.29
N THR D 667 -30.14 0.01 -31.03
CA THR D 667 -29.11 -0.83 -30.43
C THR D 667 -27.77 -0.12 -30.54
N SER D 668 -26.80 -0.58 -29.73
CA SER D 668 -25.48 0.03 -29.68
C SER D 668 -24.86 0.12 -31.08
N GLU D 669 -25.07 -0.92 -31.87
CA GLU D 669 -24.60 -0.92 -33.26
C GLU D 669 -25.25 0.20 -34.06
N GLN D 670 -26.56 0.35 -33.92
CA GLN D 670 -27.30 1.35 -34.66
C GLN D 670 -26.82 2.76 -34.32
N LEU D 671 -26.62 3.04 -33.04
CA LEU D 671 -26.12 4.33 -32.58
C LEU D 671 -24.76 4.60 -33.23
N ASP D 672 -23.85 3.63 -33.09
CA ASP D 672 -22.52 3.70 -33.66
C ASP D 672 -22.64 4.05 -35.14
N ASP D 673 -23.58 3.39 -35.81
CA ASP D 673 -23.79 3.57 -37.24
C ASP D 673 -24.16 5.02 -37.58
N ILE D 674 -25.12 5.56 -36.84
CA ILE D 674 -25.59 6.93 -37.07
C ILE D 674 -24.48 7.91 -36.72
N LEU D 675 -23.60 7.50 -35.82
CA LEU D 675 -22.39 8.27 -35.49
C LEU D 675 -21.33 8.11 -36.57
N LYS D 676 -21.08 6.86 -36.95
CA LYS D 676 -19.98 6.52 -37.85
C LYS D 676 -20.19 7.05 -39.27
N TYR D 677 -21.44 7.17 -39.70
CA TYR D 677 -21.71 7.45 -41.12
C TYR D 677 -22.33 8.82 -41.40
N HIS D 678 -22.34 9.68 -40.38
CA HIS D 678 -22.97 10.99 -40.54
C HIS D 678 -22.06 12.12 -40.09
N THR D 679 -21.64 12.94 -41.05
CA THR D 679 -20.79 14.09 -40.78
C THR D 679 -21.35 15.03 -39.70
N GLU D 680 -22.67 15.26 -39.75
CA GLU D 680 -23.32 16.23 -38.88
C GLU D 680 -24.58 15.62 -38.28
N ILE D 681 -24.61 15.45 -36.97
CA ILE D 681 -25.76 14.81 -36.35
C ILE D 681 -26.44 15.68 -35.30
N VAL D 682 -27.75 15.51 -35.20
CA VAL D 682 -28.57 16.19 -34.20
C VAL D 682 -29.40 15.16 -33.43
N PHE D 683 -29.47 15.29 -32.11
CA PHE D 683 -30.27 14.39 -31.29
C PHE D 683 -31.33 15.21 -30.58
N ALA D 684 -32.58 15.07 -31.00
CA ALA D 684 -33.64 15.92 -30.49
C ALA D 684 -34.54 15.22 -29.48
N ARG D 685 -35.31 16.01 -28.74
CA ARG D 685 -36.23 15.48 -27.72
C ARG D 685 -35.63 14.36 -26.86
N THR D 686 -34.37 14.54 -26.47
CA THR D 686 -33.63 13.51 -25.73
C THR D 686 -33.82 13.58 -24.22
N SER D 687 -33.89 12.41 -23.59
CA SER D 687 -33.93 12.33 -22.15
C SER D 687 -32.55 12.68 -21.61
N PRO D 688 -32.46 13.12 -20.35
CA PRO D 688 -31.20 13.40 -19.66
C PRO D 688 -30.19 12.28 -19.82
N GLN D 689 -30.67 11.04 -19.67
CA GLN D 689 -29.82 9.85 -19.76
C GLN D 689 -29.37 9.54 -21.19
N GLN D 690 -30.17 9.92 -22.17
CA GLN D 690 -29.79 9.73 -23.56
C GLN D 690 -28.60 10.61 -23.94
N LYS D 691 -28.57 11.82 -23.37
CA LYS D 691 -27.46 12.73 -23.55
C LYS D 691 -26.23 11.98 -23.11
N LEU D 692 -26.37 11.23 -22.02
CA LEU D 692 -25.28 10.39 -21.54
C LEU D 692 -24.94 9.24 -22.49
N ILE D 693 -25.97 8.57 -23.02
CA ILE D 693 -25.77 7.47 -23.96
C ILE D 693 -25.05 7.91 -25.24
N ILE D 694 -25.43 9.06 -25.77
CA ILE D 694 -24.80 9.60 -26.98
C ILE D 694 -23.35 9.92 -26.76
N VAL D 695 -23.06 10.58 -25.64
CA VAL D 695 -21.67 10.86 -25.24
C VAL D 695 -20.91 9.56 -25.09
N GLU D 696 -21.49 8.65 -24.32
CA GLU D 696 -20.97 7.30 -24.13
C GLU D 696 -20.72 6.64 -25.47
N GLY D 697 -21.57 6.95 -26.46
CA GLY D 697 -21.49 6.39 -27.80
C GLY D 697 -20.34 6.92 -28.64
N CYS D 698 -20.07 8.21 -28.53
CA CYS D 698 -18.95 8.81 -29.26
C CYS D 698 -17.64 8.39 -28.61
N GLN D 699 -17.68 8.16 -27.31
CA GLN D 699 -16.51 7.70 -26.58
C GLN D 699 -16.14 6.28 -27.02
N ARG D 700 -17.17 5.51 -27.38
CA ARG D 700 -16.99 4.14 -27.84
C ARG D 700 -16.10 4.10 -29.06
N GLN D 701 -16.38 5.00 -30.01
CA GLN D 701 -15.63 5.08 -31.26
C GLN D 701 -14.14 5.28 -31.01
N GLY D 702 -13.81 5.92 -29.91
CA GLY D 702 -12.42 6.20 -29.56
C GLY D 702 -12.13 7.68 -29.57
N ALA D 703 -13.19 8.48 -29.50
CA ALA D 703 -13.07 9.94 -29.54
C ALA D 703 -12.92 10.56 -28.15
N ILE D 704 -12.57 11.84 -28.13
CA ILE D 704 -12.46 12.60 -26.89
C ILE D 704 -13.52 13.70 -26.86
N VAL D 705 -14.56 13.49 -26.05
CA VAL D 705 -15.78 14.31 -26.16
C VAL D 705 -15.94 15.48 -25.17
N ALA D 706 -16.37 16.61 -25.72
CA ALA D 706 -16.68 17.78 -24.92
C ALA D 706 -18.17 17.84 -24.78
N VAL D 707 -18.66 18.22 -23.61
CA VAL D 707 -20.06 18.57 -23.47
C VAL D 707 -20.18 20.01 -23.03
N THR D 708 -20.98 20.79 -23.72
CA THR D 708 -21.27 22.14 -23.28
C THR D 708 -22.73 22.23 -22.86
N GLY D 709 -22.97 22.35 -21.56
CA GLY D 709 -24.32 22.38 -21.05
C GLY D 709 -24.67 23.61 -20.22
N ASP D 710 -25.94 23.71 -19.84
CA ASP D 710 -26.42 24.76 -18.94
C ASP D 710 -27.41 24.16 -17.93
N GLY D 711 -28.21 23.21 -18.39
CA GLY D 711 -29.26 22.64 -17.56
C GLY D 711 -28.84 21.51 -16.65
N VAL D 712 -29.69 21.23 -15.68
CA VAL D 712 -29.40 20.17 -14.74
C VAL D 712 -29.52 18.80 -15.41
N ASN D 713 -30.19 18.74 -16.55
CA ASN D 713 -30.26 17.49 -17.32
C ASN D 713 -28.98 17.24 -18.15
N ASP D 714 -28.04 18.17 -18.07
CA ASP D 714 -26.75 18.00 -18.72
C ASP D 714 -25.71 17.38 -17.79
N SER D 715 -26.00 17.42 -16.49
CA SER D 715 -25.15 16.80 -15.47
C SER D 715 -24.64 15.39 -15.83
N PRO D 716 -25.55 14.47 -16.21
CA PRO D 716 -25.03 13.14 -16.54
C PRO D 716 -24.11 13.15 -17.77
N ALA D 717 -24.40 14.01 -18.75
CA ALA D 717 -23.58 14.13 -19.95
C ALA D 717 -22.22 14.72 -19.59
N LEU D 718 -22.25 15.92 -19.03
CA LEU D 718 -21.06 16.64 -18.56
C LEU D 718 -20.14 15.78 -17.72
N LYS D 719 -20.74 14.98 -16.85
CA LYS D 719 -19.98 14.05 -16.03
C LYS D 719 -19.18 13.07 -16.89
N LYS D 720 -19.91 12.26 -17.66
CA LYS D 720 -19.34 11.25 -18.53
C LYS D 720 -18.28 11.81 -19.50
N ALA D 721 -18.52 13.02 -19.98
CA ALA D 721 -17.62 13.66 -20.94
C ALA D 721 -16.18 13.67 -20.49
N ASP D 722 -15.29 13.70 -21.47
CA ASP D 722 -13.87 13.83 -21.19
C ASP D 722 -13.60 15.22 -20.59
N ILE D 723 -14.25 16.24 -21.15
CA ILE D 723 -14.31 17.56 -20.53
C ILE D 723 -15.70 18.16 -20.61
N GLY D 724 -16.25 18.45 -19.44
CA GLY D 724 -17.47 19.22 -19.36
C GLY D 724 -17.12 20.68 -19.53
N VAL D 725 -18.14 21.47 -19.86
CA VAL D 725 -18.03 22.91 -19.94
C VAL D 725 -19.43 23.41 -19.63
N ALA D 726 -19.63 23.98 -18.45
CA ALA D 726 -20.95 24.50 -18.10
C ALA D 726 -21.03 25.98 -18.34
N MET D 727 -22.25 26.50 -18.43
CA MET D 727 -22.45 27.92 -18.59
C MET D 727 -22.51 28.63 -17.23
N GLY D 728 -21.63 29.64 -17.07
CA GLY D 728 -21.49 30.34 -15.80
C GLY D 728 -22.73 31.08 -15.34
N ILE D 729 -23.50 31.59 -16.30
CA ILE D 729 -24.66 32.38 -15.95
C ILE D 729 -25.93 31.55 -16.06
N ALA D 730 -26.35 31.26 -17.31
CA ALA D 730 -27.61 30.60 -17.57
C ALA D 730 -27.67 29.15 -17.08
N GLY D 731 -26.60 28.72 -16.41
CA GLY D 731 -26.46 27.35 -15.98
C GLY D 731 -26.75 27.06 -14.51
N SER D 732 -27.25 25.85 -14.27
CA SER D 732 -27.60 25.41 -12.91
C SER D 732 -26.40 25.29 -11.99
N ASP D 733 -26.66 25.14 -10.70
CA ASP D 733 -25.59 24.90 -9.73
C ASP D 733 -24.98 23.53 -10.02
N VAL D 734 -25.83 22.53 -10.22
CA VAL D 734 -25.39 21.15 -10.42
C VAL D 734 -24.43 20.92 -11.62
N SER D 735 -24.79 21.46 -12.78
CA SER D 735 -24.02 21.22 -13.99
C SER D 735 -22.75 22.04 -13.95
N LYS D 736 -22.77 23.13 -13.18
CA LYS D 736 -21.56 23.89 -12.89
C LYS D 736 -20.55 23.02 -12.12
N GLN D 737 -21.02 22.38 -11.05
CA GLN D 737 -20.23 21.40 -10.31
C GLN D 737 -19.72 20.30 -11.24
N ALA D 738 -20.60 19.83 -12.11
CA ALA D 738 -20.29 18.75 -13.02
C ALA D 738 -19.18 19.09 -13.99
N ALA D 739 -19.16 20.32 -14.49
CA ALA D 739 -18.16 20.74 -15.49
C ALA D 739 -16.76 20.80 -14.93
N ASP D 740 -15.79 20.77 -15.85
CA ASP D 740 -14.38 20.93 -15.52
C ASP D 740 -14.02 22.36 -15.83
N MET D 741 -14.99 23.08 -16.39
CA MET D 741 -14.77 24.44 -16.87
C MET D 741 -16.10 25.20 -16.89
N ILE D 742 -16.06 26.44 -16.44
CA ILE D 742 -17.27 27.24 -16.35
C ILE D 742 -17.07 28.61 -16.99
N LEU D 743 -17.82 28.90 -18.05
CA LEU D 743 -17.65 30.19 -18.74
C LEU D 743 -18.46 31.27 -18.03
N LEU D 744 -17.78 32.05 -17.19
CA LEU D 744 -18.45 33.01 -16.31
C LEU D 744 -19.09 34.16 -17.08
N ASP D 745 -18.73 34.32 -18.35
CA ASP D 745 -19.33 35.37 -19.17
C ASP D 745 -20.42 34.79 -20.08
N ASP D 746 -20.58 33.46 -20.05
CA ASP D 746 -21.49 32.70 -20.93
C ASP D 746 -21.08 32.81 -22.41
N ASN D 747 -19.84 33.18 -22.66
CA ASN D 747 -19.31 33.26 -24.04
C ASN D 747 -18.87 31.91 -24.57
N PHE D 748 -19.48 31.49 -25.68
CA PHE D 748 -19.21 30.17 -26.22
C PHE D 748 -17.82 30.08 -26.86
N ALA D 749 -17.34 31.22 -27.36
CA ALA D 749 -16.02 31.25 -27.99
C ALA D 749 -14.90 30.86 -27.02
N SER D 750 -15.20 30.93 -25.72
CA SER D 750 -14.23 30.60 -24.71
C SER D 750 -13.75 29.17 -24.86
N ILE D 751 -14.62 28.28 -25.38
CA ILE D 751 -14.24 26.88 -25.59
C ILE D 751 -13.17 26.80 -26.66
N VAL D 752 -13.39 27.53 -27.74
CA VAL D 752 -12.41 27.61 -28.81
C VAL D 752 -11.05 28.03 -28.26
N THR D 753 -11.08 29.08 -27.44
CA THR D 753 -9.88 29.57 -26.76
C THR D 753 -9.19 28.40 -26.07
N GLY D 754 -10.01 27.56 -25.41
CA GLY D 754 -9.51 26.45 -24.63
C GLY D 754 -8.85 25.36 -25.45
N VAL D 755 -9.50 24.96 -26.54
CA VAL D 755 -8.97 23.88 -27.37
C VAL D 755 -7.63 24.30 -28.01
N GLU D 756 -7.46 25.60 -28.20
CA GLU D 756 -6.19 26.15 -28.66
C GLU D 756 -5.13 25.97 -27.60
N GLU D 757 -5.39 26.55 -26.42
CA GLU D 757 -4.52 26.44 -25.26
C GLU D 757 -4.16 24.99 -25.00
N GLY D 758 -5.18 24.12 -25.02
CA GLY D 758 -4.96 22.69 -24.82
C GLY D 758 -4.02 22.07 -25.85
N ARG D 759 -4.03 22.61 -27.06
CA ARG D 759 -3.08 22.18 -28.09
C ARG D 759 -1.70 22.79 -27.82
N LEU D 760 -1.68 24.01 -27.29
CA LEU D 760 -0.42 24.70 -27.04
C LEU D 760 0.39 24.06 -25.92
N ILE D 761 -0.27 23.78 -24.80
CA ILE D 761 0.41 23.16 -23.65
C ILE D 761 0.97 21.78 -24.00
N PHE D 762 0.27 21.06 -24.88
CA PHE D 762 0.74 19.76 -25.35
C PHE D 762 2.05 19.89 -26.14
N ASP D 763 2.01 20.71 -27.18
CA ASP D 763 3.17 20.97 -28.02
C ASP D 763 4.39 21.41 -27.20
N ASN D 764 4.22 22.49 -26.44
CA ASN D 764 5.31 23.09 -25.70
C ASN D 764 5.96 22.15 -24.68
N LEU D 765 5.19 21.23 -24.12
CA LEU D 765 5.81 20.23 -23.25
C LEU D 765 6.61 19.29 -24.12
N LYS D 766 6.02 18.89 -25.23
CA LYS D 766 6.70 17.98 -26.14
C LYS D 766 8.01 18.58 -26.61
N LYS D 767 7.94 19.85 -27.03
CA LYS D 767 9.11 20.58 -27.48
C LYS D 767 10.15 20.63 -26.38
N SER D 768 9.71 20.94 -25.16
CA SER D 768 10.62 21.06 -24.04
C SER D 768 11.31 19.72 -23.80
N ILE D 769 10.53 18.65 -23.96
CA ILE D 769 11.05 17.31 -23.81
C ILE D 769 12.04 16.96 -24.93
N ALA D 770 11.71 17.39 -26.13
CA ALA D 770 12.59 17.14 -27.27
C ALA D 770 13.98 17.71 -27.02
N TYR D 771 14.02 18.96 -26.60
CA TYR D 771 15.27 19.66 -26.36
C TYR D 771 16.08 19.15 -25.15
N THR D 772 15.39 18.74 -24.10
CA THR D 772 16.06 18.30 -22.88
C THR D 772 16.67 16.87 -23.03
N LEU D 773 16.29 16.20 -24.12
CA LEU D 773 16.68 14.81 -24.29
C LEU D 773 17.97 14.64 -25.09
N THR D 774 18.18 15.53 -26.05
CA THR D 774 19.36 15.51 -26.91
C THR D 774 20.66 15.22 -26.18
N SER D 775 21.12 16.21 -25.40
CA SER D 775 22.36 16.16 -24.61
C SER D 775 22.79 14.78 -24.07
N ASN D 776 21.83 13.97 -23.65
CA ASN D 776 22.12 12.65 -23.09
C ASN D 776 23.19 11.84 -23.85
N ILE D 777 23.00 11.68 -25.15
CA ILE D 777 23.87 10.83 -25.94
C ILE D 777 25.30 11.36 -25.86
N PRO D 778 25.54 12.63 -26.24
CA PRO D 778 26.92 13.11 -26.08
C PRO D 778 27.36 13.25 -24.65
N GLU D 779 26.48 13.02 -23.69
CA GLU D 779 26.89 13.11 -22.30
C GLU D 779 27.48 11.78 -21.82
N ILE D 780 27.08 10.69 -22.49
CA ILE D 780 27.57 9.36 -22.13
C ILE D 780 28.57 8.77 -23.16
N THR D 781 28.40 9.12 -24.44
CA THR D 781 29.34 8.65 -25.46
C THR D 781 30.85 8.89 -25.23
N PRO D 782 31.23 10.06 -24.68
CA PRO D 782 32.65 10.24 -24.35
C PRO D 782 33.13 9.15 -23.41
N PHE D 783 32.46 8.96 -22.28
CA PHE D 783 32.87 7.90 -21.36
C PHE D 783 32.89 6.55 -22.06
N LEU D 784 31.99 6.38 -23.01
CA LEU D 784 31.89 5.12 -23.74
C LEU D 784 33.10 4.92 -24.61
N ILE D 785 33.38 5.89 -25.47
CA ILE D 785 34.51 5.78 -26.39
C ILE D 785 35.83 5.70 -25.60
N PHE D 786 35.81 6.29 -24.42
CA PHE D 786 36.95 6.27 -23.52
C PHE D 786 37.39 4.85 -23.19
N ILE D 787 36.44 3.92 -23.31
CA ILE D 787 36.68 2.52 -22.99
C ILE D 787 36.84 1.70 -24.25
N ILE D 788 36.01 1.98 -25.25
CA ILE D 788 36.01 1.22 -26.48
C ILE D 788 37.32 1.39 -27.25
N ALA D 789 37.75 2.63 -27.47
CA ALA D 789 38.96 2.91 -28.23
C ALA D 789 40.18 3.17 -27.34
N ASN D 790 39.92 3.37 -26.05
CA ASN D 790 40.98 3.64 -25.08
C ASN D 790 41.82 4.88 -25.45
N ILE D 791 41.13 6.00 -25.65
CA ILE D 791 41.75 7.28 -25.91
C ILE D 791 41.65 8.09 -24.60
N PRO D 792 42.31 9.25 -24.52
CA PRO D 792 42.12 10.03 -23.30
C PRO D 792 40.67 10.53 -23.13
N LEU D 793 40.23 10.71 -21.89
CA LEU D 793 38.82 11.06 -21.63
C LEU D 793 38.45 12.43 -22.17
N PRO D 794 37.46 12.46 -23.08
CA PRO D 794 36.99 13.68 -23.76
C PRO D 794 36.00 14.55 -22.96
N LEU D 795 35.33 13.96 -21.97
CA LEU D 795 34.36 14.72 -21.18
C LEU D 795 34.23 14.17 -19.77
N GLY D 796 34.50 15.02 -18.79
CA GLY D 796 34.52 14.59 -17.39
C GLY D 796 33.31 15.00 -16.58
N THR D 797 33.20 14.40 -15.41
CA THR D 797 32.04 14.56 -14.54
C THR D 797 31.62 16.02 -14.34
N VAL D 798 32.54 16.84 -13.87
CA VAL D 798 32.27 18.25 -13.61
C VAL D 798 31.72 18.97 -14.84
N THR D 799 32.12 18.51 -16.01
CA THR D 799 31.71 19.19 -17.22
C THR D 799 30.47 18.56 -17.85
N ILE D 800 30.14 17.33 -17.46
CA ILE D 800 28.85 16.78 -17.85
C ILE D 800 27.82 17.54 -17.04
N LEU D 801 28.12 17.74 -15.76
CA LEU D 801 27.32 18.58 -14.87
C LEU D 801 27.11 19.98 -15.44
N CYS D 802 28.07 20.42 -16.23
CA CYS D 802 27.99 21.73 -16.84
C CYS D 802 27.00 21.67 -17.99
N ILE D 803 26.92 20.53 -18.67
CA ILE D 803 25.97 20.33 -19.76
C ILE D 803 24.55 20.34 -19.24
N ASP D 804 24.26 19.35 -18.41
CA ASP D 804 22.92 19.16 -17.88
C ASP D 804 22.34 20.44 -17.26
N LEU D 805 22.81 20.82 -16.07
CA LEU D 805 22.26 21.98 -15.37
C LEU D 805 22.84 23.28 -15.85
N GLY D 806 23.22 23.34 -17.11
CA GLY D 806 23.69 24.59 -17.65
C GLY D 806 22.98 24.87 -18.95
N THR D 807 22.56 23.83 -19.66
CA THR D 807 21.92 24.00 -20.96
C THR D 807 20.64 23.19 -21.06
N ASP D 808 20.36 22.39 -20.05
CA ASP D 808 19.10 21.66 -20.00
C ASP D 808 18.12 22.30 -19.02
N MET D 809 18.50 23.44 -18.45
CA MET D 809 17.69 24.02 -17.40
C MET D 809 16.94 25.27 -17.89
N VAL D 810 17.64 26.40 -17.92
CA VAL D 810 17.01 27.66 -18.33
C VAL D 810 16.49 27.64 -19.77
N PRO D 811 17.23 26.98 -20.68
CA PRO D 811 16.66 26.83 -22.02
C PRO D 811 15.38 25.97 -22.09
N ALA D 812 15.36 24.85 -21.37
CA ALA D 812 14.18 23.96 -21.41
C ALA D 812 12.92 24.67 -20.92
N ILE D 813 13.03 25.31 -19.76
CA ILE D 813 11.95 26.05 -19.14
C ILE D 813 11.34 27.10 -20.08
N SER D 814 12.20 27.81 -20.81
CA SER D 814 11.77 28.88 -21.69
C SER D 814 10.91 28.40 -22.83
N LEU D 815 10.88 27.09 -23.05
CA LEU D 815 10.07 26.50 -24.12
C LEU D 815 8.54 26.55 -23.86
N ALA D 816 8.16 26.57 -22.59
CA ALA D 816 6.76 26.71 -22.23
C ALA D 816 6.25 28.09 -22.70
N TYR D 817 7.15 29.07 -22.63
CA TYR D 817 6.77 30.44 -22.94
C TYR D 817 6.48 30.61 -24.41
N GLU D 818 7.10 29.75 -25.21
CA GLU D 818 6.98 29.79 -26.68
C GLU D 818 5.53 29.89 -27.13
N GLN D 819 5.29 30.74 -28.12
CA GLN D 819 3.92 31.00 -28.57
C GLN D 819 3.36 29.88 -29.43
N ALA D 820 2.13 30.08 -29.89
CA ALA D 820 1.48 29.09 -30.73
C ALA D 820 1.92 29.29 -32.16
N GLU D 821 2.08 28.19 -32.89
CA GLU D 821 2.38 28.27 -34.31
C GLU D 821 1.12 28.71 -35.06
N SER D 822 1.18 28.74 -36.38
CA SER D 822 -0.02 29.01 -37.16
C SER D 822 -0.84 27.72 -37.37
N ASP D 823 -0.12 26.61 -37.52
CA ASP D 823 -0.72 25.30 -37.74
C ASP D 823 -1.17 24.62 -36.45
N ILE D 824 -2.18 25.18 -35.78
CA ILE D 824 -2.75 24.47 -34.63
C ILE D 824 -4.26 24.29 -34.80
N MET D 825 -4.95 25.37 -35.09
CA MET D 825 -6.40 25.30 -35.18
C MET D 825 -6.83 24.94 -36.59
N LYS D 826 -5.89 24.34 -37.32
CA LYS D 826 -6.20 23.75 -38.61
C LYS D 826 -5.88 22.26 -38.60
N ARG D 827 -4.90 21.88 -37.81
CA ARG D 827 -4.53 20.47 -37.72
C ARG D 827 -5.62 19.62 -37.01
N GLN D 828 -5.76 18.37 -37.45
CA GLN D 828 -6.69 17.44 -36.81
C GLN D 828 -6.34 17.20 -35.32
N PRO D 829 -7.38 16.90 -34.51
CA PRO D 829 -7.17 16.62 -33.08
C PRO D 829 -6.15 15.51 -32.90
N ARG D 830 -5.36 15.60 -31.83
CA ARG D 830 -4.31 14.62 -31.61
C ARG D 830 -4.87 13.23 -31.38
N ASN D 831 -4.33 12.26 -32.10
CA ASN D 831 -4.65 10.86 -31.89
C ASN D 831 -4.06 10.43 -30.55
N PRO D 832 -4.93 10.04 -29.61
CA PRO D 832 -4.47 9.67 -28.26
C PRO D 832 -3.42 8.55 -28.24
N LYS D 833 -3.58 7.54 -29.09
CA LYS D 833 -2.71 6.36 -29.04
C LYS D 833 -1.53 6.43 -29.99
N THR D 834 -1.38 7.55 -30.70
CA THR D 834 -0.21 7.76 -31.54
C THR D 834 0.66 8.92 -31.02
N ASP D 835 0.13 10.13 -31.13
CA ASP D 835 0.83 11.32 -30.67
C ASP D 835 0.94 11.34 -29.16
N LYS D 836 1.68 10.39 -28.62
CA LYS D 836 2.07 10.40 -27.23
C LYS D 836 3.04 11.56 -27.02
N LEU D 837 3.00 12.16 -25.83
CA LEU D 837 3.90 13.24 -25.48
C LEU D 837 5.34 12.80 -25.67
N VAL D 838 5.57 11.50 -25.54
CA VAL D 838 6.90 10.89 -25.74
C VAL D 838 6.78 9.58 -26.53
N ASN D 839 6.95 9.66 -27.85
CA ASN D 839 6.83 8.48 -28.70
C ASN D 839 8.13 8.08 -29.38
N GLU D 840 8.06 7.01 -30.18
CA GLU D 840 9.23 6.45 -30.87
C GLU D 840 9.88 7.45 -31.81
N ARG D 841 9.10 8.40 -32.30
CA ARG D 841 9.60 9.37 -33.27
C ARG D 841 10.26 10.56 -32.56
N LEU D 842 10.01 10.69 -31.26
CA LEU D 842 10.70 11.70 -30.45
C LEU D 842 12.06 11.17 -29.99
N ILE D 843 12.08 9.91 -29.58
CA ILE D 843 13.35 9.29 -29.25
C ILE D 843 14.25 9.24 -30.49
N SER D 844 13.65 8.93 -31.62
CA SER D 844 14.36 8.91 -32.90
C SER D 844 15.07 10.23 -33.17
N MET D 845 14.38 11.35 -32.97
CA MET D 845 14.96 12.66 -33.25
C MET D 845 16.02 13.03 -32.23
N ALA D 846 15.68 12.90 -30.95
CA ALA D 846 16.59 13.30 -29.87
C ALA D 846 17.79 12.37 -29.77
N TYR D 847 17.52 11.07 -29.63
CA TYR D 847 18.60 10.10 -29.44
C TYR D 847 19.33 9.71 -30.73
N GLY D 848 18.57 9.51 -31.80
CA GLY D 848 19.14 8.97 -33.03
C GLY D 848 19.86 9.97 -33.90
N GLN D 849 19.34 11.18 -34.02
CA GLN D 849 19.83 12.13 -35.02
C GLN D 849 20.47 13.41 -34.44
N ILE D 850 19.66 14.23 -33.81
CA ILE D 850 20.13 15.53 -33.35
C ILE D 850 21.22 15.37 -32.30
N GLY D 851 20.95 14.55 -31.28
CA GLY D 851 21.90 14.37 -30.19
C GLY D 851 23.13 13.65 -30.67
N MET D 852 22.99 12.92 -31.76
CA MET D 852 24.11 12.21 -32.36
C MET D 852 25.02 13.22 -33.03
N ILE D 853 24.41 14.15 -33.75
CA ILE D 853 25.16 15.21 -34.43
C ILE D 853 25.99 16.02 -33.44
N GLN D 854 25.33 16.46 -32.36
CA GLN D 854 25.97 17.22 -31.29
C GLN D 854 27.16 16.50 -30.70
N ALA D 855 27.03 15.18 -30.58
CA ALA D 855 28.08 14.34 -30.05
C ALA D 855 29.34 14.43 -30.89
N LEU D 856 29.17 14.32 -32.21
CA LEU D 856 30.28 14.43 -33.11
C LEU D 856 30.91 15.82 -33.02
N GLY D 857 30.06 16.82 -32.81
CA GLY D 857 30.52 18.18 -32.64
C GLY D 857 31.47 18.28 -31.46
N GLY D 858 31.06 17.73 -30.33
CA GLY D 858 31.91 17.74 -29.17
C GLY D 858 33.19 17.00 -29.47
N PHE D 859 33.07 15.73 -29.89
CA PHE D 859 34.21 14.87 -30.16
C PHE D 859 35.18 15.53 -31.11
N PHE D 860 34.65 16.18 -32.14
CA PHE D 860 35.50 16.85 -33.13
C PHE D 860 36.49 17.82 -32.51
N THR D 861 36.00 18.78 -31.74
CA THR D 861 36.85 19.79 -31.09
C THR D 861 37.82 19.13 -30.12
N TYR D 862 37.38 18.04 -29.48
CA TYR D 862 38.25 17.26 -28.62
C TYR D 862 39.49 16.79 -29.38
N PHE D 863 39.28 16.28 -30.59
CA PHE D 863 40.38 15.92 -31.49
C PHE D 863 41.22 17.14 -31.87
N VAL D 864 40.55 18.29 -32.02
CA VAL D 864 41.22 19.49 -32.49
C VAL D 864 42.24 20.01 -31.46
N ILE D 865 41.81 20.15 -30.20
CA ILE D 865 42.69 20.63 -29.13
C ILE D 865 43.87 19.69 -28.92
N LEU D 866 43.60 18.38 -28.92
CA LEU D 866 44.67 17.40 -28.81
C LEU D 866 45.64 17.43 -30.00
N ALA D 867 45.10 17.48 -31.21
CA ALA D 867 45.97 17.53 -32.38
C ALA D 867 46.77 18.83 -32.42
N GLU D 868 46.14 19.93 -32.01
CA GLU D 868 46.81 21.23 -32.04
C GLU D 868 47.82 21.36 -30.90
N ASN D 869 47.79 20.39 -30.00
CA ASN D 869 48.74 20.37 -28.90
C ASN D 869 49.84 19.31 -29.04
N GLY D 870 49.83 18.61 -30.18
CA GLY D 870 50.83 17.59 -30.45
C GLY D 870 50.32 16.16 -30.64
N PHE D 871 49.04 15.92 -30.39
CA PHE D 871 48.50 14.56 -30.47
C PHE D 871 47.49 14.42 -31.62
N LEU D 872 48.02 14.10 -32.81
CA LEU D 872 47.21 13.77 -33.97
C LEU D 872 46.17 12.68 -33.64
N PRO D 873 44.97 12.83 -34.18
CA PRO D 873 43.84 11.92 -33.94
C PRO D 873 44.23 10.44 -33.95
N ILE D 874 44.84 10.02 -35.05
CA ILE D 874 45.16 8.60 -35.26
C ILE D 874 46.26 8.08 -34.30
N HIS D 875 46.70 8.95 -33.39
CA HIS D 875 47.74 8.60 -32.43
C HIS D 875 47.14 8.43 -31.04
N LEU D 876 45.90 8.84 -30.88
CA LEU D 876 45.32 8.91 -29.56
C LEU D 876 44.83 7.58 -29.00
N LEU D 877 44.53 6.63 -29.89
CA LEU D 877 44.06 5.31 -29.50
C LEU D 877 45.09 4.60 -28.61
N GLY D 878 44.61 3.86 -27.61
CA GLY D 878 45.49 3.10 -26.75
C GLY D 878 46.24 3.93 -25.72
N LEU D 879 46.26 5.26 -25.89
CA LEU D 879 46.93 6.16 -24.95
C LEU D 879 46.40 5.94 -23.54
N ARG D 880 45.07 5.85 -23.45
CA ARG D 880 44.29 5.62 -22.23
C ARG D 880 45.14 5.36 -20.99
N VAL D 881 45.75 4.18 -20.95
CA VAL D 881 46.46 3.72 -19.76
C VAL D 881 47.66 4.61 -19.37
N ASN D 882 48.62 4.74 -20.28
CA ASN D 882 49.81 5.53 -20.01
C ASN D 882 49.45 7.01 -19.86
N TRP D 883 48.36 7.42 -20.51
CA TRP D 883 47.92 8.81 -20.46
C TRP D 883 47.43 9.21 -19.06
N ASP D 884 46.81 8.26 -18.35
CA ASP D 884 46.27 8.56 -17.03
C ASP D 884 47.16 8.02 -15.92
N ASP D 885 48.23 7.35 -16.31
CA ASP D 885 49.21 6.84 -15.34
C ASP D 885 49.93 8.02 -14.70
N ARG D 886 49.63 8.26 -13.43
CA ARG D 886 50.13 9.45 -12.72
C ARG D 886 51.64 9.39 -12.50
N TRP D 887 52.28 8.30 -12.96
CA TRP D 887 53.70 8.08 -12.70
C TRP D 887 54.65 8.12 -13.91
N ILE D 888 54.13 7.85 -15.11
CA ILE D 888 54.94 8.09 -16.29
C ILE D 888 54.79 9.54 -16.74
N ASN D 889 55.87 10.30 -16.60
CA ASN D 889 55.97 11.66 -17.11
C ASN D 889 56.88 11.64 -18.35
N ASP D 890 56.79 10.54 -19.09
CA ASP D 890 57.59 10.25 -20.26
C ASP D 890 56.80 10.44 -21.54
N VAL D 891 55.48 10.60 -21.40
CA VAL D 891 54.54 10.50 -22.53
C VAL D 891 54.93 11.24 -23.80
N GLU D 892 54.99 10.49 -24.89
CA GLU D 892 55.45 11.00 -26.17
C GLU D 892 54.26 11.19 -27.10
N ASP D 893 54.22 12.32 -27.79
CA ASP D 893 53.13 12.60 -28.71
C ASP D 893 53.54 12.27 -30.13
N SER D 894 52.74 12.70 -31.10
CA SER D 894 53.01 12.41 -32.51
C SER D 894 54.36 13.01 -32.92
N TYR D 895 54.58 14.27 -32.58
CA TYR D 895 55.83 14.94 -32.95
C TYR D 895 57.04 14.35 -32.21
N GLY D 896 56.77 13.51 -31.22
CA GLY D 896 57.84 12.82 -30.52
C GLY D 896 58.42 13.58 -29.35
N GLN D 897 57.65 14.52 -28.81
CA GLN D 897 58.09 15.26 -27.63
C GLN D 897 57.45 14.69 -26.36
N GLN D 898 58.08 14.92 -25.22
CA GLN D 898 57.68 14.26 -23.99
C GLN D 898 56.86 15.12 -23.02
N TRP D 899 55.79 14.52 -22.50
CA TRP D 899 54.86 15.20 -21.61
C TRP D 899 54.96 14.64 -20.21
N THR D 900 54.89 15.51 -19.20
CA THR D 900 54.67 15.03 -17.84
C THR D 900 53.18 14.84 -17.61
N TYR D 901 52.83 14.16 -16.53
CA TYR D 901 51.44 13.82 -16.27
C TYR D 901 50.54 15.07 -16.15
N GLU D 902 50.75 15.85 -15.09
CA GLU D 902 49.93 17.04 -14.84
C GLU D 902 49.95 18.00 -16.04
N GLN D 903 51.05 18.01 -16.78
CA GLN D 903 51.13 18.80 -18.01
C GLN D 903 50.10 18.34 -19.03
N ARG D 904 50.00 17.02 -19.23
CA ARG D 904 49.13 16.45 -20.25
C ARG D 904 47.66 16.48 -19.81
N LYS D 905 47.44 16.52 -18.49
CA LYS D 905 46.11 16.61 -17.94
C LYS D 905 45.52 18.01 -18.16
N ILE D 906 46.38 19.03 -18.08
CA ILE D 906 45.95 20.40 -18.32
C ILE D 906 45.27 20.45 -19.65
N VAL D 907 45.81 19.70 -20.62
CA VAL D 907 45.21 19.62 -21.94
C VAL D 907 43.93 18.80 -21.94
N GLU D 908 43.98 17.64 -21.28
CA GLU D 908 42.80 16.77 -21.18
C GLU D 908 41.61 17.55 -20.64
N PHE D 909 41.88 18.45 -19.70
CA PHE D 909 40.81 19.21 -19.07
C PHE D 909 40.54 20.48 -19.85
N THR D 910 41.48 20.86 -20.71
CA THR D 910 41.24 21.96 -21.62
C THR D 910 40.42 21.40 -22.77
N CYS D 911 40.23 20.08 -22.74
CA CYS D 911 39.33 19.42 -23.67
C CYS D 911 37.88 19.42 -23.17
N HIS D 912 37.71 18.99 -21.92
CA HIS D 912 36.38 18.94 -21.33
C HIS D 912 35.77 20.33 -21.41
N THR D 913 36.58 21.34 -21.19
CA THR D 913 36.06 22.70 -21.09
C THR D 913 35.51 23.08 -22.43
N ALA D 914 36.25 22.74 -23.48
CA ALA D 914 35.80 23.06 -24.83
C ALA D 914 34.66 22.17 -25.30
N PHE D 915 34.72 20.90 -24.92
CA PHE D 915 33.65 19.97 -25.26
C PHE D 915 32.35 20.54 -24.72
N PHE D 916 32.41 20.99 -23.46
CA PHE D 916 31.29 21.66 -22.81
C PHE D 916 30.78 22.84 -23.63
N VAL D 917 31.70 23.70 -24.07
CA VAL D 917 31.37 24.88 -24.84
C VAL D 917 30.91 24.48 -26.26
N SER D 918 31.43 23.36 -26.74
CA SER D 918 31.00 22.85 -28.03
C SER D 918 29.56 22.38 -27.97
N ILE D 919 29.20 21.71 -26.87
CA ILE D 919 27.83 21.32 -26.64
C ILE D 919 26.93 22.56 -26.61
N VAL D 920 27.40 23.63 -25.98
CA VAL D 920 26.60 24.83 -25.83
C VAL D 920 26.18 25.37 -27.18
N VAL D 921 27.08 25.37 -28.14
CA VAL D 921 26.74 25.93 -29.44
C VAL D 921 25.83 25.04 -30.31
N VAL D 922 25.91 23.74 -30.09
CA VAL D 922 25.00 22.86 -30.81
C VAL D 922 23.64 22.89 -30.16
N GLN D 923 23.61 23.23 -28.87
CA GLN D 923 22.36 23.32 -28.12
C GLN D 923 21.59 24.58 -28.52
N TRP D 924 22.29 25.58 -29.05
CA TRP D 924 21.62 26.74 -29.62
C TRP D 924 20.66 26.29 -30.69
N ALA D 925 21.22 25.73 -31.76
CA ALA D 925 20.45 25.18 -32.86
C ALA D 925 19.37 24.22 -32.41
N ASP D 926 19.69 23.34 -31.46
CA ASP D 926 18.70 22.45 -30.86
C ASP D 926 17.53 23.24 -30.30
N LEU D 927 17.84 24.26 -29.50
CA LEU D 927 16.84 25.09 -28.84
C LEU D 927 16.06 25.96 -29.82
N VAL D 928 16.53 26.05 -31.06
CA VAL D 928 15.83 26.85 -32.05
C VAL D 928 14.93 26.00 -32.93
N ILE D 929 15.42 24.84 -33.35
CA ILE D 929 14.56 23.94 -34.11
C ILE D 929 13.45 23.37 -33.22
N CYS D 930 13.75 23.21 -31.92
CA CYS D 930 12.77 22.69 -30.95
C CYS D 930 11.81 23.78 -30.50
N LYS D 931 11.80 24.89 -31.23
CA LYS D 931 10.90 26.00 -30.99
C LYS D 931 9.62 25.77 -31.81
N THR D 932 9.65 24.75 -32.65
CA THR D 932 8.57 24.46 -33.60
C THR D 932 8.64 22.97 -33.98
N ARG D 933 7.54 22.40 -34.45
CA ARG D 933 7.54 21.00 -34.87
C ARG D 933 7.05 20.84 -36.34
N ARG D 934 6.63 21.95 -36.94
CA ARG D 934 6.17 21.96 -38.33
C ARG D 934 6.66 23.14 -39.19
N ASN D 935 6.24 24.37 -38.85
CA ASN D 935 6.62 25.51 -39.66
C ASN D 935 8.14 25.76 -39.67
N SER D 936 8.59 26.59 -40.61
CA SER D 936 9.98 27.01 -40.59
C SER D 936 10.09 28.07 -39.52
N VAL D 937 11.24 28.15 -38.87
CA VAL D 937 11.42 29.08 -37.77
C VAL D 937 11.23 30.52 -38.24
N PHE D 938 11.37 30.73 -39.55
CA PHE D 938 11.14 32.04 -40.11
C PHE D 938 9.66 32.46 -40.09
N GLN D 939 8.77 31.47 -40.13
CA GLN D 939 7.34 31.74 -40.07
C GLN D 939 6.96 31.99 -38.62
N GLN D 940 7.55 31.22 -37.72
CA GLN D 940 7.25 31.31 -36.30
C GLN D 940 7.71 32.63 -35.69
N GLY D 941 9.00 32.92 -35.82
CA GLY D 941 9.56 34.18 -35.34
C GLY D 941 9.98 34.15 -33.88
N MET D 942 11.13 34.78 -33.61
CA MET D 942 11.66 34.87 -32.25
C MET D 942 10.83 35.83 -31.40
N LYS D 943 9.74 35.33 -30.83
CA LYS D 943 8.90 36.15 -29.98
C LYS D 943 9.13 35.75 -28.54
N ASN D 944 9.59 34.52 -28.34
CA ASN D 944 9.92 34.01 -27.02
C ASN D 944 11.10 34.79 -26.46
N LYS D 945 10.81 35.70 -25.53
CA LYS D 945 11.85 36.54 -24.93
C LYS D 945 12.79 35.76 -24.02
N ILE D 946 12.25 34.75 -23.34
CA ILE D 946 13.02 33.97 -22.39
C ILE D 946 13.97 32.98 -23.11
N LEU D 947 13.54 32.52 -24.29
CA LEU D 947 14.37 31.63 -25.10
C LEU D 947 15.70 32.33 -25.43
N ILE D 948 15.59 33.53 -25.95
CA ILE D 948 16.76 34.31 -26.30
C ILE D 948 17.56 34.60 -25.04
N PHE D 949 16.90 35.10 -24.01
CA PHE D 949 17.54 35.29 -22.71
C PHE D 949 18.28 34.01 -22.35
N GLY D 950 17.58 32.89 -22.48
CA GLY D 950 18.15 31.59 -22.22
C GLY D 950 19.41 31.31 -23.04
N LEU D 951 19.41 31.74 -24.29
CA LEU D 951 20.56 31.52 -25.12
C LEU D 951 21.75 32.34 -24.63
N PHE D 952 21.51 33.60 -24.27
CA PHE D 952 22.58 34.50 -23.85
C PHE D 952 23.21 34.07 -22.52
N GLU D 953 22.38 33.78 -21.52
CA GLU D 953 22.91 33.42 -20.20
C GLU D 953 23.69 32.14 -20.29
N GLU D 954 23.20 31.25 -21.15
CA GLU D 954 23.86 29.98 -21.44
C GLU D 954 25.34 30.18 -21.76
N THR D 955 25.59 30.89 -22.85
CA THR D 955 26.93 31.08 -23.37
C THR D 955 27.80 31.95 -22.45
N ALA D 956 27.18 32.91 -21.76
CA ALA D 956 27.91 33.75 -20.81
C ALA D 956 28.44 32.88 -19.67
N LEU D 957 27.63 31.89 -19.27
CA LEU D 957 28.02 30.94 -18.25
C LEU D 957 29.21 30.14 -18.74
N ALA D 958 29.16 29.75 -20.00
CA ALA D 958 30.24 28.97 -20.62
C ALA D 958 31.54 29.76 -20.74
N ALA D 959 31.43 30.97 -21.28
CA ALA D 959 32.57 31.87 -21.41
C ALA D 959 33.19 32.15 -20.06
N PHE D 960 32.34 32.48 -19.09
CA PHE D 960 32.80 32.73 -17.73
C PHE D 960 33.50 31.52 -17.13
N LEU D 961 32.81 30.37 -17.17
CA LEU D 961 33.31 29.11 -16.60
C LEU D 961 34.72 28.74 -17.03
N SER D 962 35.11 29.22 -18.22
CA SER D 962 36.39 28.91 -18.82
C SER D 962 37.45 29.97 -18.50
N TYR D 963 37.10 31.23 -18.70
CA TYR D 963 38.06 32.30 -18.61
C TYR D 963 38.21 32.91 -17.21
N CYS D 964 37.26 32.63 -16.32
CA CYS D 964 37.36 33.14 -14.96
C CYS D 964 38.52 32.46 -14.27
N PRO D 965 39.30 33.25 -13.51
CA PRO D 965 40.44 32.78 -12.69
C PRO D 965 40.13 31.58 -11.78
N GLY D 966 41.13 30.72 -11.59
CA GLY D 966 41.05 29.63 -10.63
C GLY D 966 40.00 28.57 -10.94
N MET D 967 39.42 28.61 -12.13
CA MET D 967 38.44 27.62 -12.52
C MET D 967 39.11 26.27 -12.67
N GLY D 968 40.40 26.30 -12.99
CA GLY D 968 41.18 25.09 -13.17
C GLY D 968 41.70 24.47 -11.89
N VAL D 969 41.80 25.29 -10.84
CA VAL D 969 42.23 24.80 -9.53
C VAL D 969 41.04 24.20 -8.80
N ALA D 970 39.83 24.61 -9.21
CA ALA D 970 38.59 24.22 -8.53
C ALA D 970 37.76 23.24 -9.35
N LEU D 971 37.61 23.54 -10.64
CA LEU D 971 36.76 22.71 -11.51
C LEU D 971 37.50 22.12 -12.71
N ARG D 972 38.83 22.24 -12.72
CA ARG D 972 39.64 21.78 -13.85
C ARG D 972 39.28 22.44 -15.18
N MET D 973 38.53 23.54 -15.11
CA MET D 973 38.08 24.23 -16.30
C MET D 973 39.09 25.29 -16.71
N TYR D 974 39.80 25.01 -17.79
CA TYR D 974 40.83 25.92 -18.27
C TYR D 974 40.35 26.73 -19.47
N PRO D 975 41.05 27.85 -19.78
CA PRO D 975 40.67 28.73 -20.89
C PRO D 975 40.63 28.08 -22.26
N LEU D 976 40.05 28.81 -23.21
CA LEU D 976 39.91 28.36 -24.58
C LEU D 976 40.52 29.40 -25.48
N LYS D 977 41.42 28.98 -26.35
CA LYS D 977 41.93 29.87 -27.38
C LYS D 977 40.78 30.18 -28.35
N PRO D 978 40.64 31.44 -28.75
CA PRO D 978 39.53 31.92 -29.61
C PRO D 978 39.12 30.99 -30.77
N THR D 979 40.10 30.47 -31.50
CA THR D 979 39.81 29.57 -32.61
C THR D 979 39.06 28.29 -32.17
N TRP D 980 39.09 27.97 -30.88
CA TRP D 980 38.36 26.81 -30.37
C TRP D 980 36.85 26.98 -30.52
N TRP D 981 36.35 28.18 -30.23
CA TRP D 981 34.92 28.43 -30.14
C TRP D 981 34.18 28.05 -31.43
N PHE D 982 34.81 28.34 -32.55
CA PHE D 982 34.21 28.07 -33.84
C PHE D 982 34.28 26.59 -34.25
N CYS D 983 35.02 25.78 -33.50
CA CYS D 983 35.19 24.36 -33.83
C CYS D 983 33.89 23.57 -33.98
N ALA D 984 32.88 23.91 -33.18
CA ALA D 984 31.61 23.18 -33.19
C ALA D 984 30.52 23.93 -33.95
N PHE D 985 30.80 25.18 -34.30
CA PHE D 985 29.93 25.99 -35.16
C PHE D 985 29.31 25.24 -36.36
N PRO D 986 30.13 24.52 -37.15
CA PRO D 986 29.60 23.83 -38.33
C PRO D 986 28.44 22.91 -38.00
N TYR D 987 28.70 21.98 -37.09
CA TYR D 987 27.69 21.02 -36.63
C TYR D 987 26.40 21.67 -36.18
N SER D 988 26.52 22.79 -35.48
CA SER D 988 25.37 23.53 -34.99
C SER D 988 24.49 23.95 -36.18
N LEU D 989 25.09 24.56 -37.20
CA LEU D 989 24.35 24.97 -38.39
C LEU D 989 23.68 23.80 -39.09
N LEU D 990 24.38 22.67 -39.17
CA LEU D 990 23.82 21.43 -39.73
C LEU D 990 22.51 21.05 -39.05
N ILE D 991 22.51 21.07 -37.72
CA ILE D 991 21.31 20.78 -36.96
C ILE D 991 20.15 21.67 -37.39
N PHE D 992 20.42 22.97 -37.47
CA PHE D 992 19.41 23.93 -37.88
C PHE D 992 18.86 23.55 -39.24
N VAL D 993 19.76 23.36 -40.19
CA VAL D 993 19.35 23.18 -41.57
C VAL D 993 18.90 21.74 -41.86
N TYR D 994 19.39 20.77 -41.10
CA TYR D 994 18.89 19.41 -41.29
C TYR D 994 17.42 19.40 -40.94
N ASP D 995 17.09 20.02 -39.82
CA ASP D 995 15.75 19.97 -39.30
C ASP D 995 14.85 20.94 -40.05
N GLU D 996 15.43 22.01 -40.57
CA GLU D 996 14.65 22.97 -41.33
C GLU D 996 14.11 22.32 -42.61
N VAL D 997 14.97 21.61 -43.34
CA VAL D 997 14.56 20.92 -44.56
C VAL D 997 13.64 19.75 -44.19
N ARG D 998 13.90 19.14 -43.04
CA ARG D 998 13.08 18.03 -42.61
C ARG D 998 11.66 18.54 -42.37
N LYS D 999 11.55 19.69 -41.70
CA LYS D 999 10.25 20.28 -41.40
C LYS D 999 9.61 20.75 -42.69
N LEU D 1000 10.45 21.20 -43.63
CA LEU D 1000 9.96 21.67 -44.93
C LEU D 1000 9.27 20.55 -45.67
N ILE D 1001 9.97 19.44 -45.85
CA ILE D 1001 9.44 18.31 -46.61
C ILE D 1001 8.07 17.85 -46.08
N ILE D 1002 7.89 18.00 -44.77
CA ILE D 1002 6.64 17.61 -44.14
C ILE D 1002 5.50 18.58 -44.48
N ARG D 1003 5.84 19.86 -44.57
CA ARG D 1003 4.87 20.89 -44.94
C ARG D 1003 4.42 20.71 -46.37
N ARG D 1004 5.26 20.04 -47.16
CA ARG D 1004 5.04 19.93 -48.60
C ARG D 1004 4.58 18.55 -49.05
N ARG D 1005 4.74 17.56 -48.18
CA ARG D 1005 4.22 16.23 -48.47
C ARG D 1005 3.53 15.63 -47.25
N PRO D 1006 2.33 16.14 -46.90
CA PRO D 1006 1.58 15.57 -45.77
C PRO D 1006 1.34 14.06 -45.97
N GLY D 1007 1.89 13.25 -45.07
CA GLY D 1007 1.76 11.81 -45.17
C GLY D 1007 2.98 11.12 -45.74
N GLY D 1008 3.79 11.88 -46.49
CA GLY D 1008 5.02 11.36 -47.07
C GLY D 1008 5.91 10.72 -46.03
N TRP D 1009 6.76 9.80 -46.47
CA TRP D 1009 7.56 8.97 -45.56
C TRP D 1009 8.26 9.76 -44.47
N VAL D 1010 8.74 10.94 -44.85
CA VAL D 1010 9.41 11.87 -43.96
C VAL D 1010 8.59 12.12 -42.69
N GLU D 1011 7.37 12.59 -42.87
CA GLU D 1011 6.47 12.93 -41.77
C GLU D 1011 6.17 11.71 -40.92
N LYS D 1012 5.72 10.63 -41.56
CA LYS D 1012 5.27 9.44 -40.83
C LYS D 1012 6.36 8.77 -40.00
N GLU D 1013 7.61 9.21 -40.17
CA GLU D 1013 8.72 8.62 -39.43
C GLU D 1013 9.52 9.57 -38.52
N THR D 1014 9.51 10.86 -38.84
CA THR D 1014 10.24 11.84 -38.04
C THR D 1014 9.34 12.76 -37.23
N TYR D 1015 8.08 12.91 -37.66
CA TYR D 1015 7.15 13.82 -36.98
C TYR D 1015 6.76 13.33 -35.58
N TYR D 1016 7.62 13.63 -34.61
CA TYR D 1016 7.45 13.22 -33.22
C TYR D 1016 6.24 13.87 -32.57
N MET E 1 -15.19 9.41 -39.21
CA MET E 1 -14.37 9.19 -40.39
C MET E 1 -14.46 7.74 -40.88
N ALA E 2 -13.64 7.41 -41.87
CA ALA E 2 -13.52 6.05 -42.38
C ALA E 2 -12.04 5.69 -42.57
N ARG E 3 -11.18 6.58 -42.08
CA ARG E 3 -9.73 6.39 -42.16
C ARG E 3 -9.25 5.52 -41.01
N GLY E 4 -8.61 4.41 -41.34
CA GLY E 4 -8.23 3.42 -40.34
C GLY E 4 -6.85 3.61 -39.72
N LYS E 5 -6.82 4.24 -38.55
CA LYS E 5 -5.57 4.41 -37.80
C LYS E 5 -5.74 4.10 -36.31
N ALA E 6 -4.85 4.65 -35.50
CA ALA E 6 -4.78 4.41 -34.06
C ALA E 6 -4.46 2.95 -33.71
N LYS E 7 -4.35 2.65 -32.43
CA LYS E 7 -4.07 1.29 -31.97
C LYS E 7 -5.20 0.74 -31.10
N GLU E 8 -6.19 0.13 -31.76
CA GLU E 8 -7.30 -0.51 -31.07
C GLU E 8 -7.01 -2.01 -30.94
N GLU E 9 -5.74 -2.33 -30.72
CA GLU E 9 -5.26 -3.72 -30.67
C GLU E 9 -5.64 -4.44 -29.38
N GLY E 10 -5.69 -5.77 -29.45
CA GLY E 10 -5.99 -6.60 -28.28
C GLY E 10 -5.07 -7.81 -28.18
N SER E 11 -3.82 -7.64 -28.55
CA SER E 11 -2.82 -8.72 -28.46
C SER E 11 -1.42 -8.21 -28.12
N TRP E 12 -0.98 -8.49 -26.90
CA TRP E 12 0.39 -8.21 -26.51
C TRP E 12 1.33 -9.24 -27.16
N LYS E 13 0.72 -10.17 -27.90
CA LYS E 13 1.46 -11.13 -28.71
C LYS E 13 2.16 -10.39 -29.84
N LYS E 14 1.60 -9.25 -30.24
CA LYS E 14 2.11 -8.42 -31.33
C LYS E 14 3.56 -7.96 -31.12
N PHE E 15 4.08 -8.25 -29.94
CA PHE E 15 5.50 -8.08 -29.62
C PHE E 15 6.37 -8.81 -30.64
N ILE E 16 5.95 -10.01 -31.04
CA ILE E 16 6.66 -10.77 -32.07
C ILE E 16 5.69 -11.21 -33.18
N TRP E 17 4.40 -11.24 -32.86
CA TRP E 17 3.33 -11.70 -33.77
C TRP E 17 3.37 -11.03 -35.14
N ASN E 18 3.15 -11.83 -36.19
CA ASN E 18 3.23 -11.31 -37.55
C ASN E 18 2.27 -11.89 -38.58
N SER E 19 1.49 -12.89 -38.17
CA SER E 19 0.60 -13.63 -39.08
C SER E 19 -0.19 -12.78 -40.08
N GLU E 20 -0.44 -11.52 -39.70
CA GLU E 20 -1.08 -10.55 -40.59
C GLU E 20 -0.08 -9.99 -41.61
N LYS E 21 0.88 -9.18 -41.14
CA LYS E 21 1.89 -8.59 -42.02
C LYS E 21 3.14 -8.17 -41.24
N LYS E 22 3.01 -7.12 -40.45
CA LYS E 22 4.13 -6.55 -39.70
C LYS E 22 4.70 -7.51 -38.68
N GLU E 23 6.00 -7.39 -38.40
CA GLU E 23 6.70 -8.34 -37.53
C GLU E 23 7.57 -7.59 -36.52
N PHE E 24 8.17 -8.34 -35.58
CA PHE E 24 9.13 -7.84 -34.59
C PHE E 24 8.67 -6.57 -33.89
N LEU E 25 7.38 -6.52 -33.55
CA LEU E 25 6.73 -5.35 -32.94
C LEU E 25 6.69 -4.12 -33.85
N GLY E 26 7.57 -4.09 -34.85
CA GLY E 26 7.64 -2.97 -35.75
C GLY E 26 6.64 -3.08 -36.89
N ARG E 27 7.14 -2.80 -38.08
CA ARG E 27 6.32 -2.66 -39.27
C ARG E 27 6.66 -3.79 -40.22
N THR E 28 6.44 -3.57 -41.52
CA THR E 28 6.69 -4.61 -42.51
C THR E 28 8.12 -4.50 -43.04
N GLY E 29 8.55 -5.53 -43.76
CA GLY E 29 9.87 -5.54 -44.37
C GLY E 29 10.10 -4.38 -45.32
N GLY E 30 9.03 -3.71 -45.73
CA GLY E 30 9.13 -2.53 -46.57
C GLY E 30 9.48 -1.31 -45.75
N SER E 31 8.94 -1.25 -44.55
CA SER E 31 9.22 -0.12 -43.66
C SER E 31 10.29 -0.45 -42.63
N TRP E 32 10.39 -1.73 -42.23
CA TRP E 32 11.40 -2.17 -41.27
C TRP E 32 12.78 -2.14 -41.91
N PHE E 33 12.81 -2.01 -43.24
CA PHE E 33 14.08 -1.91 -43.98
C PHE E 33 14.38 -0.47 -44.38
N LYS E 34 13.33 0.27 -44.76
CA LYS E 34 13.48 1.63 -45.23
C LYS E 34 14.03 2.56 -44.14
N ILE E 35 13.56 2.39 -42.90
CA ILE E 35 14.04 3.23 -41.80
C ILE E 35 15.43 2.82 -41.37
N LEU E 36 15.73 1.52 -41.45
CA LEU E 36 17.06 1.00 -41.19
C LEU E 36 18.02 1.61 -42.19
N LEU E 37 17.62 1.58 -43.46
CA LEU E 37 18.40 2.19 -44.53
C LEU E 37 18.62 3.70 -44.31
N PHE E 38 17.60 4.39 -43.83
CA PHE E 38 17.73 5.82 -43.52
C PHE E 38 18.85 6.06 -42.51
N TYR E 39 18.92 5.26 -41.46
CA TYR E 39 19.98 5.38 -40.48
C TYR E 39 21.32 4.93 -41.05
N VAL E 40 21.29 4.00 -41.99
CA VAL E 40 22.50 3.62 -42.71
C VAL E 40 23.01 4.81 -43.54
N ILE E 41 22.14 5.45 -44.30
CA ILE E 41 22.56 6.63 -45.05
C ILE E 41 22.90 7.82 -44.13
N PHE E 42 22.13 8.02 -43.08
CA PHE E 42 22.30 9.22 -42.27
C PHE E 42 23.62 9.14 -41.52
N TYR E 43 23.75 8.10 -40.70
CA TYR E 43 24.95 7.89 -39.90
C TYR E 43 26.15 7.76 -40.83
N GLY E 44 25.95 7.05 -41.93
CA GLY E 44 27.01 6.87 -42.91
C GLY E 44 27.62 8.19 -43.35
N CYS E 45 26.83 9.00 -44.07
CA CYS E 45 27.30 10.28 -44.56
C CYS E 45 27.62 11.27 -43.43
N LEU E 46 26.95 11.11 -42.29
CA LEU E 46 27.24 11.96 -41.15
C LEU E 46 28.65 11.68 -40.65
N ALA E 47 28.99 10.40 -40.54
CA ALA E 47 30.33 10.00 -40.15
C ALA E 47 31.31 10.53 -41.17
N GLY E 48 30.85 10.63 -42.42
CA GLY E 48 31.65 11.23 -43.47
C GLY E 48 31.94 12.69 -43.17
N ILE E 49 30.93 13.44 -42.75
CA ILE E 49 31.12 14.83 -42.32
C ILE E 49 32.20 14.95 -41.23
N PHE E 50 32.20 14.00 -40.30
CA PHE E 50 33.18 13.94 -39.23
C PHE E 50 34.58 13.69 -39.77
N ILE E 51 34.69 12.75 -40.72
CA ILE E 51 35.95 12.50 -41.40
C ILE E 51 36.45 13.76 -42.10
N GLY E 52 35.55 14.38 -42.85
CA GLY E 52 35.88 15.56 -43.63
C GLY E 52 36.25 16.77 -42.81
N THR E 53 35.57 16.96 -41.69
CA THR E 53 35.91 18.08 -40.86
C THR E 53 37.23 17.82 -40.11
N ILE E 54 37.49 16.55 -39.80
CA ILE E 54 38.75 16.16 -39.18
C ILE E 54 39.85 16.42 -40.17
N GLN E 55 39.62 16.00 -41.42
CA GLN E 55 40.61 16.12 -42.49
C GLN E 55 41.05 17.56 -42.74
N VAL E 56 40.10 18.47 -42.87
CA VAL E 56 40.42 19.87 -43.08
C VAL E 56 41.24 20.42 -41.90
N MET E 57 40.86 20.03 -40.69
CA MET E 57 41.60 20.41 -39.50
C MET E 57 43.02 19.92 -39.61
N LEU E 58 43.18 18.71 -40.12
CA LEU E 58 44.49 18.07 -40.22
C LEU E 58 45.48 18.84 -41.09
N LEU E 59 44.96 19.63 -42.03
CA LEU E 59 45.82 20.38 -42.92
C LEU E 59 46.01 21.79 -42.36
N THR E 60 46.12 21.88 -41.04
CA THR E 60 46.36 23.13 -40.33
C THR E 60 47.47 22.90 -39.32
N ILE E 61 48.18 21.79 -39.51
CA ILE E 61 49.35 21.44 -38.70
C ILE E 61 50.48 20.90 -39.58
N SER E 62 51.68 21.45 -39.41
CA SER E 62 52.81 20.93 -40.14
C SER E 62 53.38 19.76 -39.36
N GLU E 63 53.57 18.63 -40.03
CA GLU E 63 54.09 17.42 -39.38
C GLU E 63 55.56 17.57 -38.98
N PHE E 64 56.03 18.80 -38.88
CA PHE E 64 57.38 19.09 -38.42
C PHE E 64 57.35 19.73 -37.04
N LYS E 65 56.33 20.54 -36.79
CA LYS E 65 56.24 21.29 -35.56
C LYS E 65 54.78 21.44 -35.07
N PRO E 66 54.54 21.13 -33.80
CA PRO E 66 53.20 21.28 -33.22
C PRO E 66 52.78 22.75 -33.18
N THR E 67 51.51 23.02 -33.48
CA THR E 67 51.00 24.38 -33.51
C THR E 67 50.96 25.05 -32.12
N TYR E 68 50.97 24.26 -31.05
CA TYR E 68 51.04 24.84 -29.71
C TYR E 68 52.00 24.05 -28.82
N GLN E 69 52.75 24.75 -27.98
CA GLN E 69 53.72 24.10 -27.10
C GLN E 69 53.74 24.64 -25.65
N ASP E 70 53.07 25.76 -25.40
CA ASP E 70 53.06 26.38 -24.08
C ASP E 70 52.51 25.49 -22.95
N ARG E 71 51.98 24.33 -23.33
CA ARG E 71 51.46 23.38 -22.36
C ARG E 71 52.55 22.43 -21.90
N VAL E 72 53.55 22.21 -22.77
CA VAL E 72 54.77 21.49 -22.40
C VAL E 72 55.87 22.48 -22.02
N ALA E 73 55.45 23.65 -21.50
CA ALA E 73 56.33 24.83 -21.43
C ALA E 73 57.69 24.63 -20.73
N PRO E 74 57.77 24.66 -19.38
CA PRO E 74 59.11 24.27 -18.96
C PRO E 74 59.22 22.75 -18.88
N PRO E 75 60.26 22.16 -19.50
CA PRO E 75 60.36 20.70 -19.62
C PRO E 75 60.55 20.06 -18.26
N GLY E 76 60.27 18.76 -18.17
CA GLY E 76 60.35 18.03 -16.91
C GLY E 76 61.58 17.14 -16.81
N LEU E 77 62.00 16.87 -15.58
CA LEU E 77 63.17 16.03 -15.33
C LEU E 77 62.68 14.67 -14.86
N THR E 78 63.06 13.62 -15.56
CA THR E 78 62.57 12.28 -15.26
C THR E 78 63.69 11.27 -15.04
N GLN E 79 63.47 10.27 -14.19
CA GLN E 79 64.43 9.17 -14.02
C GLN E 79 64.18 8.03 -14.98
N ILE E 80 65.06 7.03 -14.94
CA ILE E 80 64.89 5.87 -15.79
C ILE E 80 64.39 4.63 -15.03
N PRO E 81 64.87 4.40 -13.79
CA PRO E 81 64.17 3.36 -13.04
C PRO E 81 62.70 3.74 -12.85
N GLN E 82 61.78 2.99 -13.47
CA GLN E 82 60.34 3.27 -13.41
C GLN E 82 59.88 3.43 -11.96
N SER E 83 59.92 4.68 -11.50
CA SER E 83 59.57 4.99 -10.12
C SER E 83 58.17 4.49 -9.81
N GLN E 84 58.11 3.43 -9.01
CA GLN E 84 56.84 2.81 -8.61
C GLN E 84 55.83 3.87 -8.15
N LYS E 85 56.19 4.58 -7.08
CA LYS E 85 55.41 5.71 -6.61
C LYS E 85 56.40 6.80 -6.26
N THR E 86 57.19 7.22 -7.25
CA THR E 86 58.40 8.03 -7.05
C THR E 86 59.38 7.33 -6.11
N GLU E 87 59.16 6.05 -5.86
CA GLU E 87 59.96 5.35 -4.86
C GLU E 87 60.79 4.20 -5.41
N ILE E 88 62.02 4.11 -4.92
CA ILE E 88 62.94 3.06 -5.31
C ILE E 88 63.35 2.30 -4.07
N SER E 89 62.58 1.26 -3.75
CA SER E 89 62.76 0.51 -2.52
C SER E 89 63.21 -0.91 -2.86
N PHE E 90 64.36 -1.30 -2.32
CA PHE E 90 64.90 -2.63 -2.57
C PHE E 90 65.86 -3.07 -1.46
N ARG E 91 66.07 -4.38 -1.34
CA ARG E 91 66.97 -4.92 -0.33
C ARG E 91 68.28 -5.25 -0.98
N PRO E 92 69.31 -4.41 -0.72
CA PRO E 92 70.63 -4.44 -1.34
C PRO E 92 71.21 -5.85 -1.52
N ASN E 93 71.16 -6.66 -0.46
CA ASN E 93 71.70 -8.01 -0.48
C ASN E 93 70.96 -8.93 -1.46
N ASP E 94 69.69 -8.61 -1.68
CA ASP E 94 68.80 -9.46 -2.51
C ASP E 94 68.81 -9.02 -3.98
N PRO E 95 69.18 -9.96 -4.88
CA PRO E 95 69.21 -9.70 -6.33
C PRO E 95 67.81 -9.58 -6.94
N GLN E 96 66.82 -10.22 -6.32
CA GLN E 96 65.46 -10.21 -6.84
C GLN E 96 64.71 -8.90 -6.52
N SER E 97 65.09 -8.28 -5.42
CA SER E 97 64.39 -7.10 -4.90
C SER E 97 64.47 -5.86 -5.81
N TYR E 98 65.49 -5.82 -6.67
CA TYR E 98 65.67 -4.69 -7.58
C TYR E 98 65.74 -5.15 -9.02
N GLU E 99 65.55 -6.45 -9.25
CA GLU E 99 65.57 -7.02 -10.60
C GLU E 99 64.63 -6.28 -11.53
N SER E 100 63.51 -5.79 -11.00
CA SER E 100 62.56 -4.98 -11.77
C SER E 100 63.13 -3.60 -12.09
N TYR E 101 63.84 -3.01 -11.13
CA TYR E 101 64.48 -1.71 -11.35
C TYR E 101 65.57 -1.79 -12.41
N VAL E 102 66.21 -2.95 -12.48
CA VAL E 102 67.31 -3.16 -13.42
C VAL E 102 66.82 -3.41 -14.85
N VAL E 103 65.86 -4.32 -15.03
CA VAL E 103 65.31 -4.60 -16.36
C VAL E 103 64.84 -3.32 -17.06
N SER E 104 64.31 -2.39 -16.27
CA SER E 104 63.83 -1.10 -16.77
C SER E 104 64.98 -0.24 -17.28
N ILE E 105 65.91 0.08 -16.38
CA ILE E 105 67.03 0.93 -16.71
C ILE E 105 67.90 0.33 -17.83
N VAL E 106 67.96 -1.00 -17.87
CA VAL E 106 68.73 -1.71 -18.88
C VAL E 106 68.06 -1.63 -20.24
N ARG E 107 66.74 -1.75 -20.28
CA ARG E 107 66.00 -1.64 -21.53
C ARG E 107 66.13 -0.25 -22.15
N PHE E 108 66.15 0.78 -21.31
CA PHE E 108 66.26 2.14 -21.80
C PHE E 108 67.62 2.44 -22.42
N LEU E 109 68.66 1.98 -21.76
CA LEU E 109 70.03 2.24 -22.22
C LEU E 109 70.44 1.43 -23.47
N GLU E 110 69.60 0.49 -23.88
CA GLU E 110 69.87 -0.30 -25.08
C GLU E 110 69.72 0.52 -26.36
N LYS E 111 69.19 1.72 -26.23
CA LYS E 111 69.07 2.65 -27.33
C LYS E 111 70.38 3.38 -27.51
N TYR E 112 71.27 3.20 -26.53
CA TYR E 112 72.47 4.03 -26.42
C TYR E 112 73.78 3.26 -26.58
N LYS E 113 73.69 1.94 -26.80
CA LYS E 113 74.88 1.12 -26.96
C LYS E 113 75.74 1.59 -28.14
N ASP E 114 76.99 1.16 -28.17
CA ASP E 114 77.90 1.57 -29.22
C ASP E 114 77.57 0.89 -30.56
N LEU E 115 76.88 -0.23 -30.48
CA LEU E 115 76.53 -1.02 -31.66
C LEU E 115 75.26 -0.51 -32.33
N ALA E 116 74.46 0.25 -31.58
CA ALA E 116 73.23 0.82 -32.10
C ALA E 116 73.50 2.20 -32.71
N GLN E 117 74.74 2.65 -32.62
CA GLN E 117 75.13 3.95 -33.14
C GLN E 117 76.17 3.75 -34.24
N LYS E 118 75.92 2.75 -35.09
CA LYS E 118 76.87 2.34 -36.12
C LYS E 118 77.15 3.40 -37.19
N ASP E 119 76.27 3.43 -38.18
CA ASP E 119 76.37 4.30 -39.36
C ASP E 119 76.76 5.75 -39.04
N ASP E 120 77.50 6.38 -39.95
CA ASP E 120 77.95 7.76 -39.77
C ASP E 120 77.00 8.79 -40.40
N MET E 121 76.15 8.34 -41.33
CA MET E 121 75.13 9.18 -41.94
C MET E 121 74.14 9.70 -40.88
N ILE E 122 73.52 8.78 -40.16
CA ILE E 122 72.52 9.13 -39.15
C ILE E 122 73.18 9.68 -37.89
N PHE E 123 74.30 9.10 -37.50
CA PHE E 123 74.98 9.47 -36.27
C PHE E 123 76.24 10.32 -36.50
N GLU E 124 76.22 11.52 -35.95
CA GLU E 124 77.35 12.45 -36.01
C GLU E 124 78.10 12.45 -34.68
N ASP E 125 79.43 12.50 -34.75
CA ASP E 125 80.24 12.55 -33.53
C ASP E 125 80.36 13.96 -32.96
N CYS E 126 79.58 14.23 -31.91
CA CYS E 126 79.66 15.51 -31.22
C CYS E 126 80.68 15.41 -30.09
N GLY E 127 81.56 16.40 -30.01
CA GLY E 127 82.75 16.38 -29.18
C GLY E 127 82.68 15.86 -27.75
N ASN E 128 83.83 15.49 -27.21
CA ASN E 128 83.95 14.92 -25.86
C ASN E 128 83.81 15.95 -24.73
N VAL E 129 83.59 17.20 -25.10
CA VAL E 129 83.32 18.27 -24.14
C VAL E 129 82.16 19.11 -24.63
N PRO E 130 81.23 19.45 -23.71
CA PRO E 130 80.02 20.20 -24.05
C PRO E 130 80.31 21.46 -24.85
N SER E 131 79.70 21.57 -26.03
CA SER E 131 79.85 22.75 -26.88
C SER E 131 78.51 23.46 -27.04
N GLU E 132 78.44 24.37 -28.01
CA GLU E 132 77.23 25.17 -28.22
C GLU E 132 76.21 24.43 -29.09
N LEU E 133 74.93 24.80 -28.92
CA LEU E 133 73.78 24.23 -29.62
C LEU E 133 74.05 23.97 -31.11
N LYS E 134 74.12 22.70 -31.49
CA LYS E 134 74.25 22.32 -32.90
C LYS E 134 72.91 22.47 -33.62
N GLU E 135 72.74 23.60 -34.30
CA GLU E 135 71.50 23.89 -35.02
C GLU E 135 71.47 23.26 -36.41
N ARG E 136 70.72 22.16 -36.54
CA ARG E 136 70.59 21.42 -37.80
C ARG E 136 70.10 22.30 -38.93
N GLY E 137 69.29 23.30 -38.59
CA GLY E 137 68.80 24.22 -39.58
C GLY E 137 67.37 24.64 -39.33
N GLU E 138 66.54 24.48 -40.36
CA GLU E 138 65.17 24.96 -40.31
C GLU E 138 64.21 23.77 -40.26
N TYR E 139 63.20 23.85 -39.38
CA TYR E 139 62.29 22.73 -39.11
C TYR E 139 61.42 22.32 -40.29
N ASN E 140 62.06 21.85 -41.36
CA ASN E 140 61.38 21.43 -42.58
C ASN E 140 61.96 20.16 -43.19
N ASN E 141 61.56 19.89 -44.43
CA ASN E 141 62.04 18.71 -45.14
C ASN E 141 63.08 19.10 -46.19
N GLU E 142 63.61 20.32 -46.07
CA GLU E 142 64.64 20.80 -46.96
C GLU E 142 65.88 19.92 -46.86
N ARG E 143 66.57 19.98 -45.72
CA ARG E 143 67.59 19.00 -45.39
C ARG E 143 66.86 17.82 -44.75
N GLY E 144 67.20 16.61 -45.17
CA GLY E 144 66.44 15.41 -44.80
C GLY E 144 66.53 14.98 -43.35
N GLU E 145 66.62 13.67 -43.13
CA GLU E 145 66.76 13.13 -41.77
C GLU E 145 68.06 13.62 -41.12
N ARG E 146 67.93 14.62 -40.24
CA ARG E 146 69.08 15.30 -39.64
C ARG E 146 70.00 14.33 -38.90
N LYS E 147 71.25 14.74 -38.72
CA LYS E 147 72.21 13.93 -37.97
C LYS E 147 71.86 13.90 -36.49
N VAL E 148 72.28 12.83 -35.81
CA VAL E 148 72.02 12.69 -34.38
C VAL E 148 73.31 12.78 -33.59
N CYS E 149 73.40 13.73 -32.67
CA CYS E 149 74.57 13.84 -31.79
C CYS E 149 74.65 12.60 -30.92
N ARG E 150 75.70 11.81 -31.13
CA ARG E 150 75.86 10.50 -30.49
C ARG E 150 76.05 10.63 -28.98
N PHE E 151 75.64 9.61 -28.24
CA PHE E 151 75.92 9.57 -26.81
C PHE E 151 76.47 8.23 -26.40
N ARG E 152 77.66 8.24 -25.79
CA ARG E 152 78.30 7.01 -25.34
C ARG E 152 77.84 6.65 -23.93
N LEU E 153 77.82 5.36 -23.64
CA LEU E 153 77.45 4.91 -22.31
C LEU E 153 78.52 5.30 -21.29
N GLU E 154 79.78 5.33 -21.75
CA GLU E 154 80.92 5.65 -20.90
C GLU E 154 80.77 6.98 -20.15
N TRP E 155 80.03 7.92 -20.74
CA TRP E 155 79.84 9.22 -20.12
C TRP E 155 79.11 9.07 -18.79
N LEU E 156 78.10 8.20 -18.77
CA LEU E 156 77.41 7.86 -17.54
C LEU E 156 78.34 7.09 -16.63
N GLY E 157 79.12 7.81 -15.83
CA GLY E 157 80.13 7.20 -14.98
C GLY E 157 79.61 6.04 -14.15
N ASN E 158 80.36 4.93 -14.17
CA ASN E 158 80.07 3.76 -13.34
C ASN E 158 78.72 3.06 -13.57
N CYS E 159 77.80 3.74 -14.24
CA CYS E 159 76.47 3.20 -14.47
C CYS E 159 76.34 2.67 -15.91
N SER E 160 77.34 1.93 -16.35
CA SER E 160 77.35 1.41 -17.71
C SER E 160 77.85 -0.03 -17.75
N GLY E 161 79.15 -0.20 -17.49
CA GLY E 161 79.77 -1.50 -17.51
C GLY E 161 79.72 -2.14 -18.88
N LEU E 162 79.86 -3.47 -18.91
CA LEU E 162 79.81 -4.25 -20.15
C LEU E 162 79.70 -5.74 -19.83
N ASN E 163 78.49 -6.20 -19.53
CA ASN E 163 78.24 -7.58 -19.13
C ASN E 163 77.98 -8.53 -20.30
N ASP E 164 77.22 -9.59 -20.03
CA ASP E 164 76.86 -10.56 -21.04
C ASP E 164 75.47 -10.28 -21.59
N GLU E 165 74.45 -10.77 -20.89
CA GLU E 165 73.06 -10.58 -21.30
C GLU E 165 72.50 -9.28 -20.73
N THR E 166 72.28 -9.28 -19.41
CA THR E 166 71.77 -8.10 -18.72
C THR E 166 72.90 -7.34 -18.02
N TYR E 167 72.80 -6.02 -18.01
CA TYR E 167 73.79 -5.15 -17.37
C TYR E 167 73.90 -5.44 -15.87
N GLY E 168 75.13 -5.52 -15.37
CA GLY E 168 75.38 -5.70 -13.95
C GLY E 168 75.36 -4.36 -13.23
N TYR E 169 74.17 -3.93 -12.80
CA TYR E 169 74.01 -2.61 -12.18
C TYR E 169 74.27 -2.59 -10.69
N LYS E 170 73.79 -1.51 -10.05
CA LYS E 170 74.22 -1.21 -8.70
C LYS E 170 73.26 -1.71 -7.61
N ASP E 171 73.63 -2.84 -7.00
CA ASP E 171 72.84 -3.49 -5.96
C ASP E 171 73.16 -2.91 -4.59
N GLY E 172 74.44 -2.78 -4.30
CA GLY E 172 74.88 -1.99 -3.16
C GLY E 172 74.94 -0.55 -3.64
N LYS E 173 74.08 0.31 -3.10
CA LYS E 173 74.06 1.74 -3.45
C LYS E 173 73.72 2.08 -4.90
N PRO E 174 72.39 2.17 -5.21
CA PRO E 174 71.82 2.13 -6.57
C PRO E 174 72.28 3.25 -7.50
N CYS E 175 71.88 3.13 -8.77
CA CYS E 175 72.12 4.15 -9.78
C CYS E 175 70.80 4.81 -10.22
N VAL E 176 70.65 6.09 -9.89
CA VAL E 176 69.54 6.85 -10.42
C VAL E 176 70.06 7.59 -11.65
N ILE E 177 69.24 7.67 -12.70
CA ILE E 177 69.67 8.31 -13.93
C ILE E 177 68.65 9.37 -14.38
N ILE E 178 69.15 10.58 -14.62
CA ILE E 178 68.32 11.75 -14.87
C ILE E 178 68.18 12.06 -16.36
N LYS E 179 67.00 12.51 -16.76
CA LYS E 179 66.71 12.77 -18.17
C LYS E 179 65.95 14.07 -18.36
N LEU E 180 66.22 14.77 -19.45
CA LEU E 180 65.50 16.00 -19.77
C LEU E 180 64.45 15.74 -20.84
N ASN E 181 63.24 16.27 -20.64
CA ASN E 181 62.12 16.04 -21.56
C ASN E 181 62.30 16.69 -22.93
N ARG E 182 62.23 15.87 -23.98
CA ARG E 182 62.38 16.34 -25.34
C ARG E 182 61.34 17.39 -25.66
N VAL E 183 61.79 18.55 -26.11
CA VAL E 183 60.89 19.63 -26.52
C VAL E 183 61.37 20.15 -27.88
N LEU E 184 60.49 20.05 -28.88
CA LEU E 184 60.86 20.40 -30.25
C LEU E 184 61.15 21.89 -30.42
N GLY E 185 62.43 22.22 -30.58
CA GLY E 185 62.86 23.59 -30.81
C GLY E 185 63.28 24.33 -29.55
N PHE E 186 63.56 23.58 -28.51
CA PHE E 186 63.86 24.18 -27.22
C PHE E 186 65.36 24.30 -27.05
N LYS E 187 65.81 25.45 -26.58
CA LYS E 187 67.23 25.68 -26.31
C LYS E 187 67.43 25.94 -24.82
N PRO E 188 68.08 25.02 -24.12
CA PRO E 188 68.37 25.22 -22.70
C PRO E 188 69.36 26.36 -22.49
N LYS E 189 69.09 27.22 -21.51
CA LYS E 189 70.00 28.30 -21.16
C LYS E 189 70.51 28.15 -19.74
N PRO E 190 71.81 27.82 -19.58
CA PRO E 190 72.45 27.66 -18.28
C PRO E 190 72.50 28.98 -17.52
N PRO E 191 72.34 28.93 -16.19
CA PRO E 191 72.18 30.13 -15.36
C PRO E 191 73.47 30.95 -15.31
N LYS E 192 73.34 32.25 -15.08
CA LYS E 192 74.51 33.10 -14.85
C LYS E 192 74.85 33.16 -13.37
N ASN E 193 75.27 34.33 -12.90
CA ASN E 193 75.64 34.51 -11.51
C ASN E 193 74.53 35.20 -10.69
N GLU E 194 73.54 35.74 -11.39
CA GLU E 194 72.44 36.46 -10.74
C GLU E 194 71.53 35.53 -9.93
N SER E 195 70.57 34.90 -10.61
CA SER E 195 69.70 33.92 -9.97
C SER E 195 70.47 32.65 -9.64
N LEU E 196 71.19 32.67 -8.52
CA LEU E 196 72.00 31.54 -8.09
C LEU E 196 71.16 30.33 -7.72
N GLU E 197 71.84 29.23 -7.39
CA GLU E 197 71.18 27.97 -7.11
C GLU E 197 71.16 27.66 -5.61
N THR E 198 70.85 26.40 -5.27
CA THR E 198 70.84 25.94 -3.89
C THR E 198 72.20 25.33 -3.54
N TYR E 199 73.16 25.53 -4.43
CA TYR E 199 74.50 24.96 -4.26
C TYR E 199 75.51 25.82 -5.04
N PRO E 200 76.82 25.63 -4.76
CA PRO E 200 77.84 26.39 -5.51
C PRO E 200 77.91 26.01 -6.99
N VAL E 201 77.78 27.01 -7.87
CA VAL E 201 77.78 26.80 -9.31
C VAL E 201 79.01 26.03 -9.78
N MET E 202 78.88 24.71 -9.88
CA MET E 202 79.93 23.87 -10.46
C MET E 202 80.17 24.32 -11.90
N LYS E 203 81.41 24.15 -12.37
CA LYS E 203 81.89 24.78 -13.60
C LYS E 203 81.01 24.63 -14.85
N TYR E 204 81.39 25.40 -15.87
CA TYR E 204 80.80 25.39 -17.23
C TYR E 204 79.59 26.29 -17.43
N ASN E 205 79.71 27.54 -16.98
CA ASN E 205 78.71 28.56 -17.25
C ASN E 205 78.23 28.64 -18.71
N PRO E 206 79.16 28.44 -19.67
CA PRO E 206 78.65 28.43 -21.04
C PRO E 206 77.71 27.25 -21.36
N TYR E 207 78.25 26.04 -21.47
CA TYR E 207 77.54 24.99 -22.22
C TYR E 207 76.96 23.83 -21.42
N VAL E 208 76.91 23.92 -20.11
CA VAL E 208 76.31 22.85 -19.31
C VAL E 208 75.08 23.29 -18.52
N LEU E 209 74.00 22.52 -18.62
CA LEU E 209 72.77 22.79 -17.89
C LEU E 209 72.72 22.01 -16.57
N PRO E 210 73.02 22.69 -15.45
CA PRO E 210 73.24 22.08 -14.14
C PRO E 210 72.07 21.27 -13.59
N VAL E 211 72.40 20.18 -12.90
CA VAL E 211 71.44 19.35 -12.18
C VAL E 211 72.01 19.01 -10.80
N HIS E 212 71.23 19.27 -9.75
CA HIS E 212 71.71 19.01 -8.40
C HIS E 212 70.71 18.22 -7.55
N CYS E 213 71.16 17.08 -7.03
CA CYS E 213 70.35 16.22 -6.19
C CYS E 213 70.65 16.43 -4.70
N THR E 214 69.78 17.18 -4.02
CA THR E 214 69.88 17.41 -2.59
C THR E 214 68.90 16.54 -1.81
N GLY E 215 68.82 16.76 -0.50
CA GLY E 215 67.90 16.01 0.34
C GLY E 215 66.46 16.46 0.13
N LYS E 216 65.59 16.12 1.08
CA LYS E 216 64.18 16.50 0.96
C LYS E 216 64.02 17.99 1.18
N ARG E 217 63.74 18.71 0.10
CA ARG E 217 63.67 20.17 0.12
C ARG E 217 64.97 20.75 0.68
N ASP E 218 64.86 21.96 1.24
CA ASP E 218 66.03 22.77 1.59
C ASP E 218 66.04 23.12 3.07
N GLU E 219 64.86 23.14 3.69
CA GLU E 219 64.74 23.52 5.11
C GLU E 219 65.22 22.41 6.05
N ASP E 220 64.72 22.41 7.29
CA ASP E 220 65.11 21.39 8.27
C ASP E 220 64.70 19.99 7.81
N LYS E 221 65.67 19.25 7.27
CA LYS E 221 65.39 17.95 6.69
C LYS E 221 66.44 16.91 7.10
N GLU E 222 66.08 15.64 7.01
CA GLU E 222 67.00 14.57 7.38
C GLU E 222 67.98 14.28 6.25
N LYS E 223 69.02 15.10 6.15
CA LYS E 223 70.06 14.91 5.14
C LYS E 223 70.99 13.78 5.56
N VAL E 224 70.81 12.62 4.94
CA VAL E 224 71.64 11.46 5.18
C VAL E 224 71.95 10.78 3.85
N GLY E 225 72.98 11.25 3.15
CA GLY E 225 73.32 10.67 1.86
C GLY E 225 74.64 11.15 1.28
N THR E 226 75.13 10.42 0.28
CA THR E 226 76.37 10.79 -0.41
C THR E 226 76.14 10.92 -1.92
N MET E 227 75.96 12.17 -2.35
CA MET E 227 75.72 12.47 -3.74
C MET E 227 76.99 12.24 -4.58
N GLU E 228 76.79 11.98 -5.87
CA GLU E 228 77.88 11.88 -6.83
C GLU E 228 77.32 12.05 -8.25
N TYR E 229 77.95 12.91 -9.04
CA TYR E 229 77.42 13.29 -10.34
C TYR E 229 78.28 12.79 -11.50
N PHE E 230 77.68 11.98 -12.38
CA PHE E 230 78.38 11.39 -13.51
C PHE E 230 77.80 11.83 -14.85
N GLY E 231 78.48 12.74 -15.55
CA GLY E 231 78.00 13.24 -16.82
C GLY E 231 79.07 13.38 -17.88
N LEU E 232 78.67 13.83 -19.06
CA LEU E 232 79.61 14.07 -20.15
C LEU E 232 80.52 15.23 -19.78
N GLY E 233 81.82 14.98 -19.85
CA GLY E 233 82.80 15.98 -19.46
C GLY E 233 83.13 15.91 -17.98
N GLY E 234 82.37 15.10 -17.26
CA GLY E 234 82.48 15.03 -15.82
C GLY E 234 81.61 16.10 -15.18
N TYR E 235 80.79 16.71 -16.03
CA TYR E 235 79.92 17.81 -15.60
C TYR E 235 78.51 17.34 -15.26
N PRO E 236 78.02 17.73 -14.07
CA PRO E 236 76.71 17.37 -13.54
C PRO E 236 75.60 18.12 -14.27
N GLY E 237 75.18 17.61 -15.42
CA GLY E 237 74.11 18.26 -16.15
C GLY E 237 74.02 17.89 -17.62
N PHE E 238 73.59 18.86 -18.42
CA PHE E 238 73.33 18.60 -19.84
C PHE E 238 74.12 19.49 -20.81
N PRO E 239 75.00 18.85 -21.60
CA PRO E 239 75.74 19.45 -22.70
C PRO E 239 74.80 20.09 -23.74
N LEU E 240 74.91 21.40 -23.93
CA LEU E 240 74.04 22.15 -24.83
C LEU E 240 73.99 21.60 -26.26
N GLN E 241 75.15 21.13 -26.73
CA GLN E 241 75.34 20.70 -28.13
C GLN E 241 74.28 19.75 -28.70
N TYR E 242 73.50 19.12 -27.84
CA TYR E 242 72.51 18.14 -28.28
C TYR E 242 71.18 18.78 -28.62
N TYR E 243 70.97 20.02 -28.16
CA TYR E 243 69.71 20.73 -28.42
C TYR E 243 69.91 21.80 -29.52
N PRO E 244 68.87 22.07 -30.34
CA PRO E 244 67.45 21.66 -30.24
C PRO E 244 67.15 20.22 -30.67
N TYR E 245 65.91 19.79 -30.43
CA TYR E 245 65.40 18.54 -30.97
C TYR E 245 64.51 18.90 -32.16
N TYR E 246 64.36 17.99 -33.11
CA TYR E 246 63.75 18.33 -34.40
C TYR E 246 62.52 17.50 -34.77
N GLY E 247 62.08 16.62 -33.88
CA GLY E 247 60.90 15.82 -34.14
C GLY E 247 61.25 14.40 -34.56
N LYS E 248 60.32 13.49 -34.33
CA LYS E 248 60.48 12.10 -34.71
C LYS E 248 60.61 12.00 -36.23
N LEU E 249 60.07 12.98 -36.94
CA LEU E 249 60.07 12.99 -38.39
C LEU E 249 61.44 13.32 -38.92
N LEU E 250 62.13 14.23 -38.25
CA LEU E 250 63.40 14.74 -38.76
C LEU E 250 64.61 14.10 -38.07
N GLN E 251 64.41 13.61 -36.85
CA GLN E 251 65.47 12.89 -36.15
C GLN E 251 64.96 11.62 -35.49
N PRO E 252 64.42 10.67 -36.27
CA PRO E 252 63.77 9.49 -35.69
C PRO E 252 64.66 8.60 -34.80
N LYS E 253 65.97 8.79 -34.81
CA LYS E 253 66.85 8.03 -33.92
C LYS E 253 67.63 8.89 -32.94
N TYR E 254 67.19 10.13 -32.77
CA TYR E 254 67.80 11.08 -31.82
C TYR E 254 67.94 10.51 -30.41
N LEU E 255 69.18 10.42 -29.94
CA LEU E 255 69.47 10.05 -28.56
C LEU E 255 69.63 11.32 -27.73
N GLN E 256 68.82 11.44 -26.68
CA GLN E 256 68.85 12.62 -25.82
C GLN E 256 69.96 12.49 -24.75
N PRO E 257 70.52 13.63 -24.31
CA PRO E 257 71.57 13.61 -23.30
C PRO E 257 71.07 12.99 -22.00
N LEU E 258 71.84 12.06 -21.46
CA LEU E 258 71.52 11.46 -20.17
C LEU E 258 72.54 11.91 -19.16
N MET E 259 72.30 11.60 -17.89
CA MET E 259 73.18 12.04 -16.81
C MET E 259 72.84 11.30 -15.52
N ALA E 260 73.81 10.56 -14.99
CA ALA E 260 73.57 9.69 -13.84
C ALA E 260 73.84 10.37 -12.49
N VAL E 261 73.43 9.69 -11.42
CA VAL E 261 73.74 10.10 -10.04
C VAL E 261 73.81 8.88 -9.13
N GLN E 262 74.91 8.15 -9.18
CA GLN E 262 75.08 7.00 -8.30
C GLN E 262 75.00 7.49 -6.86
N PHE E 263 73.95 7.08 -6.16
CA PHE E 263 73.77 7.46 -4.77
C PHE E 263 74.43 6.44 -3.85
N THR E 264 75.55 6.86 -3.26
CA THR E 264 76.40 5.98 -2.48
C THR E 264 76.46 6.40 -1.00
N ASN E 265 75.27 6.49 -0.39
CA ASN E 265 75.08 7.04 0.95
C ASN E 265 75.82 6.34 2.09
N LEU E 266 75.54 6.80 3.31
CA LEU E 266 76.08 6.19 4.53
C LEU E 266 74.95 5.83 5.49
N THR E 267 73.83 5.35 4.95
CA THR E 267 72.64 5.04 5.76
C THR E 267 71.66 4.03 5.16
N MET E 268 71.93 2.73 5.35
CA MET E 268 71.03 1.70 4.88
C MET E 268 69.78 1.61 5.76
N ASP E 269 68.94 0.62 5.47
CA ASP E 269 67.76 0.31 6.28
C ASP E 269 66.76 1.46 6.54
N THR E 270 66.72 2.45 5.65
CA THR E 270 65.80 3.57 5.82
C THR E 270 65.45 4.30 4.51
N GLU E 271 64.25 4.89 4.46
CA GLU E 271 63.78 5.58 3.27
C GLU E 271 64.00 7.09 3.33
N ILE E 272 64.74 7.62 2.36
CA ILE E 272 65.07 9.04 2.29
C ILE E 272 64.52 9.73 1.05
N ARG E 273 63.89 10.89 1.23
CA ARG E 273 63.37 11.66 0.13
C ARG E 273 64.46 12.60 -0.40
N ILE E 274 64.71 12.57 -1.71
CA ILE E 274 65.72 13.44 -2.32
C ILE E 274 65.19 14.20 -3.54
N GLU E 275 65.73 15.40 -3.77
CA GLU E 275 65.23 16.27 -4.84
C GLU E 275 66.29 16.76 -5.81
N CYS E 276 66.22 16.27 -7.05
CA CYS E 276 67.05 16.76 -8.14
C CYS E 276 66.39 17.97 -8.82
N LYS E 277 67.19 18.99 -9.13
CA LYS E 277 66.62 20.19 -9.74
C LYS E 277 67.45 20.64 -10.92
N ALA E 278 66.79 20.94 -12.03
CA ALA E 278 67.45 21.53 -13.17
C ALA E 278 67.39 23.05 -13.06
N TYR E 279 68.50 23.66 -12.69
CA TYR E 279 68.55 25.10 -12.53
C TYR E 279 68.87 25.80 -13.85
N GLY E 280 68.12 26.84 -14.17
CA GLY E 280 68.34 27.57 -15.41
C GLY E 280 67.34 28.67 -15.73
N GLU E 281 67.51 29.28 -16.90
CA GLU E 281 66.67 30.39 -17.33
C GLU E 281 65.51 29.88 -18.19
N ASN E 282 65.79 28.86 -18.98
CA ASN E 282 64.76 28.21 -19.78
C ASN E 282 64.05 27.11 -18.98
N ILE E 283 64.39 27.00 -17.70
CA ILE E 283 63.78 26.01 -16.83
C ILE E 283 63.00 26.67 -15.70
N GLY E 284 61.75 26.25 -15.55
CA GLY E 284 60.92 26.66 -14.44
C GLY E 284 60.41 25.45 -13.69
N TYR E 285 59.64 25.71 -12.63
CA TYR E 285 59.10 24.63 -11.82
C TYR E 285 57.67 24.97 -11.48
N SER E 286 56.94 24.02 -10.91
CA SER E 286 55.55 24.24 -10.54
C SER E 286 55.26 23.56 -9.22
N GLU E 287 54.46 24.22 -8.37
CA GLU E 287 54.12 23.65 -7.06
C GLU E 287 53.19 22.46 -7.25
N LYS E 288 52.48 22.43 -8.38
CA LYS E 288 51.57 21.33 -8.68
C LYS E 288 52.25 20.16 -9.39
N ASP E 289 53.08 20.48 -10.38
CA ASP E 289 53.80 19.46 -11.12
C ASP E 289 55.11 19.07 -10.41
N ARG E 290 55.07 17.95 -9.69
CA ARG E 290 56.23 17.45 -8.94
C ARG E 290 57.36 16.93 -9.83
N PHE E 291 57.25 17.18 -11.12
CA PHE E 291 58.22 16.65 -12.07
C PHE E 291 58.71 17.74 -13.01
N GLN E 292 58.04 18.89 -13.02
CA GLN E 292 58.38 19.97 -13.94
C GLN E 292 59.67 20.71 -13.54
N GLY E 293 60.73 20.48 -14.32
CA GLY E 293 62.02 21.09 -14.07
C GLY E 293 62.80 20.48 -12.91
N ARG E 294 62.09 19.73 -12.08
CA ARG E 294 62.70 19.16 -10.89
C ARG E 294 62.38 17.67 -10.77
N PHE E 295 62.31 17.19 -9.53
CA PHE E 295 62.38 15.76 -9.30
C PHE E 295 62.27 15.41 -7.83
N ASP E 296 61.23 14.70 -7.45
CA ASP E 296 61.16 14.22 -6.07
C ASP E 296 61.03 12.69 -6.02
N VAL E 297 62.16 12.04 -5.73
CA VAL E 297 62.22 10.59 -5.63
C VAL E 297 62.62 10.16 -4.23
N LYS E 298 61.87 9.22 -3.65
CA LYS E 298 62.20 8.67 -2.33
C LYS E 298 62.69 7.23 -2.43
N ILE E 299 63.90 6.97 -1.92
CA ILE E 299 64.50 5.64 -2.05
C ILE E 299 64.80 5.00 -0.70
N GLU E 300 64.78 3.67 -0.66
CA GLU E 300 65.07 2.93 0.57
C GLU E 300 66.02 1.77 0.30
N VAL E 301 67.14 1.74 1.02
CA VAL E 301 68.15 0.68 0.87
C VAL E 301 68.10 -0.29 2.04
N LYS E 302 66.89 -0.69 2.41
CA LYS E 302 66.64 -1.51 3.60
C LYS E 302 67.16 -2.93 3.46
N SER E 303 68.41 -3.15 3.85
CA SER E 303 69.07 -4.46 3.68
C SER E 303 68.76 -5.46 4.79
N ASP F 15 55.69 40.10 -21.02
CA ASP F 15 55.50 40.25 -22.47
C ASP F 15 55.94 39.00 -23.23
N VAL F 16 56.41 39.18 -24.46
CA VAL F 16 56.73 38.06 -25.34
C VAL F 16 58.20 37.60 -25.28
N ASP F 17 58.44 36.48 -24.61
CA ASP F 17 59.81 35.95 -24.37
C ASP F 17 59.85 34.43 -24.57
N PRO F 18 60.62 33.92 -25.56
CA PRO F 18 60.58 32.54 -26.05
C PRO F 18 59.16 32.05 -26.39
N PHE F 19 58.97 30.73 -26.45
CA PHE F 19 57.67 30.19 -26.88
C PHE F 19 56.69 29.95 -25.72
N TYR F 20 55.56 30.66 -25.80
CA TYR F 20 54.52 30.62 -24.78
C TYR F 20 53.28 31.34 -25.31
N TYR F 21 52.12 31.07 -24.71
CA TYR F 21 50.87 31.67 -25.15
C TYR F 21 50.38 32.66 -24.11
N ASP F 22 50.01 33.85 -24.57
CA ASP F 22 49.45 34.84 -23.66
C ASP F 22 47.99 34.52 -23.31
N TYR F 23 47.77 34.07 -22.09
CA TYR F 23 46.43 33.77 -21.60
C TYR F 23 45.79 35.00 -20.95
N GLU F 24 46.62 35.97 -20.62
CA GLU F 24 46.15 37.22 -20.03
C GLU F 24 45.10 37.86 -20.93
N THR F 25 45.43 38.02 -22.21
CA THR F 25 44.55 38.71 -23.16
C THR F 25 43.29 37.91 -23.47
N VAL F 26 43.44 36.60 -23.64
CA VAL F 26 42.33 35.72 -23.96
C VAL F 26 41.30 35.75 -22.84
N ARG F 27 41.77 35.49 -21.64
CA ARG F 27 40.93 35.39 -20.45
C ARG F 27 40.19 36.69 -20.17
N ASN F 28 40.87 37.82 -20.33
CA ASN F 28 40.23 39.12 -20.19
C ASN F 28 39.23 39.36 -21.31
N GLY F 29 39.51 38.77 -22.46
CA GLY F 29 38.61 38.89 -23.60
C GLY F 29 37.33 38.10 -23.40
N GLY F 30 37.44 36.95 -22.75
CA GLY F 30 36.30 36.11 -22.48
C GLY F 30 35.38 36.71 -21.44
N LEU F 31 35.98 37.38 -20.46
CA LEU F 31 35.21 38.01 -19.39
C LEU F 31 34.52 39.27 -19.90
N ILE F 32 35.10 39.90 -20.91
CA ILE F 32 34.48 41.04 -21.57
C ILE F 32 33.22 40.58 -22.32
N PHE F 33 33.29 39.39 -22.89
CA PHE F 33 32.13 38.84 -23.57
C PHE F 33 31.08 38.33 -22.58
N ALA F 34 31.53 37.71 -21.49
CA ALA F 34 30.63 37.23 -20.44
C ALA F 34 29.86 38.40 -19.86
N ALA F 35 30.57 39.49 -19.61
CA ALA F 35 29.95 40.73 -19.14
C ALA F 35 28.88 41.17 -20.11
N LEU F 36 29.18 41.06 -21.41
CA LEU F 36 28.29 41.53 -22.47
C LEU F 36 27.08 40.63 -22.67
N ALA F 37 27.30 39.32 -22.63
CA ALA F 37 26.22 38.38 -22.86
C ALA F 37 25.21 38.46 -21.72
N PHE F 38 25.72 38.35 -20.49
CA PHE F 38 24.89 38.41 -19.28
C PHE F 38 24.06 39.67 -19.23
N ILE F 39 24.70 40.82 -19.46
CA ILE F 39 24.02 42.12 -19.39
C ILE F 39 22.99 42.35 -20.51
N VAL F 40 23.37 42.09 -21.75
CA VAL F 40 22.41 42.12 -22.85
C VAL F 40 21.27 41.12 -22.59
N GLY F 41 21.62 39.93 -22.11
CA GLY F 41 20.62 38.95 -21.71
C GLY F 41 19.66 39.44 -20.62
N LEU F 42 20.14 40.31 -19.74
CA LEU F 42 19.27 40.95 -18.76
C LEU F 42 18.35 41.94 -19.45
N ILE F 43 18.96 42.85 -20.20
CA ILE F 43 18.26 43.92 -20.92
C ILE F 43 17.10 43.37 -21.76
N ILE F 44 17.35 42.22 -22.39
CA ILE F 44 16.32 41.49 -23.11
C ILE F 44 15.14 41.11 -22.20
N ILE F 45 15.43 40.56 -21.04
CA ILE F 45 14.41 40.00 -20.18
C ILE F 45 13.70 41.04 -19.29
N LEU F 46 14.08 42.30 -19.45
CA LEU F 46 13.48 43.36 -18.63
C LEU F 46 12.87 44.44 -19.50
N SER F 47 11.63 44.21 -19.93
CA SER F 47 10.87 45.21 -20.69
C SER F 47 10.20 46.28 -19.80
N LYS F 48 11.03 47.11 -19.18
CA LYS F 48 10.54 48.13 -18.26
C LYS F 48 11.58 49.25 -18.12
N ARG F 49 11.18 50.34 -17.48
CA ARG F 49 12.05 51.46 -17.17
C ARG F 49 11.38 52.44 -16.21
MG MG G . -44.41 -11.41 17.99
AL ALF H . -41.07 -10.54 22.05
F1 ALF H . -40.99 -10.63 23.82
F2 ALF H . -41.13 -10.52 20.27
F3 ALF H . -41.07 -8.76 22.06
F4 ALF H . -41.20 -12.34 22.07
MG MG I . -40.68 -12.69 19.71
PB ADP J . -44.40 -9.96 21.97
O1B ADP J . -44.24 -10.84 20.78
O2B ADP J . -45.79 -9.76 22.44
O3B ADP J . -43.38 -10.18 23.04
PA ADP J . -44.60 -7.82 20.00
O1A ADP J . -44.28 -8.78 18.87
O2A ADP J . -44.29 -6.34 19.73
O3A ADP J . -44.09 -8.48 21.40
O5' ADP J . -46.17 -7.83 20.39
C5' ADP J . -46.78 -6.57 20.69
C4' ADP J . -48.08 -6.67 21.49
O4' ADP J . -49.18 -6.63 20.58
C3' ADP J . -48.26 -7.96 22.28
O3' ADP J . -47.85 -7.85 23.65
C2' ADP J . -49.76 -8.22 22.25
O2' ADP J . -50.40 -7.55 23.36
C1' ADP J . -50.19 -7.61 20.93
N9 ADP J . -50.31 -8.69 19.89
C8 ADP J . -49.46 -9.74 19.69
N7 ADP J . -49.87 -10.54 18.67
C5 ADP J . -51.02 -10.01 18.17
C6 ADP J . -52.00 -10.36 17.10
N6 ADP J . -51.83 -11.45 16.31
N1 ADP J . -53.09 -9.56 16.94
C2 ADP J . -53.26 -8.47 17.71
N3 ADP J . -52.42 -8.09 18.71
C4 ADP J . -51.31 -8.81 18.99
NA NA K . 9.14 -20.43 16.85
NA NA L . 10.28 -20.23 20.38
NA NA M . 7.84 -23.17 25.23
NA NA N . -22.93 -8.28 14.55
C1 CLR O . 25.93 -31.12 40.51
C2 CLR O . 26.91 -31.45 39.47
C3 CLR O . 26.53 -32.70 38.82
C4 CLR O . 25.29 -32.54 38.09
C5 CLR O . 24.23 -32.16 39.06
C6 CLR O . 22.96 -32.77 39.13
C7 CLR O . 21.85 -32.41 40.10
C8 CLR O . 22.16 -31.07 40.74
C9 CLR O . 23.63 -30.94 41.03
C10 CLR O . 24.49 -31.01 40.01
C11 CLR O . 23.77 -29.64 42.17
C12 CLR O . 22.55 -29.60 43.28
C13 CLR O . 21.33 -29.79 42.69
C14 CLR O . 21.29 -30.92 41.89
C15 CLR O . 19.76 -31.19 41.69
C16 CLR O . 19.09 -30.52 43.00
C17 CLR O . 20.22 -29.91 43.72
C18 CLR O . 21.09 -28.58 41.92
C19 CLR O . 24.42 -29.72 39.32
C20 CLR O . 19.75 -28.78 44.53
C21 CLR O . 20.81 -28.11 45.29
C22 CLR O . 18.76 -29.34 45.53
C23 CLR O . 17.90 -28.34 46.36
C24 CLR O . 16.73 -29.10 47.04
C25 CLR O . 15.78 -28.03 47.54
C26 CLR O . 16.57 -26.96 48.28
C27 CLR O . 14.58 -28.62 48.24
O1 CLR O . 27.46 -33.09 37.92
C1 CLR P . 19.84 -41.02 30.23
C2 CLR P . 20.95 -41.81 29.65
C3 CLR P . 21.82 -42.43 30.67
C4 CLR P . 21.01 -43.43 31.36
C5 CLR P . 19.84 -42.75 31.98
C6 CLR P . 19.45 -42.90 33.32
C7 CLR P . 18.24 -42.26 33.96
C8 CLR P . 17.31 -41.67 32.90
C9 CLR P . 18.11 -41.05 31.79
C10 CLR P . 18.93 -41.85 31.11
C11 CLR P . 16.99 -40.03 30.93
C12 CLR P . 15.93 -39.27 31.97
C13 CLR P . 15.42 -40.09 32.93
C14 CLR P . 16.41 -40.77 33.58
C15 CLR P . 15.65 -41.39 34.81
C16 CLR P . 14.42 -40.41 35.10
C17 CLR P . 14.54 -39.42 34.02
C18 CLR P . 14.58 -41.06 32.25
C19 CLR P . 18.11 -42.66 30.20
C20 CLR P . 13.21 -38.82 33.71
C21 CLR P . 13.66 -37.41 33.26
C22 CLR P . 12.64 -38.30 35.06
C23 CLR P . 11.31 -37.54 34.76
C24 CLR P . 10.84 -37.04 36.15
C25 CLR P . 9.32 -36.78 36.16
C26 CLR P . 9.02 -35.59 35.26
C27 CLR P . 8.91 -36.40 37.57
O1 CLR P . 22.80 -43.13 30.02
O12 PC1 Q . -1.36 -4.87 27.51
P PC1 Q . -1.16 -4.52 26.03
O14 PC1 Q . -2.51 -4.48 25.34
O13 PC1 Q . -0.39 -3.12 25.84
C11 PC1 Q . -1.13 -1.90 25.94
C12 PC1 Q . -1.80 -1.58 27.27
N PC1 Q . -1.40 -0.34 27.97
C13 PC1 Q . 0.02 -0.10 27.68
C14 PC1 Q . -2.13 0.77 27.40
C15 PC1 Q . -1.84 -0.51 29.36
O11 PC1 Q . -0.31 -5.66 25.33
C1 PC1 Q . -0.12 -5.63 23.93
C2 PC1 Q . 1.09 -6.35 23.41
O21 PC1 Q . 2.21 -5.51 23.45
C21 PC1 Q . 3.26 -5.79 24.31
O22 PC1 Q . 3.04 -5.97 25.50
C22 PC1 Q . 4.70 -5.52 23.86
C23 PC1 Q . 5.78 -5.76 24.87
C24 PC1 Q . 6.72 -4.62 25.14
C25 PC1 Q . 7.66 -4.75 26.33
C26 PC1 Q . 9.00 -4.04 26.23
C27 PC1 Q . 10.26 -4.91 26.17
C28 PC1 Q . 11.61 -4.20 26.08
C29 PC1 Q . 12.68 -4.81 25.17
C2A PC1 Q . 13.89 -5.27 25.73
C2B PC1 Q . 14.93 -4.28 26.24
C2C PC1 Q . 15.24 -3.07 25.35
C2D PC1 Q . 16.68 -2.56 25.32
C2E PC1 Q . 16.95 -1.14 24.84
C2F PC1 Q . 18.39 -0.61 24.86
C2G PC1 Q . 19.27 -0.89 23.65
C2H PC1 Q . 20.78 -0.80 23.83
C2I PC1 Q . 21.59 -2.02 23.51
C3 PC1 Q . 0.92 -6.80 21.98
O31 PC1 Q . 2.09 -7.33 21.37
C31 PC1 Q . 2.16 -8.71 21.06
O32 PC1 Q . 1.11 -9.28 20.79
C32 PC1 Q . 3.42 -9.53 21.39
C33 PC1 Q . 4.77 -8.95 20.92
C34 PC1 Q . 6.04 -9.63 21.47
C35 PC1 Q . 7.30 -8.77 21.58
C36 PC1 Q . 8.41 -9.21 22.54
C37 PC1 Q . 9.16 -8.14 23.28
C38 PC1 Q . 10.42 -8.54 24.00
C39 PC1 Q . 11.70 -8.25 23.29
C3A PC1 Q . 12.73 -9.17 23.34
C3B PC1 Q . 13.73 -9.14 24.49
C3C PC1 Q . 15.18 -9.47 24.18
C3D PC1 Q . 16.24 -8.43 24.55
C3E PC1 Q . 17.70 -8.75 24.24
C3F PC1 Q . 18.71 -7.59 24.34
C3G PC1 Q . 20.03 -7.71 23.58
C3H PC1 Q . 20.84 -6.44 23.33
C3I PC1 Q . 22.00 -6.52 22.35
O12 PC1 R . -10.27 -35.35 17.10
P PC1 R . -8.96 -36.10 16.97
O14 PC1 R . -7.87 -35.30 17.62
O13 PC1 R . -9.07 -37.52 17.69
C11 PC1 R . -8.24 -37.87 18.81
C12 PC1 R . -8.55 -39.18 19.53
N PC1 R . -7.49 -39.89 20.27
C13 PC1 R . -7.51 -39.32 21.63
C14 PC1 R . -7.80 -41.30 20.40
C15 PC1 R . -6.25 -39.80 19.49
O11 PC1 R . -8.63 -36.34 15.43
C1 PC1 R . -7.47 -37.09 15.09
C2 PC1 R . -6.16 -36.39 15.19
O21 PC1 R . -5.61 -36.18 13.91
C21 PC1 R . -4.74 -37.08 13.29
O22 PC1 R . -5.14 -38.22 13.10
C22 PC1 R . -3.70 -36.51 12.32
C23 PC1 R . -2.35 -37.17 12.22
C24 PC1 R . -1.14 -36.33 12.55
C25 PC1 R . -0.17 -36.92 13.56
C26 PC1 R . 1.26 -36.40 13.58
C27 PC1 R . 2.35 -37.33 14.14
C28 PC1 R . 3.69 -36.70 14.52
C29 PC1 R . 4.96 -37.35 13.95
C2A PC1 R . 6.21 -37.21 14.63
C2B PC1 R . 6.34 -36.42 15.93
C2C PC1 R . 7.21 -36.99 17.04
C2D PC1 R . 6.69 -38.25 17.77
C2E PC1 R . 6.90 -39.61 17.12
C2F PC1 R . 5.75 -40.63 17.18
C2G PC1 R . 4.85 -40.80 15.96
C2H PC1 R . 3.49 -41.46 16.16
C2I PC1 R . 2.34 -40.59 16.59
C3 PC1 R . -5.16 -37.13 16.06
O31 PC1 R . -3.97 -36.43 16.48
C31 PC1 R . -3.89 -35.76 17.72
O32 PC1 R . -4.54 -36.16 18.67
C32 PC1 R . -2.72 -34.76 18.00
C33 PC1 R . -1.99 -34.11 16.79
C34 PC1 R . -0.73 -33.26 17.02
C35 PC1 R . -0.22 -32.36 15.87
C36 PC1 R . 0.87 -32.92 14.94
C37 PC1 R . 1.96 -31.99 14.45
C38 PC1 R . 3.35 -32.54 14.25
C39 PC1 R . 4.39 -31.69 13.57
C3A PC1 R . 5.68 -32.16 13.33
C3B PC1 R . 6.54 -32.75 14.44
C3C PC1 R . 7.80 -33.52 14.03
C3D PC1 R . 9.03 -33.43 14.94
C3E PC1 R . 10.42 -33.55 14.28
C3F PC1 R . 11.66 -33.13 15.08
C3G PC1 R . 13.04 -33.39 14.46
C3H PC1 R . 14.14 -32.36 14.73
C3I PC1 R . 15.55 -32.71 14.27
O12 PC1 S . -11.53 -27.87 47.28
P PC1 S . -10.53 -27.53 46.20
O14 PC1 S . -10.83 -28.30 44.94
O13 PC1 S . -10.63 -25.95 45.90
C11 PC1 S . -10.05 -25.00 46.80
C12 PC1 S . -9.18 -23.88 46.24
N PC1 S . -8.59 -22.88 47.15
C13 PC1 S . -7.41 -22.33 46.46
C14 PC1 S . -9.53 -21.78 47.32
C15 PC1 S . -8.41 -23.51 48.46
O11 PC1 S . -9.07 -27.92 46.69
C1 PC1 S . -7.96 -27.70 45.84
C2 PC1 S . -6.59 -27.99 46.33
O21 PC1 S . -6.61 -29.19 47.04
C21 PC1 S . -6.15 -30.35 46.42
O22 PC1 S . -6.61 -30.68 45.33
C22 PC1 S . -5.00 -31.14 47.04
C23 PC1 S . -3.74 -31.28 46.24
C24 PC1 S . -2.62 -30.32 46.55
C25 PC1 S . -1.60 -30.75 47.59
C26 PC1 S . -0.13 -30.66 47.22
C27 PC1 S . 0.65 -31.94 46.84
C28 PC1 S . 2.17 -31.88 47.05
C29 PC1 S . 2.73 -30.46 47.03
C2A PC1 S . 3.48 -29.97 48.12
C2B PC1 S . 4.82 -30.63 48.46
C2C PC1 S . 6.03 -29.71 48.58
C2D PC1 S . 6.29 -29.02 49.93
C2E PC1 S . 6.28 -27.49 49.99
C2F PC1 S . 7.63 -26.76 49.92
C2G PC1 S . 8.19 -26.40 48.56
C2H PC1 S . 9.64 -25.93 48.46
C2I PC1 S . 10.70 -26.90 48.01
C3 PC1 S . -6.06 -26.93 47.26
O31 PC1 S . -4.65 -26.80 47.37
C31 PC1 S . -3.94 -26.11 46.35
O32 PC1 S . -4.54 -25.26 45.71
C32 PC1 S . -2.61 -26.70 45.86
C33 PC1 S . -1.36 -25.78 45.78
C34 PC1 S . -0.02 -26.45 45.38
C35 PC1 S . 1.15 -26.31 46.36
C36 PC1 S . 2.43 -27.05 46.01
C37 PC1 S . 3.73 -26.26 45.94
C38 PC1 S . 4.99 -26.91 46.40
C39 PC1 S . 6.02 -27.25 45.35
C3A PC1 S . 6.17 -28.56 44.89
C3B PC1 S . 4.95 -29.44 44.69
C3C PC1 S . 5.16 -30.93 44.41
C3D PC1 S . 6.14 -31.72 45.29
C3E PC1 S . 7.53 -32.01 44.74
C3F PC1 S . 8.74 -31.32 45.39
C3G PC1 S . 10.09 -32.04 45.30
C3H PC1 S . 11.28 -31.46 46.05
C3I PC1 S . 12.55 -32.29 46.13
O12 PC1 T . -2.69 -1.11 22.37
P PC1 T . -1.46 -0.45 21.79
O14 PC1 T . -1.52 -0.53 20.28
O13 PC1 T . -1.42 1.09 22.22
C11 PC1 T . -1.80 1.44 23.56
C12 PC1 T . -2.05 2.92 23.87
N PC1 T . -3.43 3.43 23.81
C13 PC1 T . -3.93 3.13 22.46
C14 PC1 T . -4.29 2.73 24.76
C15 PC1 T . -3.39 4.82 24.24
O11 PC1 T . -0.15 -1.21 22.31
C1 PC1 T . 1.15 -0.81 21.90
C2 PC1 T . 2.34 -1.59 22.38
O21 PC1 T . 3.18 -0.80 23.17
C21 PC1 T . 3.13 -0.88 24.58
O22 PC1 T . 2.13 -0.48 25.17
C22 PC1 T . 4.30 -1.46 25.36
C23 PC1 T . 5.37 -0.53 25.89
C24 PC1 T . 6.78 -1.04 25.95
C25 PC1 T . 7.87 -0.12 26.48
C26 PC1 T . 9.09 0.14 25.60
C27 PC1 T . 9.10 -0.44 24.18
C28 PC1 T . 10.37 -0.28 23.33
C29 PC1 T . 11.73 -0.29 24.05
C2A PC1 T . 12.69 -1.28 23.77
C2B PC1 T . 13.22 -1.48 22.35
C2C PC1 T . 14.70 -1.16 22.09
C2D PC1 T . 15.20 -1.19 20.65
C2E PC1 T . 16.28 -2.21 20.29
C2F PC1 T . 16.83 -2.20 18.86
C2G PC1 T . 18.26 -1.71 18.64
C2H PC1 T . 18.84 -1.82 17.24
C2I PC1 T . 20.26 -1.37 17.04
C3 PC1 T . 3.17 -2.14 21.24
O31 PC1 T . 4.32 -2.95 21.54
C31 PC1 T . 4.91 -3.78 20.54
O32 PC1 T . 4.19 -4.37 19.75
C32 PC1 T . 6.43 -3.71 20.25
C33 PC1 T . 7.43 -4.42 21.18
C34 PC1 T . 8.78 -4.85 20.57
C35 PC1 T . 10.03 -4.91 21.46
C36 PC1 T . 11.34 -4.36 20.89
C37 PC1 T . 12.27 -5.29 20.16
C38 PC1 T . 13.73 -5.27 20.51
C39 PC1 T . 14.37 -6.54 21.02
C3A PC1 T . 15.74 -6.67 21.20
C3B PC1 T . 16.74 -6.24 20.13
C3C PC1 T . 18.22 -6.63 20.27
C3D PC1 T . 19.00 -7.05 19.01
C3E PC1 T . 20.40 -6.48 18.79
C3F PC1 T . 20.87 -6.28 17.34
C3G PC1 T . 21.05 -4.86 16.82
C3H PC1 T . 20.88 -4.59 15.32
C3I PC1 T . 22.11 -4.71 14.44
C1 CLR U . 8.52 -3.77 31.57
C2 CLR U . 7.24 -3.23 32.08
C3 CLR U . 6.10 -3.60 31.24
C4 CLR U . 5.95 -5.06 31.29
C5 CLR U . 7.21 -5.74 30.85
C6 CLR U . 7.31 -6.77 29.89
C7 CLR U . 8.57 -7.46 29.44
C8 CLR U . 9.71 -7.15 30.37
C9 CLR U . 9.65 -5.71 30.80
C10 CLR U . 8.56 -5.30 31.46
C11 CLR U . 11.22 -5.34 31.44
C12 CLR U . 12.44 -6.09 30.64
C13 CLR U . 12.16 -7.39 30.37
C14 CLR U . 10.94 -7.54 29.74
C15 CLR U . 11.04 -9.01 29.18
C16 CLR U . 12.62 -9.23 28.92
C17 CLR U . 13.22 -8.00 29.46
C18 CLR U . 12.19 -8.11 31.62
C19 CLR U . 8.66 -5.81 32.83
C20 CLR U . 14.58 -8.29 29.92
C21 CLR U . 15.29 -7.11 30.47
C22 CLR U . 15.35 -8.75 28.69
C23 CLR U . 16.76 -9.37 28.96
C24 CLR U . 17.33 -10.03 27.67
C25 CLR U . 18.63 -10.77 27.97
C26 CLR U . 19.73 -9.82 28.35
C27 CLR U . 19.09 -11.34 26.65
O1 CLR U . 4.95 -3.02 31.69
O12 PC1 V . 31.09 -38.52 42.94
P PC1 V . 30.55 -37.21 42.38
O14 PC1 V . 31.13 -36.09 43.21
O13 PC1 V . 31.03 -37.08 40.85
C11 PC1 V . 31.20 -38.24 40.04
C12 PC1 V . 29.96 -38.99 39.55
N PC1 V . 29.81 -39.17 38.10
C13 PC1 V . 29.83 -37.82 37.51
C14 PC1 V . 30.95 -39.88 37.57
C15 PC1 V . 28.63 -40.01 37.90
O11 PC1 V . 28.97 -37.18 42.50
C1 PC1 V . 28.17 -36.33 41.67
C2 PC1 V . 26.69 -36.41 41.87
O21 PC1 V . 26.05 -36.77 40.68
C21 PC1 V . 25.57 -38.06 40.50
O22 PC1 V . 26.36 -38.98 40.37
C22 PC1 V . 24.07 -38.32 40.41
C23 PC1 V . 23.54 -38.93 39.13
C24 PC1 V . 23.18 -40.39 39.15
C25 PC1 V . 22.18 -40.88 38.13
C26 PC1 V . 20.73 -41.03 38.58
C27 PC1 V . 20.24 -40.27 39.82
C28 PC1 V . 18.76 -40.42 40.19
C29 PC1 V . 18.41 -40.59 41.68
C2A PC1 V . 17.42 -39.77 42.28
C2B PC1 V . 16.18 -40.42 42.86
C2C PC1 V . 15.39 -39.65 43.93
C2D PC1 V . 14.71 -40.51 45.00
C2E PC1 V . 13.27 -41.06 44.77
C2F PC1 V . 12.92 -42.38 44.03
C2G PC1 V . 12.51 -42.28 42.55
C2H PC1 V . 11.81 -43.51 42.00
C2I PC1 V . 10.91 -43.32 40.83
C3 PC1 V . 26.14 -35.08 42.27
O31 PC1 V . 24.74 -35.05 42.53
C31 PC1 V . 24.27 -35.29 43.83
O32 PC1 V . 24.88 -34.84 44.76
C32 PC1 V . 22.85 -35.84 44.02
C33 PC1 V . 22.06 -35.22 45.20
C34 PC1 V . 21.15 -36.14 46.02
C35 PC1 V . 19.67 -35.77 46.10
C36 PC1 V . 18.67 -36.78 45.52
C37 PC1 V . 17.99 -37.73 46.48
C38 PC1 V . 16.63 -37.38 47.01
C39 PC1 V . 16.49 -36.13 47.85
C3A PC1 V . 15.54 -36.06 48.85
C3B PC1 V . 14.64 -37.26 49.12
C3C PC1 V . 13.18 -37.14 48.70
C3D PC1 V . 12.28 -36.17 49.50
C3E PC1 V . 10.79 -36.17 49.18
C3F PC1 V . 10.32 -35.15 48.15
C3G PC1 V . 9.98 -33.72 48.60
C3H PC1 V . 8.53 -33.24 48.56
C3I PC1 V . 8.04 -32.40 49.72
C1 NAG W . 73.80 -28.45 10.90
C2 NAG W . 75.00 -27.51 11.05
C3 NAG W . 76.28 -28.28 10.71
C4 NAG W . 76.38 -29.53 11.56
C5 NAG W . 75.09 -30.36 11.48
C6 NAG W . 75.11 -31.53 12.45
C7 NAG W . 75.10 -25.09 10.65
C8 NAG W . 74.88 -23.97 9.67
N2 NAG W . 74.83 -26.34 10.21
O3 NAG W . 77.41 -27.44 10.92
O4 NAG W . 77.47 -30.30 11.10
O5 NAG W . 73.96 -29.56 11.76
O6 NAG W . 73.81 -32.06 12.58
O7 NAG W . 75.49 -24.84 11.78
MG MG X . -33.34 23.10 -19.76
AL ALF Y . -31.55 21.29 -23.38
F1 ALF Y . -31.95 20.96 -25.06
F2 ALF Y . -31.17 21.58 -21.65
F3 ALF Y . -31.66 19.55 -23.09
F4 ALF Y . -31.45 23.02 -23.82
MG MG Z . -30.09 23.77 -21.85
PB ADP AA . -34.76 22.10 -23.60
O1B ADP AA . -35.03 22.92 -22.34
O2B ADP AA . -35.99 22.00 -24.52
O3B ADP AA . -33.46 22.46 -24.33
PA ADP AA . -35.41 19.95 -21.84
O1A ADP AA . -35.06 20.65 -20.55
O2A ADP AA . -35.35 18.42 -21.83
O3A ADP AA . -34.49 20.62 -23.00
O5' ADP AA . -36.89 20.40 -22.27
C5' ADP AA . -37.67 19.53 -23.10
C4' ADP AA . -39.02 20.15 -23.38
O4' ADP AA . -39.71 20.39 -22.15
C3' ADP AA . -38.90 21.52 -24.02
O3' ADP AA . -38.79 21.40 -25.45
C2' ADP AA . -40.20 22.18 -23.61
O2' ADP AA . -41.19 21.91 -24.61
C1' ADP AA . -40.62 21.48 -22.33
N9 ADP AA . -40.57 22.44 -21.20
C8 ADP AA . -39.58 23.30 -20.93
N7 ADP AA . -39.87 24.05 -19.84
C5 ADP AA . -41.07 23.67 -19.39
C6 ADP AA . -41.98 24.04 -18.28
N6 ADP AA . -41.62 25.00 -17.41
N1 ADP AA . -43.16 23.41 -18.17
C2 ADP AA . -43.50 22.46 -19.04
N3 ADP AA . -42.73 22.06 -20.07
C4 ADP AA . -41.53 22.62 -20.30
NA NA BA . 19.23 15.60 -17.35
NA NA CA . 20.81 15.80 -20.24
NA NA DA . 19.60 18.49 -24.40
NA NA EA . -15.24 14.67 -16.02
C1 CLR FA . 14.81 1.81 -33.96
C2 CLR FA . 13.46 1.71 -34.58
C3 CLR FA . 12.46 2.29 -33.70
C4 CLR FA . 12.73 3.74 -33.62
C5 CLR FA . 14.10 3.98 -33.09
C6 CLR FA . 14.46 4.86 -32.02
C7 CLR FA . 15.84 5.12 -31.49
C8 CLR FA . 16.88 4.57 -32.44
C9 CLR FA . 16.42 3.27 -33.02
C10 CLR FA . 15.29 3.23 -33.72
C11 CLR FA . 17.84 2.49 -33.66
C12 CLR FA . 19.20 2.76 -32.75
C13 CLR FA . 19.29 4.05 -32.34
C14 CLR FA . 18.14 4.50 -31.74
C15 CLR FA . 18.62 5.82 -31.04
C16 CLR FA . 20.20 5.54 -30.72
C17 CLR FA . 20.44 4.23 -31.35
C18 CLR FA . 19.60 4.85 -33.51
C19 CLR FA . 15.57 3.86 -35.04
C20 CLR FA . 21.85 4.18 -31.76
C21 CLR FA . 22.21 2.91 -32.41
C22 CLR FA . 22.68 4.26 -30.49
C23 CLR FA . 24.21 4.46 -30.70
C24 CLR FA . 24.86 4.83 -29.35
C25 CLR FA . 26.33 5.20 -29.57
C26 CLR FA . 27.13 4.02 -30.04
C27 CLR FA . 26.92 5.56 -28.24
O1 CLR FA . 11.22 2.10 -34.25
C1 CLR GA . 40.08 23.66 -38.53
C2 CLR GA . 40.99 23.78 -37.37
C3 CLR GA . 40.94 25.13 -36.81
C4 CLR GA . 39.63 25.35 -36.20
C5 CLR GA . 38.59 25.18 -37.25
C6 CLR GA . 37.49 26.03 -37.46
C7 CLR GA . 36.42 25.87 -38.51
C8 CLR GA . 36.44 24.48 -39.10
C9 CLR GA . 37.85 24.03 -39.28
C10 CLR GA . 38.61 23.95 -38.18
C11 CLR GA . 37.76 22.66 -40.35
C12 CLR GA . 36.61 22.84 -41.52
C13 CLR GA . 35.46 23.41 -41.07
C14 CLR GA . 35.69 24.54 -40.32
C15 CLR GA . 34.26 25.21 -40.28
C16 CLR GA . 33.56 24.70 -41.66
C17 CLR GA . 34.56 23.78 -42.25
C18 CLR GA . 34.81 22.40 -40.27
C19 CLR GA . 38.14 22.81 -37.38
C20 CLR GA . 33.87 22.78 -43.04
C21 CLR GA . 34.77 21.79 -43.68
C22 CLR GA . 33.19 23.57 -44.15
C23 CLR GA . 32.17 22.77 -44.97
C24 CLR GA . 31.13 23.53 -45.88
C25 CLR GA . 30.32 22.35 -46.50
C26 CLR GA . 31.08 21.72 -47.73
C27 CLR GA . 28.82 22.79 -46.65
O1 CLR GA . 41.89 25.34 -35.85
C1 CLR HA . 35.81 34.01 -26.38
C2 CLR HA . 36.95 34.48 -25.54
C3 CLR HA . 38.15 34.80 -26.34
C4 CLR HA . 37.84 36.03 -27.08
C5 CLR HA . 36.63 35.74 -27.91
C6 CLR HA . 36.55 36.04 -29.28
C7 CLR HA . 35.35 35.77 -30.16
C8 CLR HA . 34.10 35.50 -29.32
C9 CLR HA . 34.46 34.64 -28.16
C10 CLR HA . 35.36 35.11 -27.31
C11 CLR HA . 32.94 34.06 -27.55
C12 CLR HA . 31.87 33.67 -28.76
C13 CLR HA . 31.84 34.66 -29.70
C14 CLR HA . 33.09 34.97 -30.17
C15 CLR HA . 32.75 35.80 -31.45
C16 CLR HA . 31.32 35.24 -31.91
C17 CLR HA . 30.98 34.25 -30.88
C18 CLR HA . 31.21 35.78 -29.07
C19 CLR HA . 34.70 36.14 -26.49
C20 CLR HA . 29.52 34.20 -30.79
C21 CLR HA . 29.07 33.24 -29.75
C22 CLR HA . 29.04 33.66 -32.14
C23 CLR HA . 27.50 33.65 -32.42
C24 CLR HA . 27.27 33.34 -33.92
C25 CLR HA . 25.79 33.59 -34.29
C26 CLR HA . 25.08 32.34 -33.76
C27 CLR HA . 25.56 33.36 -35.77
O1 CLR HA . 39.14 35.16 -25.46
O12 PC1 IA . 4.39 5.86 -28.98
P PC1 IA . 5.25 4.65 -28.64
O14 PC1 IA . 4.61 3.81 -27.55
O13 PC1 IA . 5.42 3.78 -29.98
C11 PC1 IA . 4.53 2.71 -30.23
C12 PC1 IA . 4.02 2.51 -31.66
N PC1 IA . 4.04 1.15 -32.20
C13 PC1 IA . 5.37 0.58 -31.92
C14 PC1 IA . 3.08 0.29 -31.52
C15 PC1 IA . 3.58 1.27 -33.58
O11 PC1 IA . 6.68 5.13 -28.09
C1 PC1 IA . 6.86 5.37 -26.70
C2 PC1 IA . 8.24 5.36 -26.14
O21 PC1 IA . 8.98 4.24 -26.57
C21 PC1 IA . 10.28 4.36 -27.05
O22 PC1 IA . 10.53 5.17 -27.94
C22 PC1 IA . 11.30 3.27 -26.72
C23 PC1 IA . 12.69 3.43 -27.32
C24 PC1 IA . 13.39 2.22 -27.85
C25 PC1 IA . 14.69 2.42 -28.61
C26 PC1 IA . 15.91 1.62 -28.19
C27 PC1 IA . 17.29 2.18 -28.57
C28 PC1 IA . 18.47 1.22 -28.54
C29 PC1 IA . 19.58 1.50 -27.51
C2A PC1 IA . 20.87 0.94 -27.66
C2B PC1 IA . 21.03 -0.56 -27.90
C2C PC1 IA . 21.93 -1.34 -26.94
C2D PC1 IA . 23.09 -2.16 -27.52
C2E PC1 IA . 23.31 -3.59 -27.00
C2F PC1 IA . 24.63 -4.28 -27.36
C2G PC1 IA . 25.78 -4.20 -26.37
C2H PC1 IA . 27.14 -4.71 -26.82
C2I PC1 IA . 28.35 -4.24 -26.05
C3 PC1 IA . 8.25 5.32 -24.63
O31 PC1 IA . 9.50 5.46 -23.95
C31 PC1 IA . 9.74 6.67 -23.23
O32 PC1 IA . 8.79 7.32 -22.84
C32 PC1 IA . 11.11 7.36 -23.34
C33 PC1 IA . 12.38 6.50 -23.10
C34 PC1 IA . 13.60 6.76 -24.01
C35 PC1 IA . 14.83 5.85 -23.86
C36 PC1 IA . 16.05 6.22 -24.70
C37 PC1 IA . 16.64 5.14 -25.59
C38 PC1 IA . 18.06 4.76 -25.31
C39 PC1 IA . 18.33 3.33 -24.91
C3A PC1 IA . 19.55 2.93 -24.38
C3B PC1 IA . 20.72 3.91 -24.32
C3C PC1 IA . 21.95 3.63 -25.20
C3D PC1 IA . 23.16 2.95 -24.55
C3E PC1 IA . 24.21 2.32 -25.48
C3F PC1 IA . 24.89 1.03 -25.00
C3G PC1 IA . 26.39 0.89 -25.24
C3H PC1 IA . 26.95 -0.51 -25.54
C3I PC1 IA . 28.36 -0.61 -26.07
O12 PC1 JA . 6.49 35.55 -13.61
P PC1 JA . 7.26 35.38 -14.91
O14 PC1 JA . 7.04 33.97 -15.43
O13 PC1 JA . 6.70 36.43 -15.99
C11 PC1 JA . 6.93 36.23 -17.37
C12 PC1 JA . 5.71 35.98 -18.27
N PC1 JA . 5.61 36.65 -19.58
C13 PC1 JA . 6.97 36.85 -20.09
C14 PC1 JA . 4.93 35.81 -20.54
C15 PC1 JA . 4.74 37.81 -19.38
O11 PC1 JA . 8.81 35.63 -14.65
C1 PC1 JA . 9.83 35.06 -15.46
C2 PC1 JA . 10.63 33.93 -14.89
O21 PC1 JA . 10.53 33.86 -13.49
C21 PC1 JA . 11.36 34.59 -12.62
O22 PC1 JA . 11.20 35.80 -12.53
C22 PC1 JA . 12.01 33.86 -11.45
C23 PC1 JA . 13.47 33.50 -11.54
C24 PC1 JA . 14.02 32.62 -10.46
C25 PC1 JA . 15.22 31.76 -10.79
C26 PC1 JA . 16.48 32.45 -11.28
C27 PC1 JA . 16.92 32.20 -12.73
C28 PC1 JA . 18.39 31.88 -13.03
C29 PC1 JA . 18.82 31.89 -14.49
C2A PC1 JA . 20.19 31.75 -14.88
C2B PC1 JA . 21.17 30.92 -14.06
C2C PC1 JA . 22.51 31.57 -13.72
C2D PC1 JA . 22.78 31.91 -12.26
C2E PC1 JA . 24.15 31.51 -11.69
C2F PC1 JA . 24.22 30.92 -10.27
C2G PC1 JA . 25.36 29.96 -9.97
C2H PC1 JA . 25.31 29.20 -8.65
C2I PC1 JA . 26.59 28.61 -8.10
C3 PC1 JA . 12.10 33.98 -15.26
O31 PC1 JA . 12.64 32.96 -16.10
C31 PC1 JA . 13.75 32.19 -15.64
O32 PC1 JA . 14.81 32.75 -15.39
C32 PC1 JA . 13.61 30.67 -15.35
C33 PC1 JA . 14.71 29.99 -14.51
C34 PC1 JA . 14.57 28.50 -14.19
C35 PC1 JA . 15.28 27.93 -12.96
C36 PC1 JA . 16.78 28.20 -12.79
C37 PC1 JA . 17.71 27.02 -12.61
C38 PC1 JA . 19.19 27.29 -12.45
C39 PC1 JA . 20.19 26.32 -13.03
C3A PC1 JA . 21.53 26.35 -12.66
C3B PC1 JA . 22.46 27.47 -13.10
C3C PC1 JA . 23.90 27.12 -13.53
C3D PC1 JA . 24.97 26.81 -12.47
C3E PC1 JA . 26.00 25.71 -12.78
C3F PC1 JA . 27.47 25.99 -12.41
C3G PC1 JA . 28.53 25.04 -12.95
C3H PC1 JA . 28.28 23.52 -12.88
C3I PC1 JA . 29.44 22.60 -12.51
O12 PC1 KA . 7.21 24.89 -46.50
P PC1 KA . 7.06 26.29 -47.06
O14 PC1 KA . 7.01 26.21 -48.56
O13 PC1 KA . 5.71 26.94 -46.48
C11 PC1 KA . 4.50 26.17 -46.41
C12 PC1 KA . 3.96 25.87 -45.00
N PC1 KA . 2.53 25.62 -44.76
C13 PC1 KA . 2.18 26.35 -43.54
C14 PC1 KA . 1.69 26.15 -45.82
C15 PC1 KA . 2.36 24.17 -44.77
O11 PC1 KA . 8.32 27.17 -46.61
C1 PC1 KA . 9.63 26.70 -46.95
C2 PC1 KA . 10.85 27.39 -46.43
O21 PC1 KA . 11.63 26.52 -45.65
C21 PC1 KA . 13.02 26.49 -45.78
O22 PC1 KA . 13.58 27.31 -46.51
C22 PC1 KA . 13.86 25.57 -44.91
C23 PC1 KA . 14.96 24.79 -45.57
C24 PC1 KA . 16.38 25.20 -45.29
C25 PC1 KA . 17.19 25.79 -46.43
C26 PC1 KA . 17.18 27.30 -46.63
C27 PC1 KA . 18.36 28.11 -46.10
C28 PC1 KA . 18.34 28.59 -44.63
C29 PC1 KA . 19.62 28.31 -43.81
C2A PC1 KA . 20.38 27.15 -44.18
C2B PC1 KA . 21.90 27.17 -44.59
C2C PC1 KA . 22.25 26.84 -46.10
C2D PC1 KA . 23.70 27.13 -46.53
C2E PC1 KA . 24.66 25.92 -46.46
C2F PC1 KA . 25.77 25.87 -47.56
C2G PC1 KA . 27.19 25.33 -47.36
C2H PC1 KA . 28.10 25.38 -48.45
C2I PC1 KA . 29.43 25.54 -48.02
C3 PC1 KA . 10.60 28.61 -45.58
O31 PC1 KA . 11.75 29.20 -44.98
C31 PC1 KA . 12.21 30.46 -45.42
O32 PC1 KA . 11.45 31.39 -45.35
C32 PC1 KA . 13.40 30.54 -46.41
C33 PC1 KA . 14.82 30.13 -45.94
C34 PC1 KA . 16.05 30.82 -46.58
C35 PC1 KA . 16.16 30.88 -48.11
C36 PC1 KA . 17.02 32.00 -48.70
C37 PC1 KA . 18.40 31.65 -49.21
C38 PC1 KA . 19.60 32.05 -48.39
C39 PC1 KA . 20.17 33.45 -48.56
C3A PC1 KA . 21.49 33.70 -48.21
C3B PC1 KA . 21.85 34.94 -47.40
C3C PC1 KA . 22.89 34.81 -46.28
C3D PC1 KA . 24.35 35.09 -46.64
C3E PC1 KA . 25.27 33.89 -46.92
C3F PC1 KA . 25.50 33.52 -48.38
C3G PC1 KA . 25.66 32.04 -48.75
C3H PC1 KA . 25.31 31.57 -50.17
C3I PC1 KA . 24.02 30.80 -50.38
O12 PC1 LA . 2.90 -1.68 -26.56
P PC1 LA . 3.75 -0.44 -26.64
O14 PC1 LA . 3.71 0.12 -28.05
O13 PC1 LA . 3.19 0.67 -25.62
C11 PC1 LA . 3.19 0.44 -24.22
C12 PC1 LA . 3.46 1.63 -23.30
N PC1 LA . 2.37 2.60 -23.06
C13 PC1 LA . 2.07 3.26 -24.33
C14 PC1 LA . 1.15 1.94 -22.63
C15 PC1 LA . 2.78 3.41 -21.93
O11 PC1 LA . 5.27 -0.79 -26.28
C1 PC1 LA . 6.22 0.26 -26.12
C2 PC1 LA . 7.65 -0.02 -26.46
O21 PC1 LA . 8.49 0.41 -25.43
C21 PC1 LA . 9.66 -0.29 -25.10
O22 PC1 LA . 10.33 0.10 -24.15
C22 PC1 LA . 9.98 -1.64 -25.77
C23 PC1 LA . 11.21 -1.75 -26.63
C24 PC1 LA . 12.36 -2.56 -26.13
C25 PC1 LA . 13.38 -3.04 -27.14
C26 PC1 LA . 14.81 -2.53 -27.00
C27 PC1 LA . 15.87 -3.50 -26.44
C28 PC1 LA . 17.31 -3.31 -26.89
C29 PC1 LA . 18.35 -4.28 -26.30
C2A PC1 LA . 19.24 -3.83 -25.31
C2B PC1 LA . 19.20 -2.38 -24.81
C2C PC1 LA . 19.92 -2.05 -23.51
C2D PC1 LA . 21.43 -2.28 -23.45
C2E PC1 LA . 22.32 -1.22 -22.79
C2F PC1 LA . 23.82 -1.51 -22.68
C2G PC1 LA . 24.64 -0.61 -21.76
C2H PC1 LA . 26.16 -0.68 -21.89
C2I PC1 LA . 26.97 0.46 -21.32
C3 PC1 LA . 8.07 0.71 -27.73
O31 PC1 LA . 9.32 0.35 -28.32
C31 PC1 LA . 9.44 0.24 -29.73
O32 PC1 LA . 8.86 1.02 -30.47
C32 PC1 LA . 10.33 -0.86 -30.34
C33 PC1 LA . 11.86 -0.76 -30.10
C34 PC1 LA . 12.77 -1.49 -31.09
C35 PC1 LA . 13.95 -2.29 -30.53
C36 PC1 LA . 14.42 -3.52 -31.33
C37 PC1 LA . 14.47 -4.86 -30.64
C38 PC1 LA . 15.51 -5.08 -29.60
C39 PC1 LA . 16.72 -5.92 -29.97
C3A PC1 LA . 17.85 -5.28 -30.45
C3B PC1 LA . 17.95 -3.76 -30.50
C3C PC1 LA . 18.95 -3.15 -31.49
C3D PC1 LA . 19.76 -1.92 -31.02
C3E PC1 LA . 21.10 -1.63 -31.73
C3F PC1 LA . 22.39 -2.14 -31.07
C3G PC1 LA . 23.69 -1.41 -31.37
C3H PC1 LA . 24.94 -1.83 -30.59
C3I PC1 LA . 26.29 -1.52 -31.18
O12 PC1 MA . 43.85 31.44 -30.88
P PC1 MA . 44.47 32.41 -31.86
O14 PC1 MA . 45.27 33.44 -31.10
O13 PC1 MA . 45.42 31.60 -32.85
C11 PC1 MA . 44.88 30.73 -33.85
C12 PC1 MA . 45.28 30.95 -35.30
N PC1 MA . 46.51 30.33 -35.83
C13 PC1 MA . 47.54 30.34 -34.78
C14 PC1 MA . 46.29 28.92 -36.15
C15 PC1 MA . 46.81 31.01 -37.10
O11 PC1 MA . 43.33 33.17 -32.68
C1 PC1 MA . 43.52 34.51 -33.12
C2 PC1 MA . 42.31 35.39 -33.16
O21 PC1 MA . 41.89 35.73 -31.86
C21 PC1 MA . 42.41 36.84 -31.19
O22 PC1 MA . 43.37 36.66 -30.44
C22 PC1 MA . 41.54 38.08 -31.02
C23 PC1 MA . 40.18 38.07 -31.66
C24 PC1 MA . 39.01 38.33 -30.79
C25 PC1 MA . 37.76 38.89 -31.45
C26 PC1 MA . 37.49 40.38 -31.27
C27 PC1 MA . 36.04 40.83 -31.21
C28 PC1 MA . 35.54 41.81 -32.28
C29 PC1 MA . 34.43 41.31 -33.23
C2A PC1 MA . 33.25 42.07 -33.38
C2B PC1 MA . 33.15 43.42 -32.68
C2C PC1 MA . 31.81 43.82 -32.09
C2D PC1 MA . 31.50 45.31 -32.14
C2E PC1 MA . 30.21 45.67 -32.87
C2F PC1 MA . 28.91 45.82 -32.03
C2G PC1 MA . 27.61 45.94 -32.87
C2H PC1 MA . 26.68 47.06 -32.61
C2I PC1 MA . 25.39 47.27 -33.19
C3 PC1 MA . 41.14 34.72 -33.84
O31 PC1 MA . 40.33 35.48 -34.74
C31 PC1 MA . 38.92 35.56 -34.53
O32 PC1 MA . 38.45 35.13 -33.48
C32 PC1 MA . 38.04 36.38 -35.50
C33 PC1 MA . 36.51 36.44 -35.24
C34 PC1 MA . 35.91 37.57 -34.39
C35 PC1 MA . 34.57 38.18 -34.82
C36 PC1 MA . 34.33 38.38 -36.31
C37 PC1 MA . 33.55 39.61 -36.76
C38 PC1 MA . 32.51 39.40 -37.83
C39 PC1 MA . 32.21 40.56 -38.76
C3A PC1 MA . 31.11 40.56 -39.61
C3B PC1 MA . 30.04 39.47 -39.46
C3C PC1 MA . 28.57 39.86 -39.70
C3D PC1 MA . 27.50 39.19 -38.81
C3E PC1 MA . 26.31 38.52 -39.50
C3F PC1 MA . 25.74 37.23 -38.87
C3G PC1 MA . 24.24 36.94 -39.00
C3H PC1 MA . 23.64 35.91 -38.04
C3I PC1 MA . 22.23 36.16 -37.54
C1 NAG NA . 83.30 4.13 -8.17
C2 NAG NA . 84.22 2.92 -8.39
C3 NAG NA . 85.63 3.26 -7.90
C4 NAG NA . 86.10 4.56 -8.57
C5 NAG NA . 85.07 5.68 -8.41
C6 NAG NA . 85.50 6.92 -9.19
C7 NAG NA . 83.54 0.59 -8.31
C8 NAG NA . 83.03 -0.54 -7.46
N2 NAG NA . 83.70 1.76 -7.69
O3 NAG NA . 86.49 2.19 -8.20
O4 NAG NA . 87.35 4.92 -8.01
O5 NAG NA . 83.78 5.28 -8.86
O6 NAG NA . 84.35 7.69 -9.41
O7 NAG NA . 83.80 0.40 -9.50
#